data_6SDW
#
_entry.id   6SDW
#
loop_
_entity.id
_entity.type
_entity.pdbx_description
1 polymer 'Double-stranded RNA-binding protein Staufen homolog 1'
2 polymer 'hARF1 SBS dsRNA'
#
loop_
_entity_poly.entity_id
_entity_poly.type
_entity_poly.pdbx_seq_one_letter_code
_entity_poly.pdbx_strand_id
1 'polypeptide(L)'
;GSHMKSEISQVFEIALKRNLPVNFEVARESGPPHMKNFVTKVSVGEFVGEGEGKSKKISKKNAAIAVLEELKKLPPLPAV
ERVKPRIKKKTKPIVKPQTSPEYGQGINPISRLAQIQQAKKEKEPEYTLLTERGLPRRREFVMQVKVGNHTAEGTGTNKK
VAKRNAAENMLEILGFK
;
A
2 'polyribonucleotide' GGCAGAAGCUGCCUCUUCGGAGGCAGUUUCUGCC B
#
loop_
_chem_comp.id
_chem_comp.type
_chem_comp.name
_chem_comp.formula
A RNA linking ADENOSINE-5'-MONOPHOSPHATE 'C10 H14 N5 O7 P'
C RNA linking CYTIDINE-5'-MONOPHOSPHATE 'C9 H14 N3 O8 P'
G RNA linking GUANOSINE-5'-MONOPHOSPHATE 'C10 H14 N5 O8 P'
U RNA linking URIDINE-5'-MONOPHOSPHATE 'C9 H13 N2 O9 P'
#
# COMPACT_ATOMS: atom_id res chain seq x y z
N GLY A 1 7.33 -19.03 17.28
CA GLY A 1 6.69 -18.16 16.27
C GLY A 1 7.05 -18.58 14.86
N SER A 2 6.10 -18.47 13.92
CA SER A 2 6.22 -18.97 12.53
C SER A 2 5.65 -18.02 11.46
N HIS A 3 5.15 -16.84 11.85
CA HIS A 3 4.57 -15.79 10.98
C HIS A 3 4.93 -14.39 11.50
N MET A 4 4.76 -13.37 10.66
CA MET A 4 4.98 -11.95 11.00
C MET A 4 3.81 -11.06 10.52
N LYS A 5 3.82 -9.78 10.93
CA LYS A 5 2.79 -8.78 10.56
C LYS A 5 2.61 -8.63 9.04
N SER A 6 3.68 -8.81 8.27
CA SER A 6 3.63 -8.92 6.80
C SER A 6 4.55 -10.02 6.29
N GLU A 7 4.17 -10.59 5.15
CA GLU A 7 4.87 -11.67 4.45
C GLU A 7 5.00 -11.37 2.96
N ILE A 8 4.01 -10.68 2.37
CA ILE A 8 4.16 -10.16 1.00
C ILE A 8 5.25 -9.07 0.95
N SER A 9 5.42 -8.28 2.01
CA SER A 9 6.52 -7.31 2.13
C SER A 9 7.92 -7.96 2.02
N GLN A 10 8.07 -9.27 2.32
CA GLN A 10 9.33 -9.98 2.05
C GLN A 10 9.52 -10.18 0.54
N VAL A 11 8.53 -10.80 -0.12
CA VAL A 11 8.55 -11.11 -1.57
C VAL A 11 8.73 -9.85 -2.43
N PHE A 12 8.08 -8.75 -2.05
CA PHE A 12 7.93 -7.51 -2.81
C PHE A 12 9.23 -6.82 -3.25
N GLU A 13 10.31 -6.86 -2.45
CA GLU A 13 11.58 -6.18 -2.78
C GLU A 13 12.70 -7.16 -3.18
N ILE A 14 12.59 -8.46 -2.88
CA ILE A 14 13.51 -9.48 -3.42
C ILE A 14 13.46 -9.50 -4.95
N ALA A 15 12.33 -9.10 -5.55
CA ALA A 15 12.17 -8.85 -6.98
C ALA A 15 13.26 -7.96 -7.60
N LEU A 16 13.80 -6.99 -6.84
CA LEU A 16 14.89 -6.10 -7.25
C LEU A 16 16.20 -6.85 -7.54
N LYS A 17 16.43 -7.99 -6.88
CA LYS A 17 17.66 -8.81 -6.96
C LYS A 17 17.45 -10.18 -7.62
N ARG A 18 16.21 -10.51 -8.00
CA ARG A 18 15.84 -11.78 -8.65
C ARG A 18 15.13 -11.66 -10.01
N ASN A 19 14.61 -10.48 -10.37
CA ASN A 19 13.97 -10.15 -11.67
C ASN A 19 12.82 -11.09 -12.15
N LEU A 20 12.25 -11.89 -11.24
CA LEU A 20 11.20 -12.90 -11.47
C LEU A 20 10.09 -12.91 -10.40
N PRO A 21 10.38 -12.67 -9.09
CA PRO A 21 9.35 -12.47 -8.07
C PRO A 21 8.43 -11.27 -8.32
N VAL A 22 7.46 -11.04 -7.40
CA VAL A 22 6.41 -9.99 -7.43
C VAL A 22 5.54 -9.97 -8.70
N ASN A 23 5.58 -11.01 -9.53
CA ASN A 23 4.72 -11.15 -10.72
C ASN A 23 3.28 -11.59 -10.35
N PHE A 24 2.59 -10.74 -9.56
CA PHE A 24 1.16 -10.87 -9.28
C PHE A 24 0.34 -10.60 -10.55
N GLU A 25 -0.67 -11.42 -10.80
CA GLU A 25 -1.53 -11.35 -12.00
C GLU A 25 -2.91 -11.99 -11.78
N VAL A 26 -3.82 -11.79 -12.75
CA VAL A 26 -5.14 -12.37 -12.79
C VAL A 26 -5.12 -13.91 -12.76
N ALA A 27 -6.21 -14.52 -12.29
CA ALA A 27 -6.37 -15.99 -12.27
C ALA A 27 -7.36 -16.53 -13.33
N ARG A 28 -8.01 -15.64 -14.10
CA ARG A 28 -9.01 -15.93 -15.15
C ARG A 28 -8.85 -14.98 -16.33
N GLU A 29 -9.45 -15.33 -17.48
CA GLU A 29 -9.34 -14.57 -18.74
C GLU A 29 -10.69 -14.46 -19.49
N SER A 30 -11.80 -14.81 -18.82
CA SER A 30 -13.16 -14.90 -19.40
C SER A 30 -14.22 -14.15 -18.56
N GLY A 31 -13.79 -13.13 -17.82
CA GLY A 31 -14.64 -12.36 -16.90
C GLY A 31 -14.01 -11.11 -16.26
N PRO A 32 -12.75 -11.15 -15.76
CA PRO A 32 -12.08 -10.00 -15.14
C PRO A 32 -12.15 -8.63 -15.88
N PRO A 33 -12.10 -8.56 -17.23
CA PRO A 33 -12.30 -7.30 -17.97
C PRO A 33 -13.62 -6.55 -17.73
N HIS A 34 -14.64 -7.20 -17.15
CA HIS A 34 -15.99 -6.64 -16.96
C HIS A 34 -16.01 -5.39 -16.04
N MET A 35 -15.38 -5.46 -14.86
CA MET A 35 -15.32 -4.34 -13.90
C MET A 35 -14.27 -4.49 -12.77
N LYS A 36 -13.90 -5.73 -12.41
CA LYS A 36 -13.06 -6.07 -11.25
C LYS A 36 -12.31 -7.38 -11.50
N ASN A 37 -11.12 -7.55 -10.92
CA ASN A 37 -10.29 -8.74 -11.08
C ASN A 37 -10.91 -10.04 -10.51
N PHE A 38 -11.62 -9.89 -9.39
CA PHE A 38 -12.32 -10.90 -8.58
C PHE A 38 -11.63 -12.25 -8.25
N VAL A 39 -10.35 -12.46 -8.61
CA VAL A 39 -9.42 -13.57 -8.21
C VAL A 39 -7.99 -13.26 -8.68
N THR A 40 -6.98 -13.58 -7.85
CA THR A 40 -5.56 -13.24 -8.09
C THR A 40 -4.62 -14.41 -7.82
N LYS A 41 -3.53 -14.42 -8.59
CA LYS A 41 -2.46 -15.43 -8.66
C LYS A 41 -1.09 -14.72 -8.61
N VAL A 42 0.00 -15.43 -8.36
CA VAL A 42 1.36 -14.88 -8.35
C VAL A 42 2.36 -15.91 -8.87
N SER A 43 3.39 -15.47 -9.58
CA SER A 43 4.51 -16.32 -9.99
C SER A 43 5.81 -15.77 -9.43
N VAL A 44 6.67 -16.67 -8.97
CA VAL A 44 7.98 -16.35 -8.36
C VAL A 44 9.01 -17.38 -8.82
N GLY A 45 10.18 -16.93 -9.28
CA GLY A 45 11.26 -17.76 -9.82
C GLY A 45 10.82 -18.83 -10.82
N GLU A 46 10.59 -20.05 -10.35
CA GLU A 46 10.16 -21.23 -11.13
C GLU A 46 8.85 -21.86 -10.59
N PHE A 47 8.11 -21.14 -9.75
CA PHE A 47 6.91 -21.57 -9.01
C PHE A 47 5.78 -20.52 -9.09
N VAL A 48 4.61 -20.88 -8.57
CA VAL A 48 3.36 -20.11 -8.69
C VAL A 48 2.38 -20.46 -7.55
N GLY A 49 1.64 -19.44 -7.12
CA GLY A 49 0.75 -19.43 -5.96
C GLY A 49 -0.56 -18.66 -6.22
N GLU A 50 -1.54 -18.76 -5.33
CA GLU A 50 -2.89 -18.21 -5.49
C GLU A 50 -3.51 -17.85 -4.11
N GLY A 51 -4.43 -16.88 -4.04
CA GLY A 51 -4.90 -16.31 -2.76
C GLY A 51 -5.76 -17.21 -1.86
N GLU A 52 -6.06 -18.44 -2.27
CA GLU A 52 -7.05 -19.33 -1.64
C GLU A 52 -6.78 -19.66 -0.17
N GLY A 53 -5.51 -19.91 0.20
CA GLY A 53 -5.13 -20.47 1.50
C GLY A 53 -5.94 -21.71 1.88
N LYS A 54 -6.17 -21.89 3.19
CA LYS A 54 -7.11 -22.90 3.70
C LYS A 54 -8.57 -22.50 3.41
N SER A 55 -8.87 -21.19 3.44
CA SER A 55 -10.20 -20.61 3.20
C SER A 55 -10.25 -19.09 3.01
N LYS A 56 -9.11 -18.37 3.01
CA LYS A 56 -8.97 -16.90 3.09
C LYS A 56 -9.61 -16.23 4.33
N LYS A 57 -10.34 -16.98 5.17
CA LYS A 57 -10.81 -16.55 6.51
C LYS A 57 -9.69 -16.65 7.57
N ILE A 58 -8.44 -16.73 7.10
CA ILE A 58 -7.18 -17.00 7.81
C ILE A 58 -6.16 -15.85 7.66
N SER A 59 -6.15 -15.18 6.51
CA SER A 59 -5.13 -14.22 6.06
C SER A 59 -5.55 -13.62 4.70
N LYS A 60 -4.85 -12.60 4.19
CA LYS A 60 -5.01 -12.08 2.80
C LYS A 60 -3.66 -11.99 2.08
N LYS A 61 -2.78 -12.93 2.40
CA LYS A 61 -1.41 -13.09 1.86
C LYS A 61 -0.99 -14.54 1.64
N ASN A 62 -1.96 -15.45 1.61
CA ASN A 62 -1.77 -16.86 1.26
C ASN A 62 -1.12 -17.03 -0.13
N ALA A 63 -1.43 -16.13 -1.09
CA ALA A 63 -0.82 -16.09 -2.42
C ALA A 63 0.71 -16.04 -2.35
N ALA A 64 1.26 -15.06 -1.61
CA ALA A 64 2.70 -14.85 -1.47
C ALA A 64 3.37 -15.94 -0.62
N ILE A 65 2.77 -16.32 0.52
CA ILE A 65 3.28 -17.41 1.36
C ILE A 65 3.44 -18.71 0.58
N ALA A 66 2.50 -19.00 -0.34
CA ALA A 66 2.54 -20.17 -1.20
C ALA A 66 3.70 -20.18 -2.23
N VAL A 67 4.41 -19.05 -2.41
CA VAL A 67 5.53 -18.87 -3.36
C VAL A 67 6.83 -18.40 -2.69
N LEU A 68 6.76 -17.83 -1.48
CA LEU A 68 7.89 -17.49 -0.62
C LEU A 68 8.70 -18.74 -0.19
N GLU A 69 8.10 -19.93 -0.21
CA GLU A 69 8.82 -21.19 -0.05
C GLU A 69 9.79 -21.49 -1.22
N GLU A 70 9.62 -20.87 -2.39
CA GLU A 70 10.50 -21.06 -3.55
C GLU A 70 11.73 -20.15 -3.50
N LEU A 71 11.61 -19.00 -2.82
CA LEU A 71 12.69 -18.08 -2.48
C LEU A 71 13.77 -18.74 -1.57
N LYS A 72 13.52 -19.96 -1.07
CA LYS A 72 14.41 -20.79 -0.27
C LYS A 72 15.11 -21.90 -1.09
N LYS A 73 14.78 -22.01 -2.39
CA LYS A 73 15.27 -23.00 -3.37
C LYS A 73 15.94 -22.36 -4.61
N LEU A 74 16.18 -21.05 -4.55
CA LEU A 74 16.81 -20.22 -5.60
C LEU A 74 18.20 -20.74 -6.08
N PRO A 75 18.65 -20.37 -7.30
CA PRO A 75 19.97 -20.72 -7.80
C PRO A 75 21.09 -19.93 -7.10
N PRO A 76 22.39 -20.17 -7.39
CA PRO A 76 23.49 -19.29 -6.96
C PRO A 76 23.35 -17.85 -7.48
N LEU A 77 22.52 -17.71 -8.53
CA LEU A 77 22.32 -16.56 -9.38
C LEU A 77 23.59 -16.18 -10.15
N PRO A 78 23.84 -16.80 -11.33
CA PRO A 78 24.95 -16.45 -12.22
C PRO A 78 24.75 -15.10 -12.93
N ALA A 79 23.63 -14.42 -12.68
CA ALA A 79 23.36 -13.03 -13.09
C ALA A 79 22.91 -12.19 -11.89
N VAL A 80 22.71 -10.88 -12.07
CA VAL A 80 22.31 -9.90 -11.03
C VAL A 80 23.10 -10.06 -9.71
N GLU A 81 24.39 -9.72 -9.78
CA GLU A 81 25.37 -9.82 -8.69
C GLU A 81 24.97 -9.03 -7.43
N ARG A 82 25.48 -9.46 -6.27
CA ARG A 82 25.17 -8.91 -4.93
C ARG A 82 26.30 -9.14 -3.92
N VAL A 83 26.16 -8.59 -2.72
CA VAL A 83 27.11 -8.73 -1.59
C VAL A 83 26.38 -8.97 -0.26
N LYS A 84 27.11 -9.50 0.73
CA LYS A 84 26.60 -9.80 2.09
C LYS A 84 27.66 -9.53 3.17
N PRO A 85 28.09 -8.26 3.36
CA PRO A 85 29.09 -7.89 4.37
C PRO A 85 28.56 -8.08 5.81
N ARG A 86 29.49 -8.15 6.77
CA ARG A 86 29.21 -8.30 8.22
C ARG A 86 30.30 -7.65 9.08
N ILE A 87 30.02 -7.45 10.37
CA ILE A 87 30.90 -6.82 11.37
C ILE A 87 31.44 -5.44 10.89
N LYS A 88 30.58 -4.68 10.20
CA LYS A 88 30.88 -3.38 9.57
C LYS A 88 29.71 -2.36 9.62
N LYS A 89 28.48 -2.84 9.85
CA LYS A 89 27.23 -2.07 9.95
C LYS A 89 26.28 -2.72 10.97
N LYS A 90 25.43 -1.92 11.62
CA LYS A 90 24.35 -2.36 12.52
C LYS A 90 23.12 -1.46 12.38
N THR A 91 21.93 -2.05 12.51
CA THR A 91 20.61 -1.40 12.35
C THR A 91 19.63 -2.01 13.36
N LYS A 92 18.54 -1.29 13.67
CA LYS A 92 17.45 -1.72 14.58
C LYS A 92 16.09 -1.14 14.09
N PRO A 93 14.98 -1.90 14.11
CA PRO A 93 13.66 -1.40 13.72
C PRO A 93 13.10 -0.39 14.75
N ILE A 94 12.08 0.37 14.34
CA ILE A 94 11.37 1.32 15.20
C ILE A 94 10.62 0.61 16.35
N VAL A 95 10.46 1.29 17.49
CA VAL A 95 9.76 0.78 18.69
C VAL A 95 8.64 1.72 19.22
N LYS A 96 8.46 2.88 18.58
CA LYS A 96 7.36 3.83 18.85
C LYS A 96 5.93 3.29 18.60
N PRO A 97 5.65 2.47 17.55
CA PRO A 97 4.33 1.89 17.31
C PRO A 97 3.75 1.09 18.50
N GLN A 98 2.42 0.92 18.49
CA GLN A 98 1.65 0.27 19.55
C GLN A 98 0.41 -0.47 19.02
N THR A 99 -0.28 -1.20 19.88
CA THR A 99 -1.49 -1.99 19.59
C THR A 99 -2.57 -1.76 20.66
N SER A 100 -3.79 -2.26 20.41
CA SER A 100 -4.96 -2.08 21.28
C SER A 100 -5.91 -3.29 21.21
N PRO A 101 -6.63 -3.63 22.31
CA PRO A 101 -7.67 -4.67 22.29
C PRO A 101 -8.97 -4.25 21.54
N GLU A 102 -9.05 -3.00 21.07
CA GLU A 102 -10.21 -2.45 20.35
C GLU A 102 -9.81 -1.50 19.19
N TYR A 103 -10.78 -1.18 18.33
CA TYR A 103 -10.60 -0.33 17.13
C TYR A 103 -11.81 0.61 16.95
N GLY A 104 -11.76 1.48 15.94
CA GLY A 104 -12.82 2.45 15.63
C GLY A 104 -12.82 2.93 14.18
N GLN A 105 -13.84 3.72 13.83
CA GLN A 105 -14.17 4.15 12.46
C GLN A 105 -13.77 5.62 12.18
N GLY A 106 -12.84 6.16 12.98
CA GLY A 106 -12.40 7.56 12.94
C GLY A 106 -11.10 7.83 13.68
N ILE A 107 -10.14 6.89 13.58
CA ILE A 107 -8.83 6.92 14.28
C ILE A 107 -8.01 8.18 13.90
N ASN A 108 -8.17 8.65 12.66
CA ASN A 108 -7.51 9.85 12.11
C ASN A 108 -8.40 10.52 11.04
N PRO A 109 -8.23 11.83 10.74
CA PRO A 109 -9.02 12.56 9.72
C PRO A 109 -8.97 11.92 8.33
N ILE A 110 -7.83 11.32 8.01
CA ILE A 110 -7.43 10.83 6.69
C ILE A 110 -8.24 9.58 6.32
N SER A 111 -8.13 8.52 7.12
CA SER A 111 -8.99 7.34 7.02
C SER A 111 -10.46 7.74 7.16
N ARG A 112 -10.82 8.57 8.16
CA ARG A 112 -12.22 9.00 8.39
C ARG A 112 -12.89 9.55 7.12
N LEU A 113 -12.25 10.53 6.46
CA LEU A 113 -12.76 11.14 5.22
C LEU A 113 -12.91 10.12 4.07
N ALA A 114 -11.89 9.29 3.83
CA ALA A 114 -11.95 8.23 2.82
C ALA A 114 -13.07 7.21 3.12
N GLN A 115 -13.29 6.89 4.39
CA GLN A 115 -14.30 5.94 4.87
C GLN A 115 -15.73 6.48 4.70
N ILE A 116 -15.93 7.79 4.94
CA ILE A 116 -17.22 8.48 4.74
C ILE A 116 -17.68 8.46 3.28
N GLN A 117 -16.80 8.65 2.29
CA GLN A 117 -17.18 8.64 0.86
C GLN A 117 -17.85 7.32 0.44
N GLN A 118 -17.41 6.19 0.98
CA GLN A 118 -17.92 4.86 0.61
C GLN A 118 -19.36 4.67 1.12
N ALA A 119 -19.66 5.20 2.31
CA ALA A 119 -21.00 5.26 2.89
C ALA A 119 -21.98 6.16 2.11
N LYS A 120 -21.49 7.00 1.19
CA LYS A 120 -22.28 7.87 0.28
C LYS A 120 -22.40 7.30 -1.14
N LYS A 121 -21.97 6.03 -1.30
CA LYS A 121 -21.89 5.25 -2.55
C LYS A 121 -20.84 5.76 -3.54
N GLU A 122 -19.97 6.68 -3.10
CA GLU A 122 -18.77 7.12 -3.83
C GLU A 122 -17.60 6.15 -3.59
N LYS A 123 -16.41 6.52 -4.09
CA LYS A 123 -15.15 5.80 -3.91
C LYS A 123 -14.14 6.66 -3.17
N GLU A 124 -13.85 7.83 -3.73
CA GLU A 124 -12.93 8.83 -3.22
C GLU A 124 -13.36 10.27 -3.62
N PRO A 125 -12.80 11.32 -2.98
CA PRO A 125 -12.93 12.72 -3.39
C PRO A 125 -12.38 13.01 -4.80
N GLU A 126 -12.55 14.25 -5.28
CA GLU A 126 -11.95 14.75 -6.52
C GLU A 126 -10.64 15.50 -6.20
N TYR A 127 -9.53 14.76 -6.04
CA TYR A 127 -8.20 15.33 -5.84
C TYR A 127 -7.61 15.92 -7.14
N THR A 128 -6.75 16.94 -6.98
CA THR A 128 -6.19 17.81 -8.02
C THR A 128 -4.81 18.34 -7.56
N LEU A 129 -3.97 18.83 -8.49
CA LEU A 129 -2.63 19.36 -8.22
C LEU A 129 -2.49 20.81 -8.71
N LEU A 130 -1.80 21.65 -7.94
CA LEU A 130 -1.63 23.08 -8.23
C LEU A 130 -0.17 23.42 -8.57
N THR A 131 0.71 23.32 -7.56
CA THR A 131 2.17 23.51 -7.60
C THR A 131 2.63 24.72 -8.45
N GLU A 132 1.94 25.85 -8.31
CA GLU A 132 2.21 27.12 -8.99
C GLU A 132 3.42 27.89 -8.42
N ARG A 133 4.46 27.17 -7.97
CA ARG A 133 5.64 27.67 -7.25
C ARG A 133 6.92 26.93 -7.66
N GLY A 134 8.06 27.62 -7.54
CA GLY A 134 9.36 27.13 -8.02
C GLY A 134 10.48 28.18 -7.90
N LEU A 135 10.57 28.84 -6.75
CA LEU A 135 11.54 29.90 -6.47
C LEU A 135 12.99 29.35 -6.46
N PRO A 136 14.01 30.20 -6.73
CA PRO A 136 15.43 29.85 -6.66
C PRO A 136 15.91 29.21 -5.34
N ARG A 137 15.14 29.38 -4.25
CA ARG A 137 15.38 28.76 -2.93
C ARG A 137 14.10 28.25 -2.24
N ARG A 138 13.01 27.97 -2.97
CA ARG A 138 11.82 27.29 -2.40
C ARG A 138 10.98 26.51 -3.44
N ARG A 139 10.72 25.24 -3.14
CA ARG A 139 9.86 24.30 -3.89
C ARG A 139 9.05 23.45 -2.89
N GLU A 140 7.84 23.01 -3.26
CA GLU A 140 6.96 22.20 -2.41
C GLU A 140 5.73 21.67 -3.19
N PHE A 141 5.17 20.54 -2.76
CA PHE A 141 3.88 20.06 -3.27
C PHE A 141 2.73 20.96 -2.75
N VAL A 142 1.69 21.17 -3.56
CA VAL A 142 0.44 21.84 -3.15
C VAL A 142 -0.76 21.13 -3.77
N MET A 143 -1.40 20.26 -2.98
CA MET A 143 -2.60 19.51 -3.34
C MET A 143 -3.86 20.41 -3.26
N GLN A 144 -4.90 20.07 -4.03
CA GLN A 144 -6.26 20.61 -3.94
C GLN A 144 -7.24 19.43 -4.01
N VAL A 145 -8.34 19.48 -3.28
CA VAL A 145 -9.42 18.47 -3.35
C VAL A 145 -10.77 19.18 -3.35
N LYS A 146 -11.76 18.56 -4.01
CA LYS A 146 -13.16 19.02 -4.04
C LYS A 146 -14.09 17.86 -3.67
N VAL A 147 -15.19 18.16 -2.98
CA VAL A 147 -16.17 17.17 -2.50
C VAL A 147 -17.63 17.51 -2.92
N GLY A 148 -17.88 18.72 -3.42
CA GLY A 148 -19.17 19.09 -4.03
C GLY A 148 -19.30 20.58 -4.34
N ASN A 149 -19.10 21.41 -3.30
CA ASN A 149 -19.19 22.88 -3.36
C ASN A 149 -18.00 23.58 -2.65
N HIS A 150 -17.10 22.80 -2.04
CA HIS A 150 -16.00 23.28 -1.19
C HIS A 150 -14.68 22.55 -1.49
N THR A 151 -13.55 23.15 -1.10
CA THR A 151 -12.20 22.61 -1.33
C THR A 151 -11.26 22.74 -0.13
N ALA A 152 -10.23 21.88 -0.10
CA ALA A 152 -9.12 21.88 0.87
C ALA A 152 -7.77 21.75 0.17
N GLU A 153 -6.68 22.01 0.89
CA GLU A 153 -5.30 22.03 0.40
C GLU A 153 -4.34 21.40 1.42
N GLY A 154 -3.21 20.88 0.94
CA GLY A 154 -2.16 20.22 1.74
C GLY A 154 -0.81 20.10 1.02
N THR A 155 0.20 19.63 1.75
CA THR A 155 1.63 19.59 1.36
C THR A 155 2.23 18.21 1.56
N GLY A 156 3.35 17.90 0.89
CA GLY A 156 3.94 16.55 0.88
C GLY A 156 5.18 16.43 -0.01
N THR A 157 5.52 15.18 -0.36
CA THR A 157 6.70 14.82 -1.19
C THR A 157 6.35 14.03 -2.47
N ASN A 158 5.12 13.50 -2.56
CA ASN A 158 4.54 12.94 -3.78
C ASN A 158 3.00 12.97 -3.71
N LYS A 159 2.36 12.70 -4.85
CA LYS A 159 0.91 12.60 -5.03
C LYS A 159 0.19 11.51 -4.21
N LYS A 160 0.91 10.64 -3.48
CA LYS A 160 0.35 9.68 -2.50
C LYS A 160 0.53 10.12 -1.03
N VAL A 161 1.10 11.30 -0.76
CA VAL A 161 1.45 11.80 0.58
C VAL A 161 0.85 13.17 0.89
N ALA A 162 0.74 14.07 -0.08
CA ALA A 162 0.06 15.35 0.16
C ALA A 162 -1.44 15.21 0.52
N LYS A 163 -2.05 14.08 0.11
CA LYS A 163 -3.39 13.65 0.54
C LYS A 163 -3.53 13.60 2.07
N ARG A 164 -2.45 13.24 2.78
CA ARG A 164 -2.42 13.12 4.26
C ARG A 164 -2.63 14.47 4.93
N ASN A 165 -1.81 15.45 4.54
CA ASN A 165 -1.81 16.78 5.16
C ASN A 165 -3.12 17.56 4.91
N ALA A 166 -3.69 17.45 3.71
CA ALA A 166 -4.96 18.11 3.37
C ALA A 166 -6.18 17.59 4.16
N ALA A 167 -6.18 16.29 4.54
CA ALA A 167 -7.33 15.65 5.18
C ALA A 167 -7.74 16.25 6.53
N GLU A 168 -6.80 16.82 7.28
CA GLU A 168 -7.07 17.59 8.50
C GLU A 168 -8.07 18.76 8.26
N ASN A 169 -8.10 19.32 7.04
CA ASN A 169 -9.06 20.35 6.63
C ASN A 169 -10.33 19.79 5.98
N MET A 170 -10.25 18.65 5.27
CA MET A 170 -11.35 18.09 4.47
C MET A 170 -12.67 17.86 5.23
N LEU A 171 -12.63 17.61 6.55
CA LEU A 171 -13.84 17.46 7.39
C LEU A 171 -14.46 18.80 7.82
N GLU A 172 -13.65 19.85 7.92
CA GLU A 172 -14.08 21.18 8.38
C GLU A 172 -14.60 22.08 7.25
N ILE A 173 -14.25 21.78 5.98
CA ILE A 173 -14.63 22.57 4.80
C ILE A 173 -16.08 22.33 4.37
N LEU A 174 -16.63 21.16 4.71
CA LEU A 174 -17.97 20.71 4.31
C LEU A 174 -18.88 20.38 5.52
N GLY A 175 -18.36 20.53 6.74
CA GLY A 175 -19.12 20.49 7.99
C GLY A 175 -19.34 19.09 8.59
N PHE A 176 -18.45 18.14 8.29
CA PHE A 176 -18.42 16.82 8.93
C PHE A 176 -17.77 16.86 10.33
N LYS A 177 -17.17 18.00 10.69
CA LYS A 177 -16.52 18.31 11.97
C LYS A 177 -16.86 19.74 12.41
N GLY A 1 5.08 -18.49 12.83
CA GLY A 1 5.25 -18.67 11.37
C GLY A 1 6.38 -17.82 10.82
N SER A 2 7.11 -18.33 9.82
CA SER A 2 8.35 -17.72 9.29
C SER A 2 8.43 -17.64 7.75
N HIS A 3 7.40 -18.11 7.03
CA HIS A 3 7.37 -18.15 5.56
C HIS A 3 6.00 -17.73 4.98
N MET A 4 5.20 -17.00 5.78
CA MET A 4 3.86 -16.51 5.40
C MET A 4 3.55 -15.18 6.12
N LYS A 5 4.48 -14.23 6.05
CA LYS A 5 4.48 -12.93 6.77
C LYS A 5 4.84 -11.69 5.93
N SER A 6 5.68 -11.83 4.91
CA SER A 6 6.24 -10.71 4.11
C SER A 6 6.58 -11.08 2.65
N GLU A 7 6.28 -12.30 2.23
CA GLU A 7 6.70 -12.93 0.96
C GLU A 7 6.41 -12.11 -0.29
N ILE A 8 5.26 -11.45 -0.37
CA ILE A 8 4.95 -10.71 -1.62
C ILE A 8 5.73 -9.36 -1.69
N SER A 9 6.47 -9.01 -0.63
CA SER A 9 7.42 -7.89 -0.57
C SER A 9 8.86 -8.30 -0.96
N GLN A 10 9.00 -9.28 -1.85
CA GLN A 10 10.25 -9.64 -2.53
C GLN A 10 9.99 -10.10 -3.96
N VAL A 11 8.96 -10.91 -4.15
CA VAL A 11 8.73 -11.61 -5.42
C VAL A 11 8.58 -10.66 -6.62
N PHE A 12 8.00 -9.48 -6.41
CA PHE A 12 7.85 -8.44 -7.43
C PHE A 12 9.16 -7.66 -7.70
N GLU A 13 10.02 -7.47 -6.71
CA GLU A 13 11.29 -6.73 -6.86
C GLU A 13 12.46 -7.64 -7.25
N ILE A 14 12.38 -8.96 -7.04
CA ILE A 14 13.33 -9.92 -7.61
C ILE A 14 13.28 -9.82 -9.16
N ALA A 15 12.14 -9.40 -9.71
CA ALA A 15 11.95 -9.12 -11.14
C ALA A 15 12.91 -8.05 -11.71
N LEU A 16 13.52 -7.20 -10.87
CA LEU A 16 14.60 -6.31 -11.29
C LEU A 16 15.82 -7.10 -11.83
N LYS A 17 16.10 -8.27 -11.26
CA LYS A 17 17.17 -9.20 -11.70
C LYS A 17 16.67 -10.30 -12.64
N ARG A 18 15.42 -10.78 -12.48
CA ARG A 18 14.83 -11.84 -13.32
C ARG A 18 14.09 -11.35 -14.59
N ASN A 19 13.89 -10.04 -14.74
CA ASN A 19 13.36 -9.29 -15.90
C ASN A 19 11.93 -9.64 -16.39
N LEU A 20 11.27 -10.63 -15.77
CA LEU A 20 9.99 -11.21 -16.22
C LEU A 20 8.90 -11.35 -15.12
N PRO A 21 9.21 -11.56 -13.82
CA PRO A 21 8.23 -11.61 -12.71
C PRO A 21 7.47 -10.32 -12.36
N VAL A 22 7.39 -9.42 -13.33
CA VAL A 22 6.61 -8.17 -13.30
C VAL A 22 5.14 -8.37 -13.75
N ASN A 23 4.68 -9.61 -13.93
CA ASN A 23 3.41 -9.95 -14.57
C ASN A 23 2.41 -10.62 -13.62
N PHE A 24 1.19 -10.06 -13.59
CA PHE A 24 0.02 -10.55 -12.87
C PHE A 24 -1.22 -10.53 -13.78
N GLU A 25 -2.24 -11.32 -13.44
CA GLU A 25 -3.53 -11.36 -14.13
C GLU A 25 -4.68 -11.53 -13.12
N VAL A 26 -5.73 -10.72 -13.22
CA VAL A 26 -6.97 -10.93 -12.45
C VAL A 26 -7.68 -12.17 -13.02
N ALA A 27 -8.15 -13.08 -12.17
CA ALA A 27 -8.72 -14.37 -12.56
C ALA A 27 -10.13 -14.28 -13.21
N ARG A 28 -10.70 -13.07 -13.31
CA ARG A 28 -11.92 -12.72 -14.06
C ARG A 28 -11.75 -11.39 -14.79
N GLU A 29 -12.52 -11.19 -15.85
CA GLU A 29 -12.52 -9.96 -16.67
C GLU A 29 -13.93 -9.40 -16.93
N SER A 30 -14.99 -10.04 -16.41
CA SER A 30 -16.38 -9.62 -16.55
C SER A 30 -17.28 -10.19 -15.44
N GLY A 31 -18.43 -9.55 -15.22
CA GLY A 31 -19.49 -9.96 -14.29
C GLY A 31 -20.72 -9.04 -14.38
N PRO A 32 -21.83 -9.40 -13.72
CA PRO A 32 -23.07 -8.60 -13.73
C PRO A 32 -22.92 -7.28 -12.93
N PRO A 33 -23.82 -6.29 -13.12
CA PRO A 33 -23.79 -4.99 -12.44
C PRO A 33 -23.68 -5.00 -10.90
N HIS A 34 -24.09 -6.09 -10.26
CA HIS A 34 -24.13 -6.25 -8.79
C HIS A 34 -22.89 -6.97 -8.20
N MET A 35 -21.84 -7.20 -9.01
CA MET A 35 -20.63 -7.95 -8.65
C MET A 35 -19.33 -7.24 -9.12
N LYS A 36 -18.17 -7.80 -8.76
CA LYS A 36 -16.81 -7.34 -9.15
C LYS A 36 -15.95 -8.54 -9.60
N ASN A 37 -14.86 -8.28 -10.32
CA ASN A 37 -13.85 -9.31 -10.59
C ASN A 37 -13.12 -9.69 -9.29
N PHE A 38 -12.77 -10.98 -9.14
CA PHE A 38 -12.17 -11.53 -7.91
C PHE A 38 -11.20 -12.71 -8.24
N VAL A 39 -10.32 -13.08 -7.30
CA VAL A 39 -9.14 -13.98 -7.43
C VAL A 39 -8.07 -13.46 -8.41
N THR A 40 -6.80 -13.89 -8.27
CA THR A 40 -5.61 -13.39 -9.01
C THR A 40 -4.63 -14.52 -9.37
N LYS A 41 -3.74 -14.27 -10.34
CA LYS A 41 -2.65 -15.13 -10.85
C LYS A 41 -1.35 -14.34 -11.05
N VAL A 42 -0.19 -15.00 -11.02
CA VAL A 42 1.15 -14.40 -11.22
C VAL A 42 1.95 -15.24 -12.21
N SER A 43 2.85 -14.61 -12.98
CA SER A 43 3.80 -15.28 -13.89
C SER A 43 5.22 -14.83 -13.55
N VAL A 44 6.12 -15.79 -13.31
CA VAL A 44 7.47 -15.59 -12.76
C VAL A 44 8.55 -16.12 -13.71
N GLY A 45 8.61 -15.54 -14.92
CA GLY A 45 9.53 -15.88 -16.03
C GLY A 45 9.37 -17.25 -16.70
N GLU A 46 9.31 -18.31 -15.90
CA GLU A 46 9.28 -19.73 -16.33
C GLU A 46 8.26 -20.54 -15.50
N PHE A 47 7.49 -19.85 -14.64
CA PHE A 47 6.61 -20.42 -13.62
C PHE A 47 5.33 -19.58 -13.48
N VAL A 48 4.31 -20.12 -12.83
CA VAL A 48 3.02 -19.45 -12.58
C VAL A 48 2.40 -19.91 -11.26
N GLY A 49 1.79 -18.96 -10.56
CA GLY A 49 1.15 -19.13 -9.25
C GLY A 49 -0.24 -18.51 -9.22
N GLU A 50 -1.09 -18.90 -8.27
CA GLU A 50 -2.52 -18.56 -8.24
C GLU A 50 -3.03 -18.30 -6.81
N GLY A 51 -3.97 -17.37 -6.69
CA GLY A 51 -4.61 -16.91 -5.45
C GLY A 51 -5.55 -17.93 -4.78
N GLU A 52 -5.29 -19.22 -4.99
CA GLU A 52 -5.98 -20.37 -4.41
C GLU A 52 -5.01 -21.33 -3.69
N GLY A 53 -3.69 -21.21 -3.93
CA GLY A 53 -2.68 -22.15 -3.46
C GLY A 53 -2.98 -23.59 -3.91
N LYS A 54 -3.36 -24.46 -2.96
CA LYS A 54 -3.74 -25.86 -3.22
C LYS A 54 -5.12 -26.26 -2.68
N SER A 55 -5.78 -25.41 -1.89
CA SER A 55 -7.09 -25.72 -1.26
C SER A 55 -8.00 -24.51 -1.00
N LYS A 56 -7.51 -23.28 -1.25
CA LYS A 56 -8.11 -22.00 -0.85
C LYS A 56 -8.39 -21.86 0.67
N LYS A 57 -7.95 -22.81 1.52
CA LYS A 57 -7.95 -22.70 3.01
C LYS A 57 -6.59 -22.19 3.54
N ILE A 58 -5.94 -21.35 2.75
CA ILE A 58 -4.63 -20.72 2.94
C ILE A 58 -4.75 -19.18 2.93
N SER A 59 -3.75 -18.47 3.44
CA SER A 59 -3.61 -16.99 3.38
C SER A 59 -3.65 -16.42 1.96
N LYS A 60 -3.95 -15.11 1.82
CA LYS A 60 -3.80 -14.31 0.58
C LYS A 60 -2.37 -14.40 0.02
N LYS A 61 -1.44 -14.78 0.88
CA LYS A 61 -0.06 -15.17 0.55
C LYS A 61 -0.02 -16.63 0.11
N ASN A 62 -0.57 -16.84 -1.08
CA ASN A 62 -0.64 -18.12 -1.79
C ASN A 62 -0.17 -17.97 -3.25
N ALA A 63 -0.65 -16.95 -3.98
CA ALA A 63 -0.19 -16.67 -5.35
C ALA A 63 1.34 -16.54 -5.45
N ALA A 64 1.96 -15.81 -4.52
CA ALA A 64 3.41 -15.65 -4.46
C ALA A 64 4.14 -16.88 -3.90
N ILE A 65 3.74 -17.41 -2.74
CA ILE A 65 4.31 -18.63 -2.14
C ILE A 65 4.36 -19.78 -3.17
N ALA A 66 3.35 -19.91 -4.04
CA ALA A 66 3.32 -20.91 -5.12
C ALA A 66 4.40 -20.73 -6.22
N VAL A 67 5.11 -19.60 -6.27
CA VAL A 67 6.17 -19.26 -7.26
C VAL A 67 7.51 -18.91 -6.58
N LEU A 68 7.50 -18.41 -5.34
CA LEU A 68 8.70 -18.14 -4.52
C LEU A 68 9.48 -19.42 -4.19
N GLU A 69 8.80 -20.57 -4.12
CA GLU A 69 9.41 -21.91 -4.02
C GLU A 69 10.31 -22.26 -5.24
N GLU A 70 10.22 -21.49 -6.33
CA GLU A 70 11.09 -21.62 -7.51
C GLU A 70 12.15 -20.50 -7.59
N LEU A 71 12.08 -19.51 -6.67
CA LEU A 71 13.02 -18.38 -6.55
C LEU A 71 14.01 -18.56 -5.39
N LYS A 72 13.72 -19.42 -4.40
CA LYS A 72 14.64 -19.79 -3.31
C LYS A 72 16.00 -20.37 -3.77
N LYS A 73 16.08 -20.84 -5.03
CA LYS A 73 17.31 -21.31 -5.71
C LYS A 73 17.87 -20.32 -6.74
N LEU A 74 17.21 -19.17 -6.95
CA LEU A 74 17.56 -18.10 -7.89
C LEU A 74 17.43 -16.69 -7.26
N PRO A 75 18.06 -16.43 -6.09
CA PRO A 75 17.96 -15.15 -5.38
C PRO A 75 18.71 -14.01 -6.12
N PRO A 76 18.37 -12.73 -5.85
CA PRO A 76 19.04 -11.56 -6.43
C PRO A 76 20.47 -11.34 -5.88
N LEU A 77 20.71 -11.77 -4.64
CA LEU A 77 21.93 -11.60 -3.85
C LEU A 77 22.38 -12.95 -3.24
N PRO A 78 23.66 -13.10 -2.82
CA PRO A 78 24.18 -14.34 -2.22
C PRO A 78 23.67 -14.64 -0.80
N ALA A 79 22.80 -13.79 -0.23
CA ALA A 79 22.26 -13.87 1.13
C ALA A 79 23.33 -13.90 2.25
N VAL A 80 22.90 -14.25 3.47
CA VAL A 80 23.72 -14.24 4.70
C VAL A 80 23.30 -15.39 5.64
N GLU A 81 24.20 -15.80 6.54
CA GLU A 81 24.04 -16.96 7.43
C GLU A 81 24.18 -16.58 8.92
N ARG A 82 23.98 -15.29 9.23
CA ARG A 82 24.09 -14.66 10.57
C ARG A 82 23.04 -13.56 10.73
N VAL A 83 22.64 -13.27 11.96
CA VAL A 83 21.69 -12.18 12.31
C VAL A 83 22.19 -10.79 11.87
N LYS A 84 21.25 -9.86 11.68
CA LYS A 84 21.51 -8.44 11.40
C LYS A 84 22.33 -7.74 12.51
N PRO A 85 23.03 -6.62 12.21
CA PRO A 85 23.69 -5.77 13.21
C PRO A 85 22.78 -5.33 14.39
N ARG A 86 23.40 -4.91 15.49
CA ARG A 86 22.71 -4.37 16.68
C ARG A 86 21.85 -3.14 16.34
N ILE A 87 20.71 -2.99 17.04
CA ILE A 87 19.74 -1.89 16.91
C ILE A 87 19.45 -1.32 18.31
N LYS A 88 19.15 -0.02 18.39
CA LYS A 88 18.81 0.72 19.62
C LYS A 88 17.66 1.71 19.40
N LYS A 89 17.12 2.25 20.50
CA LYS A 89 15.97 3.18 20.54
C LYS A 89 16.23 4.35 21.51
N LYS A 90 15.34 5.34 21.50
CA LYS A 90 15.40 6.57 22.32
C LYS A 90 14.06 6.88 22.99
N THR A 91 14.08 7.75 24.00
CA THR A 91 12.93 8.15 24.84
C THR A 91 12.96 9.67 25.09
N LYS A 92 11.79 10.27 25.33
CA LYS A 92 11.60 11.72 25.54
C LYS A 92 10.63 11.97 26.71
N PRO A 93 10.88 12.95 27.60
CA PRO A 93 10.05 13.24 28.77
C PRO A 93 8.71 13.96 28.45
N ILE A 94 8.50 14.35 27.19
CA ILE A 94 7.32 15.09 26.70
C ILE A 94 6.76 14.38 25.44
N VAL A 95 5.44 14.37 25.30
CA VAL A 95 4.70 13.77 24.18
C VAL A 95 3.43 14.59 23.87
N LYS A 96 2.92 14.51 22.64
CA LYS A 96 1.78 15.27 22.12
C LYS A 96 0.83 14.37 21.31
N PRO A 97 -0.48 14.70 21.21
CA PRO A 97 -1.46 13.88 20.46
C PRO A 97 -1.29 13.93 18.93
N GLN A 98 -0.39 14.77 18.40
CA GLN A 98 -0.14 14.95 16.95
C GLN A 98 0.30 13.66 16.22
N THR A 99 0.75 12.63 16.95
CA THR A 99 1.17 11.32 16.43
C THR A 99 0.34 10.16 17.01
N SER A 100 -0.72 10.45 17.76
CA SER A 100 -1.64 9.49 18.40
C SER A 100 -3.09 10.00 18.54
N PRO A 101 -3.69 10.66 17.52
CA PRO A 101 -5.03 11.27 17.64
C PRO A 101 -6.17 10.24 17.74
N GLU A 102 -5.92 8.99 17.33
CA GLU A 102 -6.86 7.87 17.31
C GLU A 102 -6.08 6.54 17.45
N TYR A 103 -6.72 5.46 17.90
CA TYR A 103 -6.08 4.16 18.13
C TYR A 103 -7.02 2.93 17.98
N GLY A 104 -8.33 3.12 17.79
CA GLY A 104 -9.32 2.04 17.70
C GLY A 104 -10.40 2.22 16.62
N GLN A 105 -10.54 3.42 16.04
CA GLN A 105 -11.55 3.77 15.03
C GLN A 105 -10.94 4.32 13.71
N GLY A 106 -9.62 4.23 13.55
CA GLY A 106 -8.92 4.62 12.31
C GLY A 106 -7.40 4.73 12.40
N ILE A 107 -6.84 4.91 13.61
CA ILE A 107 -5.40 5.00 13.96
C ILE A 107 -4.70 6.27 13.43
N ASN A 108 -5.10 6.78 12.27
CA ASN A 108 -4.57 8.00 11.63
C ASN A 108 -5.72 8.85 11.04
N PRO A 109 -5.54 10.17 10.80
CA PRO A 109 -6.50 10.97 10.04
C PRO A 109 -6.71 10.42 8.63
N ILE A 110 -5.62 9.94 8.03
CA ILE A 110 -5.52 9.43 6.66
C ILE A 110 -6.35 8.15 6.50
N SER A 111 -6.04 7.16 7.36
CA SER A 111 -6.80 5.91 7.57
C SER A 111 -8.12 6.12 8.34
N ARG A 112 -8.66 7.36 8.37
CA ARG A 112 -10.00 7.68 8.87
C ARG A 112 -10.85 8.32 7.78
N LEU A 113 -10.33 9.30 7.03
CA LEU A 113 -11.04 9.91 5.90
C LEU A 113 -11.38 8.86 4.81
N ALA A 114 -10.37 8.12 4.36
CA ALA A 114 -10.49 6.96 3.47
C ALA A 114 -11.23 5.75 4.08
N GLN A 115 -11.64 5.88 5.35
CA GLN A 115 -12.36 4.90 6.16
C GLN A 115 -13.80 5.34 6.54
N ILE A 116 -14.23 6.43 5.91
CA ILE A 116 -15.57 7.05 6.04
C ILE A 116 -16.38 6.95 4.74
N GLN A 117 -15.77 7.06 3.54
CA GLN A 117 -16.49 7.02 2.26
C GLN A 117 -17.39 5.78 2.07
N GLN A 118 -16.99 4.62 2.56
CA GLN A 118 -17.77 3.40 2.37
C GLN A 118 -18.99 3.34 3.29
N ALA A 119 -18.86 3.91 4.50
CA ALA A 119 -19.94 4.08 5.48
C ALA A 119 -21.08 5.01 5.01
N LYS A 120 -20.84 5.80 3.96
CA LYS A 120 -21.81 6.66 3.23
C LYS A 120 -22.12 6.13 1.82
N LYS A 121 -21.82 4.84 1.59
CA LYS A 121 -22.04 4.06 0.35
C LYS A 121 -21.35 4.66 -0.89
N GLU A 122 -20.28 5.40 -0.68
CA GLU A 122 -19.46 6.05 -1.72
C GLU A 122 -18.04 5.47 -1.83
N LYS A 123 -17.27 5.97 -2.79
CA LYS A 123 -15.84 5.69 -3.00
C LYS A 123 -15.01 6.97 -2.80
N GLU A 124 -13.71 6.92 -3.07
CA GLU A 124 -12.75 7.98 -2.73
C GLU A 124 -13.09 9.41 -3.25
N PRO A 125 -12.68 10.48 -2.52
CA PRO A 125 -12.71 11.88 -2.96
C PRO A 125 -12.02 12.19 -4.30
N GLU A 126 -12.18 13.42 -4.80
CA GLU A 126 -11.55 13.90 -6.03
C GLU A 126 -10.26 14.69 -5.74
N TYR A 127 -9.20 13.96 -5.37
CA TYR A 127 -7.85 14.52 -5.14
C TYR A 127 -7.26 15.10 -6.45
N THR A 128 -6.72 16.32 -6.37
CA THR A 128 -6.26 17.16 -7.49
C THR A 128 -4.96 17.88 -7.10
N LEU A 129 -4.12 18.27 -8.06
CA LEU A 129 -2.88 19.01 -7.80
C LEU A 129 -2.99 20.47 -8.24
N LEU A 130 -2.21 21.33 -7.59
CA LEU A 130 -2.23 22.79 -7.79
C LEU A 130 -0.92 23.32 -8.37
N THR A 131 0.19 23.11 -7.66
CA THR A 131 1.48 23.75 -7.98
C THR A 131 2.69 23.00 -7.38
N GLU A 132 3.88 23.35 -7.87
CA GLU A 132 5.18 22.73 -7.62
C GLU A 132 6.18 23.77 -7.06
N ARG A 133 5.64 24.82 -6.40
CA ARG A 133 6.32 26.04 -5.94
C ARG A 133 7.60 25.77 -5.13
N GLY A 134 8.61 26.61 -5.33
CA GLY A 134 9.92 26.50 -4.68
C GLY A 134 10.76 27.78 -4.74
N LEU A 135 12.00 27.62 -4.29
CA LEU A 135 13.01 28.61 -3.99
C LEU A 135 14.38 27.98 -4.38
N PRO A 136 15.42 28.75 -4.80
CA PRO A 136 16.74 28.21 -5.19
C PRO A 136 17.42 27.23 -4.21
N ARG A 137 17.00 27.18 -2.94
CA ARG A 137 17.48 26.21 -1.93
C ARG A 137 16.37 25.53 -1.11
N ARG A 138 15.10 25.53 -1.56
CA ARG A 138 14.01 24.72 -0.96
C ARG A 138 12.84 24.47 -1.93
N ARG A 139 12.21 23.30 -1.88
CA ARG A 139 11.19 22.84 -2.86
C ARG A 139 10.09 22.01 -2.19
N GLU A 140 8.89 22.02 -2.79
CA GLU A 140 7.66 21.39 -2.24
C GLU A 140 6.58 21.19 -3.32
N PHE A 141 5.54 20.40 -3.02
CA PHE A 141 4.36 20.15 -3.84
C PHE A 141 3.06 20.57 -3.12
N VAL A 142 1.97 20.83 -3.84
CA VAL A 142 0.68 21.25 -3.24
C VAL A 142 -0.51 20.55 -3.90
N MET A 143 -1.36 19.95 -3.07
CA MET A 143 -2.55 19.15 -3.44
C MET A 143 -3.82 19.82 -2.88
N GLN A 144 -4.94 19.63 -3.57
CA GLN A 144 -6.29 20.04 -3.17
C GLN A 144 -7.30 18.91 -3.42
N VAL A 145 -8.19 18.67 -2.46
CA VAL A 145 -9.25 17.66 -2.55
C VAL A 145 -10.60 18.29 -2.20
N LYS A 146 -11.69 17.75 -2.75
CA LYS A 146 -13.08 18.17 -2.50
C LYS A 146 -13.95 16.99 -2.11
N VAL A 147 -14.87 17.21 -1.16
CA VAL A 147 -15.75 16.17 -0.58
C VAL A 147 -17.25 16.49 -0.76
N GLY A 148 -17.59 17.71 -1.18
CA GLY A 148 -18.95 18.11 -1.59
C GLY A 148 -19.10 19.61 -1.81
N ASN A 149 -18.70 20.39 -0.80
CA ASN A 149 -18.66 21.86 -0.83
C ASN A 149 -17.38 22.44 -0.15
N HIS A 150 -16.57 21.57 0.47
CA HIS A 150 -15.41 21.92 1.30
C HIS A 150 -14.12 21.28 0.76
N THR A 151 -12.97 21.90 1.05
CA THR A 151 -11.66 21.47 0.53
C THR A 151 -10.53 21.53 1.57
N ALA A 152 -9.47 20.75 1.33
CA ALA A 152 -8.25 20.68 2.14
C ALA A 152 -6.99 20.89 1.28
N GLU A 153 -5.84 21.10 1.93
CA GLU A 153 -4.53 21.30 1.30
C GLU A 153 -3.42 20.53 2.07
N GLY A 154 -2.40 20.09 1.35
CA GLY A 154 -1.25 19.33 1.87
C GLY A 154 -0.05 19.22 0.92
N THR A 155 1.01 18.58 1.39
CA THR A 155 2.36 18.54 0.76
C THR A 155 2.92 17.11 0.62
N GLY A 156 3.83 16.88 -0.33
CA GLY A 156 4.39 15.54 -0.60
C GLY A 156 5.43 15.49 -1.72
N THR A 157 5.73 14.26 -2.20
CA THR A 157 6.81 13.96 -3.15
C THR A 157 6.35 13.38 -4.50
N ASN A 158 5.08 12.96 -4.58
CA ASN A 158 4.37 12.58 -5.81
C ASN A 158 2.85 12.68 -5.56
N LYS A 159 2.07 12.51 -6.63
CA LYS A 159 0.59 12.51 -6.62
C LYS A 159 -0.09 11.43 -5.78
N LYS A 160 0.66 10.50 -5.17
CA LYS A 160 0.16 9.53 -4.17
C LYS A 160 0.76 9.73 -2.78
N VAL A 161 1.42 10.87 -2.53
CA VAL A 161 2.03 11.25 -1.25
C VAL A 161 1.56 12.63 -0.76
N ALA A 162 1.30 13.62 -1.62
CA ALA A 162 0.68 14.87 -1.17
C ALA A 162 -0.74 14.71 -0.58
N LYS A 163 -1.40 13.60 -0.95
CA LYS A 163 -2.65 13.09 -0.36
C LYS A 163 -2.52 12.79 1.15
N ARG A 164 -1.34 12.38 1.62
CA ARG A 164 -1.06 11.97 3.00
C ARG A 164 -1.18 13.15 3.95
N ASN A 165 -0.43 14.21 3.69
CA ASN A 165 -0.27 15.32 4.63
C ASN A 165 -1.54 16.20 4.70
N ALA A 166 -2.30 16.30 3.60
CA ALA A 166 -3.59 17.00 3.58
C ALA A 166 -4.65 16.43 4.53
N ALA A 167 -4.60 15.12 4.83
CA ALA A 167 -5.64 14.41 5.56
C ALA A 167 -5.86 14.90 7.00
N GLU A 168 -4.81 15.47 7.63
CA GLU A 168 -4.88 16.16 8.92
C GLU A 168 -5.93 17.30 8.95
N ASN A 169 -6.26 17.89 7.79
CA ASN A 169 -7.28 18.92 7.63
C ASN A 169 -8.63 18.34 7.17
N MET A 170 -8.64 17.24 6.39
CA MET A 170 -9.83 16.71 5.71
C MET A 170 -11.01 16.36 6.62
N LEU A 171 -10.81 16.10 7.92
CA LEU A 171 -11.89 15.86 8.88
C LEU A 171 -12.46 17.18 9.47
N GLU A 172 -11.64 18.23 9.58
CA GLU A 172 -12.02 19.51 10.21
C GLU A 172 -12.83 20.42 9.26
N ILE A 173 -12.68 20.23 7.95
CA ILE A 173 -13.24 21.08 6.88
C ILE A 173 -14.73 20.81 6.64
N LEU A 174 -15.19 19.60 7.01
CA LEU A 174 -16.53 19.07 6.76
C LEU A 174 -17.25 18.65 8.05
N GLY A 175 -16.61 18.85 9.21
CA GLY A 175 -17.18 18.75 10.55
C GLY A 175 -17.23 17.35 11.17
N PHE A 176 -16.26 16.49 10.86
CA PHE A 176 -16.10 15.16 11.48
C PHE A 176 -15.09 15.14 12.64
N LYS A 177 -14.53 16.30 12.99
CA LYS A 177 -13.61 16.55 14.11
C LYS A 177 -13.95 17.90 14.78
N GLY A 1 7.45 -1.49 10.43
CA GLY A 1 6.87 -2.81 10.08
C GLY A 1 7.41 -3.89 11.00
N SER A 2 7.52 -5.12 10.49
CA SER A 2 8.02 -6.28 11.24
C SER A 2 8.54 -7.39 10.30
N HIS A 3 9.12 -8.45 10.88
CA HIS A 3 9.70 -9.60 10.16
C HIS A 3 9.37 -10.97 10.81
N MET A 4 8.54 -10.99 11.86
CA MET A 4 8.22 -12.17 12.69
C MET A 4 6.71 -12.41 12.88
N LYS A 5 5.86 -11.52 12.34
CA LYS A 5 4.38 -11.61 12.31
C LYS A 5 3.78 -11.18 10.96
N SER A 6 4.64 -10.97 9.96
CA SER A 6 4.33 -10.35 8.68
C SER A 6 5.15 -10.99 7.54
N GLU A 7 4.57 -10.97 6.34
CA GLU A 7 5.07 -11.70 5.17
C GLU A 7 5.14 -10.79 3.96
N ILE A 8 4.05 -10.10 3.63
CA ILE A 8 4.05 -9.35 2.36
C ILE A 8 4.91 -8.07 2.49
N SER A 9 5.42 -7.78 3.71
CA SER A 9 6.40 -6.74 4.02
C SER A 9 7.84 -7.04 3.56
N GLN A 10 8.14 -8.28 3.13
CA GLN A 10 9.45 -8.64 2.56
C GLN A 10 9.39 -8.99 1.08
N VAL A 11 8.32 -9.68 0.67
CA VAL A 11 8.25 -10.29 -0.65
C VAL A 11 8.33 -9.28 -1.81
N PHE A 12 7.92 -8.02 -1.58
CA PHE A 12 7.92 -6.94 -2.57
C PHE A 12 9.34 -6.41 -2.89
N GLU A 13 10.05 -5.78 -1.95
CA GLU A 13 11.34 -5.14 -2.24
C GLU A 13 12.53 -6.12 -2.25
N ILE A 14 12.38 -7.35 -1.74
CA ILE A 14 13.38 -8.43 -1.96
C ILE A 14 13.62 -8.66 -3.46
N ALA A 15 12.64 -8.36 -4.31
CA ALA A 15 12.74 -8.39 -5.77
C ALA A 15 13.91 -7.58 -6.35
N LEU A 16 14.31 -6.49 -5.67
CA LEU A 16 15.46 -5.66 -6.04
C LEU A 16 16.80 -6.44 -6.00
N LYS A 17 16.87 -7.47 -5.17
CA LYS A 17 18.02 -8.39 -5.04
C LYS A 17 17.83 -9.73 -5.77
N ARG A 18 16.58 -10.17 -5.96
CA ARG A 18 16.24 -11.44 -6.64
C ARG A 18 16.06 -11.31 -8.16
N ASN A 19 15.87 -10.10 -8.69
CA ASN A 19 15.74 -9.73 -10.12
C ASN A 19 14.68 -10.48 -10.96
N LEU A 20 13.73 -11.16 -10.30
CA LEU A 20 12.68 -12.02 -10.91
C LEU A 20 11.27 -11.85 -10.30
N PRO A 21 11.11 -11.61 -8.97
CA PRO A 21 9.81 -11.24 -8.36
C PRO A 21 9.28 -9.87 -8.81
N VAL A 22 8.33 -9.29 -8.05
CA VAL A 22 7.57 -8.06 -8.38
C VAL A 22 6.88 -8.11 -9.77
N ASN A 23 6.39 -9.31 -10.13
CA ASN A 23 5.72 -9.62 -11.39
C ASN A 23 4.29 -10.14 -11.12
N PHE A 24 3.48 -9.33 -10.44
CA PHE A 24 2.04 -9.55 -10.27
C PHE A 24 1.33 -9.65 -11.64
N GLU A 25 0.28 -10.46 -11.75
CA GLU A 25 -0.44 -10.71 -13.02
C GLU A 25 -1.91 -11.10 -12.77
N VAL A 26 -2.81 -10.80 -13.71
CA VAL A 26 -4.19 -11.25 -13.70
C VAL A 26 -4.32 -12.78 -13.81
N ALA A 27 -5.48 -13.31 -13.43
CA ALA A 27 -5.83 -14.73 -13.56
C ALA A 27 -7.09 -14.96 -14.42
N ARG A 28 -7.45 -13.98 -15.25
CA ARG A 28 -8.60 -14.00 -16.19
C ARG A 28 -8.22 -13.30 -17.51
N GLU A 29 -8.95 -13.62 -18.58
CA GLU A 29 -8.71 -13.11 -19.94
C GLU A 29 -9.99 -12.53 -20.62
N SER A 30 -11.13 -12.58 -19.92
CA SER A 30 -12.43 -12.06 -20.34
C SER A 30 -13.29 -11.69 -19.12
N GLY A 31 -14.37 -10.93 -19.33
CA GLY A 31 -15.26 -10.47 -18.26
C GLY A 31 -16.27 -9.40 -18.70
N PRO A 32 -16.99 -8.78 -17.74
CA PRO A 32 -17.85 -7.60 -17.96
C PRO A 32 -17.12 -6.42 -18.66
N PRO A 33 -17.85 -5.41 -19.18
CA PRO A 33 -17.27 -4.24 -19.87
C PRO A 33 -16.59 -3.20 -18.94
N HIS A 34 -16.41 -3.52 -17.65
CA HIS A 34 -15.65 -2.72 -16.68
C HIS A 34 -14.12 -2.68 -16.96
N MET A 35 -13.36 -2.06 -16.06
CA MET A 35 -11.90 -1.88 -16.12
C MET A 35 -11.17 -2.57 -14.94
N LYS A 36 -11.87 -3.40 -14.17
CA LYS A 36 -11.33 -4.17 -13.03
C LYS A 36 -10.37 -5.29 -13.48
N ASN A 37 -9.70 -5.93 -12.52
CA ASN A 37 -8.64 -6.94 -12.71
C ASN A 37 -8.91 -8.20 -11.87
N PHE A 38 -10.19 -8.53 -11.67
CA PHE A 38 -10.70 -9.60 -10.78
C PHE A 38 -9.96 -10.95 -10.92
N VAL A 39 -9.64 -11.54 -9.76
CA VAL A 39 -8.76 -12.72 -9.55
C VAL A 39 -7.30 -12.50 -9.99
N THR A 40 -6.35 -12.69 -9.07
CA THR A 40 -4.92 -12.30 -9.25
C THR A 40 -3.94 -13.42 -8.90
N LYS A 41 -2.78 -13.39 -9.57
CA LYS A 41 -1.61 -14.26 -9.42
C LYS A 41 -0.36 -13.39 -9.15
N VAL A 42 0.68 -13.99 -8.60
CA VAL A 42 2.00 -13.38 -8.34
C VAL A 42 3.07 -14.32 -8.88
N SER A 43 4.16 -13.78 -9.44
CA SER A 43 5.27 -14.56 -10.00
C SER A 43 6.57 -14.17 -9.28
N VAL A 44 7.28 -15.17 -8.74
CA VAL A 44 8.45 -14.99 -7.86
C VAL A 44 9.51 -16.05 -8.19
N GLY A 45 10.73 -15.62 -8.53
CA GLY A 45 11.85 -16.49 -8.91
C GLY A 45 11.54 -17.36 -10.14
N GLU A 46 11.18 -18.62 -9.92
CA GLU A 46 10.81 -19.59 -10.97
C GLU A 46 9.42 -20.21 -10.72
N PHE A 47 8.61 -19.55 -9.88
CA PHE A 47 7.35 -20.02 -9.32
C PHE A 47 6.29 -18.94 -9.29
N VAL A 48 5.08 -19.36 -8.94
CA VAL A 48 3.86 -18.56 -8.97
C VAL A 48 2.94 -18.90 -7.81
N GLY A 49 2.17 -17.91 -7.37
CA GLY A 49 1.24 -17.98 -6.24
C GLY A 49 -0.06 -17.24 -6.56
N GLU A 50 -1.15 -17.56 -5.88
CA GLU A 50 -2.50 -17.04 -6.17
C GLU A 50 -3.28 -16.83 -4.86
N GLY A 51 -4.30 -15.97 -4.89
CA GLY A 51 -5.16 -15.66 -3.73
C GLY A 51 -5.97 -16.84 -3.16
N GLU A 52 -5.74 -18.05 -3.65
CA GLU A 52 -6.48 -19.30 -3.41
C GLU A 52 -6.09 -19.96 -2.07
N GLY A 53 -6.05 -19.16 -1.00
CA GLY A 53 -5.92 -19.62 0.38
C GLY A 53 -7.07 -20.55 0.80
N LYS A 54 -6.94 -21.18 1.98
CA LYS A 54 -7.82 -22.27 2.47
C LYS A 54 -9.33 -22.03 2.32
N SER A 55 -9.75 -20.77 2.43
CA SER A 55 -11.15 -20.32 2.21
C SER A 55 -11.25 -18.98 1.45
N LYS A 56 -10.17 -18.54 0.76
CA LYS A 56 -9.95 -17.19 0.13
C LYS A 56 -10.00 -16.02 1.13
N LYS A 57 -11.09 -15.94 1.89
CA LYS A 57 -11.44 -14.96 2.93
C LYS A 57 -10.64 -15.11 4.25
N ILE A 58 -9.73 -16.09 4.32
CA ILE A 58 -8.88 -16.40 5.50
C ILE A 58 -8.18 -15.15 6.08
N SER A 59 -7.63 -14.31 5.20
CA SER A 59 -6.90 -13.07 5.49
C SER A 59 -6.47 -12.42 4.17
N LYS A 60 -5.83 -11.25 4.25
CA LYS A 60 -5.14 -10.59 3.11
C LYS A 60 -3.76 -11.23 2.80
N LYS A 61 -3.49 -12.45 3.31
CA LYS A 61 -2.17 -13.12 3.31
C LYS A 61 -2.25 -14.58 2.85
N ASN A 62 -2.47 -14.75 1.54
CA ASN A 62 -2.44 -16.05 0.82
C ASN A 62 -1.60 -15.99 -0.48
N ALA A 63 -1.87 -15.05 -1.39
CA ALA A 63 -1.17 -14.96 -2.68
C ALA A 63 0.36 -14.84 -2.58
N ALA A 64 0.86 -14.15 -1.55
CA ALA A 64 2.29 -13.98 -1.27
C ALA A 64 2.90 -15.19 -0.54
N ILE A 65 2.31 -15.65 0.57
CA ILE A 65 2.66 -16.87 1.30
C ILE A 65 2.89 -18.06 0.36
N ALA A 66 2.06 -18.21 -0.68
CA ALA A 66 2.18 -19.26 -1.69
C ALA A 66 3.48 -19.22 -2.54
N VAL A 67 4.27 -18.15 -2.45
CA VAL A 67 5.55 -17.93 -3.15
C VAL A 67 6.69 -17.46 -2.25
N LEU A 68 6.42 -16.95 -1.04
CA LEU A 68 7.46 -16.69 -0.04
C LEU A 68 8.19 -17.99 0.37
N GLU A 69 7.51 -19.13 0.25
CA GLU A 69 8.09 -20.48 0.37
C GLU A 69 9.17 -20.79 -0.70
N GLU A 70 9.28 -20.00 -1.78
CA GLU A 70 10.31 -20.17 -2.83
C GLU A 70 11.53 -19.25 -2.62
N LEU A 71 11.36 -18.19 -1.82
CA LEU A 71 12.40 -17.21 -1.42
C LEU A 71 13.23 -17.68 -0.20
N LYS A 72 13.21 -18.98 0.09
CA LYS A 72 13.98 -19.64 1.19
C LYS A 72 14.76 -20.88 0.73
N LYS A 73 14.76 -21.16 -0.58
CA LYS A 73 15.55 -22.18 -1.29
C LYS A 73 16.45 -21.62 -2.40
N LEU A 74 16.46 -20.29 -2.53
CA LEU A 74 17.07 -19.51 -3.61
C LEU A 74 18.12 -18.49 -3.10
N PRO A 75 17.80 -17.51 -2.23
CA PRO A 75 18.79 -16.52 -1.77
C PRO A 75 19.85 -17.12 -0.82
N PRO A 76 21.02 -16.46 -0.67
CA PRO A 76 22.10 -16.95 0.19
C PRO A 76 21.81 -16.85 1.69
N LEU A 77 21.09 -15.81 2.12
CA LEU A 77 20.90 -15.47 3.55
C LEU A 77 20.23 -16.56 4.41
N PRO A 78 19.14 -17.25 3.98
CA PRO A 78 18.57 -18.40 4.70
C PRO A 78 19.33 -19.73 4.46
N ALA A 79 20.46 -19.70 3.75
CA ALA A 79 21.24 -20.87 3.31
C ALA A 79 22.73 -20.75 3.73
N VAL A 80 23.60 -21.59 3.15
CA VAL A 80 25.04 -21.66 3.44
C VAL A 80 25.86 -21.72 2.14
N GLU A 81 27.03 -21.08 2.14
CA GLU A 81 27.96 -20.93 1.01
C GLU A 81 29.41 -20.85 1.54
N ARG A 82 30.41 -20.98 0.65
CA ARG A 82 31.86 -20.87 0.91
C ARG A 82 32.35 -19.52 1.46
N VAL A 83 31.44 -18.56 1.59
CA VAL A 83 31.63 -17.23 2.20
C VAL A 83 30.35 -16.83 2.95
N LYS A 84 30.49 -16.11 4.06
CA LYS A 84 29.40 -15.71 4.98
C LYS A 84 29.73 -14.41 5.74
N PRO A 85 28.72 -13.70 6.30
CA PRO A 85 28.94 -12.58 7.23
C PRO A 85 29.86 -12.90 8.41
N ARG A 86 30.47 -11.87 9.00
CA ARG A 86 31.46 -11.95 10.10
C ARG A 86 31.13 -10.97 11.23
N ILE A 87 31.83 -11.10 12.36
CA ILE A 87 31.70 -10.24 13.55
C ILE A 87 31.91 -8.74 13.24
N LYS A 88 31.17 -7.85 13.92
CA LYS A 88 31.18 -6.38 13.73
C LYS A 88 31.38 -5.58 15.04
N LYS A 89 31.59 -6.26 16.17
CA LYS A 89 31.79 -5.69 17.53
C LYS A 89 30.77 -4.59 17.91
N LYS A 90 29.51 -4.79 17.53
CA LYS A 90 28.36 -3.92 17.86
C LYS A 90 28.06 -3.90 19.38
N THR A 91 27.17 -2.99 19.78
CA THR A 91 26.60 -2.90 21.14
C THR A 91 25.82 -4.18 21.55
N LYS A 92 25.50 -4.29 22.85
CA LYS A 92 24.76 -5.41 23.46
C LYS A 92 23.44 -5.77 22.74
N PRO A 93 23.02 -7.05 22.73
CA PRO A 93 21.73 -7.48 22.17
C PRO A 93 20.52 -7.12 23.06
N ILE A 94 20.76 -6.83 24.34
CA ILE A 94 19.73 -6.46 25.34
C ILE A 94 19.05 -5.14 24.93
N VAL A 95 17.72 -5.16 24.82
CA VAL A 95 16.89 -4.03 24.36
C VAL A 95 15.57 -3.97 25.16
N LYS A 96 14.99 -2.76 25.28
CA LYS A 96 13.74 -2.47 26.02
C LYS A 96 12.81 -1.45 25.34
N PRO A 97 13.29 -0.39 24.64
CA PRO A 97 12.43 0.50 23.83
C PRO A 97 11.54 -0.21 22.79
N GLN A 98 10.51 0.49 22.32
CA GLN A 98 9.55 -0.01 21.32
C GLN A 98 10.22 -0.37 19.98
N THR A 99 9.68 -1.38 19.29
CA THR A 99 10.21 -1.94 18.03
C THR A 99 9.12 -2.36 17.03
N SER A 100 7.85 -2.12 17.35
CA SER A 100 6.67 -2.52 16.56
C SER A 100 5.48 -1.58 16.85
N PRO A 101 4.63 -1.23 15.86
CA PRO A 101 3.46 -0.37 16.06
C PRO A 101 2.34 -1.06 16.87
N GLU A 102 1.38 -0.26 17.35
CA GLU A 102 0.26 -0.70 18.20
C GLU A 102 -1.07 -0.01 17.80
N TYR A 103 -2.19 -0.51 18.35
CA TYR A 103 -3.53 0.05 18.16
C TYR A 103 -3.66 1.51 18.66
N GLY A 104 -4.66 2.24 18.12
CA GLY A 104 -4.94 3.64 18.47
C GLY A 104 -6.42 3.97 18.74
N GLN A 105 -7.29 2.96 18.82
CA GLN A 105 -8.74 3.06 19.08
C GLN A 105 -9.48 4.12 18.22
N GLY A 106 -9.05 4.30 16.96
CA GLY A 106 -9.59 5.28 16.01
C GLY A 106 -8.97 5.16 14.62
N ILE A 107 -9.48 5.95 13.68
CA ILE A 107 -9.14 5.94 12.24
C ILE A 107 -8.98 7.39 11.73
N ASN A 108 -8.05 7.62 10.81
CA ASN A 108 -7.67 8.94 10.27
C ASN A 108 -8.83 9.67 9.53
N PRO A 109 -8.75 11.02 9.32
CA PRO A 109 -9.67 11.80 8.48
C PRO A 109 -9.87 11.22 7.06
N ILE A 110 -8.84 10.55 6.55
CA ILE A 110 -8.71 10.12 5.16
C ILE A 110 -9.38 8.76 4.95
N SER A 111 -9.01 7.78 5.79
CA SER A 111 -9.67 6.48 5.92
C SER A 111 -11.09 6.61 6.49
N ARG A 112 -11.56 7.82 6.86
CA ARG A 112 -12.92 8.16 7.21
C ARG A 112 -13.67 8.76 6.01
N LEU A 113 -13.13 9.77 5.33
CA LEU A 113 -13.76 10.44 4.18
C LEU A 113 -14.03 9.46 3.01
N ALA A 114 -13.00 8.73 2.56
CA ALA A 114 -13.14 7.72 1.51
C ALA A 114 -14.13 6.59 1.89
N GLN A 115 -14.27 6.33 3.19
CA GLN A 115 -15.18 5.33 3.76
C GLN A 115 -16.64 5.82 3.79
N ILE A 116 -16.85 7.10 4.13
CA ILE A 116 -18.16 7.79 4.07
C ILE A 116 -18.75 7.78 2.65
N GLN A 117 -17.93 7.97 1.61
CA GLN A 117 -18.39 7.93 0.21
C GLN A 117 -19.06 6.60 -0.16
N GLN A 118 -18.55 5.48 0.34
CA GLN A 118 -19.10 4.15 0.04
C GLN A 118 -20.50 3.97 0.65
N ALA A 119 -20.72 4.53 1.85
CA ALA A 119 -22.01 4.59 2.53
C ALA A 119 -23.07 5.45 1.81
N LYS A 120 -22.67 6.27 0.82
CA LYS A 120 -23.55 7.13 -0.01
C LYS A 120 -23.77 6.52 -1.41
N LYS A 121 -23.33 5.27 -1.60
CA LYS A 121 -23.27 4.50 -2.86
C LYS A 121 -22.32 5.08 -3.92
N GLU A 122 -21.46 6.00 -3.51
CA GLU A 122 -20.34 6.52 -4.29
C GLU A 122 -19.09 5.63 -4.11
N LYS A 123 -17.97 6.11 -4.63
CA LYS A 123 -16.63 5.51 -4.49
C LYS A 123 -15.67 6.50 -3.82
N GLU A 124 -15.41 7.61 -4.50
CA GLU A 124 -14.43 8.63 -4.13
C GLU A 124 -14.89 10.02 -4.62
N PRO A 125 -14.42 11.12 -3.97
CA PRO A 125 -14.72 12.50 -4.37
C PRO A 125 -13.89 12.96 -5.60
N GLU A 126 -14.12 14.19 -6.07
CA GLU A 126 -13.54 14.72 -7.32
C GLU A 126 -12.15 15.37 -7.11
N TYR A 127 -11.13 14.57 -6.76
CA TYR A 127 -9.74 15.03 -6.62
C TYR A 127 -9.17 15.61 -7.94
N THR A 128 -8.46 16.74 -7.86
CA THR A 128 -8.02 17.57 -9.00
C THR A 128 -6.69 18.30 -8.70
N LEU A 129 -5.72 18.30 -9.63
CA LEU A 129 -4.50 19.11 -9.55
C LEU A 129 -4.81 20.62 -9.75
N LEU A 130 -4.17 21.49 -8.97
CA LEU A 130 -4.25 22.96 -9.16
C LEU A 130 -3.00 23.53 -9.84
N THR A 131 -1.84 23.44 -9.18
CA THR A 131 -0.60 24.13 -9.58
C THR A 131 0.66 23.53 -8.92
N GLU A 132 1.83 24.06 -9.30
CA GLU A 132 3.14 23.82 -8.68
C GLU A 132 3.75 25.13 -8.11
N ARG A 133 2.99 26.24 -8.22
CA ARG A 133 3.29 27.65 -7.88
C ARG A 133 4.51 28.31 -8.54
N GLY A 134 5.61 27.59 -8.76
CA GLY A 134 6.82 28.10 -9.43
C GLY A 134 7.44 29.36 -8.80
N LEU A 135 7.32 29.52 -7.48
CA LEU A 135 7.84 30.65 -6.70
C LEU A 135 9.40 30.68 -6.70
N PRO A 136 10.02 31.86 -6.43
CA PRO A 136 11.48 32.01 -6.46
C PRO A 136 12.15 31.15 -5.37
N ARG A 137 12.83 30.09 -5.81
CA ARG A 137 13.42 29.01 -4.99
C ARG A 137 12.40 28.40 -4.00
N ARG A 138 11.19 28.09 -4.49
CA ARG A 138 10.12 27.39 -3.75
C ARG A 138 9.08 26.73 -4.67
N ARG A 139 8.80 25.43 -4.49
CA ARG A 139 7.84 24.62 -5.25
C ARG A 139 7.21 23.51 -4.38
N GLU A 140 5.99 23.08 -4.72
CA GLU A 140 5.28 21.90 -4.17
C GLU A 140 4.01 21.57 -5.00
N PHE A 141 3.49 20.35 -4.93
CA PHE A 141 2.16 20.02 -5.49
C PHE A 141 1.07 20.79 -4.74
N VAL A 142 -0.01 21.19 -5.41
CA VAL A 142 -1.22 21.75 -4.77
C VAL A 142 -2.46 21.09 -5.38
N MET A 143 -3.41 20.68 -4.53
CA MET A 143 -4.59 19.87 -4.88
C MET A 143 -5.89 20.55 -4.44
N GLN A 144 -6.98 20.30 -5.17
CA GLN A 144 -8.37 20.63 -4.86
C GLN A 144 -9.22 19.37 -4.97
N VAL A 145 -10.26 19.27 -4.14
CA VAL A 145 -11.28 18.21 -4.24
C VAL A 145 -12.66 18.82 -4.02
N LYS A 146 -13.70 18.21 -4.59
CA LYS A 146 -15.11 18.63 -4.44
C LYS A 146 -15.99 17.43 -4.07
N VAL A 147 -16.98 17.64 -3.20
CA VAL A 147 -17.83 16.57 -2.64
C VAL A 147 -19.34 16.83 -2.82
N GLY A 148 -19.73 18.01 -3.32
CA GLY A 148 -21.11 18.31 -3.74
C GLY A 148 -21.37 19.80 -3.99
N ASN A 149 -21.06 20.63 -2.99
CA ASN A 149 -21.17 22.09 -3.04
C ASN A 149 -19.95 22.81 -2.41
N HIS A 150 -19.00 22.04 -1.85
CA HIS A 150 -17.85 22.54 -1.09
C HIS A 150 -16.55 21.85 -1.51
N THR A 151 -15.41 22.47 -1.19
CA THR A 151 -14.07 22.01 -1.59
C THR A 151 -13.04 22.09 -0.46
N ALA A 152 -11.95 21.33 -0.61
CA ALA A 152 -10.77 21.34 0.28
C ALA A 152 -9.47 21.54 -0.52
N GLU A 153 -8.37 21.85 0.18
CA GLU A 153 -7.04 22.09 -0.39
C GLU A 153 -5.94 21.42 0.46
N GLY A 154 -4.87 20.99 -0.22
CA GLY A 154 -3.72 20.29 0.35
C GLY A 154 -2.49 20.32 -0.57
N THR A 155 -1.35 19.85 -0.06
CA THR A 155 -0.04 19.89 -0.76
C THR A 155 0.74 18.58 -0.58
N GLY A 156 1.72 18.30 -1.45
CA GLY A 156 2.44 17.03 -1.47
C GLY A 156 3.60 16.96 -2.48
N THR A 157 4.04 15.74 -2.79
CA THR A 157 5.22 15.44 -3.65
C THR A 157 4.87 14.64 -4.90
N ASN A 158 3.64 14.14 -4.98
CA ASN A 158 3.03 13.46 -6.12
C ASN A 158 1.51 13.38 -5.91
N LYS A 159 0.80 12.99 -6.97
CA LYS A 159 -0.65 12.80 -7.04
C LYS A 159 -1.28 11.79 -6.05
N LYS A 160 -0.48 11.05 -5.28
CA LYS A 160 -0.97 10.19 -4.16
C LYS A 160 -0.55 10.67 -2.77
N VAL A 161 0.01 11.88 -2.67
CA VAL A 161 0.49 12.49 -1.41
C VAL A 161 -0.13 13.87 -1.14
N ALA A 162 -0.51 14.63 -2.17
CA ALA A 162 -1.32 15.83 -1.93
C ALA A 162 -2.75 15.47 -1.46
N LYS A 163 -3.27 14.34 -1.97
CA LYS A 163 -4.54 13.68 -1.60
C LYS A 163 -4.69 13.45 -0.08
N ARG A 164 -3.58 13.19 0.62
CA ARG A 164 -3.54 12.81 2.05
C ARG A 164 -3.23 13.94 3.03
N ASN A 165 -3.12 15.16 2.52
CA ASN A 165 -2.96 16.38 3.32
C ASN A 165 -4.20 17.30 3.24
N ALA A 166 -4.93 17.29 2.11
CA ALA A 166 -6.23 17.96 2.02
C ALA A 166 -7.32 17.33 2.90
N ALA A 167 -7.19 16.05 3.26
CA ALA A 167 -8.21 15.25 3.95
C ALA A 167 -8.67 15.82 5.31
N GLU A 168 -7.74 16.42 6.05
CA GLU A 168 -7.96 17.19 7.28
C GLU A 168 -9.03 18.31 7.13
N ASN A 169 -9.28 18.76 5.89
CA ASN A 169 -10.19 19.82 5.50
C ASN A 169 -11.35 19.29 4.63
N MET A 170 -11.51 17.98 4.45
CA MET A 170 -12.62 17.39 3.66
C MET A 170 -13.85 17.01 4.51
N LEU A 171 -13.79 17.12 5.85
CA LEU A 171 -14.90 16.81 6.76
C LEU A 171 -15.49 18.06 7.42
N GLU A 172 -14.65 19.07 7.70
CA GLU A 172 -15.06 20.36 8.28
C GLU A 172 -15.82 21.27 7.29
N ILE A 173 -15.78 20.94 6.01
CA ILE A 173 -16.31 21.74 4.87
C ILE A 173 -17.74 21.37 4.48
N LEU A 174 -18.18 20.16 4.86
CA LEU A 174 -19.44 19.53 4.45
C LEU A 174 -20.26 19.01 5.65
N GLY A 175 -19.76 19.21 6.87
CA GLY A 175 -20.48 19.01 8.14
C GLY A 175 -20.39 17.61 8.74
N PHE A 176 -19.26 16.92 8.58
CA PHE A 176 -18.99 15.58 9.15
C PHE A 176 -17.91 15.62 10.27
N LYS A 177 -17.42 16.81 10.62
CA LYS A 177 -16.53 17.09 11.76
C LYS A 177 -16.88 18.45 12.40
N GLY A 1 2.16 -1.79 12.27
CA GLY A 1 1.23 -2.83 12.75
C GLY A 1 0.66 -3.62 11.59
N SER A 2 -0.53 -4.23 11.79
CA SER A 2 -1.26 -5.00 10.77
C SER A 2 -0.43 -6.09 10.05
N HIS A 3 0.53 -6.70 10.75
CA HIS A 3 1.46 -7.70 10.19
C HIS A 3 2.03 -8.62 11.28
N MET A 4 2.31 -9.87 10.92
CA MET A 4 3.05 -10.86 11.73
C MET A 4 3.97 -11.73 10.85
N LYS A 5 3.48 -12.16 9.67
CA LYS A 5 4.22 -12.89 8.63
C LYS A 5 3.58 -12.67 7.25
N SER A 6 4.40 -12.44 6.23
CA SER A 6 4.02 -12.41 4.82
C SER A 6 5.26 -12.57 3.93
N GLU A 7 5.15 -13.39 2.88
CA GLU A 7 6.23 -13.58 1.90
C GLU A 7 6.12 -12.70 0.68
N ILE A 8 4.92 -12.17 0.41
CA ILE A 8 4.69 -11.46 -0.86
C ILE A 8 5.57 -10.20 -1.00
N SER A 9 5.92 -9.56 0.11
CA SER A 9 6.92 -8.47 0.15
C SER A 9 8.31 -8.90 -0.38
N GLN A 10 8.71 -10.17 -0.21
CA GLN A 10 9.98 -10.71 -0.75
C GLN A 10 9.88 -10.83 -2.27
N VAL A 11 8.89 -11.59 -2.75
CA VAL A 11 8.55 -11.75 -4.19
C VAL A 11 8.50 -10.40 -4.92
N PHE A 12 7.88 -9.40 -4.30
CA PHE A 12 7.68 -8.06 -4.88
C PHE A 12 8.98 -7.36 -5.34
N GLU A 13 10.07 -7.40 -4.56
CA GLU A 13 11.32 -6.73 -4.93
C GLU A 13 12.30 -7.68 -5.67
N ILE A 14 12.11 -9.01 -5.61
CA ILE A 14 12.84 -9.96 -6.46
C ILE A 14 12.56 -9.75 -7.96
N ALA A 15 11.45 -9.09 -8.31
CA ALA A 15 11.17 -8.66 -9.69
C ALA A 15 12.29 -7.79 -10.30
N LEU A 16 12.95 -6.95 -9.49
CA LEU A 16 14.13 -6.17 -9.88
C LEU A 16 15.32 -7.05 -10.32
N LYS A 17 15.42 -8.28 -9.78
CA LYS A 17 16.53 -9.22 -9.98
C LYS A 17 16.21 -10.34 -10.98
N ARG A 18 14.92 -10.63 -11.25
CA ARG A 18 14.46 -11.71 -12.14
C ARG A 18 13.66 -11.26 -13.38
N ASN A 19 13.26 -10.00 -13.48
CA ASN A 19 12.55 -9.38 -14.62
C ASN A 19 11.25 -10.08 -15.10
N LEU A 20 10.67 -10.94 -14.27
CA LEU A 20 9.47 -11.76 -14.54
C LEU A 20 8.44 -11.79 -13.39
N PRO A 21 8.83 -11.83 -12.09
CA PRO A 21 7.92 -11.69 -10.96
C PRO A 21 7.11 -10.38 -10.96
N VAL A 22 6.12 -10.27 -10.06
CA VAL A 22 5.10 -9.20 -10.05
C VAL A 22 4.36 -9.13 -11.38
N ASN A 23 3.76 -10.26 -11.74
CA ASN A 23 2.91 -10.46 -12.91
C ASN A 23 1.61 -11.18 -12.49
N PHE A 24 0.95 -10.61 -11.48
CA PHE A 24 -0.37 -11.02 -11.01
C PHE A 24 -1.44 -10.80 -12.09
N GLU A 25 -2.31 -11.77 -12.32
CA GLU A 25 -3.39 -11.71 -13.32
C GLU A 25 -4.59 -12.57 -12.91
N VAL A 26 -5.81 -12.11 -13.22
CA VAL A 26 -7.07 -12.78 -12.96
C VAL A 26 -7.14 -14.20 -13.55
N ALA A 27 -7.83 -15.10 -12.85
CA ALA A 27 -7.98 -16.52 -13.20
C ALA A 27 -9.37 -16.86 -13.78
N ARG A 28 -10.26 -15.85 -13.90
CA ARG A 28 -11.66 -15.95 -14.38
C ARG A 28 -12.01 -14.74 -15.26
N GLU A 29 -13.28 -14.60 -15.64
CA GLU A 29 -13.81 -13.51 -16.47
C GLU A 29 -15.02 -12.81 -15.81
N SER A 30 -15.43 -11.67 -16.36
CA SER A 30 -16.58 -10.88 -15.89
C SER A 30 -17.92 -11.65 -15.92
N GLY A 31 -18.90 -11.15 -15.16
CA GLY A 31 -20.17 -11.82 -14.87
C GLY A 31 -21.08 -11.08 -13.87
N PRO A 32 -20.54 -10.46 -12.80
CA PRO A 32 -21.29 -9.55 -11.91
C PRO A 32 -21.95 -8.36 -12.66
N PRO A 33 -22.87 -7.61 -12.03
CA PRO A 33 -23.52 -6.43 -12.64
C PRO A 33 -22.60 -5.21 -12.84
N HIS A 34 -21.32 -5.31 -12.46
CA HIS A 34 -20.27 -4.30 -12.63
C HIS A 34 -19.02 -4.91 -13.28
N MET A 35 -18.03 -4.06 -13.64
CA MET A 35 -16.77 -4.43 -14.31
C MET A 35 -15.82 -5.36 -13.50
N LYS A 36 -16.17 -5.71 -12.26
CA LYS A 36 -15.40 -6.61 -11.38
C LYS A 36 -15.12 -7.99 -11.99
N ASN A 37 -14.03 -8.58 -11.52
CA ASN A 37 -13.57 -9.95 -11.77
C ASN A 37 -13.00 -10.50 -10.44
N PHE A 38 -12.84 -11.82 -10.32
CA PHE A 38 -12.53 -12.49 -9.04
C PHE A 38 -11.64 -13.74 -9.23
N VAL A 39 -10.78 -14.04 -8.25
CA VAL A 39 -9.69 -15.07 -8.22
C VAL A 39 -8.51 -14.70 -9.13
N THR A 40 -7.28 -14.99 -8.68
CA THR A 40 -6.02 -14.51 -9.29
C THR A 40 -4.91 -15.58 -9.23
N LYS A 41 -3.97 -15.48 -10.17
CA LYS A 41 -2.73 -16.27 -10.31
C LYS A 41 -1.53 -15.30 -10.38
N VAL A 42 -0.32 -15.78 -10.08
CA VAL A 42 0.93 -15.03 -10.27
C VAL A 42 1.88 -15.82 -11.16
N SER A 43 2.75 -15.13 -11.89
CA SER A 43 3.87 -15.70 -12.63
C SER A 43 5.19 -15.15 -12.06
N VAL A 44 6.13 -16.03 -11.74
CA VAL A 44 7.41 -15.72 -11.05
C VAL A 44 8.50 -16.63 -11.63
N GLY A 45 9.51 -16.04 -12.30
CA GLY A 45 10.73 -16.77 -12.71
C GLY A 45 10.49 -18.00 -13.61
N GLU A 46 9.65 -17.84 -14.64
CA GLU A 46 9.18 -18.90 -15.58
C GLU A 46 8.31 -19.99 -14.92
N PHE A 47 7.78 -19.72 -13.73
CA PHE A 47 6.85 -20.54 -12.94
C PHE A 47 5.67 -19.71 -12.48
N VAL A 48 4.75 -20.36 -11.77
CA VAL A 48 3.46 -19.79 -11.39
C VAL A 48 2.98 -20.31 -10.04
N GLY A 49 2.07 -19.56 -9.44
CA GLY A 49 1.33 -19.94 -8.22
C GLY A 49 -0.07 -19.32 -8.23
N GLU A 50 -0.98 -19.84 -7.42
CA GLU A 50 -2.41 -19.52 -7.47
C GLU A 50 -3.04 -19.61 -6.06
N GLY A 51 -4.11 -18.86 -5.78
CA GLY A 51 -4.76 -18.82 -4.45
C GLY A 51 -5.56 -20.10 -4.09
N GLU A 52 -5.17 -21.26 -4.62
CA GLU A 52 -5.92 -22.52 -4.59
C GLU A 52 -5.01 -23.75 -4.39
N GLY A 53 -3.88 -23.59 -3.67
CA GLY A 53 -2.87 -24.64 -3.44
C GLY A 53 -3.39 -26.04 -3.08
N LYS A 54 -4.53 -26.10 -2.38
CA LYS A 54 -5.33 -27.31 -2.10
C LYS A 54 -6.81 -27.08 -2.44
N SER A 55 -7.36 -25.94 -1.99
CA SER A 55 -8.70 -25.42 -2.30
C SER A 55 -8.68 -23.89 -2.20
N LYS A 56 -9.67 -23.18 -2.81
CA LYS A 56 -9.83 -21.71 -2.66
C LYS A 56 -10.01 -21.27 -1.19
N LYS A 57 -10.43 -22.15 -0.26
CA LYS A 57 -10.47 -21.83 1.18
C LYS A 57 -9.10 -21.60 1.85
N ILE A 58 -7.99 -21.89 1.17
CA ILE A 58 -6.62 -21.51 1.60
C ILE A 58 -6.45 -19.96 1.64
N SER A 59 -5.44 -19.48 2.38
CA SER A 59 -5.14 -18.03 2.49
C SER A 59 -4.74 -17.38 1.16
N LYS A 60 -5.04 -16.08 0.99
CA LYS A 60 -4.55 -15.22 -0.11
C LYS A 60 -3.03 -15.27 -0.26
N LYS A 61 -2.29 -15.55 0.83
CA LYS A 61 -0.82 -15.65 0.80
C LYS A 61 -0.32 -16.87 0.03
N ASN A 62 -1.14 -17.91 -0.12
CA ASN A 62 -0.77 -19.13 -0.83
C ASN A 62 -0.30 -18.88 -2.27
N ALA A 63 -0.92 -17.95 -3.00
CA ALA A 63 -0.62 -17.70 -4.41
C ALA A 63 0.85 -17.37 -4.71
N ALA A 64 1.55 -16.72 -3.76
CA ALA A 64 2.95 -16.34 -3.88
C ALA A 64 3.88 -17.26 -3.10
N ILE A 65 3.50 -17.67 -1.89
CA ILE A 65 4.21 -18.70 -1.09
C ILE A 65 4.37 -20.00 -1.87
N ALA A 66 3.38 -20.33 -2.71
CA ALA A 66 3.43 -21.45 -3.64
C ALA A 66 4.57 -21.37 -4.68
N VAL A 67 5.14 -20.16 -4.89
CA VAL A 67 6.23 -19.88 -5.85
C VAL A 67 7.50 -19.37 -5.16
N LEU A 68 7.44 -18.94 -3.90
CA LEU A 68 8.59 -18.65 -3.03
C LEU A 68 9.51 -19.88 -2.89
N GLU A 69 8.95 -21.10 -2.99
CA GLU A 69 9.72 -22.34 -3.09
C GLU A 69 10.64 -22.41 -4.33
N GLU A 70 10.37 -21.63 -5.38
CA GLU A 70 11.23 -21.46 -6.57
C GLU A 70 12.17 -20.24 -6.45
N LEU A 71 12.13 -19.54 -5.32
CA LEU A 71 12.94 -18.36 -4.98
C LEU A 71 13.86 -18.56 -3.76
N LYS A 72 13.77 -19.72 -3.07
CA LYS A 72 14.64 -20.10 -1.95
C LYS A 72 15.78 -21.06 -2.34
N LYS A 73 15.66 -21.72 -3.51
CA LYS A 73 16.67 -22.62 -4.09
C LYS A 73 17.91 -21.90 -4.63
N LEU A 74 17.79 -20.59 -4.90
CA LEU A 74 18.83 -19.69 -5.37
C LEU A 74 18.85 -18.38 -4.57
N PRO A 75 20.00 -17.67 -4.47
CA PRO A 75 20.07 -16.36 -3.84
C PRO A 75 19.45 -15.27 -4.75
N PRO A 76 18.72 -14.28 -4.19
CA PRO A 76 18.18 -13.15 -4.96
C PRO A 76 19.26 -12.13 -5.35
N LEU A 77 20.26 -11.96 -4.47
CA LEU A 77 21.43 -11.09 -4.60
C LEU A 77 22.61 -11.65 -3.79
N PRO A 78 23.86 -11.15 -3.95
CA PRO A 78 25.03 -11.53 -3.14
C PRO A 78 24.79 -11.47 -1.62
N ALA A 79 24.49 -12.63 -1.02
CA ALA A 79 24.25 -12.83 0.41
C ALA A 79 25.52 -12.66 1.28
N VAL A 80 25.34 -12.69 2.60
CA VAL A 80 26.41 -12.58 3.61
C VAL A 80 26.11 -13.45 4.85
N GLU A 81 27.15 -13.90 5.54
CA GLU A 81 27.11 -14.77 6.73
C GLU A 81 28.27 -14.40 7.69
N ARG A 82 28.18 -14.81 8.97
CA ARG A 82 29.24 -14.72 10.01
C ARG A 82 29.64 -13.29 10.42
N VAL A 83 28.93 -12.28 9.93
CA VAL A 83 29.08 -10.86 10.26
C VAL A 83 27.73 -10.14 10.13
N LYS A 84 27.54 -9.05 10.88
CA LYS A 84 26.32 -8.21 10.91
C LYS A 84 26.70 -6.73 11.02
N PRO A 85 25.80 -5.78 10.68
CA PRO A 85 26.03 -4.33 10.84
C PRO A 85 26.50 -3.89 12.23
N ARG A 86 26.25 -4.67 13.29
CA ARG A 86 26.65 -4.44 14.69
C ARG A 86 28.16 -4.24 14.92
N ILE A 87 29.02 -4.55 13.94
CA ILE A 87 30.48 -4.27 13.98
C ILE A 87 30.89 -2.93 13.35
N LYS A 88 29.95 -2.22 12.69
CA LYS A 88 30.15 -0.90 12.04
C LYS A 88 29.13 0.17 12.46
N LYS A 89 28.04 -0.23 13.13
CA LYS A 89 26.93 0.58 13.66
C LYS A 89 26.47 -0.02 15.00
N LYS A 90 25.80 0.76 15.85
CA LYS A 90 25.30 0.35 17.19
C LYS A 90 23.84 0.76 17.40
N THR A 91 23.22 0.24 18.45
CA THR A 91 21.81 0.45 18.82
C THR A 91 21.66 0.69 20.33
N LYS A 92 20.52 1.26 20.74
CA LYS A 92 20.19 1.61 22.14
C LYS A 92 18.71 1.32 22.46
N PRO A 93 18.34 1.07 23.73
CA PRO A 93 16.94 0.93 24.15
C PRO A 93 16.17 2.26 24.05
N ILE A 94 14.83 2.16 24.08
CA ILE A 94 13.90 3.29 23.95
C ILE A 94 12.76 3.22 24.99
N VAL A 95 12.05 4.33 25.16
CA VAL A 95 10.92 4.50 26.10
C VAL A 95 9.91 5.52 25.57
N LYS A 96 8.66 5.48 26.02
CA LYS A 96 7.59 6.43 25.67
C LYS A 96 7.99 7.88 26.01
N PRO A 97 7.62 8.89 25.20
CA PRO A 97 7.97 10.30 25.45
C PRO A 97 7.18 10.89 26.62
N GLN A 98 7.68 12.01 27.17
CA GLN A 98 7.01 12.81 28.20
C GLN A 98 5.75 13.55 27.67
N THR A 99 5.64 13.73 26.35
CA THR A 99 4.53 14.37 25.63
C THR A 99 3.16 13.77 25.99
N SER A 100 2.13 14.63 26.07
CA SER A 100 0.73 14.25 26.34
C SER A 100 0.17 13.22 25.34
N PRO A 101 -0.82 12.39 25.75
CA PRO A 101 -1.48 11.42 24.86
C PRO A 101 -2.32 12.10 23.76
N GLU A 102 -2.70 11.32 22.75
CA GLU A 102 -3.43 11.77 21.55
C GLU A 102 -4.43 10.72 21.04
N TYR A 103 -5.25 11.07 20.04
CA TYR A 103 -6.38 10.28 19.55
C TYR A 103 -5.99 8.87 19.07
N GLY A 104 -6.82 7.88 19.44
CA GLY A 104 -6.68 6.48 19.01
C GLY A 104 -7.95 5.64 19.11
N GLN A 105 -9.13 6.28 19.18
CA GLN A 105 -10.44 5.61 19.30
C GLN A 105 -10.91 4.92 18.00
N GLY A 106 -10.27 5.24 16.86
CA GLY A 106 -10.55 4.66 15.55
C GLY A 106 -9.45 4.95 14.52
N ILE A 107 -9.59 4.39 13.30
CA ILE A 107 -8.64 4.56 12.20
C ILE A 107 -8.62 6.02 11.70
N ASN A 108 -7.48 6.45 11.17
CA ASN A 108 -7.10 7.82 10.79
C ASN A 108 -8.14 8.59 9.91
N PRO A 109 -8.08 9.95 9.86
CA PRO A 109 -8.85 10.80 8.93
C PRO A 109 -8.74 10.36 7.45
N ILE A 110 -7.57 9.82 7.11
CA ILE A 110 -7.15 9.47 5.76
C ILE A 110 -7.94 8.28 5.22
N SER A 111 -7.95 7.18 5.97
CA SER A 111 -8.83 6.04 5.68
C SER A 111 -10.30 6.47 5.78
N ARG A 112 -10.67 7.23 6.83
CA ARG A 112 -12.04 7.65 7.13
C ARG A 112 -12.77 8.29 5.94
N LEU A 113 -12.18 9.26 5.25
CA LEU A 113 -12.79 9.90 4.08
C LEU A 113 -13.07 8.92 2.94
N ALA A 114 -12.06 8.15 2.52
CA ALA A 114 -12.19 7.12 1.50
C ALA A 114 -13.23 6.04 1.88
N GLN A 115 -13.34 5.73 3.18
CA GLN A 115 -14.34 4.82 3.75
C GLN A 115 -15.77 5.41 3.68
N ILE A 116 -15.93 6.71 3.98
CA ILE A 116 -17.20 7.45 3.87
C ILE A 116 -17.76 7.45 2.44
N GLN A 117 -16.92 7.65 1.40
CA GLN A 117 -17.37 7.60 0.00
C GLN A 117 -18.12 6.31 -0.38
N GLN A 118 -17.76 5.17 0.21
CA GLN A 118 -18.38 3.89 -0.10
C GLN A 118 -19.71 3.69 0.65
N ALA A 119 -19.85 4.27 1.84
CA ALA A 119 -21.09 4.31 2.62
C ALA A 119 -22.23 5.12 1.93
N LYS A 120 -21.87 5.96 0.95
CA LYS A 120 -22.77 6.74 0.06
C LYS A 120 -22.81 6.17 -1.38
N LYS A 121 -22.40 4.89 -1.52
CA LYS A 121 -22.36 4.10 -2.77
C LYS A 121 -21.54 4.73 -3.91
N GLU A 122 -20.58 5.56 -3.54
CA GLU A 122 -19.63 6.23 -4.44
C GLU A 122 -18.20 5.68 -4.29
N LYS A 123 -17.26 6.22 -5.08
CA LYS A 123 -15.80 5.99 -4.95
C LYS A 123 -15.10 7.31 -4.61
N GLU A 124 -13.77 7.31 -4.64
CA GLU A 124 -12.91 8.42 -4.18
C GLU A 124 -13.31 9.84 -4.67
N PRO A 125 -12.95 10.90 -3.91
CA PRO A 125 -13.18 12.29 -4.28
C PRO A 125 -12.29 12.76 -5.46
N GLU A 126 -12.45 14.01 -5.89
CA GLU A 126 -11.73 14.58 -7.04
C GLU A 126 -10.47 15.32 -6.58
N TYR A 127 -9.36 14.59 -6.40
CA TYR A 127 -8.04 15.15 -6.11
C TYR A 127 -7.45 15.87 -7.35
N THR A 128 -6.75 16.99 -7.12
CA THR A 128 -6.22 17.92 -8.13
C THR A 128 -4.90 18.54 -7.63
N LEU A 129 -4.05 19.02 -8.54
CA LEU A 129 -2.74 19.62 -8.26
C LEU A 129 -2.74 21.14 -8.49
N LEU A 130 -2.01 21.88 -7.64
CA LEU A 130 -1.89 23.34 -7.70
C LEU A 130 -0.46 23.77 -8.11
N THR A 131 0.48 23.68 -7.15
CA THR A 131 1.93 23.97 -7.26
C THR A 131 2.30 25.27 -8.00
N GLU A 132 1.45 26.28 -7.85
CA GLU A 132 1.65 27.67 -8.33
C GLU A 132 2.63 28.49 -7.47
N ARG A 133 3.63 27.83 -6.86
CA ARG A 133 4.54 28.37 -5.82
C ARG A 133 5.98 27.85 -5.96
N GLY A 134 6.91 28.57 -5.33
CA GLY A 134 8.33 28.24 -5.22
C GLY A 134 9.16 29.44 -4.72
N LEU A 135 10.41 29.19 -4.34
CA LEU A 135 11.35 30.20 -3.81
C LEU A 135 12.77 29.99 -4.41
N PRO A 136 13.63 31.03 -4.43
CA PRO A 136 15.02 30.95 -4.90
C PRO A 136 15.89 29.84 -4.28
N ARG A 137 15.52 29.38 -3.06
CA ARG A 137 16.25 28.32 -2.32
C ARG A 137 15.34 27.39 -1.51
N ARG A 138 14.07 27.18 -1.93
CA ARG A 138 13.11 26.22 -1.32
C ARG A 138 11.96 25.85 -2.27
N ARG A 139 11.48 24.61 -2.20
CA ARG A 139 10.44 23.98 -3.05
C ARG A 139 9.59 22.98 -2.24
N GLU A 140 8.36 22.68 -2.69
CA GLU A 140 7.41 21.75 -2.04
C GLU A 140 6.23 21.37 -2.99
N PHE A 141 5.54 20.25 -2.74
CA PHE A 141 4.29 19.87 -3.44
C PHE A 141 3.03 20.36 -2.71
N VAL A 142 1.88 20.32 -3.40
CA VAL A 142 0.55 20.64 -2.86
C VAL A 142 -0.50 19.67 -3.43
N MET A 143 -1.67 19.57 -2.80
CA MET A 143 -2.84 18.86 -3.31
C MET A 143 -4.11 19.62 -2.88
N GLN A 144 -5.09 19.74 -3.77
CA GLN A 144 -6.43 20.26 -3.50
C GLN A 144 -7.49 19.24 -3.96
N VAL A 145 -8.48 18.96 -3.13
CA VAL A 145 -9.52 17.95 -3.40
C VAL A 145 -10.90 18.57 -3.23
N LYS A 146 -11.88 18.13 -4.03
CA LYS A 146 -13.30 18.51 -3.92
C LYS A 146 -14.16 17.28 -3.68
N VAL A 147 -15.16 17.39 -2.79
CA VAL A 147 -15.97 16.26 -2.30
C VAL A 147 -17.48 16.52 -2.37
N GLY A 148 -17.90 17.78 -2.27
CA GLY A 148 -19.32 18.17 -2.14
C GLY A 148 -19.50 19.69 -2.09
N ASN A 149 -19.07 20.38 -3.16
CA ASN A 149 -18.98 21.84 -3.29
C ASN A 149 -18.01 22.54 -2.30
N HIS A 150 -17.22 21.78 -1.54
CA HIS A 150 -16.18 22.25 -0.61
C HIS A 150 -14.85 21.55 -0.86
N THR A 151 -13.74 22.16 -0.43
CA THR A 151 -12.36 21.70 -0.73
C THR A 151 -11.42 21.70 0.48
N ALA A 152 -10.43 20.79 0.45
CA ALA A 152 -9.35 20.67 1.45
C ALA A 152 -7.97 20.74 0.75
N GLU A 153 -6.91 20.95 1.54
CA GLU A 153 -5.54 21.22 1.07
C GLU A 153 -4.48 20.52 1.94
N GLY A 154 -3.41 20.06 1.31
CA GLY A 154 -2.26 19.40 1.94
C GLY A 154 -0.96 19.59 1.15
N THR A 155 0.17 19.19 1.73
CA THR A 155 1.52 19.29 1.15
C THR A 155 2.28 17.97 1.33
N GLY A 156 3.32 17.75 0.52
CA GLY A 156 4.02 16.47 0.42
C GLY A 156 5.15 16.48 -0.62
N THR A 157 5.46 15.31 -1.17
CA THR A 157 6.55 15.11 -2.15
C THR A 157 6.10 14.47 -3.47
N ASN A 158 5.00 13.71 -3.49
CA ASN A 158 4.38 13.12 -4.68
C ASN A 158 2.85 13.03 -4.53
N LYS A 159 2.13 12.69 -5.61
CA LYS A 159 0.65 12.60 -5.68
C LYS A 159 -0.03 11.61 -4.72
N LYS A 160 0.70 10.69 -4.09
CA LYS A 160 0.21 9.82 -2.98
C LYS A 160 0.84 10.14 -1.61
N VAL A 161 1.45 11.32 -1.47
CA VAL A 161 2.04 11.82 -0.20
C VAL A 161 1.36 13.13 0.25
N ALA A 162 1.11 14.08 -0.66
CA ALA A 162 0.29 15.25 -0.35
C ALA A 162 -1.19 14.88 -0.07
N LYS A 163 -1.67 13.79 -0.68
CA LYS A 163 -2.98 13.14 -0.44
C LYS A 163 -3.23 12.77 1.02
N ARG A 164 -2.19 12.34 1.75
CA ARG A 164 -2.20 11.91 3.14
C ARG A 164 -2.54 13.08 4.08
N ASN A 165 -1.80 14.18 3.91
CA ASN A 165 -1.81 15.31 4.84
C ASN A 165 -3.05 16.21 4.72
N ALA A 166 -3.66 16.31 3.54
CA ALA A 166 -4.93 17.02 3.34
C ALA A 166 -6.14 16.40 4.06
N ALA A 167 -6.13 15.09 4.32
CA ALA A 167 -7.27 14.37 4.87
C ALA A 167 -7.71 14.84 6.26
N GLU A 168 -6.78 15.39 7.05
CA GLU A 168 -7.06 16.08 8.32
C GLU A 168 -8.09 17.21 8.21
N ASN A 169 -8.25 17.83 7.02
CA ASN A 169 -9.28 18.83 6.73
C ASN A 169 -10.41 18.33 5.81
N MET A 170 -10.23 17.27 5.01
CA MET A 170 -11.28 16.69 4.15
C MET A 170 -12.61 16.32 4.85
N LEU A 171 -12.63 16.20 6.17
CA LEU A 171 -13.86 15.92 6.96
C LEU A 171 -14.45 17.21 7.56
N GLU A 172 -13.62 18.19 7.91
CA GLU A 172 -14.03 19.49 8.48
C GLU A 172 -14.76 20.39 7.47
N ILE A 173 -14.48 20.18 6.18
CA ILE A 173 -14.93 21.01 5.05
C ILE A 173 -16.38 20.70 4.65
N LEU A 174 -16.87 19.53 5.04
CA LEU A 174 -18.17 18.95 4.64
C LEU A 174 -19.00 18.48 5.85
N GLY A 175 -18.46 18.65 7.06
CA GLY A 175 -19.17 18.49 8.35
C GLY A 175 -19.20 17.09 8.95
N PHE A 176 -18.17 16.28 8.73
CA PHE A 176 -17.98 14.94 9.33
C PHE A 176 -16.93 14.94 10.46
N LYS A 177 -16.36 16.11 10.79
CA LYS A 177 -15.39 16.36 11.88
C LYS A 177 -15.62 17.75 12.49
N GLY A 1 14.24 -4.15 20.10
CA GLY A 1 13.05 -4.78 19.48
C GLY A 1 13.25 -6.27 19.27
N SER A 2 12.14 -7.03 19.22
CA SER A 2 12.13 -8.50 19.17
C SER A 2 11.23 -9.09 18.07
N HIS A 3 10.69 -8.24 17.19
CA HIS A 3 9.83 -8.58 16.05
C HIS A 3 9.95 -7.54 14.93
N MET A 4 9.33 -7.80 13.77
CA MET A 4 9.22 -6.89 12.63
C MET A 4 7.89 -7.12 11.88
N LYS A 5 7.40 -6.09 11.18
CA LYS A 5 6.08 -6.08 10.52
C LYS A 5 6.14 -5.37 9.15
N SER A 6 7.05 -5.82 8.28
CA SER A 6 7.40 -5.15 7.01
C SER A 6 7.72 -6.16 5.88
N GLU A 7 7.39 -7.43 6.06
CA GLU A 7 7.82 -8.57 5.23
C GLU A 7 7.48 -8.51 3.73
N ILE A 8 6.30 -8.04 3.32
CA ILE A 8 6.08 -7.82 1.86
C ILE A 8 6.92 -6.64 1.35
N SER A 9 7.09 -5.58 2.14
CA SER A 9 7.98 -4.46 1.80
C SER A 9 9.44 -4.89 1.65
N GLN A 10 9.90 -5.96 2.33
CA GLN A 10 11.23 -6.53 2.08
C GLN A 10 11.37 -7.03 0.63
N VAL A 11 10.44 -7.89 0.20
CA VAL A 11 10.54 -8.60 -1.09
C VAL A 11 10.23 -7.71 -2.29
N PHE A 12 9.33 -6.72 -2.14
CA PHE A 12 8.81 -5.94 -3.27
C PHE A 12 9.87 -5.08 -4.00
N GLU A 13 10.96 -4.68 -3.33
CA GLU A 13 12.08 -3.93 -3.96
C GLU A 13 13.35 -4.77 -4.14
N ILE A 14 13.38 -6.02 -3.65
CA ILE A 14 14.44 -6.99 -3.99
C ILE A 14 14.34 -7.32 -5.49
N ALA A 15 13.15 -7.17 -6.10
CA ALA A 15 12.86 -7.24 -7.54
C ALA A 15 13.57 -6.19 -8.43
N LEU A 16 14.55 -5.47 -7.86
CA LEU A 16 15.49 -4.60 -8.57
C LEU A 16 16.92 -5.18 -8.55
N LYS A 17 17.30 -5.87 -7.45
CA LYS A 17 18.53 -6.68 -7.34
C LYS A 17 18.38 -8.05 -8.02
N ARG A 18 17.13 -8.54 -8.09
CA ARG A 18 16.66 -9.78 -8.72
C ARG A 18 15.66 -9.46 -9.83
N ASN A 19 15.35 -10.40 -10.73
CA ASN A 19 14.57 -10.21 -11.94
C ASN A 19 13.30 -11.08 -12.05
N LEU A 20 12.90 -11.72 -10.94
CA LEU A 20 11.81 -12.70 -10.85
C LEU A 20 10.84 -12.51 -9.66
N PRO A 21 11.24 -12.03 -8.45
CA PRO A 21 10.36 -11.92 -7.25
C PRO A 21 9.22 -10.88 -7.29
N VAL A 22 8.76 -10.55 -8.49
CA VAL A 22 7.65 -9.64 -8.80
C VAL A 22 6.60 -10.28 -9.71
N ASN A 23 6.70 -11.60 -9.96
CA ASN A 23 5.70 -12.40 -10.66
C ASN A 23 4.45 -12.68 -9.78
N PHE A 24 3.81 -11.60 -9.29
CA PHE A 24 2.51 -11.63 -8.61
C PHE A 24 1.39 -12.01 -9.59
N GLU A 25 0.34 -12.67 -9.08
CA GLU A 25 -0.77 -13.20 -9.87
C GLU A 25 -2.05 -13.32 -9.01
N VAL A 26 -3.23 -13.05 -9.58
CA VAL A 26 -4.52 -13.29 -8.90
C VAL A 26 -4.77 -14.80 -8.74
N ALA A 27 -5.41 -15.22 -7.65
CA ALA A 27 -5.66 -16.63 -7.33
C ALA A 27 -7.13 -16.89 -6.94
N ARG A 28 -7.61 -18.12 -7.18
CA ARG A 28 -9.02 -18.58 -7.05
C ARG A 28 -10.08 -17.67 -7.73
N GLU A 29 -9.66 -16.80 -8.64
CA GLU A 29 -10.49 -15.83 -9.36
C GLU A 29 -9.92 -15.60 -10.78
N SER A 30 -10.75 -15.07 -11.69
CA SER A 30 -10.34 -14.67 -13.06
C SER A 30 -11.25 -13.59 -13.63
N GLY A 31 -10.69 -12.67 -14.43
CA GLY A 31 -11.40 -11.60 -15.13
C GLY A 31 -10.57 -10.31 -15.27
N PRO A 32 -11.12 -9.26 -15.94
CA PRO A 32 -10.53 -7.92 -15.99
C PRO A 32 -10.25 -7.32 -14.59
N PRO A 33 -9.31 -6.36 -14.45
CA PRO A 33 -9.07 -5.62 -13.21
C PRO A 33 -10.33 -5.00 -12.58
N HIS A 34 -11.31 -4.62 -13.42
CA HIS A 34 -12.62 -4.08 -13.03
C HIS A 34 -13.45 -4.99 -12.11
N MET A 35 -13.14 -6.29 -12.05
CA MET A 35 -13.75 -7.26 -11.13
C MET A 35 -13.38 -7.04 -9.65
N LYS A 36 -12.37 -6.20 -9.36
CA LYS A 36 -11.84 -5.87 -8.02
C LYS A 36 -11.66 -7.11 -7.13
N ASN A 37 -10.67 -7.93 -7.48
CA ASN A 37 -10.37 -9.20 -6.81
C ASN A 37 -10.04 -9.06 -5.30
N PHE A 38 -9.93 -10.18 -4.60
CA PHE A 38 -9.69 -10.24 -3.15
C PHE A 38 -8.73 -11.36 -2.69
N VAL A 39 -8.12 -12.14 -3.60
CA VAL A 39 -7.12 -13.19 -3.29
C VAL A 39 -5.95 -13.18 -4.30
N THR A 40 -4.70 -13.37 -3.81
CA THR A 40 -3.45 -13.19 -4.59
C THR A 40 -2.39 -14.26 -4.28
N LYS A 41 -1.45 -14.44 -5.21
CA LYS A 41 -0.33 -15.40 -5.26
C LYS A 41 0.94 -14.69 -5.79
N VAL A 42 2.11 -15.29 -5.56
CA VAL A 42 3.39 -14.84 -6.13
C VAL A 42 4.27 -16.02 -6.55
N SER A 43 5.24 -15.76 -7.40
CA SER A 43 6.32 -16.68 -7.77
C SER A 43 7.66 -15.97 -7.59
N VAL A 44 8.64 -16.64 -7.00
CA VAL A 44 9.92 -16.06 -6.54
C VAL A 44 11.06 -17.02 -6.89
N GLY A 45 11.96 -16.58 -7.77
CA GLY A 45 13.07 -17.38 -8.33
C GLY A 45 12.65 -18.67 -9.04
N GLU A 46 12.43 -19.74 -8.27
CA GLU A 46 12.04 -21.10 -8.71
C GLU A 46 10.91 -21.68 -7.82
N PHE A 47 10.20 -20.82 -7.10
CA PHE A 47 9.25 -21.14 -6.03
C PHE A 47 7.98 -20.28 -6.13
N VAL A 48 7.02 -20.51 -5.23
CA VAL A 48 5.70 -19.86 -5.23
C VAL A 48 5.17 -19.77 -3.79
N GLY A 49 4.49 -18.66 -3.50
CA GLY A 49 3.86 -18.34 -2.22
C GLY A 49 2.48 -17.72 -2.45
N GLU A 50 1.61 -17.74 -1.45
CA GLU A 50 0.18 -17.38 -1.61
C GLU A 50 -0.36 -16.61 -0.39
N GLY A 51 -1.33 -15.71 -0.64
CA GLY A 51 -2.00 -14.92 0.39
C GLY A 51 -3.11 -15.70 1.11
N GLU A 52 -2.81 -16.93 1.51
CA GLU A 52 -3.74 -17.87 2.15
C GLU A 52 -3.08 -18.70 3.27
N GLY A 53 -1.92 -19.31 2.99
CA GLY A 53 -1.16 -20.13 3.95
C GLY A 53 -1.91 -21.36 4.49
N LYS A 54 -1.33 -22.01 5.52
CA LYS A 54 -1.98 -23.09 6.29
C LYS A 54 -3.21 -22.60 7.06
N SER A 55 -3.18 -21.33 7.49
CA SER A 55 -4.31 -20.58 8.07
C SER A 55 -4.06 -19.08 7.84
N LYS A 56 -5.05 -18.35 7.33
CA LYS A 56 -4.91 -16.94 6.92
C LYS A 56 -4.59 -16.01 8.09
N LYS A 57 -5.00 -16.35 9.31
CA LYS A 57 -4.73 -15.58 10.54
C LYS A 57 -3.23 -15.42 10.89
N ILE A 58 -2.34 -16.16 10.21
CA ILE A 58 -0.87 -16.05 10.35
C ILE A 58 -0.31 -14.63 10.13
N SER A 59 -0.91 -13.86 9.19
CA SER A 59 -0.65 -12.46 8.78
C SER A 59 -0.98 -12.24 7.30
N LYS A 60 -1.31 -10.99 6.90
CA LYS A 60 -1.45 -10.55 5.49
C LYS A 60 -0.21 -10.86 4.66
N LYS A 61 0.96 -10.84 5.31
CA LYS A 61 2.29 -10.96 4.68
C LYS A 61 2.68 -12.38 4.32
N ASN A 62 1.81 -13.37 4.54
CA ASN A 62 2.09 -14.77 4.20
C ASN A 62 2.55 -14.94 2.75
N ALA A 63 1.99 -14.20 1.79
CA ALA A 63 2.42 -14.25 0.40
C ALA A 63 3.88 -13.82 0.14
N ALA A 64 4.52 -13.10 1.08
CA ALA A 64 5.96 -12.83 1.04
C ALA A 64 6.73 -13.72 2.02
N ILE A 65 6.27 -13.84 3.27
CA ILE A 65 6.88 -14.71 4.30
C ILE A 65 7.06 -16.15 3.78
N ALA A 66 6.13 -16.65 2.96
CA ALA A 66 6.16 -17.99 2.37
C ALA A 66 7.24 -18.21 1.28
N VAL A 67 7.86 -17.13 0.77
CA VAL A 67 8.82 -17.13 -0.36
C VAL A 67 10.10 -16.35 -0.05
N LEU A 68 10.09 -15.48 0.96
CA LEU A 68 11.26 -14.75 1.48
C LEU A 68 12.29 -15.71 2.11
N GLU A 69 11.84 -16.88 2.61
CA GLU A 69 12.74 -17.98 3.01
C GLU A 69 13.63 -18.46 1.84
N GLU A 70 13.17 -18.25 0.60
CA GLU A 70 13.87 -18.60 -0.65
C GLU A 70 14.70 -17.43 -1.20
N LEU A 71 14.81 -16.34 -0.45
CA LEU A 71 15.58 -15.13 -0.76
C LEU A 71 16.71 -14.87 0.26
N LYS A 72 16.89 -15.80 1.22
CA LYS A 72 17.95 -15.82 2.24
C LYS A 72 18.80 -17.11 2.25
N LYS A 73 18.46 -18.07 1.38
CA LYS A 73 19.18 -19.34 1.11
C LYS A 73 19.63 -19.49 -0.35
N LEU A 74 19.49 -18.42 -1.13
CA LEU A 74 19.77 -18.31 -2.57
C LEU A 74 20.24 -16.87 -2.86
N PRO A 75 21.47 -16.64 -3.35
CA PRO A 75 21.96 -15.30 -3.68
C PRO A 75 21.25 -14.71 -4.94
N PRO A 76 21.34 -13.38 -5.17
CA PRO A 76 20.51 -12.69 -6.18
C PRO A 76 20.83 -13.02 -7.65
N LEU A 77 22.10 -13.25 -7.99
CA LEU A 77 22.57 -13.46 -9.37
C LEU A 77 23.69 -14.49 -9.63
N PRO A 78 24.59 -14.86 -8.68
CA PRO A 78 25.59 -15.91 -8.92
C PRO A 78 25.03 -17.35 -8.74
N ALA A 79 23.80 -17.48 -8.24
CA ALA A 79 23.11 -18.74 -7.89
C ALA A 79 23.86 -19.64 -6.88
N VAL A 80 23.25 -20.78 -6.54
CA VAL A 80 23.77 -21.82 -5.62
C VAL A 80 23.15 -23.18 -5.93
N GLU A 81 23.80 -24.28 -5.55
CA GLU A 81 23.23 -25.63 -5.62
C GLU A 81 21.96 -25.75 -4.74
N ARG A 82 20.86 -26.27 -5.30
CA ARG A 82 19.54 -26.34 -4.66
C ARG A 82 18.68 -27.48 -5.22
N VAL A 83 17.68 -27.91 -4.47
CA VAL A 83 16.71 -28.99 -4.80
C VAL A 83 15.25 -28.53 -4.60
N LYS A 84 14.30 -29.31 -5.13
CA LYS A 84 12.85 -29.04 -5.11
C LYS A 84 12.29 -28.77 -3.70
N PRO A 85 11.23 -27.94 -3.56
CA PRO A 85 10.59 -27.65 -2.27
C PRO A 85 9.82 -28.87 -1.72
N ARG A 86 9.48 -28.82 -0.42
CA ARG A 86 8.84 -29.93 0.33
C ARG A 86 7.63 -29.55 1.19
N ILE A 87 7.21 -28.28 1.19
CA ILE A 87 6.11 -27.75 2.03
C ILE A 87 4.74 -27.71 1.33
N LYS A 88 4.69 -27.84 0.00
CA LYS A 88 3.43 -27.88 -0.79
C LYS A 88 2.55 -29.12 -0.52
N LYS A 89 3.11 -30.13 0.15
CA LYS A 89 2.40 -31.32 0.68
C LYS A 89 2.06 -31.23 2.19
N LYS A 90 2.26 -30.06 2.80
CA LYS A 90 2.03 -29.74 4.24
C LYS A 90 1.09 -28.52 4.41
N THR A 91 0.34 -28.18 3.38
CA THR A 91 -0.60 -27.04 3.31
C THR A 91 -1.82 -27.38 2.42
N LYS A 92 -2.74 -26.43 2.21
CA LYS A 92 -4.01 -26.64 1.48
C LYS A 92 -4.26 -25.54 0.42
N PRO A 93 -4.98 -25.85 -0.68
CA PRO A 93 -5.28 -24.91 -1.76
C PRO A 93 -6.46 -23.95 -1.46
N ILE A 94 -6.99 -23.95 -0.23
CA ILE A 94 -8.16 -23.17 0.21
C ILE A 94 -8.05 -22.82 1.70
N VAL A 95 -8.65 -21.69 2.09
CA VAL A 95 -8.72 -21.19 3.48
C VAL A 95 -10.02 -20.38 3.69
N LYS A 96 -10.38 -20.07 4.93
CA LYS A 96 -11.60 -19.31 5.30
C LYS A 96 -11.29 -18.18 6.30
N PRO A 97 -11.98 -17.02 6.20
CA PRO A 97 -11.82 -15.89 7.13
C PRO A 97 -12.54 -16.12 8.47
N GLN A 98 -12.36 -15.17 9.40
CA GLN A 98 -13.05 -15.03 10.68
C GLN A 98 -13.17 -13.52 11.01
N THR A 99 -14.01 -13.13 11.98
CA THR A 99 -14.30 -11.72 12.30
C THR A 99 -14.04 -11.45 13.78
N SER A 100 -12.91 -10.78 14.08
CA SER A 100 -12.44 -10.48 15.45
C SER A 100 -11.85 -9.06 15.59
N PRO A 101 -12.52 -7.98 15.11
CA PRO A 101 -12.02 -6.60 15.24
C PRO A 101 -12.02 -6.07 16.68
N GLU A 102 -11.30 -4.97 16.90
CA GLU A 102 -11.23 -4.26 18.20
C GLU A 102 -11.51 -2.74 18.08
N TYR A 103 -11.52 -2.20 16.85
CA TYR A 103 -11.80 -0.81 16.48
C TYR A 103 -10.83 0.25 17.07
N GLY A 104 -10.95 1.49 16.60
CA GLY A 104 -10.08 2.62 16.94
C GLY A 104 -10.59 3.97 16.40
N GLN A 105 -9.68 4.93 16.27
CA GLN A 105 -9.96 6.29 15.79
C GLN A 105 -8.80 6.82 14.93
N GLY A 106 -9.07 7.87 14.13
CA GLY A 106 -8.07 8.58 13.32
C GLY A 106 -6.90 9.16 14.14
N ILE A 107 -5.75 9.32 13.49
CA ILE A 107 -4.46 9.64 14.13
C ILE A 107 -3.90 11.01 13.66
N ASN A 108 -4.38 11.52 12.53
CA ASN A 108 -3.94 12.76 11.87
C ASN A 108 -5.15 13.46 11.22
N PRO A 109 -5.08 14.77 10.88
CA PRO A 109 -6.12 15.44 10.05
C PRO A 109 -6.29 14.70 8.72
N ILE A 110 -5.16 14.32 8.15
CA ILE A 110 -4.97 13.60 6.89
C ILE A 110 -5.70 12.25 6.91
N SER A 111 -5.34 11.41 7.89
CA SER A 111 -5.96 10.12 8.21
C SER A 111 -7.36 10.23 8.86
N ARG A 112 -8.02 11.40 8.80
CA ARG A 112 -9.38 11.64 9.30
C ARG A 112 -10.30 12.19 8.21
N LEU A 113 -9.81 13.10 7.36
CA LEU A 113 -10.55 13.59 6.19
C LEU A 113 -10.90 12.46 5.21
N ALA A 114 -9.93 11.63 4.85
CA ALA A 114 -10.14 10.45 4.00
C ALA A 114 -11.11 9.44 4.66
N GLN A 115 -11.03 9.34 6.00
CA GLN A 115 -11.89 8.51 6.84
C GLN A 115 -13.37 8.95 6.79
N ILE A 116 -13.63 10.26 6.80
CA ILE A 116 -14.99 10.85 6.78
C ILE A 116 -15.74 10.59 5.47
N GLN A 117 -15.10 10.69 4.29
CA GLN A 117 -15.77 10.46 3.00
C GLN A 117 -16.42 9.07 2.90
N GLN A 118 -15.76 8.05 3.43
CA GLN A 118 -16.23 6.67 3.35
C GLN A 118 -17.52 6.46 4.16
N ALA A 119 -17.63 7.14 5.31
CA ALA A 119 -18.81 7.19 6.16
C ALA A 119 -20.02 7.91 5.52
N LYS A 120 -19.83 8.62 4.39
CA LYS A 120 -20.87 9.31 3.61
C LYS A 120 -21.23 8.55 2.32
N LYS A 121 -20.78 7.29 2.25
CA LYS A 121 -20.91 6.33 1.12
C LYS A 121 -20.09 6.72 -0.13
N GLU A 122 -19.22 7.71 -0.01
CA GLU A 122 -18.23 8.04 -1.04
C GLU A 122 -16.99 7.11 -0.93
N LYS A 123 -15.96 7.41 -1.74
CA LYS A 123 -14.65 6.75 -1.71
C LYS A 123 -13.59 7.71 -1.20
N GLU A 124 -13.48 8.84 -1.89
CA GLU A 124 -12.51 9.92 -1.66
C GLU A 124 -13.07 11.30 -2.07
N PRO A 125 -12.40 12.41 -1.68
CA PRO A 125 -12.66 13.76 -2.20
C PRO A 125 -12.35 13.90 -3.71
N GLU A 126 -12.42 15.12 -4.25
CA GLU A 126 -11.95 15.46 -5.60
C GLU A 126 -10.91 16.59 -5.53
N TYR A 127 -9.79 16.43 -6.24
CA TYR A 127 -8.60 17.31 -6.11
C TYR A 127 -8.19 17.92 -7.47
N THR A 128 -7.64 19.12 -7.43
CA THR A 128 -7.33 20.01 -8.58
C THR A 128 -6.00 20.74 -8.35
N LEU A 129 -5.38 21.25 -9.43
CA LEU A 129 -4.08 21.94 -9.41
C LEU A 129 -4.25 23.42 -9.78
N LEU A 130 -3.50 24.31 -9.12
CA LEU A 130 -3.50 25.77 -9.35
C LEU A 130 -2.12 26.39 -9.61
N THR A 131 -1.09 25.58 -9.46
CA THR A 131 0.32 25.93 -9.41
C THR A 131 0.75 26.78 -10.59
N GLU A 132 1.34 27.93 -10.30
CA GLU A 132 1.80 28.86 -11.33
C GLU A 132 3.19 29.48 -11.00
N ARG A 133 3.97 28.82 -10.13
CA ARG A 133 5.32 29.27 -9.71
C ARG A 133 6.29 29.35 -10.89
N GLY A 134 7.20 30.33 -10.83
CA GLY A 134 8.20 30.60 -11.87
C GLY A 134 9.22 31.68 -11.46
N LEU A 135 9.60 31.72 -10.18
CA LEU A 135 10.57 32.68 -9.64
C LEU A 135 11.98 32.45 -10.25
N PRO A 136 12.86 33.48 -10.26
CA PRO A 136 14.24 33.38 -10.76
C PRO A 136 15.07 32.20 -10.22
N ARG A 137 14.81 31.77 -8.97
CA ARG A 137 15.52 30.65 -8.32
C ARG A 137 14.70 29.91 -7.25
N ARG A 138 13.38 29.80 -7.42
CA ARG A 138 12.45 29.03 -6.54
C ARG A 138 11.26 28.44 -7.32
N ARG A 139 10.77 27.29 -6.86
CA ARG A 139 9.70 26.44 -7.45
C ARG A 139 8.94 25.69 -6.35
N GLU A 140 7.68 25.30 -6.60
CA GLU A 140 6.77 24.69 -5.61
C GLU A 140 5.57 24.00 -6.31
N PHE A 141 4.70 23.33 -5.54
CA PHE A 141 3.40 22.79 -5.93
C PHE A 141 2.33 23.45 -5.05
N VAL A 142 1.13 23.73 -5.59
CA VAL A 142 -0.04 24.17 -4.81
C VAL A 142 -1.23 23.25 -5.13
N MET A 143 -1.99 22.87 -4.09
CA MET A 143 -3.02 21.83 -4.14
C MET A 143 -4.38 22.41 -3.75
N GLN A 144 -5.43 22.06 -4.50
CA GLN A 144 -6.83 22.39 -4.21
C GLN A 144 -7.66 21.11 -4.09
N VAL A 145 -8.58 21.05 -3.13
CA VAL A 145 -9.57 19.96 -2.98
C VAL A 145 -10.96 20.53 -2.79
N LYS A 146 -11.99 19.76 -3.17
CA LYS A 146 -13.41 20.07 -2.97
C LYS A 146 -14.14 18.85 -2.39
N VAL A 147 -15.09 19.10 -1.47
CA VAL A 147 -15.83 18.04 -0.75
C VAL A 147 -17.36 18.20 -0.84
N GLY A 148 -17.87 19.32 -1.36
CA GLY A 148 -19.29 19.51 -1.67
C GLY A 148 -19.66 20.94 -2.10
N ASN A 149 -19.31 21.90 -1.25
CA ASN A 149 -19.56 23.34 -1.47
C ASN A 149 -18.34 24.21 -1.05
N HIS A 150 -17.29 23.59 -0.51
CA HIS A 150 -16.11 24.28 0.07
C HIS A 150 -14.80 23.65 -0.39
N THR A 151 -13.70 24.40 -0.25
CA THR A 151 -12.35 24.01 -0.71
C THR A 151 -11.24 24.36 0.28
N ALA A 152 -10.11 23.67 0.18
CA ALA A 152 -8.89 23.88 0.98
C ALA A 152 -7.64 24.09 0.09
N GLU A 153 -6.54 24.51 0.71
CA GLU A 153 -5.24 24.75 0.07
C GLU A 153 -4.09 24.18 0.91
N GLY A 154 -3.03 23.76 0.22
CA GLY A 154 -1.76 23.24 0.76
C GLY A 154 -0.67 23.22 -0.32
N THR A 155 0.55 22.84 0.05
CA THR A 155 1.74 22.79 -0.83
C THR A 155 2.52 21.49 -0.63
N GLY A 156 3.42 21.13 -1.55
CA GLY A 156 4.15 19.85 -1.50
C GLY A 156 5.13 19.65 -2.65
N THR A 157 5.38 18.39 -3.00
CA THR A 157 6.36 17.97 -4.03
C THR A 157 5.80 17.01 -5.10
N ASN A 158 4.70 16.30 -4.81
CA ASN A 158 3.93 15.48 -5.77
C ASN A 158 2.44 15.44 -5.40
N LYS A 159 1.59 14.98 -6.33
CA LYS A 159 0.13 14.84 -6.15
C LYS A 159 -0.34 13.95 -4.97
N LYS A 160 0.52 13.10 -4.39
CA LYS A 160 0.29 12.35 -3.13
C LYS A 160 1.15 12.82 -1.94
N VAL A 161 1.63 14.07 -1.99
CA VAL A 161 2.38 14.73 -0.90
C VAL A 161 1.81 16.12 -0.60
N ALA A 162 1.34 16.87 -1.59
CA ALA A 162 0.68 18.17 -1.30
C ALA A 162 -0.66 18.02 -0.54
N LYS A 163 -1.34 16.87 -0.68
CA LYS A 163 -2.51 16.46 0.13
C LYS A 163 -2.20 16.41 1.64
N ARG A 164 -0.97 16.03 2.02
CA ARG A 164 -0.49 15.90 3.41
C ARG A 164 -0.63 17.20 4.18
N ASN A 165 -0.28 18.30 3.51
CA ASN A 165 -0.26 19.64 4.10
C ASN A 165 -1.62 20.35 4.05
N ALA A 166 -2.35 20.27 2.92
CA ALA A 166 -3.70 20.81 2.79
C ALA A 166 -4.71 20.24 3.81
N ALA A 167 -4.54 18.97 4.20
CA ALA A 167 -5.41 18.24 5.12
C ALA A 167 -5.68 18.95 6.47
N GLU A 168 -4.70 19.69 7.00
CA GLU A 168 -4.85 20.54 8.19
C GLU A 168 -5.98 21.57 8.06
N ASN A 169 -6.30 22.03 6.84
CA ASN A 169 -7.41 22.92 6.55
C ASN A 169 -8.69 22.15 6.16
N MET A 170 -8.58 20.97 5.52
CA MET A 170 -9.71 20.21 4.95
C MET A 170 -10.85 19.87 5.93
N LEU A 171 -10.61 19.84 7.25
CA LEU A 171 -11.66 19.64 8.26
C LEU A 171 -12.37 20.96 8.66
N GLU A 172 -11.64 22.08 8.65
CA GLU A 172 -12.10 23.41 9.09
C GLU A 172 -12.98 24.12 8.05
N ILE A 173 -12.95 23.65 6.81
CA ILE A 173 -13.64 24.25 5.64
C ILE A 173 -15.10 23.77 5.51
N LEU A 174 -15.43 22.63 6.13
CA LEU A 174 -16.70 21.90 5.99
C LEU A 174 -17.33 21.53 7.34
N GLY A 175 -16.66 21.88 8.45
CA GLY A 175 -17.20 21.84 9.82
C GLY A 175 -17.02 20.52 10.58
N PHE A 176 -15.88 19.84 10.39
CA PHE A 176 -15.49 18.61 11.10
C PHE A 176 -14.22 18.81 11.96
N LYS A 177 -13.81 20.06 12.17
CA LYS A 177 -12.72 20.51 13.08
C LYS A 177 -12.86 19.97 14.51
N GLY A 1 1.55 -16.02 16.73
CA GLY A 1 1.30 -17.00 15.65
C GLY A 1 1.71 -16.42 14.31
N SER A 2 2.43 -17.22 13.49
CA SER A 2 3.08 -16.82 12.23
C SER A 2 4.10 -15.66 12.37
N HIS A 3 4.73 -15.30 11.24
CA HIS A 3 5.71 -14.22 11.10
C HIS A 3 5.62 -13.48 9.76
N MET A 4 4.76 -13.94 8.84
CA MET A 4 4.60 -13.37 7.50
C MET A 4 4.05 -11.92 7.54
N LYS A 5 4.58 -11.03 6.69
CA LYS A 5 4.26 -9.58 6.67
C LYS A 5 4.44 -8.90 5.31
N SER A 6 5.23 -9.46 4.39
CA SER A 6 5.63 -8.82 3.13
C SER A 6 5.91 -9.81 1.99
N GLU A 7 5.53 -11.08 2.16
CA GLU A 7 5.91 -12.18 1.28
C GLU A 7 5.47 -12.05 -0.18
N ILE A 8 4.29 -11.48 -0.46
CA ILE A 8 3.95 -11.19 -1.88
C ILE A 8 4.91 -10.13 -2.48
N SER A 9 5.34 -9.14 -1.69
CA SER A 9 6.31 -8.12 -2.08
C SER A 9 7.72 -8.68 -2.34
N GLN A 10 8.13 -9.74 -1.64
CA GLN A 10 9.38 -10.47 -1.90
C GLN A 10 9.50 -10.88 -3.37
N VAL A 11 8.43 -11.50 -3.90
CA VAL A 11 8.34 -11.96 -5.29
C VAL A 11 8.26 -10.79 -6.27
N PHE A 12 7.55 -9.71 -5.91
CA PHE A 12 7.47 -8.49 -6.74
C PHE A 12 8.83 -7.83 -6.96
N GLU A 13 9.72 -7.80 -5.96
CA GLU A 13 11.09 -7.26 -6.11
C GLU A 13 12.00 -8.23 -6.90
N ILE A 14 11.81 -9.54 -6.75
CA ILE A 14 12.52 -10.57 -7.54
C ILE A 14 12.16 -10.54 -9.04
N ALA A 15 11.06 -9.89 -9.44
CA ALA A 15 10.75 -9.61 -10.84
C ALA A 15 11.92 -8.94 -11.60
N LEU A 16 12.55 -7.95 -10.96
CA LEU A 16 13.74 -7.28 -11.48
C LEU A 16 14.94 -8.24 -11.63
N LYS A 17 15.10 -9.17 -10.68
CA LYS A 17 16.21 -10.13 -10.62
C LYS A 17 16.06 -11.31 -11.59
N ARG A 18 14.84 -11.64 -12.03
CA ARG A 18 14.55 -12.78 -12.93
C ARG A 18 14.00 -12.42 -14.31
N ASN A 19 13.64 -11.16 -14.55
CA ASN A 19 13.11 -10.60 -15.82
C ASN A 19 11.86 -11.30 -16.42
N LEU A 20 11.14 -12.09 -15.62
CA LEU A 20 9.96 -12.88 -15.99
C LEU A 20 8.79 -12.78 -14.98
N PRO A 21 9.02 -12.78 -13.65
CA PRO A 21 7.97 -12.44 -12.69
C PRO A 21 7.54 -10.96 -12.85
N VAL A 22 6.43 -10.58 -12.21
CA VAL A 22 5.72 -9.26 -12.15
C VAL A 22 4.19 -9.40 -12.33
N ASN A 23 3.70 -10.61 -12.61
CA ASN A 23 2.30 -10.86 -12.91
C ASN A 23 1.52 -11.22 -11.64
N PHE A 24 0.67 -10.30 -11.15
CA PHE A 24 -0.16 -10.45 -9.94
C PHE A 24 -1.62 -10.04 -10.19
N GLU A 25 -2.08 -10.25 -11.42
CA GLU A 25 -3.43 -9.86 -11.92
C GLU A 25 -4.09 -10.93 -12.80
N VAL A 26 -3.44 -12.09 -12.87
CA VAL A 26 -3.76 -13.17 -13.82
C VAL A 26 -5.18 -13.73 -13.77
N ALA A 27 -5.80 -13.75 -12.59
CA ALA A 27 -7.17 -14.23 -12.32
C ALA A 27 -7.53 -15.60 -12.95
N ARG A 28 -6.53 -16.43 -13.29
CA ARG A 28 -6.60 -17.71 -14.03
C ARG A 28 -7.61 -17.75 -15.20
N GLU A 29 -7.80 -16.63 -15.88
CA GLU A 29 -8.81 -16.43 -16.93
C GLU A 29 -8.40 -15.32 -17.93
N SER A 30 -9.02 -15.28 -19.10
CA SER A 30 -8.80 -14.27 -20.15
C SER A 30 -9.16 -12.82 -19.75
N GLY A 31 -9.85 -12.64 -18.61
CA GLY A 31 -10.19 -11.34 -18.01
C GLY A 31 -10.77 -11.51 -16.60
N PRO A 32 -10.97 -10.41 -15.84
CA PRO A 32 -11.49 -10.47 -14.47
C PRO A 32 -12.99 -10.83 -14.43
N PRO A 33 -13.48 -11.49 -13.36
CA PRO A 33 -14.89 -11.87 -13.20
C PRO A 33 -15.82 -10.70 -12.82
N HIS A 34 -15.26 -9.61 -12.27
CA HIS A 34 -15.96 -8.42 -11.79
C HIS A 34 -15.17 -7.13 -12.14
N MET A 35 -15.84 -5.98 -12.02
CA MET A 35 -15.36 -4.65 -12.43
C MET A 35 -14.04 -4.19 -11.77
N LYS A 36 -13.63 -4.82 -10.66
CA LYS A 36 -12.39 -4.56 -9.91
C LYS A 36 -11.53 -5.82 -9.65
N ASN A 37 -11.81 -6.93 -10.35
CA ASN A 37 -11.24 -8.27 -10.15
C ASN A 37 -11.54 -8.90 -8.76
N PHE A 38 -11.41 -10.23 -8.64
CA PHE A 38 -11.70 -11.02 -7.45
C PHE A 38 -10.81 -12.29 -7.31
N VAL A 39 -9.87 -12.56 -8.24
CA VAL A 39 -8.96 -13.73 -8.21
C VAL A 39 -7.56 -13.34 -8.71
N THR A 40 -6.51 -14.02 -8.25
CA THR A 40 -5.15 -13.88 -8.80
C THR A 40 -4.36 -15.19 -8.81
N LYS A 41 -3.51 -15.36 -9.83
CA LYS A 41 -2.47 -16.41 -9.91
C LYS A 41 -1.16 -15.68 -10.17
N VAL A 42 -0.16 -15.81 -9.30
CA VAL A 42 1.18 -15.26 -9.61
C VAL A 42 1.86 -16.15 -10.66
N SER A 43 2.74 -15.54 -11.46
CA SER A 43 3.64 -16.26 -12.36
C SER A 43 5.08 -15.83 -12.14
N VAL A 44 5.97 -16.81 -11.90
CA VAL A 44 7.38 -16.63 -11.53
C VAL A 44 8.30 -17.44 -12.47
N GLY A 45 8.57 -16.90 -13.67
CA GLY A 45 9.52 -17.47 -14.64
C GLY A 45 9.05 -18.73 -15.38
N GLU A 46 8.88 -19.82 -14.64
CA GLU A 46 8.49 -21.16 -15.12
C GLU A 46 7.56 -21.88 -14.12
N PHE A 47 7.10 -21.14 -13.11
CA PHE A 47 6.30 -21.59 -11.97
C PHE A 47 5.20 -20.60 -11.64
N VAL A 48 4.25 -21.06 -10.86
CA VAL A 48 3.01 -20.35 -10.56
C VAL A 48 2.53 -20.66 -9.14
N GLY A 49 1.77 -19.73 -8.57
CA GLY A 49 1.12 -19.88 -7.25
C GLY A 49 -0.24 -19.15 -7.19
N GLU A 50 -1.11 -19.50 -6.24
CA GLU A 50 -2.51 -19.02 -6.22
C GLU A 50 -2.97 -18.66 -4.80
N GLY A 51 -3.93 -17.72 -4.68
CA GLY A 51 -4.41 -17.20 -3.39
C GLY A 51 -5.27 -18.16 -2.54
N GLU A 52 -5.21 -19.46 -2.81
CA GLU A 52 -6.10 -20.49 -2.25
C GLU A 52 -5.40 -21.67 -1.57
N GLY A 53 -4.10 -21.87 -1.82
CA GLY A 53 -3.36 -23.08 -1.41
C GLY A 53 -4.04 -24.36 -1.88
N LYS A 54 -4.69 -25.08 -0.96
CA LYS A 54 -5.42 -26.34 -1.21
C LYS A 54 -6.88 -26.35 -0.72
N SER A 55 -7.32 -25.36 0.07
CA SER A 55 -8.68 -25.35 0.67
C SER A 55 -9.33 -23.97 0.80
N LYS A 56 -8.67 -22.90 0.32
CA LYS A 56 -9.00 -21.48 0.54
C LYS A 56 -9.43 -21.17 1.99
N LYS A 57 -8.67 -21.72 2.94
CA LYS A 57 -8.69 -21.41 4.40
C LYS A 57 -7.25 -21.21 4.91
N ILE A 58 -6.41 -20.69 4.01
CA ILE A 58 -5.01 -20.28 4.17
C ILE A 58 -4.89 -18.77 3.88
N SER A 59 -3.78 -18.14 4.22
CA SER A 59 -3.56 -16.69 4.01
C SER A 59 -3.67 -16.23 2.54
N LYS A 60 -3.94 -14.94 2.34
CA LYS A 60 -3.86 -14.25 1.04
C LYS A 60 -2.45 -14.38 0.44
N LYS A 61 -1.45 -14.45 1.33
CA LYS A 61 -0.02 -14.51 1.04
C LYS A 61 0.42 -15.87 0.51
N ASN A 62 -0.41 -16.90 0.65
CA ASN A 62 -0.17 -18.20 0.03
C ASN A 62 0.12 -18.09 -1.47
N ALA A 63 -0.47 -17.13 -2.20
CA ALA A 63 -0.12 -16.89 -3.61
C ALA A 63 1.40 -16.71 -3.88
N ALA A 64 2.16 -16.20 -2.91
CA ALA A 64 3.61 -16.04 -3.01
C ALA A 64 4.40 -17.02 -2.15
N ILE A 65 3.99 -17.34 -0.91
CA ILE A 65 4.59 -18.46 -0.14
C ILE A 65 4.55 -19.77 -0.94
N ALA A 66 3.53 -19.99 -1.79
CA ALA A 66 3.44 -21.13 -2.71
C ALA A 66 4.57 -21.21 -3.75
N VAL A 67 5.26 -20.09 -4.03
CA VAL A 67 6.26 -19.98 -5.10
C VAL A 67 7.65 -19.56 -4.57
N LEU A 68 7.72 -18.95 -3.39
CA LEU A 68 8.92 -18.67 -2.63
C LEU A 68 9.70 -19.96 -2.32
N GLU A 69 9.02 -21.10 -2.22
CA GLU A 69 9.62 -22.45 -2.16
C GLU A 69 10.51 -22.77 -3.38
N GLU A 70 10.27 -22.15 -4.54
CA GLU A 70 11.08 -22.31 -5.76
C GLU A 70 12.13 -21.20 -5.93
N LEU A 71 12.09 -20.16 -5.08
CA LEU A 71 13.01 -19.02 -5.11
C LEU A 71 14.13 -19.15 -4.05
N LYS A 72 13.84 -19.77 -2.89
CA LYS A 72 14.79 -19.95 -1.77
C LYS A 72 15.95 -20.93 -2.04
N LYS A 73 15.85 -21.72 -3.11
CA LYS A 73 16.82 -22.76 -3.52
C LYS A 73 17.71 -22.37 -4.71
N LEU A 74 17.45 -21.21 -5.31
CA LEU A 74 18.27 -20.59 -6.35
C LEU A 74 19.60 -20.02 -5.80
N PRO A 75 20.58 -19.70 -6.66
CA PRO A 75 21.77 -18.94 -6.26
C PRO A 75 21.36 -17.52 -5.77
N PRO A 76 22.26 -16.74 -5.13
CA PRO A 76 21.88 -15.47 -4.53
C PRO A 76 21.50 -14.38 -5.55
N LEU A 77 22.20 -14.26 -6.68
CA LEU A 77 22.02 -13.14 -7.63
C LEU A 77 20.64 -13.03 -8.33
N PRO A 78 19.89 -14.12 -8.67
CA PRO A 78 18.51 -14.03 -9.14
C PRO A 78 17.46 -13.94 -8.01
N ALA A 79 17.86 -13.96 -6.73
CA ALA A 79 16.95 -14.11 -5.58
C ALA A 79 17.32 -13.20 -4.39
N VAL A 80 16.82 -13.55 -3.19
CA VAL A 80 17.12 -12.87 -1.91
C VAL A 80 17.39 -13.95 -0.85
N GLU A 81 18.48 -13.80 -0.10
CA GLU A 81 18.97 -14.79 0.89
C GLU A 81 19.51 -14.13 2.19
N ARG A 82 19.09 -12.89 2.46
CA ARG A 82 19.52 -12.11 3.64
C ARG A 82 19.12 -12.77 4.96
N VAL A 83 20.01 -12.69 5.96
CA VAL A 83 19.80 -13.26 7.32
C VAL A 83 20.38 -12.37 8.45
N LYS A 84 20.94 -11.20 8.10
CA LYS A 84 21.51 -10.22 9.05
C LYS A 84 20.43 -9.71 10.03
N PRO A 85 20.73 -9.56 11.35
CA PRO A 85 19.84 -8.94 12.33
C PRO A 85 19.29 -7.56 11.91
N ARG A 86 18.09 -7.23 12.40
CA ARG A 86 17.37 -5.95 12.14
C ARG A 86 16.90 -5.26 13.44
N ILE A 87 17.16 -5.88 14.59
CA ILE A 87 16.72 -5.45 15.93
C ILE A 87 17.82 -5.67 16.97
N LYS A 88 17.63 -5.13 18.19
CA LYS A 88 18.54 -5.24 19.33
C LYS A 88 17.74 -5.34 20.64
N LYS A 89 18.36 -5.87 21.70
CA LYS A 89 17.79 -5.99 23.06
C LYS A 89 17.33 -4.65 23.67
N LYS A 90 17.93 -3.53 23.22
CA LYS A 90 17.75 -2.14 23.67
C LYS A 90 18.25 -1.91 25.12
N THR A 91 18.53 -0.65 25.45
CA THR A 91 18.94 -0.15 26.77
C THR A 91 18.04 1.02 27.22
N LYS A 92 18.21 1.48 28.48
CA LYS A 92 17.38 2.50 29.14
C LYS A 92 15.86 2.29 28.94
N PRO A 93 15.27 1.23 29.56
CA PRO A 93 13.82 0.96 29.52
C PRO A 93 12.94 2.16 29.92
N ILE A 94 11.68 2.15 29.45
CA ILE A 94 10.70 3.23 29.61
C ILE A 94 9.37 2.65 30.13
N VAL A 95 8.71 3.38 31.03
CA VAL A 95 7.45 2.98 31.71
C VAL A 95 6.34 4.05 31.61
N LYS A 96 6.55 5.09 30.79
CA LYS A 96 5.58 6.16 30.51
C LYS A 96 4.28 5.64 29.87
N PRO A 97 3.14 6.34 30.03
CA PRO A 97 1.87 5.96 29.41
C PRO A 97 1.90 6.08 27.88
N GLN A 98 0.92 5.45 27.22
CA GLN A 98 0.79 5.36 25.76
C GLN A 98 -0.68 5.58 25.32
N THR A 99 -0.91 5.64 24.00
CA THR A 99 -2.23 5.84 23.38
C THR A 99 -2.39 5.01 22.10
N SER A 100 -3.61 4.96 21.55
CA SER A 100 -3.99 4.11 20.41
C SER A 100 -5.09 4.76 19.53
N PRO A 101 -5.21 4.38 18.25
CA PRO A 101 -6.26 4.87 17.35
C PRO A 101 -7.64 4.30 17.70
N GLU A 102 -8.70 4.86 17.08
CA GLU A 102 -10.09 4.47 17.32
C GLU A 102 -10.91 4.58 16.03
N TYR A 103 -11.90 3.70 15.85
CA TYR A 103 -12.78 3.64 14.66
C TYR A 103 -13.65 4.90 14.43
N GLY A 104 -13.70 5.81 15.41
CA GLY A 104 -14.35 7.14 15.33
C GLY A 104 -13.38 8.30 15.03
N GLN A 105 -12.09 8.03 14.84
CA GLN A 105 -11.02 9.03 14.67
C GLN A 105 -9.96 8.66 13.61
N GLY A 106 -9.77 7.36 13.33
CA GLY A 106 -8.72 6.85 12.45
C GLY A 106 -7.32 6.88 13.08
N ILE A 107 -6.31 6.53 12.29
CA ILE A 107 -4.89 6.49 12.69
C ILE A 107 -4.20 7.84 12.42
N ASN A 108 -4.66 8.58 11.42
CA ASN A 108 -4.18 9.89 10.95
C ASN A 108 -5.26 10.55 10.07
N PRO A 109 -5.21 11.88 9.83
CA PRO A 109 -6.21 12.58 9.01
C PRO A 109 -6.35 12.01 7.59
N ILE A 110 -5.25 11.52 7.02
CA ILE A 110 -5.15 11.04 5.64
C ILE A 110 -5.92 9.72 5.46
N SER A 111 -5.57 8.70 6.25
CA SER A 111 -6.29 7.43 6.32
C SER A 111 -7.75 7.65 6.69
N ARG A 112 -8.03 8.50 7.70
CA ARG A 112 -9.40 8.81 8.12
C ARG A 112 -10.28 9.40 7.01
N LEU A 113 -9.78 10.37 6.26
CA LEU A 113 -10.52 10.98 5.14
C LEU A 113 -10.87 9.95 4.05
N ALA A 114 -9.92 9.11 3.65
CA ALA A 114 -10.17 8.01 2.73
C ALA A 114 -11.21 7.01 3.30
N GLN A 115 -11.13 6.72 4.60
CA GLN A 115 -12.07 5.87 5.33
C GLN A 115 -13.52 6.42 5.31
N ILE A 116 -13.66 7.75 5.41
CA ILE A 116 -14.96 8.45 5.44
C ILE A 116 -15.73 8.36 4.11
N GLN A 117 -15.08 8.47 2.93
CA GLN A 117 -15.81 8.33 1.66
C GLN A 117 -16.53 6.98 1.54
N GLN A 118 -15.90 5.91 2.01
CA GLN A 118 -16.43 4.56 1.92
C GLN A 118 -17.67 4.39 2.81
N ALA A 119 -17.65 5.01 3.99
CA ALA A 119 -18.78 5.10 4.91
C ALA A 119 -19.99 5.90 4.35
N LYS A 120 -19.81 6.66 3.26
CA LYS A 120 -20.87 7.42 2.54
C LYS A 120 -21.34 6.70 1.27
N LYS A 121 -20.91 5.44 1.09
CA LYS A 121 -21.13 4.54 -0.06
C LYS A 121 -20.35 4.94 -1.31
N GLU A 122 -19.31 5.77 -1.15
CA GLU A 122 -18.48 6.32 -2.23
C GLU A 122 -17.06 5.74 -2.26
N LYS A 123 -16.26 6.30 -3.16
CA LYS A 123 -14.82 6.10 -3.32
C LYS A 123 -14.10 7.46 -3.22
N GLU A 124 -12.81 7.49 -3.51
CA GLU A 124 -11.93 8.65 -3.28
C GLU A 124 -12.50 10.01 -3.77
N PRO A 125 -12.17 11.13 -3.08
CA PRO A 125 -12.45 12.50 -3.52
C PRO A 125 -11.98 12.86 -4.93
N GLU A 126 -12.34 14.06 -5.39
CA GLU A 126 -11.90 14.62 -6.68
C GLU A 126 -10.81 15.67 -6.44
N TYR A 127 -9.58 15.17 -6.32
CA TYR A 127 -8.34 15.96 -6.20
C TYR A 127 -7.97 16.63 -7.53
N THR A 128 -7.34 17.81 -7.45
CA THR A 128 -6.98 18.70 -8.56
C THR A 128 -5.61 19.33 -8.28
N LEU A 129 -4.80 19.55 -9.32
CA LEU A 129 -3.42 20.05 -9.24
C LEU A 129 -3.32 21.44 -9.91
N LEU A 130 -2.86 22.45 -9.16
CA LEU A 130 -2.86 23.86 -9.59
C LEU A 130 -1.44 24.36 -9.91
N THR A 131 -0.48 23.97 -9.07
CA THR A 131 0.97 24.20 -9.21
C THR A 131 1.37 25.61 -9.69
N GLU A 132 0.72 26.62 -9.10
CA GLU A 132 0.96 28.05 -9.38
C GLU A 132 2.27 28.61 -8.79
N ARG A 133 2.82 27.95 -7.75
CA ARG A 133 4.04 28.33 -6.99
C ARG A 133 3.96 29.74 -6.36
N GLY A 134 5.04 30.14 -5.66
CA GLY A 134 5.13 31.45 -4.98
C GLY A 134 6.54 31.94 -4.63
N LEU A 135 7.61 31.26 -5.07
CA LEU A 135 9.00 31.63 -4.81
C LEU A 135 9.92 31.40 -6.03
N PRO A 136 10.88 32.30 -6.30
CA PRO A 136 11.94 32.09 -7.28
C PRO A 136 13.09 31.26 -6.69
N ARG A 137 13.77 30.47 -7.53
CA ARG A 137 14.92 29.60 -7.17
C ARG A 137 14.66 28.75 -5.92
N ARG A 138 13.46 28.16 -5.86
CA ARG A 138 12.97 27.26 -4.81
C ARG A 138 11.88 26.32 -5.36
N ARG A 139 11.32 25.45 -4.50
CA ARG A 139 10.41 24.36 -4.89
C ARG A 139 9.13 24.35 -4.06
N GLU A 140 8.00 24.22 -4.75
CA GLU A 140 6.65 24.13 -4.19
C GLU A 140 5.69 23.52 -5.23
N PHE A 141 4.68 22.78 -4.77
CA PHE A 141 3.56 22.25 -5.57
C PHE A 141 2.25 22.50 -4.79
N VAL A 142 1.09 22.48 -5.46
CA VAL A 142 -0.21 22.93 -4.90
C VAL A 142 -1.37 22.05 -5.37
N MET A 143 -2.25 21.66 -4.45
CA MET A 143 -3.39 20.76 -4.66
C MET A 143 -4.67 21.33 -4.02
N GLN A 144 -5.83 21.14 -4.68
CA GLN A 144 -7.18 21.41 -4.17
C GLN A 144 -8.07 20.18 -4.36
N VAL A 145 -8.93 19.87 -3.40
CA VAL A 145 -9.83 18.70 -3.43
C VAL A 145 -11.25 19.12 -3.06
N LYS A 146 -12.25 18.46 -3.65
CA LYS A 146 -13.68 18.65 -3.35
C LYS A 146 -14.30 17.33 -2.89
N VAL A 147 -15.21 17.40 -1.90
CA VAL A 147 -15.80 16.21 -1.25
C VAL A 147 -17.35 16.19 -1.30
N GLY A 148 -17.97 17.29 -1.74
CA GLY A 148 -19.41 17.33 -2.04
C GLY A 148 -19.94 18.76 -2.25
N ASN A 149 -19.72 19.62 -1.26
CA ASN A 149 -20.09 21.04 -1.26
C ASN A 149 -18.95 21.96 -0.77
N HIS A 150 -17.82 21.39 -0.34
CA HIS A 150 -16.69 22.09 0.27
C HIS A 150 -15.34 21.61 -0.28
N THR A 151 -14.28 22.39 -0.07
CA THR A 151 -12.92 22.10 -0.56
C THR A 151 -11.83 22.31 0.49
N ALA A 152 -10.69 21.62 0.30
CA ALA A 152 -9.44 21.80 1.04
C ALA A 152 -8.28 22.07 0.07
N GLU A 153 -7.16 22.57 0.59
CA GLU A 153 -5.92 22.77 -0.15
C GLU A 153 -4.70 22.34 0.69
N GLY A 154 -3.60 22.03 0.01
CA GLY A 154 -2.32 21.60 0.55
C GLY A 154 -1.17 21.80 -0.43
N THR A 155 0.06 21.58 0.04
CA THR A 155 1.31 21.78 -0.72
C THR A 155 2.26 20.59 -0.59
N GLY A 156 3.32 20.53 -1.40
CA GLY A 156 4.27 19.42 -1.40
C GLY A 156 5.32 19.53 -2.50
N THR A 157 5.82 18.38 -2.97
CA THR A 157 6.75 18.27 -4.11
C THR A 157 6.27 17.31 -5.21
N ASN A 158 5.44 16.31 -4.88
CA ASN A 158 4.96 15.28 -5.81
C ASN A 158 3.52 14.84 -5.48
N LYS A 159 2.92 14.10 -6.41
CA LYS A 159 1.52 13.65 -6.45
C LYS A 159 0.95 13.00 -5.17
N LYS A 160 1.77 12.26 -4.40
CA LYS A 160 1.36 11.65 -3.12
C LYS A 160 1.97 12.32 -1.88
N VAL A 161 2.60 13.50 -2.05
CA VAL A 161 3.02 14.41 -0.96
C VAL A 161 1.95 15.48 -0.75
N ALA A 162 1.54 16.15 -1.85
CA ALA A 162 0.57 17.25 -1.82
C ALA A 162 -0.80 16.81 -1.27
N LYS A 163 -1.23 15.58 -1.62
CA LYS A 163 -2.41 14.88 -1.11
C LYS A 163 -2.40 14.72 0.43
N ARG A 164 -1.23 14.47 1.02
CA ARG A 164 -1.05 14.18 2.45
C ARG A 164 -1.10 15.44 3.33
N ASN A 165 -0.61 16.58 2.84
CA ASN A 165 -0.62 17.84 3.60
C ASN A 165 -2.01 18.51 3.64
N ALA A 166 -2.79 18.45 2.55
CA ALA A 166 -4.17 18.93 2.52
C ALA A 166 -5.11 18.19 3.51
N ALA A 167 -4.84 16.92 3.78
CA ALA A 167 -5.71 16.04 4.57
C ALA A 167 -6.04 16.54 5.98
N GLU A 168 -5.11 17.28 6.60
CA GLU A 168 -5.30 17.95 7.89
C GLU A 168 -6.50 18.92 7.89
N ASN A 169 -6.86 19.50 6.73
CA ASN A 169 -8.00 20.38 6.55
C ASN A 169 -9.24 19.63 6.03
N MET A 170 -9.08 18.55 5.25
CA MET A 170 -10.17 17.80 4.59
C MET A 170 -11.28 17.28 5.53
N LEU A 171 -11.10 17.29 6.85
CA LEU A 171 -12.11 16.91 7.84
C LEU A 171 -12.82 18.12 8.47
N GLU A 172 -12.12 19.26 8.61
CA GLU A 172 -12.65 20.51 9.17
C GLU A 172 -13.61 21.24 8.21
N ILE A 173 -13.49 20.96 6.91
CA ILE A 173 -14.22 21.62 5.82
C ILE A 173 -15.66 21.08 5.66
N LEU A 174 -15.89 19.86 6.16
CA LEU A 174 -17.12 19.07 5.98
C LEU A 174 -17.70 18.55 7.32
N GLY A 175 -17.04 18.86 8.43
CA GLY A 175 -17.53 18.66 9.80
C GLY A 175 -17.29 17.29 10.43
N PHE A 176 -16.14 16.67 10.15
CA PHE A 176 -15.69 15.40 10.76
C PHE A 176 -14.49 15.57 11.72
N LYS A 177 -14.08 16.81 11.98
CA LYS A 177 -13.04 17.23 12.95
C LYS A 177 -13.41 18.57 13.60
N GLY A 1 7.75 -10.79 16.42
CA GLY A 1 7.77 -11.89 15.43
C GLY A 1 8.76 -11.60 14.30
N SER A 2 9.43 -12.66 13.80
CA SER A 2 10.47 -12.56 12.75
C SER A 2 10.44 -13.68 11.68
N HIS A 3 9.50 -14.63 11.79
CA HIS A 3 9.31 -15.77 10.86
C HIS A 3 7.85 -15.94 10.40
N MET A 4 7.03 -14.90 10.61
CA MET A 4 5.61 -14.82 10.24
C MET A 4 5.18 -13.35 10.10
N LYS A 5 3.94 -13.10 9.63
CA LYS A 5 3.32 -11.77 9.47
C LYS A 5 4.19 -10.77 8.67
N SER A 6 5.03 -11.30 7.77
CA SER A 6 6.07 -10.55 7.03
C SER A 6 6.26 -11.03 5.59
N GLU A 7 5.53 -12.07 5.17
CA GLU A 7 5.73 -12.79 3.91
C GLU A 7 5.56 -11.91 2.68
N ILE A 8 4.59 -10.98 2.67
CA ILE A 8 4.42 -10.08 1.52
C ILE A 8 5.08 -8.71 1.75
N SER A 9 5.96 -8.64 2.75
CA SER A 9 6.88 -7.52 2.99
C SER A 9 8.33 -7.98 2.68
N GLN A 10 8.46 -9.02 1.84
CA GLN A 10 9.72 -9.49 1.24
C GLN A 10 9.57 -9.87 -0.24
N VAL A 11 8.49 -10.58 -0.59
CA VAL A 11 8.38 -11.19 -1.92
C VAL A 11 8.41 -10.18 -3.08
N PHE A 12 7.83 -8.99 -2.88
CA PHE A 12 7.72 -7.93 -3.88
C PHE A 12 9.07 -7.25 -4.17
N GLU A 13 9.96 -7.11 -3.18
CA GLU A 13 11.24 -6.39 -3.33
C GLU A 13 12.45 -7.31 -3.46
N ILE A 14 12.37 -8.58 -3.00
CA ILE A 14 13.40 -9.60 -3.33
C ILE A 14 13.47 -9.79 -4.86
N ALA A 15 12.34 -9.63 -5.55
CA ALA A 15 12.21 -9.70 -7.01
C ALA A 15 13.15 -8.75 -7.79
N LEU A 16 13.61 -7.66 -7.15
CA LEU A 16 14.62 -6.72 -7.70
C LEU A 16 15.94 -7.42 -8.06
N LYS A 17 16.30 -8.52 -7.36
CA LYS A 17 17.57 -9.24 -7.49
C LYS A 17 17.42 -10.66 -8.05
N ARG A 18 16.20 -11.20 -8.13
CA ARG A 18 15.91 -12.55 -8.67
C ARG A 18 15.87 -12.63 -10.20
N ASN A 19 15.68 -11.50 -10.90
CA ASN A 19 15.71 -11.35 -12.37
C ASN A 19 14.70 -12.23 -13.17
N LEU A 20 13.68 -12.75 -12.49
CA LEU A 20 12.62 -13.63 -13.03
C LEU A 20 11.22 -13.21 -12.54
N PRO A 21 10.96 -13.08 -11.21
CA PRO A 21 9.73 -12.48 -10.67
C PRO A 21 9.65 -10.95 -10.89
N VAL A 22 8.53 -10.38 -10.42
CA VAL A 22 8.12 -8.96 -10.24
C VAL A 22 6.74 -8.68 -10.89
N ASN A 23 6.11 -9.70 -11.48
CA ASN A 23 4.77 -9.62 -12.08
C ASN A 23 3.67 -9.79 -11.03
N PHE A 24 2.80 -8.78 -10.90
CA PHE A 24 1.65 -8.71 -9.99
C PHE A 24 0.48 -7.97 -10.69
N GLU A 25 -0.62 -7.69 -9.96
CA GLU A 25 -1.76 -6.81 -10.33
C GLU A 25 -2.64 -7.30 -11.50
N VAL A 26 -2.38 -8.51 -11.96
CA VAL A 26 -3.03 -9.16 -13.12
C VAL A 26 -3.22 -10.66 -12.86
N ALA A 27 -4.30 -11.25 -13.35
CA ALA A 27 -4.60 -12.69 -13.32
C ALA A 27 -5.26 -13.20 -14.62
N ARG A 28 -5.76 -14.45 -14.59
CA ARG A 28 -6.62 -15.03 -15.64
C ARG A 28 -7.99 -14.31 -15.66
N GLU A 29 -8.73 -14.45 -16.75
CA GLU A 29 -10.09 -13.91 -16.95
C GLU A 29 -10.24 -12.39 -16.64
N SER A 30 -9.15 -11.63 -16.74
CA SER A 30 -9.05 -10.19 -16.45
C SER A 30 -7.99 -9.52 -17.35
N GLY A 31 -8.03 -8.19 -17.45
CA GLY A 31 -7.24 -7.42 -18.42
C GLY A 31 -7.77 -6.01 -18.72
N PRO A 32 -9.06 -5.82 -19.07
CA PRO A 32 -9.65 -4.49 -19.29
C PRO A 32 -9.78 -3.69 -17.97
N PRO A 33 -10.06 -2.37 -18.04
CA PRO A 33 -10.28 -1.50 -16.88
C PRO A 33 -11.63 -1.76 -16.17
N HIS A 34 -11.79 -2.98 -15.64
CA HIS A 34 -12.93 -3.45 -14.84
C HIS A 34 -13.22 -2.57 -13.62
N MET A 35 -14.48 -2.58 -13.18
CA MET A 35 -15.07 -1.70 -12.15
C MET A 35 -14.37 -1.73 -10.78
N LYS A 36 -13.63 -2.81 -10.48
CA LYS A 36 -12.72 -2.92 -9.32
C LYS A 36 -11.34 -3.52 -9.66
N ASN A 37 -10.98 -3.64 -10.95
CA ASN A 37 -9.80 -4.38 -11.43
C ASN A 37 -9.62 -5.77 -10.74
N PHE A 38 -10.72 -6.52 -10.62
CA PHE A 38 -10.82 -7.78 -9.88
C PHE A 38 -9.81 -8.88 -10.30
N VAL A 39 -9.42 -9.74 -9.35
CA VAL A 39 -8.50 -10.89 -9.41
C VAL A 39 -7.03 -10.52 -9.67
N THR A 40 -6.10 -11.12 -8.90
CA THR A 40 -4.64 -10.96 -9.06
C THR A 40 -3.87 -12.29 -8.87
N LYS A 41 -2.79 -12.46 -9.64
CA LYS A 41 -1.81 -13.55 -9.61
C LYS A 41 -0.39 -12.97 -9.43
N VAL A 42 0.56 -13.80 -9.00
CA VAL A 42 2.00 -13.51 -8.99
C VAL A 42 2.74 -14.61 -9.75
N SER A 43 3.84 -14.25 -10.41
CA SER A 43 4.69 -15.19 -11.17
C SER A 43 6.14 -15.07 -10.69
N VAL A 44 6.76 -16.23 -10.38
CA VAL A 44 8.10 -16.37 -9.80
C VAL A 44 8.79 -17.62 -10.34
N GLY A 45 9.91 -17.47 -11.06
CA GLY A 45 10.79 -18.58 -11.46
C GLY A 45 10.10 -19.75 -12.18
N GLU A 46 9.31 -19.43 -13.20
CA GLU A 46 8.47 -20.36 -13.99
C GLU A 46 7.36 -21.08 -13.18
N PHE A 47 7.05 -20.56 -12.00
CA PHE A 47 5.95 -20.94 -11.10
C PHE A 47 5.10 -19.72 -10.76
N VAL A 48 3.96 -19.98 -10.14
CA VAL A 48 2.91 -18.99 -9.92
C VAL A 48 2.16 -19.20 -8.62
N GLY A 49 1.60 -18.11 -8.10
CA GLY A 49 0.82 -18.02 -6.87
C GLY A 49 -0.40 -17.11 -7.08
N GLU A 50 -1.49 -17.25 -6.33
CA GLU A 50 -2.76 -16.57 -6.63
C GLU A 50 -3.39 -15.88 -5.41
N GLY A 51 -3.87 -14.65 -5.60
CA GLY A 51 -4.38 -13.76 -4.55
C GLY A 51 -5.83 -14.05 -4.19
N GLU A 52 -6.10 -15.32 -3.93
CA GLU A 52 -7.34 -15.86 -3.36
C GLU A 52 -7.45 -15.42 -1.88
N GLY A 53 -7.68 -14.13 -1.66
CA GLY A 53 -7.63 -13.45 -0.36
C GLY A 53 -8.98 -12.86 0.05
N LYS A 54 -9.19 -12.69 1.36
CA LYS A 54 -10.47 -12.36 1.98
C LYS A 54 -11.63 -13.24 1.44
N SER A 55 -11.32 -14.50 1.10
CA SER A 55 -12.22 -15.49 0.48
C SER A 55 -11.89 -16.87 1.07
N LYS A 56 -12.62 -17.97 0.79
CA LYS A 56 -12.47 -19.28 1.49
C LYS A 56 -12.16 -19.19 3.01
N LYS A 57 -12.72 -18.15 3.65
CA LYS A 57 -12.49 -17.72 5.05
C LYS A 57 -10.99 -17.62 5.41
N ILE A 58 -10.23 -16.89 4.58
CA ILE A 58 -8.76 -16.79 4.55
C ILE A 58 -8.26 -15.33 4.55
N SER A 59 -7.11 -15.08 5.17
CA SER A 59 -6.36 -13.82 5.08
C SER A 59 -5.72 -13.66 3.69
N LYS A 60 -5.51 -12.43 3.19
CA LYS A 60 -4.97 -12.23 1.83
C LYS A 60 -3.53 -12.71 1.60
N LYS A 61 -2.81 -13.15 2.64
CA LYS A 61 -1.52 -13.87 2.57
C LYS A 61 -1.68 -15.29 2.01
N ASN A 62 -2.13 -15.38 0.76
CA ASN A 62 -2.33 -16.60 -0.01
C ASN A 62 -1.48 -16.62 -1.30
N ALA A 63 -1.42 -15.50 -2.04
CA ALA A 63 -0.58 -15.37 -3.24
C ALA A 63 0.90 -15.65 -3.00
N ALA A 64 1.48 -14.99 -1.99
CA ALA A 64 2.91 -14.98 -1.75
C ALA A 64 3.45 -16.30 -1.24
N ILE A 65 2.84 -16.88 -0.21
CA ILE A 65 3.24 -18.17 0.38
C ILE A 65 3.27 -19.28 -0.68
N ALA A 66 2.38 -19.21 -1.69
CA ALA A 66 2.36 -20.13 -2.83
C ALA A 66 3.57 -20.00 -3.80
N VAL A 67 4.39 -18.94 -3.68
CA VAL A 67 5.59 -18.70 -4.51
C VAL A 67 6.88 -18.41 -3.71
N LEU A 68 6.79 -18.02 -2.43
CA LEU A 68 7.94 -17.81 -1.53
C LEU A 68 8.71 -19.13 -1.29
N GLU A 69 8.03 -20.27 -1.41
CA GLU A 69 8.63 -21.60 -1.43
C GLU A 69 9.63 -21.79 -2.59
N GLU A 70 9.49 -21.03 -3.68
CA GLU A 70 10.35 -21.12 -4.88
C GLU A 70 11.54 -20.15 -4.81
N LEU A 71 11.56 -19.25 -3.83
CA LEU A 71 12.61 -18.24 -3.59
C LEU A 71 13.65 -18.72 -2.56
N LYS A 72 13.20 -19.44 -1.52
CA LYS A 72 14.08 -20.07 -0.50
C LYS A 72 14.97 -21.19 -1.07
N LYS A 73 14.67 -21.68 -2.28
CA LYS A 73 15.46 -22.64 -3.07
C LYS A 73 16.57 -22.00 -3.93
N LEU A 74 16.76 -20.68 -3.83
CA LEU A 74 17.71 -19.88 -4.64
C LEU A 74 18.68 -19.07 -3.76
N PRO A 75 19.85 -18.64 -4.29
CA PRO A 75 20.79 -17.78 -3.56
C PRO A 75 20.20 -16.37 -3.29
N PRO A 76 20.76 -15.60 -2.33
CA PRO A 76 20.28 -14.26 -2.00
C PRO A 76 20.54 -13.23 -3.10
N LEU A 77 21.63 -13.36 -3.86
CA LEU A 77 22.07 -12.47 -4.93
C LEU A 77 22.39 -13.24 -6.23
N PRO A 78 22.33 -12.58 -7.41
CA PRO A 78 22.68 -13.18 -8.69
C PRO A 78 24.21 -13.33 -8.93
N ALA A 79 25.02 -12.96 -7.92
CA ALA A 79 26.49 -12.98 -7.95
C ALA A 79 27.08 -13.42 -6.59
N VAL A 80 28.40 -13.62 -6.54
CA VAL A 80 29.16 -14.06 -5.36
C VAL A 80 28.99 -13.09 -4.18
N GLU A 81 28.98 -13.63 -2.97
CA GLU A 81 28.92 -12.92 -1.68
C GLU A 81 29.91 -13.53 -0.66
N ARG A 82 30.27 -12.77 0.38
CA ARG A 82 31.30 -13.09 1.38
C ARG A 82 30.78 -12.85 2.81
N VAL A 83 31.45 -13.44 3.81
CA VAL A 83 31.18 -13.25 5.25
C VAL A 83 31.18 -11.77 5.68
N LYS A 84 30.49 -11.46 6.79
CA LYS A 84 30.17 -10.10 7.26
C LYS A 84 30.44 -9.94 8.77
N PRO A 85 30.71 -8.72 9.27
CA PRO A 85 31.02 -8.48 10.69
C PRO A 85 29.81 -8.64 11.63
N ARG A 86 28.58 -8.64 11.09
CA ARG A 86 27.32 -8.92 11.81
C ARG A 86 26.37 -9.72 10.92
N ILE A 87 25.56 -10.57 11.55
CA ILE A 87 24.56 -11.46 10.90
C ILE A 87 23.24 -11.48 11.71
N LYS A 88 23.31 -11.35 13.04
CA LYS A 88 22.19 -11.31 13.98
C LYS A 88 22.36 -10.18 15.01
N LYS A 89 21.28 -9.85 15.73
CA LYS A 89 21.24 -8.79 16.77
C LYS A 89 20.26 -9.18 17.90
N LYS A 90 20.64 -8.87 19.15
CA LYS A 90 19.92 -9.25 20.38
C LYS A 90 19.46 -8.04 21.23
N THR A 91 19.61 -6.83 20.69
CA THR A 91 19.33 -5.53 21.33
C THR A 91 18.39 -4.64 20.50
N LYS A 92 17.61 -5.26 19.60
CA LYS A 92 16.58 -4.63 18.75
C LYS A 92 15.48 -3.94 19.58
N PRO A 93 14.84 -2.88 19.06
CA PRO A 93 13.71 -2.21 19.73
C PRO A 93 12.43 -3.06 19.74
N ILE A 94 11.48 -2.69 20.60
CA ILE A 94 10.18 -3.38 20.78
C ILE A 94 8.96 -2.44 20.68
N VAL A 95 9.17 -1.19 20.26
CA VAL A 95 8.14 -0.19 19.92
C VAL A 95 8.56 0.63 18.69
N LYS A 96 7.60 1.26 18.01
CA LYS A 96 7.80 2.11 16.81
C LYS A 96 6.71 3.20 16.70
N PRO A 97 6.99 4.35 16.06
CA PRO A 97 6.01 5.43 15.89
C PRO A 97 4.90 5.05 14.90
N GLN A 98 3.80 5.82 14.93
CA GLN A 98 2.59 5.61 14.10
C GLN A 98 1.98 6.93 13.57
N THR A 99 2.65 8.07 13.76
CA THR A 99 2.22 9.44 13.34
C THR A 99 0.77 9.79 13.70
N SER A 100 0.25 9.24 14.80
CA SER A 100 -1.11 9.48 15.32
C SER A 100 -1.19 9.30 16.85
N PRO A 101 -0.42 10.09 17.65
CA PRO A 101 -0.39 9.97 19.12
C PRO A 101 -1.66 10.47 19.83
N GLU A 102 -2.62 11.07 19.10
CA GLU A 102 -3.91 11.55 19.62
C GLU A 102 -5.10 11.16 18.71
N TYR A 103 -6.32 11.26 19.24
CA TYR A 103 -7.56 10.84 18.58
C TYR A 103 -8.70 11.85 18.80
N GLY A 104 -9.85 11.63 18.15
CA GLY A 104 -11.07 12.45 18.31
C GLY A 104 -12.26 12.03 17.45
N GLN A 105 -11.99 11.51 16.24
CA GLN A 105 -13.00 11.05 15.27
C GLN A 105 -12.68 9.69 14.63
N GLY A 106 -11.46 9.17 14.84
CA GLY A 106 -11.00 7.86 14.37
C GLY A 106 -9.53 7.60 14.73
N ILE A 107 -9.01 6.44 14.35
CA ILE A 107 -7.59 6.05 14.54
C ILE A 107 -6.65 6.99 13.76
N ASN A 108 -7.11 7.49 12.60
CA ASN A 108 -6.36 8.36 11.69
C ASN A 108 -7.37 9.17 10.82
N PRO A 109 -7.16 10.48 10.57
CA PRO A 109 -8.11 11.32 9.82
C PRO A 109 -8.34 10.84 8.39
N ILE A 110 -7.27 10.41 7.74
CA ILE A 110 -7.23 10.00 6.33
C ILE A 110 -7.96 8.67 6.16
N SER A 111 -7.61 7.68 6.98
CA SER A 111 -8.27 6.38 7.04
C SER A 111 -9.76 6.52 7.35
N ARG A 112 -10.13 7.33 8.37
CA ARG A 112 -11.52 7.62 8.74
C ARG A 112 -12.34 8.19 7.58
N LEU A 113 -11.83 9.18 6.86
CA LEU A 113 -12.48 9.76 5.67
C LEU A 113 -12.68 8.70 4.56
N ALA A 114 -11.65 7.93 4.24
CA ALA A 114 -11.75 6.84 3.27
C ALA A 114 -12.77 5.76 3.71
N GLN A 115 -12.87 5.50 5.02
CA GLN A 115 -13.80 4.52 5.60
C GLN A 115 -15.26 5.01 5.53
N ILE A 116 -15.50 6.30 5.79
CA ILE A 116 -16.80 6.96 5.59
C ILE A 116 -17.27 6.86 4.13
N GLN A 117 -16.39 7.10 3.16
CA GLN A 117 -16.67 6.95 1.71
C GLN A 117 -17.04 5.52 1.27
N GLN A 118 -16.96 4.51 2.13
CA GLN A 118 -17.48 3.16 1.85
C GLN A 118 -18.87 2.95 2.47
N ALA A 119 -19.15 3.56 3.62
CA ALA A 119 -20.43 3.46 4.35
C ALA A 119 -21.64 4.12 3.65
N LYS A 120 -21.38 5.02 2.69
CA LYS A 120 -22.36 5.82 1.92
C LYS A 120 -22.53 5.32 0.47
N LYS A 121 -22.17 4.05 0.25
CA LYS A 121 -22.24 3.30 -1.01
C LYS A 121 -21.35 3.85 -2.14
N GLU A 122 -20.45 4.77 -1.81
CA GLU A 122 -19.37 5.21 -2.70
C GLU A 122 -18.18 4.22 -2.57
N LYS A 123 -17.04 4.60 -3.14
CA LYS A 123 -15.75 3.91 -2.96
C LYS A 123 -14.72 4.82 -2.30
N GLU A 124 -14.44 5.94 -2.97
CA GLU A 124 -13.36 6.88 -2.64
C GLU A 124 -13.72 8.33 -3.07
N PRO A 125 -13.08 9.37 -2.52
CA PRO A 125 -13.17 10.76 -3.02
C PRO A 125 -12.65 10.92 -4.46
N GLU A 126 -12.67 12.16 -4.97
CA GLU A 126 -12.04 12.56 -6.24
C GLU A 126 -11.01 13.67 -5.98
N TYR A 127 -9.79 13.52 -6.52
CA TYR A 127 -8.63 14.37 -6.20
C TYR A 127 -7.97 14.95 -7.47
N THR A 128 -7.40 16.15 -7.38
CA THR A 128 -6.84 16.94 -8.50
C THR A 128 -5.55 17.67 -8.06
N LEU A 129 -4.56 17.75 -8.95
CA LEU A 129 -3.32 18.53 -8.76
C LEU A 129 -3.58 20.04 -8.90
N LEU A 130 -2.90 20.88 -8.10
CA LEU A 130 -2.98 22.34 -8.19
C LEU A 130 -1.66 22.95 -8.70
N THR A 131 -0.64 23.00 -7.82
CA THR A 131 0.75 23.46 -8.07
C THR A 131 0.89 24.71 -8.95
N GLU A 132 0.01 25.69 -8.71
CA GLU A 132 -0.03 26.99 -9.40
C GLU A 132 1.05 27.99 -8.92
N ARG A 133 1.98 27.56 -8.06
CA ARG A 133 2.99 28.39 -7.37
C ARG A 133 4.35 27.70 -7.21
N GLY A 134 5.36 28.49 -6.87
CA GLY A 134 6.76 28.08 -6.67
C GLY A 134 7.68 29.30 -6.58
N LEU A 135 8.99 29.07 -6.34
CA LEU A 135 10.03 30.10 -6.23
C LEU A 135 11.31 29.68 -6.97
N PRO A 136 12.20 30.62 -7.35
CA PRO A 136 13.52 30.34 -7.95
C PRO A 136 14.41 29.35 -7.15
N ARG A 137 14.15 29.19 -5.85
CA ARG A 137 14.89 28.30 -4.95
C ARG A 137 14.00 27.58 -3.92
N ARG A 138 12.69 27.39 -4.20
CA ARG A 138 11.78 26.53 -3.39
C ARG A 138 10.59 25.99 -4.21
N ARG A 139 10.18 24.75 -3.91
CA ARG A 139 9.19 23.94 -4.66
C ARG A 139 8.40 23.04 -3.70
N GLU A 140 7.18 22.64 -4.10
CA GLU A 140 6.27 21.81 -3.28
C GLU A 140 5.06 21.29 -4.10
N PHE A 141 4.50 20.13 -3.76
CA PHE A 141 3.22 19.67 -4.28
C PHE A 141 2.07 20.40 -3.55
N VAL A 142 0.94 20.66 -4.24
CA VAL A 142 -0.31 21.12 -3.62
C VAL A 142 -1.49 20.37 -4.25
N MET A 143 -2.41 19.92 -3.40
CA MET A 143 -3.50 18.97 -3.72
C MET A 143 -4.89 19.58 -3.48
N GLN A 144 -5.87 19.17 -4.28
CA GLN A 144 -7.30 19.47 -4.13
C GLN A 144 -8.09 18.16 -4.09
N VAL A 145 -9.11 18.07 -3.24
CA VAL A 145 -10.08 16.97 -3.22
C VAL A 145 -11.50 17.52 -3.17
N LYS A 146 -12.48 16.74 -3.64
CA LYS A 146 -13.91 17.03 -3.56
C LYS A 146 -14.68 15.80 -3.07
N VAL A 147 -15.70 16.01 -2.23
CA VAL A 147 -16.46 14.93 -1.57
C VAL A 147 -17.98 15.03 -1.84
N GLY A 148 -18.47 16.13 -2.40
CA GLY A 148 -19.85 16.27 -2.89
C GLY A 148 -20.24 17.70 -3.26
N ASN A 149 -20.06 18.62 -2.30
CA ASN A 149 -20.32 20.06 -2.44
C ASN A 149 -19.18 20.94 -1.86
N HIS A 150 -18.14 20.30 -1.29
CA HIS A 150 -17.04 20.96 -0.56
C HIS A 150 -15.68 20.34 -0.90
N THR A 151 -14.60 21.07 -0.61
CA THR A 151 -13.22 20.73 -0.98
C THR A 151 -12.21 20.93 0.16
N ALA A 152 -11.04 20.29 0.04
CA ALA A 152 -9.91 20.44 0.97
C ALA A 152 -8.57 20.64 0.23
N GLU A 153 -7.52 21.01 0.98
CA GLU A 153 -6.17 21.29 0.47
C GLU A 153 -5.09 20.73 1.41
N GLY A 154 -3.96 20.31 0.83
CA GLY A 154 -2.79 19.71 1.49
C GLY A 154 -1.54 19.73 0.59
N THR A 155 -0.38 19.36 1.15
CA THR A 155 0.95 19.41 0.48
C THR A 155 1.77 18.14 0.74
N GLY A 156 2.76 17.84 -0.11
CA GLY A 156 3.48 16.56 -0.09
C GLY A 156 4.60 16.46 -1.15
N THR A 157 4.93 15.22 -1.57
CA THR A 157 6.06 14.90 -2.47
C THR A 157 5.67 14.11 -3.72
N ASN A 158 4.44 13.61 -3.73
CA ASN A 158 3.75 12.96 -4.86
C ASN A 158 2.25 12.92 -4.59
N LYS A 159 1.48 12.61 -5.63
CA LYS A 159 0.01 12.48 -5.62
C LYS A 159 -0.59 11.44 -4.66
N LYS A 160 0.23 10.63 -3.96
CA LYS A 160 -0.24 9.74 -2.86
C LYS A 160 0.32 10.09 -1.47
N VAL A 161 0.88 11.29 -1.32
CA VAL A 161 1.40 11.83 -0.05
C VAL A 161 0.76 13.16 0.33
N ALA A 162 0.54 14.08 -0.61
CA ALA A 162 -0.25 15.30 -0.34
C ALA A 162 -1.71 14.99 0.05
N LYS A 163 -2.22 13.85 -0.47
CA LYS A 163 -3.48 13.18 -0.11
C LYS A 163 -3.64 12.95 1.41
N ARG A 164 -2.52 12.81 2.12
CA ARG A 164 -2.44 12.45 3.54
C ARG A 164 -2.40 13.65 4.49
N ASN A 165 -1.94 14.81 4.03
CA ASN A 165 -1.96 16.05 4.82
C ASN A 165 -3.27 16.85 4.65
N ALA A 166 -3.93 16.77 3.49
CA ALA A 166 -5.25 17.38 3.28
C ALA A 166 -6.37 16.79 4.16
N ALA A 167 -6.24 15.53 4.61
CA ALA A 167 -7.28 14.81 5.35
C ALA A 167 -7.74 15.49 6.64
N GLU A 168 -6.83 16.19 7.34
CA GLU A 168 -7.11 17.08 8.47
C GLU A 168 -8.22 18.14 8.16
N ASN A 169 -8.46 18.42 6.88
CA ASN A 169 -9.39 19.39 6.34
C ASN A 169 -10.47 18.71 5.47
N MET A 170 -10.59 17.38 5.47
CA MET A 170 -11.62 16.62 4.73
C MET A 170 -12.76 16.09 5.63
N LEU A 171 -12.80 16.48 6.91
CA LEU A 171 -13.87 16.11 7.86
C LEU A 171 -14.60 17.34 8.41
N GLU A 172 -13.88 18.45 8.59
CA GLU A 172 -14.45 19.74 9.06
C GLU A 172 -15.19 20.53 7.96
N ILE A 173 -15.27 20.02 6.73
CA ILE A 173 -15.73 20.75 5.53
C ILE A 173 -17.14 20.33 5.08
N LEU A 174 -17.58 19.13 5.48
CA LEU A 174 -18.84 18.51 5.05
C LEU A 174 -19.71 18.01 6.22
N GLY A 175 -19.21 18.08 7.46
CA GLY A 175 -19.99 17.82 8.68
C GLY A 175 -19.68 16.47 9.37
N PHE A 176 -18.45 15.97 9.29
CA PHE A 176 -18.01 14.70 9.91
C PHE A 176 -16.94 14.88 10.99
N LYS A 177 -16.70 16.12 11.41
CA LYS A 177 -15.88 16.51 12.58
C LYS A 177 -16.31 15.79 13.87
N GLY A 1 10.32 -3.20 10.83
CA GLY A 1 9.64 -4.51 10.79
C GLY A 1 8.82 -4.75 12.04
N SER A 2 7.49 -4.82 11.87
CA SER A 2 6.52 -5.04 12.96
C SER A 2 5.37 -6.00 12.60
N HIS A 3 5.39 -6.55 11.38
CA HIS A 3 4.41 -7.52 10.85
C HIS A 3 5.12 -8.60 10.00
N MET A 4 4.50 -9.77 9.90
CA MET A 4 4.94 -10.90 9.05
C MET A 4 3.74 -11.61 8.38
N LYS A 5 2.57 -10.95 8.35
CA LYS A 5 1.31 -11.45 7.77
C LYS A 5 1.28 -11.45 6.23
N SER A 6 2.37 -11.10 5.56
CA SER A 6 2.43 -10.86 4.10
C SER A 6 3.54 -11.64 3.40
N GLU A 7 3.23 -12.18 2.20
CA GLU A 7 4.12 -13.11 1.48
C GLU A 7 4.07 -13.00 -0.04
N ILE A 8 2.90 -12.70 -0.65
CA ILE A 8 2.89 -12.38 -2.10
C ILE A 8 3.78 -11.15 -2.38
N SER A 9 3.84 -10.20 -1.44
CA SER A 9 4.69 -9.02 -1.54
C SER A 9 6.20 -9.31 -1.56
N GLN A 10 6.67 -10.44 -0.99
CA GLN A 10 8.08 -10.85 -1.17
C GLN A 10 8.39 -11.07 -2.65
N VAL A 11 7.51 -11.83 -3.32
CA VAL A 11 7.65 -12.19 -4.75
C VAL A 11 7.62 -10.98 -5.69
N PHE A 12 6.80 -9.96 -5.40
CA PHE A 12 6.63 -8.80 -6.29
C PHE A 12 7.95 -8.05 -6.61
N GLU A 13 8.87 -7.91 -5.65
CA GLU A 13 10.16 -7.23 -5.89
C GLU A 13 11.30 -8.19 -6.25
N ILE A 14 11.15 -9.51 -6.02
CA ILE A 14 12.06 -10.53 -6.57
C ILE A 14 11.96 -10.53 -8.12
N ALA A 15 10.79 -10.14 -8.66
CA ALA A 15 10.56 -10.00 -10.10
C ALA A 15 11.52 -9.03 -10.82
N LEU A 16 12.12 -8.08 -10.09
CA LEU A 16 13.15 -7.17 -10.61
C LEU A 16 14.40 -7.90 -11.14
N LYS A 17 14.65 -9.12 -10.63
CA LYS A 17 15.78 -9.98 -11.00
C LYS A 17 15.36 -11.24 -11.73
N ARG A 18 14.21 -11.84 -11.38
CA ARG A 18 13.65 -13.02 -12.07
C ARG A 18 12.96 -12.72 -13.41
N ASN A 19 12.64 -11.46 -13.70
CA ASN A 19 12.05 -10.92 -14.95
C ASN A 19 10.71 -11.53 -15.43
N LEU A 20 10.05 -12.35 -14.60
CA LEU A 20 8.82 -13.11 -14.92
C LEU A 20 7.72 -13.07 -13.82
N PRO A 21 8.03 -13.03 -12.49
CA PRO A 21 7.06 -12.96 -11.37
C PRO A 21 6.20 -11.68 -11.24
N VAL A 22 5.88 -11.08 -12.38
CA VAL A 22 5.17 -9.79 -12.56
C VAL A 22 3.95 -9.92 -13.50
N ASN A 23 3.43 -11.15 -13.66
CA ASN A 23 2.37 -11.52 -14.62
C ASN A 23 1.08 -11.99 -13.92
N PHE A 24 0.73 -11.33 -12.80
CA PHE A 24 -0.56 -11.47 -12.10
C PHE A 24 -1.75 -11.19 -13.05
N GLU A 25 -2.76 -12.06 -13.08
CA GLU A 25 -3.94 -11.93 -13.97
C GLU A 25 -5.19 -12.65 -13.46
N VAL A 26 -6.36 -12.36 -14.04
CA VAL A 26 -7.62 -13.07 -13.77
C VAL A 26 -7.51 -14.57 -14.11
N ALA A 27 -8.05 -15.44 -13.25
CA ALA A 27 -7.94 -16.90 -13.38
C ALA A 27 -8.92 -17.56 -14.38
N ARG A 28 -9.81 -16.76 -15.00
CA ARG A 28 -10.91 -17.20 -15.88
C ARG A 28 -11.07 -16.27 -17.09
N GLU A 29 -11.88 -16.69 -18.07
CA GLU A 29 -12.24 -15.92 -19.28
C GLU A 29 -13.21 -14.75 -19.01
N SER A 30 -13.50 -14.44 -17.74
CA SER A 30 -14.45 -13.41 -17.28
C SER A 30 -14.22 -12.03 -17.90
N GLY A 31 -15.32 -11.33 -18.21
CA GLY A 31 -15.34 -10.03 -18.89
C GLY A 31 -16.74 -9.55 -19.30
N PRO A 32 -17.60 -10.40 -19.91
CA PRO A 32 -19.00 -10.08 -20.24
C PRO A 32 -19.88 -9.49 -19.11
N PRO A 33 -19.68 -9.77 -17.80
CA PRO A 33 -20.36 -9.06 -16.71
C PRO A 33 -20.12 -7.53 -16.64
N HIS A 34 -19.14 -7.00 -17.37
CA HIS A 34 -18.71 -5.59 -17.38
C HIS A 34 -18.45 -5.00 -15.97
N MET A 35 -17.85 -5.82 -15.11
CA MET A 35 -17.52 -5.50 -13.70
C MET A 35 -16.13 -6.04 -13.33
N LYS A 36 -15.66 -5.72 -12.11
CA LYS A 36 -14.39 -6.17 -11.52
C LYS A 36 -14.20 -7.71 -11.55
N ASN A 37 -12.93 -8.12 -11.46
CA ASN A 37 -12.54 -9.53 -11.29
C ASN A 37 -13.00 -10.10 -9.93
N PHE A 38 -12.96 -11.43 -9.79
CA PHE A 38 -13.38 -12.15 -8.57
C PHE A 38 -12.60 -13.48 -8.33
N VAL A 39 -11.49 -13.70 -9.06
CA VAL A 39 -10.48 -14.81 -8.96
C VAL A 39 -9.18 -14.39 -9.66
N THR A 40 -8.02 -14.88 -9.19
CA THR A 40 -6.68 -14.44 -9.64
C THR A 40 -5.66 -15.60 -9.69
N LYS A 41 -4.75 -15.53 -10.66
CA LYS A 41 -3.69 -16.50 -11.00
C LYS A 41 -2.38 -15.74 -11.24
N VAL A 42 -1.23 -16.38 -10.99
CA VAL A 42 0.10 -15.74 -11.12
C VAL A 42 1.10 -16.72 -11.73
N SER A 43 1.98 -16.23 -12.61
CA SER A 43 3.10 -17.00 -13.17
C SER A 43 4.43 -16.44 -12.67
N VAL A 44 5.35 -17.33 -12.31
CA VAL A 44 6.60 -17.02 -11.59
C VAL A 44 7.71 -17.95 -12.10
N GLY A 45 8.75 -17.39 -12.72
CA GLY A 45 9.97 -18.16 -13.08
C GLY A 45 9.73 -19.41 -13.93
N GLU A 46 8.83 -19.33 -14.91
CA GLU A 46 8.34 -20.42 -15.78
C GLU A 46 7.52 -21.51 -15.04
N PHE A 47 6.83 -21.11 -13.97
CA PHE A 47 5.87 -21.88 -13.17
C PHE A 47 4.63 -21.02 -12.89
N VAL A 48 3.64 -21.56 -12.17
CA VAL A 48 2.34 -20.90 -11.93
C VAL A 48 1.73 -21.35 -10.61
N GLY A 49 1.12 -20.38 -9.92
CA GLY A 49 0.45 -20.49 -8.62
C GLY A 49 -0.87 -19.70 -8.66
N GLU A 50 -1.87 -20.03 -7.84
CA GLU A 50 -3.25 -19.48 -7.94
C GLU A 50 -3.85 -19.10 -6.58
N GLY A 51 -4.72 -18.08 -6.56
CA GLY A 51 -5.27 -17.49 -5.32
C GLY A 51 -6.41 -18.29 -4.69
N GLU A 52 -6.56 -19.56 -5.09
CA GLU A 52 -7.60 -20.48 -4.64
C GLU A 52 -7.04 -21.62 -3.75
N GLY A 53 -5.72 -21.82 -3.72
CA GLY A 53 -5.09 -22.90 -2.95
C GLY A 53 -5.67 -24.29 -3.21
N LYS A 54 -5.67 -25.15 -2.19
CA LYS A 54 -6.32 -26.49 -2.23
C LYS A 54 -7.86 -26.40 -2.35
N SER A 55 -8.46 -25.37 -1.76
CA SER A 55 -9.87 -24.98 -1.92
C SER A 55 -10.04 -23.51 -1.50
N LYS A 56 -10.92 -22.74 -2.17
CA LYS A 56 -11.08 -21.28 -1.98
C LYS A 56 -11.87 -20.91 -0.70
N LYS A 57 -11.29 -21.33 0.43
CA LYS A 57 -11.63 -21.00 1.83
C LYS A 57 -10.37 -20.61 2.63
N ILE A 58 -9.20 -20.64 1.98
CA ILE A 58 -7.87 -20.27 2.49
C ILE A 58 -7.45 -18.92 1.88
N SER A 59 -6.48 -18.19 2.47
CA SER A 59 -6.01 -16.92 1.88
C SER A 59 -5.37 -17.11 0.49
N LYS A 60 -5.54 -16.11 -0.38
CA LYS A 60 -4.94 -16.00 -1.72
C LYS A 60 -3.43 -16.01 -1.73
N LYS A 61 -2.76 -15.88 -0.57
CA LYS A 61 -1.31 -16.02 -0.41
C LYS A 61 -0.75 -17.30 -0.99
N ASN A 62 -1.59 -18.31 -1.13
CA ASN A 62 -1.32 -19.52 -1.89
C ASN A 62 -0.81 -19.20 -3.31
N ALA A 63 -1.27 -18.14 -3.98
CA ALA A 63 -0.81 -17.79 -5.32
C ALA A 63 0.68 -17.50 -5.45
N ALA A 64 1.32 -17.00 -4.39
CA ALA A 64 2.78 -16.85 -4.32
C ALA A 64 3.44 -18.02 -3.59
N ILE A 65 2.87 -18.48 -2.47
CA ILE A 65 3.43 -19.59 -1.67
C ILE A 65 3.51 -20.89 -2.49
N ALA A 66 2.56 -21.08 -3.42
CA ALA A 66 2.53 -22.20 -4.36
C ALA A 66 3.69 -22.21 -5.37
N VAL A 67 4.36 -21.06 -5.55
CA VAL A 67 5.46 -20.84 -6.51
C VAL A 67 6.76 -20.38 -5.85
N LEU A 68 6.71 -19.93 -4.58
CA LEU A 68 7.84 -19.64 -3.70
C LEU A 68 8.68 -20.89 -3.42
N GLU A 69 8.08 -22.09 -3.50
CA GLU A 69 8.79 -23.37 -3.50
C GLU A 69 9.77 -23.49 -4.69
N GLU A 70 9.59 -22.69 -5.75
CA GLU A 70 10.49 -22.62 -6.92
C GLU A 70 11.43 -21.39 -6.87
N LEU A 71 11.35 -20.58 -5.81
CA LEU A 71 12.16 -19.37 -5.56
C LEU A 71 13.02 -19.47 -4.29
N LYS A 72 12.72 -20.38 -3.35
CA LYS A 72 13.41 -20.53 -2.04
C LYS A 72 14.91 -20.86 -2.13
N LYS A 73 15.41 -21.20 -3.33
CA LYS A 73 16.84 -21.33 -3.67
C LYS A 73 17.57 -19.99 -3.64
N LEU A 74 16.84 -18.87 -3.63
CA LEU A 74 17.33 -17.48 -3.61
C LEU A 74 16.80 -16.73 -2.37
N PRO A 75 17.47 -15.64 -1.93
CA PRO A 75 17.02 -14.84 -0.78
C PRO A 75 15.75 -14.02 -1.10
N PRO A 76 15.10 -13.41 -0.09
CA PRO A 76 14.01 -12.43 -0.28
C PRO A 76 14.45 -11.14 -0.99
N LEU A 77 15.75 -10.86 -0.87
CA LEU A 77 16.55 -9.68 -1.20
C LEU A 77 16.64 -8.71 0.00
N PRO A 78 17.40 -9.06 1.06
CA PRO A 78 17.56 -8.22 2.25
C PRO A 78 18.50 -7.03 2.03
N ALA A 79 19.29 -7.03 0.94
CA ALA A 79 20.14 -5.92 0.48
C ALA A 79 21.09 -5.31 1.54
N VAL A 80 21.58 -6.17 2.42
CA VAL A 80 22.43 -5.85 3.58
C VAL A 80 23.60 -6.84 3.73
N GLU A 81 24.67 -6.42 4.41
CA GLU A 81 25.96 -7.15 4.52
C GLU A 81 26.41 -7.33 5.99
N ARG A 82 25.47 -7.22 6.94
CA ARG A 82 25.68 -7.31 8.41
C ARG A 82 26.75 -6.32 8.97
N VAL A 83 27.01 -5.24 8.24
CA VAL A 83 27.87 -4.12 8.66
C VAL A 83 27.32 -3.36 9.89
N LYS A 84 28.16 -2.53 10.51
CA LYS A 84 27.79 -1.67 11.65
C LYS A 84 26.60 -0.74 11.31
N PRO A 85 25.71 -0.41 12.27
CA PRO A 85 24.51 0.40 12.01
C PRO A 85 24.81 1.89 11.78
N ARG A 86 26.01 2.38 12.17
CA ARG A 86 26.51 3.77 11.98
C ARG A 86 25.60 4.88 12.55
N ILE A 87 24.73 4.55 13.50
CA ILE A 87 23.76 5.47 14.14
C ILE A 87 23.57 5.22 15.65
N LYS A 88 24.34 4.27 16.22
CA LYS A 88 24.36 3.90 17.65
C LYS A 88 24.81 5.07 18.54
N LYS A 89 24.30 5.10 19.79
CA LYS A 89 24.49 6.19 20.77
C LYS A 89 24.75 5.66 22.18
N LYS A 90 25.18 6.54 23.09
CA LYS A 90 25.50 6.26 24.51
C LYS A 90 24.68 7.12 25.49
N THR A 91 23.65 7.82 24.99
CA THR A 91 22.78 8.76 25.71
C THR A 91 21.34 8.61 25.20
N LYS A 92 20.34 8.87 26.05
CA LYS A 92 18.91 8.71 25.76
C LYS A 92 18.08 9.82 26.45
N PRO A 93 17.00 10.35 25.81
CA PRO A 93 16.05 11.27 26.44
C PRO A 93 15.44 10.76 27.76
N ILE A 94 14.90 11.69 28.55
CA ILE A 94 14.26 11.43 29.87
C ILE A 94 12.78 11.88 29.93
N VAL A 95 12.22 12.29 28.79
CA VAL A 95 10.78 12.60 28.58
C VAL A 95 10.35 12.13 27.17
N LYS A 96 9.05 11.82 26.99
CA LYS A 96 8.46 11.32 25.72
C LYS A 96 7.08 11.92 25.33
N PRO A 97 6.73 13.19 25.66
CA PRO A 97 5.43 13.76 25.30
C PRO A 97 5.28 13.86 23.77
N GLN A 98 4.11 13.49 23.25
CA GLN A 98 3.79 13.40 21.81
C GLN A 98 4.76 12.55 20.96
N THR A 99 5.64 11.76 21.60
CA THR A 99 6.76 11.02 20.97
C THR A 99 6.99 9.62 21.57
N SER A 100 6.08 9.15 22.44
CA SER A 100 6.10 7.81 23.06
C SER A 100 6.00 6.67 22.03
N PRO A 101 6.54 5.47 22.35
CA PRO A 101 6.47 4.29 21.47
C PRO A 101 5.06 3.70 21.36
N GLU A 102 4.88 2.78 20.40
CA GLU A 102 3.63 2.06 20.13
C GLU A 102 3.87 0.56 19.86
N TYR A 103 2.82 -0.25 19.97
CA TYR A 103 2.87 -1.72 19.91
C TYR A 103 1.80 -2.33 18.96
N GLY A 104 1.15 -1.49 18.16
CA GLY A 104 0.10 -1.86 17.20
C GLY A 104 -0.41 -0.66 16.40
N GLN A 105 -1.35 -0.91 15.47
CA GLN A 105 -1.92 0.09 14.55
C GLN A 105 -3.43 -0.14 14.36
N GLY A 106 -4.12 0.79 13.70
CA GLY A 106 -5.57 0.76 13.49
C GLY A 106 -6.12 1.84 12.56
N ILE A 107 -7.45 1.98 12.55
CA ILE A 107 -8.18 2.99 11.77
C ILE A 107 -7.70 4.41 12.15
N ASN A 108 -7.63 5.28 11.14
CA ASN A 108 -7.00 6.61 11.14
C ASN A 108 -7.80 7.58 10.25
N PRO A 109 -7.56 8.92 10.28
CA PRO A 109 -8.25 9.90 9.43
C PRO A 109 -8.25 9.53 7.95
N ILE A 110 -7.11 9.00 7.50
CA ILE A 110 -6.79 8.71 6.11
C ILE A 110 -7.69 7.58 5.57
N SER A 111 -7.66 6.42 6.23
CA SER A 111 -8.58 5.31 5.96
C SER A 111 -10.03 5.74 6.15
N ARG A 112 -10.36 6.40 7.27
CA ARG A 112 -11.73 6.74 7.65
C ARG A 112 -12.44 7.64 6.63
N LEU A 113 -11.76 8.64 6.07
CA LEU A 113 -12.31 9.53 5.04
C LEU A 113 -12.75 8.74 3.80
N ALA A 114 -11.88 7.87 3.27
CA ALA A 114 -12.21 6.99 2.15
C ALA A 114 -13.32 5.99 2.51
N GLN A 115 -13.36 5.54 3.77
CA GLN A 115 -14.38 4.63 4.31
C GLN A 115 -15.79 5.27 4.28
N ILE A 116 -15.89 6.57 4.63
CA ILE A 116 -17.14 7.33 4.63
C ILE A 116 -17.69 7.56 3.21
N GLN A 117 -16.85 7.81 2.20
CA GLN A 117 -17.29 7.98 0.80
C GLN A 117 -18.10 6.80 0.26
N GLN A 118 -17.84 5.57 0.71
CA GLN A 118 -18.55 4.38 0.22
C GLN A 118 -19.94 4.24 0.85
N ALA A 119 -20.13 4.79 2.06
CA ALA A 119 -21.42 4.84 2.75
C ALA A 119 -22.42 5.85 2.15
N LYS A 120 -21.95 6.76 1.30
CA LYS A 120 -22.72 7.79 0.54
C LYS A 120 -22.76 7.47 -0.97
N LYS A 121 -22.53 6.20 -1.30
CA LYS A 121 -22.52 5.59 -2.66
C LYS A 121 -21.51 6.24 -3.63
N GLU A 122 -20.51 6.93 -3.09
CA GLU A 122 -19.33 7.41 -3.80
C GLU A 122 -18.19 6.38 -3.69
N LYS A 123 -17.00 6.74 -4.18
CA LYS A 123 -15.79 5.91 -4.09
C LYS A 123 -14.67 6.64 -3.37
N GLU A 124 -14.31 7.80 -3.90
CA GLU A 124 -13.25 8.67 -3.41
C GLU A 124 -13.55 10.17 -3.67
N PRO A 125 -12.89 11.11 -2.97
CA PRO A 125 -12.90 12.54 -3.27
C PRO A 125 -12.29 12.89 -4.65
N GLU A 126 -12.14 14.18 -4.94
CA GLU A 126 -11.39 14.69 -6.10
C GLU A 126 -10.18 15.51 -5.61
N TYR A 127 -8.97 15.18 -6.10
CA TYR A 127 -7.70 15.73 -5.62
C TYR A 127 -6.95 16.48 -6.75
N THR A 128 -6.07 17.40 -6.37
CA THR A 128 -5.41 18.39 -7.26
C THR A 128 -3.96 18.62 -6.83
N LEU A 129 -3.08 18.87 -7.80
CA LEU A 129 -1.66 19.19 -7.63
C LEU A 129 -1.40 20.67 -7.95
N LEU A 130 -0.81 21.43 -7.02
CA LEU A 130 -0.59 22.88 -7.17
C LEU A 130 0.89 23.23 -7.38
N THR A 131 1.79 22.53 -6.67
CA THR A 131 3.26 22.61 -6.73
C THR A 131 3.82 24.01 -6.93
N GLU A 132 3.33 24.95 -6.12
CA GLU A 132 3.80 26.34 -6.06
C GLU A 132 5.08 26.55 -5.20
N ARG A 133 5.54 25.48 -4.52
CA ARG A 133 6.71 25.44 -3.61
C ARG A 133 6.69 26.62 -2.60
N GLY A 134 7.62 27.57 -2.69
CA GLY A 134 7.62 28.78 -1.85
C GLY A 134 8.93 29.58 -1.78
N LEU A 135 10.09 28.96 -2.04
CA LEU A 135 11.42 29.57 -1.88
C LEU A 135 12.39 29.21 -3.04
N PRO A 136 13.45 30.00 -3.26
CA PRO A 136 14.45 29.75 -4.32
C PRO A 136 15.45 28.63 -3.98
N ARG A 137 15.56 28.25 -2.69
CA ARG A 137 16.45 27.19 -2.19
C ARG A 137 15.78 26.26 -1.16
N ARG A 138 14.46 26.10 -1.25
CA ARG A 138 13.64 25.09 -0.54
C ARG A 138 12.35 24.82 -1.31
N ARG A 139 11.95 23.55 -1.37
CA ARG A 139 10.86 23.00 -2.21
C ARG A 139 10.01 22.01 -1.41
N GLU A 140 8.78 21.75 -1.87
CA GLU A 140 7.81 20.84 -1.27
C GLU A 140 6.67 20.53 -2.25
N PHE A 141 6.02 19.36 -2.14
CA PHE A 141 4.77 19.04 -2.84
C PHE A 141 3.63 19.90 -2.26
N VAL A 142 2.59 20.17 -3.04
CA VAL A 142 1.36 20.86 -2.57
C VAL A 142 0.13 20.17 -3.14
N MET A 143 -0.77 19.69 -2.27
CA MET A 143 -2.00 18.95 -2.61
C MET A 143 -3.23 19.71 -2.10
N GLN A 144 -4.30 19.79 -2.91
CA GLN A 144 -5.64 20.26 -2.50
C GLN A 144 -6.70 19.22 -2.89
N VAL A 145 -7.65 18.93 -2.01
CA VAL A 145 -8.76 18.00 -2.23
C VAL A 145 -10.10 18.72 -2.07
N LYS A 146 -11.13 18.27 -2.77
CA LYS A 146 -12.51 18.76 -2.68
C LYS A 146 -13.49 17.60 -2.51
N VAL A 147 -14.53 17.81 -1.71
CA VAL A 147 -15.55 16.78 -1.37
C VAL A 147 -16.98 17.21 -1.71
N GLY A 148 -17.22 18.50 -1.98
CA GLY A 148 -18.50 19.01 -2.49
C GLY A 148 -18.62 20.54 -2.51
N ASN A 149 -18.36 21.16 -1.36
CA ASN A 149 -18.40 22.62 -1.15
C ASN A 149 -17.17 23.14 -0.37
N HIS A 150 -16.28 22.24 0.06
CA HIS A 150 -15.14 22.55 0.96
C HIS A 150 -13.86 21.82 0.50
N THR A 151 -12.70 22.30 0.96
CA THR A 151 -11.39 21.78 0.59
C THR A 151 -10.42 21.64 1.78
N ALA A 152 -9.44 20.74 1.64
CA ALA A 152 -8.28 20.56 2.53
C ALA A 152 -6.98 20.60 1.72
N GLU A 153 -5.85 20.74 2.40
CA GLU A 153 -4.51 20.73 1.79
C GLU A 153 -3.50 19.95 2.65
N GLY A 154 -2.43 19.48 1.99
CA GLY A 154 -1.32 18.71 2.56
C GLY A 154 -0.04 18.79 1.73
N THR A 155 1.04 18.21 2.25
CA THR A 155 2.40 18.19 1.68
C THR A 155 2.98 16.77 1.71
N GLY A 156 4.04 16.50 0.95
CA GLY A 156 4.56 15.14 0.73
C GLY A 156 5.68 15.09 -0.31
N THR A 157 5.84 13.95 -0.98
CA THR A 157 6.88 13.71 -1.99
C THR A 157 6.34 13.23 -3.35
N ASN A 158 5.19 12.56 -3.38
CA ASN A 158 4.49 12.12 -4.61
C ASN A 158 2.97 12.11 -4.40
N LYS A 159 2.21 11.98 -5.50
CA LYS A 159 0.74 12.02 -5.59
C LYS A 159 -0.06 11.01 -4.76
N LYS A 160 0.59 10.00 -4.15
CA LYS A 160 -0.02 9.09 -3.15
C LYS A 160 0.56 9.23 -1.73
N VAL A 161 1.48 10.17 -1.51
CA VAL A 161 2.11 10.45 -0.21
C VAL A 161 1.59 11.77 0.38
N ALA A 162 1.47 12.84 -0.42
CA ALA A 162 0.83 14.08 0.02
C ALA A 162 -0.66 13.92 0.37
N LYS A 163 -1.31 12.94 -0.28
CA LYS A 163 -2.68 12.47 0.01
C LYS A 163 -2.86 12.03 1.47
N ARG A 164 -1.78 11.54 2.14
CA ARG A 164 -1.78 11.09 3.54
C ARG A 164 -1.92 12.27 4.50
N ASN A 165 -1.05 13.26 4.38
CA ASN A 165 -0.94 14.38 5.33
C ASN A 165 -2.16 15.31 5.33
N ALA A 166 -2.78 15.55 4.18
CA ALA A 166 -4.02 16.33 4.07
C ALA A 166 -5.21 15.74 4.83
N ALA A 167 -5.26 14.41 4.98
CA ALA A 167 -6.42 13.69 5.52
C ALA A 167 -6.79 14.05 6.97
N GLU A 168 -5.80 14.43 7.79
CA GLU A 168 -6.00 14.97 9.13
C GLU A 168 -6.96 16.18 9.17
N ASN A 169 -7.05 16.94 8.07
CA ASN A 169 -7.97 18.08 7.91
C ASN A 169 -9.29 17.68 7.21
N MET A 170 -9.29 16.65 6.34
CA MET A 170 -10.44 16.29 5.50
C MET A 170 -11.75 15.98 6.28
N LEU A 171 -11.68 15.59 7.55
CA LEU A 171 -12.86 15.36 8.40
C LEU A 171 -13.38 16.65 9.07
N GLU A 172 -12.52 17.66 9.23
CA GLU A 172 -12.86 18.93 9.92
C GLU A 172 -13.37 20.02 8.96
N ILE A 173 -13.13 19.87 7.65
CA ILE A 173 -13.52 20.84 6.61
C ILE A 173 -14.99 20.73 6.21
N LEU A 174 -15.60 19.54 6.41
CA LEU A 174 -16.97 19.22 6.00
C LEU A 174 -17.86 18.78 7.19
N GLY A 175 -17.30 18.74 8.40
CA GLY A 175 -18.02 18.57 9.66
C GLY A 175 -18.26 17.11 10.10
N PHE A 176 -17.44 16.17 9.63
CA PHE A 176 -17.45 14.77 10.08
C PHE A 176 -16.71 14.55 11.41
N LYS A 177 -16.02 15.58 11.92
CA LYS A 177 -15.37 15.65 13.25
C LYS A 177 -16.26 15.15 14.41
N GLY A 1 15.14 -1.96 5.81
CA GLY A 1 14.25 -2.21 6.96
C GLY A 1 13.26 -3.32 6.68
N SER A 2 12.67 -3.91 7.73
CA SER A 2 11.77 -5.08 7.61
C SER A 2 10.68 -5.20 8.71
N HIS A 3 10.61 -4.25 9.66
CA HIS A 3 9.78 -4.34 10.88
C HIS A 3 8.30 -4.71 10.66
N MET A 4 7.68 -4.18 9.60
CA MET A 4 6.30 -4.50 9.18
C MET A 4 6.21 -4.81 7.66
N LYS A 5 7.33 -5.23 7.04
CA LYS A 5 7.38 -5.75 5.66
C LYS A 5 6.60 -7.09 5.54
N SER A 6 6.27 -7.48 4.31
CA SER A 6 5.40 -8.62 4.00
C SER A 6 5.94 -9.48 2.87
N GLU A 7 5.69 -10.79 2.91
CA GLU A 7 6.24 -11.75 1.94
C GLU A 7 5.76 -11.52 0.49
N ILE A 8 4.56 -11.01 0.29
CA ILE A 8 4.11 -10.58 -1.06
C ILE A 8 4.98 -9.42 -1.58
N SER A 9 5.36 -8.46 -0.73
CA SER A 9 6.22 -7.33 -1.12
C SER A 9 7.67 -7.72 -1.41
N GLN A 10 8.12 -8.90 -0.98
CA GLN A 10 9.43 -9.47 -1.34
C GLN A 10 9.50 -9.71 -2.86
N VAL A 11 8.57 -10.52 -3.36
CA VAL A 11 8.48 -10.96 -4.77
C VAL A 11 8.41 -9.78 -5.74
N PHE A 12 7.68 -8.71 -5.37
CA PHE A 12 7.53 -7.51 -6.19
C PHE A 12 8.86 -6.79 -6.52
N GLU A 13 9.83 -6.77 -5.60
CA GLU A 13 11.14 -6.14 -5.82
C GLU A 13 12.19 -7.18 -6.28
N ILE A 14 12.02 -8.48 -5.99
CA ILE A 14 12.85 -9.57 -6.56
C ILE A 14 12.76 -9.60 -8.10
N ALA A 15 11.66 -9.12 -8.69
CA ALA A 15 11.50 -8.90 -10.12
C ALA A 15 12.67 -8.11 -10.76
N LEU A 16 13.26 -7.17 -10.02
CA LEU A 16 14.43 -6.38 -10.44
C LEU A 16 15.68 -7.24 -10.71
N LYS A 17 15.82 -8.37 -10.00
CA LYS A 17 16.98 -9.28 -10.07
C LYS A 17 16.70 -10.58 -10.82
N ARG A 18 15.44 -10.96 -11.01
CA ARG A 18 15.01 -12.21 -11.69
C ARG A 18 14.34 -12.01 -13.05
N ASN A 19 13.97 -10.78 -13.42
CA ASN A 19 13.44 -10.33 -14.72
C ASN A 19 12.26 -11.14 -15.33
N LEU A 20 11.56 -11.90 -14.50
CA LEU A 20 10.40 -12.76 -14.84
C LEU A 20 9.26 -12.67 -13.81
N PRO A 21 9.52 -12.60 -12.48
CA PRO A 21 8.47 -12.29 -11.50
C PRO A 21 7.91 -10.87 -11.72
N VAL A 22 6.79 -10.56 -11.06
CA VAL A 22 6.01 -9.28 -10.96
C VAL A 22 4.52 -9.45 -11.29
N ASN A 23 4.11 -10.64 -11.73
CA ASN A 23 2.72 -10.92 -12.11
C ASN A 23 1.86 -11.09 -10.85
N PHE A 24 0.82 -10.27 -10.69
CA PHE A 24 -0.04 -10.23 -9.49
C PHE A 24 -1.53 -10.04 -9.86
N GLU A 25 -1.95 -10.73 -10.91
CA GLU A 25 -3.31 -10.67 -11.47
C GLU A 25 -3.62 -11.92 -12.29
N VAL A 26 -4.88 -12.41 -12.23
CA VAL A 26 -5.36 -13.49 -13.11
C VAL A 26 -6.84 -13.39 -13.50
N ALA A 27 -7.65 -12.79 -12.63
CA ALA A 27 -9.10 -12.58 -12.77
C ALA A 27 -9.52 -11.51 -13.80
N ARG A 28 -8.62 -11.11 -14.71
CA ARG A 28 -8.83 -10.02 -15.68
C ARG A 28 -8.25 -10.35 -17.05
N GLU A 29 -8.93 -9.87 -18.10
CA GLU A 29 -8.63 -10.08 -19.52
C GLU A 29 -9.22 -8.94 -20.37
N SER A 30 -9.26 -9.08 -21.70
CA SER A 30 -9.85 -8.10 -22.65
C SER A 30 -11.37 -7.88 -22.49
N GLY A 31 -12.05 -8.64 -21.64
CA GLY A 31 -13.49 -8.61 -21.39
C GLY A 31 -13.88 -9.34 -20.09
N PRO A 32 -13.51 -8.82 -18.90
CA PRO A 32 -13.64 -9.51 -17.62
C PRO A 32 -15.11 -9.66 -17.16
N PRO A 33 -15.41 -10.59 -16.23
CA PRO A 33 -16.76 -10.82 -15.72
C PRO A 33 -17.28 -9.71 -14.79
N HIS A 34 -16.39 -8.93 -14.19
CA HIS A 34 -16.66 -7.82 -13.25
C HIS A 34 -15.72 -6.64 -13.50
N MET A 35 -16.00 -5.49 -12.87
CA MET A 35 -15.24 -4.24 -13.05
C MET A 35 -13.81 -4.29 -12.48
N LYS A 36 -13.54 -5.23 -11.57
CA LYS A 36 -12.23 -5.49 -10.92
C LYS A 36 -12.10 -6.96 -10.50
N ASN A 37 -10.93 -7.34 -10.00
CA ASN A 37 -10.58 -8.72 -9.61
C ASN A 37 -11.40 -9.26 -8.41
N PHE A 38 -11.44 -10.58 -8.26
CA PHE A 38 -11.96 -11.28 -7.07
C PHE A 38 -11.12 -12.55 -6.73
N VAL A 39 -10.12 -12.93 -7.55
CA VAL A 39 -9.20 -14.07 -7.37
C VAL A 39 -7.83 -13.69 -7.96
N THR A 40 -6.73 -14.19 -7.40
CA THR A 40 -5.38 -13.88 -7.94
C THR A 40 -4.39 -15.05 -7.87
N LYS A 41 -3.66 -15.20 -8.99
CA LYS A 41 -2.47 -16.06 -9.15
C LYS A 41 -1.26 -15.15 -9.38
N VAL A 42 -0.10 -15.62 -8.93
CA VAL A 42 1.19 -14.94 -8.95
C VAL A 42 2.21 -15.86 -9.62
N SER A 43 3.17 -15.30 -10.36
CA SER A 43 4.14 -16.09 -11.13
C SER A 43 5.57 -15.65 -10.85
N VAL A 44 6.48 -16.61 -10.73
CA VAL A 44 7.89 -16.45 -10.38
C VAL A 44 8.77 -17.32 -11.28
N GLY A 45 9.12 -16.82 -12.46
CA GLY A 45 10.08 -17.43 -13.40
C GLY A 45 9.63 -18.72 -14.10
N GLU A 46 9.55 -19.80 -13.33
CA GLU A 46 9.16 -21.16 -13.75
C GLU A 46 8.12 -21.80 -12.80
N PHE A 47 7.62 -21.01 -11.84
CA PHE A 47 6.75 -21.41 -10.74
C PHE A 47 5.65 -20.40 -10.50
N VAL A 48 4.65 -20.84 -9.74
CA VAL A 48 3.41 -20.09 -9.51
C VAL A 48 2.89 -20.30 -8.09
N GLY A 49 2.23 -19.27 -7.57
CA GLY A 49 1.62 -19.23 -6.23
C GLY A 49 0.24 -18.60 -6.33
N GLU A 50 -0.70 -18.94 -5.44
CA GLU A 50 -2.12 -18.56 -5.57
C GLU A 50 -2.75 -18.22 -4.22
N GLY A 51 -3.74 -17.32 -4.20
CA GLY A 51 -4.55 -17.03 -3.01
C GLY A 51 -5.69 -18.04 -2.85
N GLU A 52 -5.39 -19.32 -3.10
CA GLU A 52 -6.36 -20.43 -3.25
C GLU A 52 -5.84 -21.72 -2.57
N GLY A 53 -5.26 -21.60 -1.37
CA GLY A 53 -4.85 -22.74 -0.54
C GLY A 53 -5.97 -23.74 -0.23
N LYS A 54 -5.59 -24.92 0.29
CA LYS A 54 -6.42 -26.13 0.47
C LYS A 54 -7.84 -25.96 1.04
N SER A 55 -8.09 -24.93 1.84
CA SER A 55 -9.42 -24.60 2.40
C SER A 55 -9.80 -23.12 2.30
N LYS A 56 -8.92 -22.29 1.73
CA LYS A 56 -8.91 -20.82 1.72
C LYS A 56 -9.09 -20.13 3.10
N LYS A 57 -9.07 -20.88 4.20
CA LYS A 57 -9.00 -20.33 5.58
C LYS A 57 -7.57 -19.85 5.90
N ILE A 58 -6.57 -20.37 5.18
CA ILE A 58 -5.19 -19.89 5.19
C ILE A 58 -5.13 -18.41 4.76
N SER A 59 -4.19 -17.65 5.31
CA SER A 59 -4.07 -16.20 5.11
C SER A 59 -3.90 -15.80 3.63
N LYS A 60 -4.22 -14.54 3.31
CA LYS A 60 -4.02 -13.88 2.00
C LYS A 60 -2.55 -13.93 1.52
N LYS A 61 -1.62 -14.16 2.44
CA LYS A 61 -0.16 -14.21 2.20
C LYS A 61 0.29 -15.49 1.50
N ASN A 62 -0.57 -16.51 1.40
CA ASN A 62 -0.29 -17.78 0.74
C ASN A 62 0.21 -17.60 -0.71
N ALA A 63 -0.36 -16.67 -1.49
CA ALA A 63 0.02 -16.48 -2.89
C ALA A 63 1.50 -16.16 -3.16
N ALA A 64 2.22 -15.61 -2.18
CA ALA A 64 3.66 -15.33 -2.26
C ALA A 64 4.48 -16.33 -1.45
N ILE A 65 4.07 -16.63 -0.23
CA ILE A 65 4.72 -17.64 0.63
C ILE A 65 4.78 -19.01 -0.07
N ALA A 66 3.80 -19.30 -0.92
CA ALA A 66 3.78 -20.49 -1.76
C ALA A 66 4.91 -20.55 -2.82
N VAL A 67 5.48 -19.40 -3.21
CA VAL A 67 6.58 -19.28 -4.19
C VAL A 67 7.90 -18.76 -3.58
N LEU A 68 7.87 -18.18 -2.37
CA LEU A 68 9.04 -17.78 -1.59
C LEU A 68 9.93 -18.99 -1.22
N GLU A 69 9.35 -20.19 -1.13
CA GLU A 69 10.10 -21.45 -1.01
C GLU A 69 10.99 -21.76 -2.23
N GLU A 70 10.74 -21.13 -3.38
CA GLU A 70 11.58 -21.21 -4.60
C GLU A 70 12.54 -20.01 -4.73
N LEU A 71 12.54 -19.11 -3.74
CA LEU A 71 13.31 -17.86 -3.64
C LEU A 71 14.17 -17.82 -2.35
N LYS A 72 14.49 -18.99 -1.79
CA LYS A 72 15.45 -19.16 -0.68
C LYS A 72 16.92 -19.26 -1.14
N LYS A 73 17.15 -19.15 -2.45
CA LYS A 73 18.45 -19.26 -3.14
C LYS A 73 18.90 -17.92 -3.79
N LEU A 74 18.25 -16.83 -3.40
CA LEU A 74 18.56 -15.45 -3.82
C LEU A 74 20.05 -15.04 -3.63
N PRO A 75 20.56 -14.07 -4.40
CA PRO A 75 21.94 -13.59 -4.30
C PRO A 75 22.24 -12.84 -2.98
N PRO A 76 23.52 -12.57 -2.65
CA PRO A 76 23.93 -11.80 -1.46
C PRO A 76 23.40 -10.35 -1.40
N LEU A 77 23.09 -9.79 -2.57
CA LEU A 77 22.67 -8.41 -2.78
C LEU A 77 21.37 -8.02 -2.01
N PRO A 78 21.07 -6.71 -1.82
CA PRO A 78 19.95 -6.21 -1.01
C PRO A 78 18.52 -6.72 -1.28
N ALA A 79 18.27 -7.46 -2.37
CA ALA A 79 16.96 -8.06 -2.70
C ALA A 79 16.55 -9.28 -1.85
N VAL A 80 17.17 -9.42 -0.69
CA VAL A 80 16.91 -10.41 0.37
C VAL A 80 17.42 -9.89 1.73
N GLU A 81 16.99 -10.49 2.83
CA GLU A 81 17.49 -10.20 4.19
C GLU A 81 17.55 -11.47 5.05
N ARG A 82 18.48 -11.52 6.01
CA ARG A 82 18.79 -12.69 6.86
C ARG A 82 19.14 -12.26 8.31
N VAL A 83 19.25 -13.25 9.20
CA VAL A 83 19.75 -13.06 10.59
C VAL A 83 21.19 -12.52 10.57
N LYS A 84 21.54 -11.67 11.55
CA LYS A 84 22.83 -10.97 11.66
C LYS A 84 23.30 -10.91 13.13
N PRO A 85 24.62 -11.01 13.43
CA PRO A 85 25.18 -10.76 14.76
C PRO A 85 24.81 -9.39 15.36
N ARG A 86 24.96 -9.27 16.69
CA ARG A 86 24.63 -8.06 17.50
C ARG A 86 23.15 -7.64 17.44
N ILE A 87 22.25 -8.58 17.12
CA ILE A 87 20.77 -8.39 17.10
C ILE A 87 20.18 -7.86 18.43
N LYS A 88 20.91 -8.02 19.55
CA LYS A 88 20.58 -7.48 20.88
C LYS A 88 20.56 -5.93 20.98
N LYS A 89 21.05 -5.21 19.96
CA LYS A 89 21.00 -3.74 19.83
C LYS A 89 19.54 -3.21 19.90
N LYS A 90 19.38 -1.92 20.25
CA LYS A 90 18.09 -1.26 20.57
C LYS A 90 17.35 -1.94 21.74
N THR A 91 16.07 -1.59 21.96
CA THR A 91 15.22 -2.21 23.00
C THR A 91 15.03 -3.73 22.80
N LYS A 92 14.65 -4.43 23.87
CA LYS A 92 14.51 -5.90 23.93
C LYS A 92 13.34 -6.29 24.86
N PRO A 93 12.50 -7.28 24.49
CA PRO A 93 11.43 -7.78 25.35
C PRO A 93 11.94 -8.58 26.57
N ILE A 94 11.07 -8.73 27.56
CA ILE A 94 11.35 -9.38 28.86
C ILE A 94 10.35 -10.50 29.22
N VAL A 95 9.47 -10.87 28.28
CA VAL A 95 8.41 -11.90 28.42
C VAL A 95 7.53 -11.66 29.66
N LYS A 96 6.86 -10.51 29.71
CA LYS A 96 5.91 -10.07 30.75
C LYS A 96 4.68 -9.39 30.13
N PRO A 97 3.48 -9.45 30.77
CA PRO A 97 2.28 -8.80 30.27
C PRO A 97 2.34 -7.27 30.40
N GLN A 98 1.54 -6.56 29.58
CA GLN A 98 1.38 -5.10 29.58
C GLN A 98 -0.01 -4.73 29.03
N THR A 99 -0.55 -3.59 29.49
CA THR A 99 -1.83 -3.01 29.04
C THR A 99 -1.72 -1.49 28.86
N SER A 100 -2.49 -0.94 27.92
CA SER A 100 -2.48 0.48 27.53
C SER A 100 -3.88 0.95 27.09
N PRO A 101 -4.16 2.28 27.09
CA PRO A 101 -5.37 2.85 26.51
C PRO A 101 -5.61 2.46 25.04
N GLU A 102 -6.85 2.60 24.57
CA GLU A 102 -7.30 2.24 23.21
C GLU A 102 -8.17 3.32 22.56
N TYR A 103 -8.34 3.23 21.24
CA TYR A 103 -9.15 4.15 20.41
C TYR A 103 -9.66 3.43 19.13
N GLY A 104 -10.59 4.06 18.41
CA GLY A 104 -11.19 3.48 17.19
C GLY A 104 -12.14 4.38 16.40
N GLN A 105 -12.54 5.55 16.93
CA GLN A 105 -13.35 6.56 16.20
C GLN A 105 -12.57 7.25 15.05
N GLY A 106 -11.25 7.04 14.98
CA GLY A 106 -10.35 7.47 13.91
C GLY A 106 -8.95 6.86 14.07
N ILE A 107 -8.04 7.20 13.16
CA ILE A 107 -6.61 6.80 13.21
C ILE A 107 -5.72 7.98 12.78
N ASN A 108 -6.10 8.66 11.70
CA ASN A 108 -5.44 9.82 11.09
C ASN A 108 -6.52 10.77 10.53
N PRO A 109 -6.22 12.06 10.21
CA PRO A 109 -7.17 12.91 9.46
C PRO A 109 -7.57 12.24 8.13
N ILE A 110 -6.59 11.56 7.54
CA ILE A 110 -6.55 10.99 6.19
C ILE A 110 -7.42 9.72 6.13
N SER A 111 -7.07 8.73 6.96
CA SER A 111 -7.82 7.47 7.16
C SER A 111 -9.19 7.65 7.83
N ARG A 112 -9.63 8.89 8.10
CA ARG A 112 -10.97 9.25 8.60
C ARG A 112 -11.79 9.91 7.48
N LEU A 113 -11.24 10.93 6.81
CA LEU A 113 -11.90 11.62 5.69
C LEU A 113 -12.17 10.68 4.50
N ALA A 114 -11.19 9.88 4.08
CA ALA A 114 -11.38 8.88 3.03
C ALA A 114 -12.41 7.80 3.43
N GLN A 115 -12.52 7.51 4.73
CA GLN A 115 -13.45 6.54 5.29
C GLN A 115 -14.92 7.04 5.29
N ILE A 116 -15.12 8.34 5.56
CA ILE A 116 -16.44 9.00 5.51
C ILE A 116 -17.13 8.87 4.14
N GLN A 117 -16.39 9.02 3.04
CA GLN A 117 -16.95 8.89 1.68
C GLN A 117 -17.57 7.50 1.44
N GLN A 118 -16.95 6.45 1.96
CA GLN A 118 -17.43 5.07 1.78
C GLN A 118 -18.73 4.83 2.55
N ALA A 119 -18.87 5.47 3.72
CA ALA A 119 -20.11 5.52 4.50
C ALA A 119 -21.27 6.30 3.81
N LYS A 120 -20.98 7.05 2.73
CA LYS A 120 -21.95 7.77 1.88
C LYS A 120 -22.19 7.05 0.54
N LYS A 121 -21.69 5.81 0.44
CA LYS A 121 -21.67 4.93 -0.74
C LYS A 121 -20.81 5.42 -1.92
N GLU A 122 -19.95 6.40 -1.66
CA GLU A 122 -18.88 6.81 -2.59
C GLU A 122 -17.67 5.88 -2.44
N LYS A 123 -16.53 6.27 -3.00
CA LYS A 123 -15.25 5.53 -2.94
C LYS A 123 -14.21 6.29 -2.13
N GLU A 124 -13.95 7.51 -2.61
CA GLU A 124 -13.06 8.53 -2.06
C GLU A 124 -13.41 9.92 -2.66
N PRO A 125 -12.84 11.04 -2.16
CA PRO A 125 -12.92 12.36 -2.81
C PRO A 125 -12.40 12.39 -4.27
N GLU A 126 -12.44 13.56 -4.92
CA GLU A 126 -11.84 13.79 -6.25
C GLU A 126 -10.70 14.82 -6.15
N TYR A 127 -9.59 14.57 -6.87
CA TYR A 127 -8.32 15.30 -6.73
C TYR A 127 -7.76 15.82 -8.07
N THR A 128 -6.97 16.89 -8.00
CA THR A 128 -6.48 17.71 -9.14
C THR A 128 -5.07 18.26 -8.85
N LEU A 129 -4.31 18.54 -9.90
CA LEU A 129 -2.95 19.12 -9.85
C LEU A 129 -2.97 20.63 -10.20
N LEU A 130 -2.20 21.43 -9.45
CA LEU A 130 -2.05 22.88 -9.70
C LEU A 130 -0.69 23.19 -10.35
N THR A 131 0.37 23.26 -9.52
CA THR A 131 1.79 23.49 -9.83
C THR A 131 2.12 24.62 -10.81
N GLU A 132 1.28 25.67 -10.81
CA GLU A 132 1.55 26.94 -11.50
C GLU A 132 2.48 27.83 -10.63
N ARG A 133 3.47 27.21 -9.97
CA ARG A 133 4.32 27.76 -8.91
C ARG A 133 5.80 27.35 -9.06
N GLY A 134 6.68 28.07 -8.35
CA GLY A 134 8.12 27.79 -8.26
C GLY A 134 8.91 28.97 -7.69
N LEU A 135 10.21 28.77 -7.45
CA LEU A 135 11.16 29.77 -6.95
C LEU A 135 12.52 29.70 -7.71
N PRO A 136 13.35 30.76 -7.71
CA PRO A 136 14.66 30.79 -8.38
C PRO A 136 15.61 29.61 -8.06
N ARG A 137 15.49 29.01 -6.86
CA ARG A 137 16.28 27.84 -6.42
C ARG A 137 15.47 26.90 -5.51
N ARG A 138 14.15 26.76 -5.72
CA ARG A 138 13.28 25.75 -5.07
C ARG A 138 12.03 25.41 -5.91
N ARG A 139 11.48 24.21 -5.70
CA ARG A 139 10.36 23.58 -6.44
C ARG A 139 9.59 22.61 -5.54
N GLU A 140 8.32 22.32 -5.86
CA GLU A 140 7.44 21.36 -5.15
C GLU A 140 6.15 21.01 -5.93
N PHE A 141 5.46 19.92 -5.54
CA PHE A 141 4.11 19.57 -6.00
C PHE A 141 3.06 20.30 -5.15
N VAL A 142 1.91 20.67 -5.72
CA VAL A 142 0.73 21.17 -4.98
C VAL A 142 -0.57 20.60 -5.57
N MET A 143 -1.44 20.15 -4.67
CA MET A 143 -2.66 19.37 -4.97
C MET A 143 -3.92 20.13 -4.52
N GLN A 144 -5.03 19.97 -5.25
CA GLN A 144 -6.36 20.50 -4.92
C GLN A 144 -7.41 19.37 -4.98
N VAL A 145 -8.22 19.25 -3.94
CA VAL A 145 -9.28 18.23 -3.77
C VAL A 145 -10.63 18.92 -3.67
N LYS A 146 -11.71 18.20 -3.96
CA LYS A 146 -13.10 18.63 -3.73
C LYS A 146 -13.90 17.50 -3.07
N VAL A 147 -14.77 17.85 -2.12
CA VAL A 147 -15.56 16.88 -1.32
C VAL A 147 -17.07 17.11 -1.40
N GLY A 148 -17.52 18.22 -2.01
CA GLY A 148 -18.94 18.47 -2.33
C GLY A 148 -19.23 19.92 -2.72
N ASN A 149 -18.81 20.85 -1.87
CA ASN A 149 -18.95 22.31 -2.07
C ASN A 149 -17.66 23.08 -1.70
N HIS A 150 -16.64 22.37 -1.20
CA HIS A 150 -15.41 22.96 -0.62
C HIS A 150 -14.14 22.21 -1.06
N THR A 151 -12.99 22.86 -0.94
CA THR A 151 -11.68 22.38 -1.41
C THR A 151 -10.57 22.57 -0.36
N ALA A 152 -9.41 21.94 -0.60
CA ALA A 152 -8.20 22.02 0.24
C ALA A 152 -6.91 22.15 -0.59
N GLU A 153 -5.77 22.36 0.08
CA GLU A 153 -4.42 22.38 -0.50
C GLU A 153 -3.44 21.57 0.35
N GLY A 154 -2.45 20.97 -0.31
CA GLY A 154 -1.33 20.20 0.30
C GLY A 154 -0.17 20.00 -0.67
N THR A 155 0.96 19.50 -0.14
CA THR A 155 2.28 19.43 -0.81
C THR A 155 2.87 18.01 -0.78
N GLY A 156 3.76 17.68 -1.71
CA GLY A 156 4.34 16.33 -1.82
C GLY A 156 5.35 16.16 -2.97
N THR A 157 5.55 14.90 -3.39
CA THR A 157 6.54 14.50 -4.41
C THR A 157 5.95 13.75 -5.61
N ASN A 158 4.71 13.25 -5.49
CA ASN A 158 3.89 12.72 -6.59
C ASN A 158 2.39 12.82 -6.26
N LYS A 159 1.55 12.53 -7.26
CA LYS A 159 0.08 12.50 -7.16
C LYS A 159 -0.53 11.48 -6.18
N LYS A 160 0.29 10.65 -5.50
CA LYS A 160 -0.14 9.76 -4.40
C LYS A 160 0.55 10.07 -3.05
N VAL A 161 1.16 11.25 -2.93
CA VAL A 161 1.82 11.75 -1.71
C VAL A 161 1.33 13.14 -1.32
N ALA A 162 1.13 14.07 -2.26
CA ALA A 162 0.52 15.37 -1.93
C ALA A 162 -0.93 15.25 -1.41
N LYS A 163 -1.60 14.17 -1.81
CA LYS A 163 -2.90 13.69 -1.29
C LYS A 163 -2.92 13.50 0.24
N ARG A 164 -1.76 13.19 0.83
CA ARG A 164 -1.57 13.00 2.28
C ARG A 164 -1.64 14.34 3.02
N ASN A 165 -0.73 15.26 2.70
CA ASN A 165 -0.55 16.52 3.44
C ASN A 165 -1.78 17.43 3.38
N ALA A 166 -2.55 17.41 2.28
CA ALA A 166 -3.80 18.16 2.18
C ALA A 166 -4.89 17.72 3.17
N ALA A 167 -4.87 16.47 3.66
CA ALA A 167 -5.94 15.90 4.49
C ALA A 167 -6.17 16.64 5.83
N GLU A 168 -5.12 17.22 6.40
CA GLU A 168 -5.17 18.15 7.54
C GLU A 168 -6.12 19.35 7.32
N ASN A 169 -6.44 19.66 6.05
CA ASN A 169 -7.26 20.74 5.55
C ASN A 169 -8.51 20.18 4.81
N MET A 170 -8.79 18.87 4.89
CA MET A 170 -10.00 18.24 4.31
C MET A 170 -11.07 17.90 5.38
N LEU A 171 -10.95 18.47 6.60
CA LEU A 171 -11.90 18.27 7.70
C LEU A 171 -12.41 19.59 8.27
N GLU A 172 -11.56 20.62 8.32
CA GLU A 172 -11.94 21.99 8.75
C GLU A 172 -12.71 22.78 7.67
N ILE A 173 -12.97 22.18 6.49
CA ILE A 173 -13.50 22.87 5.30
C ILE A 173 -14.99 22.57 5.03
N LEU A 174 -15.50 21.46 5.56
CA LEU A 174 -16.85 20.93 5.32
C LEU A 174 -17.61 20.56 6.61
N GLY A 175 -16.96 20.63 7.78
CA GLY A 175 -17.60 20.50 9.10
C GLY A 175 -17.35 19.18 9.84
N PHE A 176 -16.18 18.56 9.67
CA PHE A 176 -15.82 17.27 10.29
C PHE A 176 -14.58 17.32 11.20
N LYS A 177 -14.09 18.52 11.48
CA LYS A 177 -13.03 18.83 12.46
C LYS A 177 -13.25 18.21 13.85
N GLY A 1 6.48 1.93 20.39
CA GLY A 1 5.50 1.73 19.29
C GLY A 1 5.11 0.25 19.16
N SER A 2 4.57 -0.12 17.99
CA SER A 2 4.02 -1.46 17.72
C SER A 2 4.45 -2.07 16.36
N HIS A 3 5.18 -1.32 15.53
CA HIS A 3 5.64 -1.70 14.19
C HIS A 3 7.00 -1.05 13.87
N MET A 4 7.84 -1.73 13.08
CA MET A 4 9.16 -1.23 12.65
C MET A 4 9.65 -1.86 11.33
N LYS A 5 9.28 -3.12 11.06
CA LYS A 5 9.55 -3.87 9.82
C LYS A 5 8.49 -4.97 9.64
N SER A 6 8.33 -5.48 8.43
CA SER A 6 7.38 -6.56 8.10
C SER A 6 7.86 -7.40 6.91
N GLU A 7 7.15 -8.49 6.63
CA GLU A 7 7.56 -9.54 5.69
C GLU A 7 7.30 -9.21 4.23
N ILE A 8 6.27 -8.42 3.92
CA ILE A 8 6.12 -7.91 2.53
C ILE A 8 6.80 -6.54 2.36
N SER A 9 7.05 -5.82 3.47
CA SER A 9 7.90 -4.62 3.58
C SER A 9 9.41 -4.95 3.43
N GLN A 10 9.72 -5.96 2.62
CA GLN A 10 11.04 -6.39 2.16
C GLN A 10 10.95 -7.05 0.79
N VAL A 11 9.99 -7.97 0.60
CA VAL A 11 9.99 -8.81 -0.61
C VAL A 11 9.81 -7.96 -1.87
N PHE A 12 8.95 -6.94 -1.80
CA PHE A 12 8.65 -5.99 -2.86
C PHE A 12 9.89 -5.23 -3.39
N GLU A 13 10.90 -4.98 -2.55
CA GLU A 13 12.11 -4.23 -2.92
C GLU A 13 13.36 -5.13 -3.08
N ILE A 14 13.39 -6.32 -2.46
CA ILE A 14 14.42 -7.35 -2.76
C ILE A 14 14.33 -7.75 -4.25
N ALA A 15 13.13 -7.68 -4.82
CA ALA A 15 12.84 -7.89 -6.25
C ALA A 15 13.74 -7.07 -7.21
N LEU A 16 14.18 -5.88 -6.79
CA LEU A 16 15.07 -5.00 -7.56
C LEU A 16 16.41 -5.67 -7.89
N LYS A 17 16.92 -6.50 -6.97
CA LYS A 17 18.19 -7.24 -7.11
C LYS A 17 17.97 -8.68 -7.59
N ARG A 18 16.83 -9.30 -7.24
CA ARG A 18 16.48 -10.66 -7.68
C ARG A 18 15.98 -10.75 -9.13
N ASN A 19 15.54 -9.64 -9.73
CA ASN A 19 15.19 -9.45 -11.15
C ASN A 19 14.05 -10.32 -11.73
N LEU A 20 13.38 -11.11 -10.89
CA LEU A 20 12.32 -12.07 -11.23
C LEU A 20 11.05 -11.99 -10.33
N PRO A 21 11.13 -11.61 -9.04
CA PRO A 21 9.97 -11.33 -8.17
C PRO A 21 9.13 -10.11 -8.60
N VAL A 22 8.35 -9.55 -7.67
CA VAL A 22 7.36 -8.46 -7.89
C VAL A 22 6.37 -8.75 -9.03
N ASN A 23 5.91 -10.00 -9.09
CA ASN A 23 4.98 -10.51 -10.10
C ASN A 23 3.74 -11.18 -9.47
N PHE A 24 2.89 -10.34 -8.87
CA PHE A 24 1.54 -10.71 -8.42
C PHE A 24 0.72 -11.07 -9.67
N GLU A 25 0.02 -12.21 -9.68
CA GLU A 25 -0.59 -12.74 -10.93
C GLU A 25 -1.94 -13.44 -10.73
N VAL A 26 -2.80 -12.87 -9.87
CA VAL A 26 -4.11 -13.39 -9.41
C VAL A 26 -4.06 -14.88 -8.99
N ALA A 27 -5.21 -15.54 -8.76
CA ALA A 27 -5.27 -16.98 -8.51
C ALA A 27 -6.60 -17.63 -8.90
N ARG A 28 -7.74 -16.97 -8.58
CA ARG A 28 -9.09 -17.55 -8.73
C ARG A 28 -10.15 -16.48 -8.99
N GLU A 29 -11.14 -16.84 -9.80
CA GLU A 29 -12.34 -16.05 -10.10
C GLU A 29 -13.51 -16.98 -10.48
N SER A 30 -14.75 -16.55 -10.23
CA SER A 30 -15.97 -17.34 -10.45
C SER A 30 -17.25 -16.51 -10.68
N GLY A 31 -17.19 -15.18 -10.67
CA GLY A 31 -18.39 -14.33 -10.69
C GLY A 31 -18.17 -12.85 -11.06
N PRO A 32 -19.13 -11.96 -10.73
CA PRO A 32 -19.08 -10.52 -10.99
C PRO A 32 -17.79 -9.75 -10.62
N PRO A 33 -17.02 -10.09 -9.56
CA PRO A 33 -15.77 -9.39 -9.19
C PRO A 33 -14.62 -9.39 -10.23
N HIS A 34 -14.82 -9.92 -11.43
CA HIS A 34 -13.83 -10.21 -12.48
C HIS A 34 -12.77 -9.12 -12.77
N MET A 35 -13.11 -7.84 -12.60
CA MET A 35 -12.21 -6.69 -12.79
C MET A 35 -11.34 -6.30 -11.57
N LYS A 36 -11.51 -6.98 -10.43
CA LYS A 36 -10.78 -6.78 -9.16
C LYS A 36 -10.28 -8.09 -8.53
N ASN A 37 -11.07 -9.15 -8.66
CA ASN A 37 -10.86 -10.50 -8.12
C ASN A 37 -10.81 -10.56 -6.58
N PHE A 38 -10.73 -11.77 -6.02
CA PHE A 38 -10.88 -12.00 -4.57
C PHE A 38 -9.94 -13.10 -3.98
N VAL A 39 -8.92 -13.55 -4.75
CA VAL A 39 -7.80 -14.46 -4.34
C VAL A 39 -6.56 -14.17 -5.23
N THR A 40 -5.34 -14.24 -4.66
CA THR A 40 -4.08 -13.90 -5.36
C THR A 40 -2.91 -14.85 -5.03
N LYS A 41 -2.08 -15.12 -6.04
CA LYS A 41 -0.77 -15.82 -5.97
C LYS A 41 0.33 -14.89 -6.52
N VAL A 42 1.55 -15.12 -6.07
CA VAL A 42 2.75 -14.32 -6.39
C VAL A 42 3.88 -15.29 -6.75
N SER A 43 4.85 -14.82 -7.54
CA SER A 43 6.00 -15.61 -8.00
C SER A 43 7.32 -14.93 -7.64
N VAL A 44 8.31 -15.74 -7.27
CA VAL A 44 9.62 -15.32 -6.75
C VAL A 44 10.68 -16.28 -7.33
N GLY A 45 11.36 -15.86 -8.40
CA GLY A 45 12.29 -16.72 -9.14
C GLY A 45 11.60 -17.97 -9.71
N GLU A 46 12.19 -19.15 -9.47
CA GLU A 46 11.63 -20.46 -9.83
C GLU A 46 10.46 -20.93 -8.95
N PHE A 47 9.99 -20.08 -8.02
CA PHE A 47 9.04 -20.41 -6.95
C PHE A 47 7.85 -19.46 -6.90
N VAL A 48 6.91 -19.81 -6.04
CA VAL A 48 5.59 -19.20 -5.92
C VAL A 48 5.07 -19.30 -4.50
N GLY A 49 4.30 -18.28 -4.10
CA GLY A 49 3.69 -18.14 -2.78
C GLY A 49 2.28 -17.55 -2.93
N GLU A 50 1.32 -18.01 -2.13
CA GLU A 50 -0.12 -17.71 -2.27
C GLU A 50 -0.74 -17.39 -0.91
N GLY A 51 -1.83 -16.62 -0.86
CA GLY A 51 -2.41 -16.17 0.43
C GLY A 51 -3.10 -17.28 1.24
N GLU A 52 -3.18 -18.50 0.71
CA GLU A 52 -4.01 -19.58 1.26
C GLU A 52 -3.44 -20.21 2.55
N GLY A 53 -2.16 -20.58 2.54
CA GLY A 53 -1.43 -21.32 3.59
C GLY A 53 -1.99 -22.71 3.94
N LYS A 54 -3.28 -22.78 4.28
CA LYS A 54 -4.10 -23.98 4.53
C LYS A 54 -5.51 -23.87 3.92
N SER A 55 -6.02 -22.66 3.69
CA SER A 55 -7.35 -22.42 3.09
C SER A 55 -7.44 -21.01 2.50
N LYS A 56 -7.41 -20.00 3.38
CA LYS A 56 -7.33 -18.54 3.15
C LYS A 56 -7.18 -17.80 4.48
N LYS A 57 -7.80 -18.27 5.57
CA LYS A 57 -7.89 -17.60 6.89
C LYS A 57 -6.56 -17.39 7.66
N ILE A 58 -5.43 -17.85 7.13
CA ILE A 58 -4.08 -17.53 7.64
C ILE A 58 -3.76 -16.02 7.52
N SER A 59 -2.70 -15.55 8.18
CA SER A 59 -2.22 -14.16 8.12
C SER A 59 -1.96 -13.67 6.68
N LYS A 60 -2.30 -12.41 6.36
CA LYS A 60 -2.23 -11.83 5.00
C LYS A 60 -0.91 -12.05 4.27
N LYS A 61 0.20 -12.09 5.01
CA LYS A 61 1.55 -12.07 4.42
C LYS A 61 1.99 -13.43 3.88
N ASN A 62 1.15 -14.47 3.98
CA ASN A 62 1.45 -15.83 3.54
C ASN A 62 2.00 -15.89 2.10
N ALA A 63 1.43 -15.12 1.16
CA ALA A 63 1.89 -15.09 -0.22
C ALA A 63 3.34 -14.60 -0.44
N ALA A 64 3.94 -13.95 0.57
CA ALA A 64 5.34 -13.54 0.56
C ALA A 64 6.18 -14.36 1.56
N ILE A 65 5.70 -14.58 2.78
CA ILE A 65 6.32 -15.49 3.77
C ILE A 65 6.59 -16.88 3.18
N ALA A 66 5.66 -17.41 2.37
CA ALA A 66 5.78 -18.69 1.70
C ALA A 66 6.96 -18.79 0.69
N VAL A 67 7.53 -17.65 0.30
CA VAL A 67 8.63 -17.52 -0.68
C VAL A 67 9.88 -16.80 -0.12
N LEU A 68 9.75 -16.02 0.97
CA LEU A 68 10.85 -15.39 1.70
C LEU A 68 11.80 -16.43 2.31
N GLU A 69 11.30 -17.62 2.62
CA GLU A 69 12.13 -18.77 3.01
C GLU A 69 13.08 -19.26 1.89
N GLU A 70 12.83 -18.94 0.62
CA GLU A 70 13.74 -19.28 -0.50
C GLU A 70 14.76 -18.16 -0.74
N LEU A 71 14.35 -16.90 -0.53
CA LEU A 71 15.19 -15.69 -0.66
C LEU A 71 16.36 -15.60 0.34
N LYS A 72 16.41 -16.51 1.33
CA LYS A 72 17.50 -16.65 2.32
C LYS A 72 18.35 -17.92 2.14
N LYS A 73 18.16 -18.66 1.03
CA LYS A 73 18.82 -19.94 0.71
C LYS A 73 19.58 -19.94 -0.63
N LEU A 74 19.43 -18.90 -1.45
CA LEU A 74 20.09 -18.72 -2.76
C LEU A 74 20.99 -17.47 -2.81
N PRO A 75 21.94 -17.37 -3.76
CA PRO A 75 22.87 -16.22 -3.86
C PRO A 75 22.16 -14.87 -4.06
N PRO A 76 22.75 -13.73 -3.62
CA PRO A 76 22.11 -12.41 -3.75
C PRO A 76 21.97 -11.97 -5.21
N LEU A 77 23.01 -12.20 -6.03
CA LEU A 77 23.05 -11.90 -7.47
C LEU A 77 23.49 -13.08 -8.36
N PRO A 78 24.49 -13.92 -7.99
CA PRO A 78 24.93 -15.04 -8.82
C PRO A 78 23.79 -15.96 -9.31
N ALA A 79 23.87 -16.33 -10.58
CA ALA A 79 22.96 -17.28 -11.24
C ALA A 79 22.96 -18.68 -10.57
N VAL A 80 21.91 -19.45 -10.85
CA VAL A 80 21.62 -20.78 -10.26
C VAL A 80 21.14 -21.75 -11.35
N GLU A 81 21.58 -23.01 -11.27
CA GLU A 81 21.32 -24.05 -12.28
C GLU A 81 20.90 -25.41 -11.65
N ARG A 82 20.69 -25.45 -10.33
CA ARG A 82 20.33 -26.64 -9.53
C ARG A 82 19.32 -26.29 -8.45
N VAL A 83 18.50 -27.28 -8.05
CA VAL A 83 17.43 -27.15 -7.03
C VAL A 83 17.38 -28.42 -6.17
N LYS A 84 17.05 -28.27 -4.88
CA LYS A 84 16.93 -29.35 -3.88
C LYS A 84 15.71 -29.12 -2.97
N PRO A 85 15.14 -30.18 -2.35
CA PRO A 85 14.08 -30.04 -1.35
C PRO A 85 14.59 -29.38 -0.04
N ARG A 86 13.65 -28.87 0.77
CA ARG A 86 13.92 -28.14 2.03
C ARG A 86 12.84 -28.35 3.08
N ILE A 87 11.57 -28.31 2.68
CA ILE A 87 10.39 -28.36 3.55
C ILE A 87 9.20 -29.01 2.82
N LYS A 88 8.28 -29.64 3.56
CA LYS A 88 7.07 -30.32 3.04
C LYS A 88 5.77 -29.91 3.74
N LYS A 89 5.86 -29.29 4.93
CA LYS A 89 4.75 -28.74 5.73
C LYS A 89 5.27 -27.58 6.59
N LYS A 90 4.45 -26.52 6.75
CA LYS A 90 4.74 -25.34 7.58
C LYS A 90 3.45 -24.85 8.25
N THR A 91 3.54 -24.35 9.48
CA THR A 91 2.43 -23.77 10.26
C THR A 91 2.92 -22.63 11.16
N LYS A 92 2.06 -22.06 11.99
CA LYS A 92 2.31 -20.97 12.96
C LYS A 92 3.21 -19.84 12.39
N PRO A 93 2.69 -18.99 11.48
CA PRO A 93 3.45 -17.88 10.90
C PRO A 93 3.84 -16.82 11.95
N ILE A 94 4.80 -15.96 11.58
CA ILE A 94 5.31 -14.87 12.42
C ILE A 94 4.20 -13.90 12.91
N VAL A 95 4.40 -13.33 14.09
CA VAL A 95 3.52 -12.33 14.73
C VAL A 95 3.38 -11.03 13.92
N LYS A 96 2.46 -10.14 14.35
CA LYS A 96 2.14 -8.85 13.74
C LYS A 96 1.99 -7.74 14.81
N PRO A 97 1.85 -6.45 14.42
CA PRO A 97 1.49 -5.35 15.32
C PRO A 97 0.20 -5.56 16.16
N GLN A 98 -0.04 -4.62 17.07
CA GLN A 98 -1.22 -4.58 17.95
C GLN A 98 -1.48 -3.14 18.46
N THR A 99 -2.66 -2.93 19.04
CA THR A 99 -3.08 -1.66 19.69
C THR A 99 -3.44 -1.85 21.17
N SER A 100 -3.29 -3.07 21.70
CA SER A 100 -3.47 -3.45 23.12
C SER A 100 -2.74 -2.56 24.15
N PRO A 101 -1.55 -1.97 23.86
CA PRO A 101 -0.91 -0.94 24.71
C PRO A 101 -1.71 0.38 24.92
N GLU A 102 -2.95 0.47 24.41
CA GLU A 102 -3.79 1.69 24.38
C GLU A 102 -3.15 2.84 23.57
N TYR A 103 -2.35 2.48 22.55
CA TYR A 103 -1.66 3.40 21.65
C TYR A 103 -1.54 2.79 20.23
N GLY A 104 -1.42 3.65 19.21
CA GLY A 104 -1.29 3.27 17.80
C GLY A 104 -1.44 4.46 16.85
N GLN A 105 -1.38 4.20 15.54
CA GLN A 105 -1.51 5.21 14.48
C GLN A 105 -2.06 4.60 13.17
N GLY A 106 -2.64 5.45 12.31
CA GLY A 106 -3.24 5.05 11.03
C GLY A 106 -4.54 5.81 10.66
N ILE A 107 -5.02 6.71 11.53
CA ILE A 107 -6.27 7.47 11.36
C ILE A 107 -5.98 8.96 11.59
N ASN A 108 -6.43 9.79 10.64
CA ASN A 108 -6.13 11.22 10.48
C ASN A 108 -7.26 11.90 9.69
N PRO A 109 -7.31 13.25 9.54
CA PRO A 109 -8.22 13.93 8.61
C PRO A 109 -8.16 13.34 7.19
N ILE A 110 -6.94 13.02 6.76
CA ILE A 110 -6.58 12.45 5.45
C ILE A 110 -7.24 11.06 5.28
N SER A 111 -6.98 10.16 6.25
CA SER A 111 -7.61 8.85 6.41
C SER A 111 -9.03 8.92 6.98
N ARG A 112 -9.72 10.07 6.89
CA ARG A 112 -11.13 10.22 7.26
C ARG A 112 -11.96 10.79 6.13
N LEU A 113 -11.47 11.78 5.39
CA LEU A 113 -12.11 12.25 4.14
C LEU A 113 -12.23 11.10 3.12
N ALA A 114 -11.12 10.40 2.87
CA ALA A 114 -11.02 9.17 2.08
C ALA A 114 -11.77 7.95 2.68
N GLN A 115 -12.43 8.15 3.82
CA GLN A 115 -13.16 7.17 4.64
C GLN A 115 -14.68 7.45 4.76
N ILE A 116 -15.12 8.47 4.02
CA ILE A 116 -16.51 8.98 3.99
C ILE A 116 -17.16 8.83 2.61
N GLN A 117 -16.41 8.94 1.51
CA GLN A 117 -16.98 8.79 0.16
C GLN A 117 -17.72 7.45 -0.06
N GLN A 118 -17.24 6.34 0.50
CA GLN A 118 -17.84 5.03 0.29
C GLN A 118 -19.17 4.87 1.03
N ALA A 119 -19.28 5.50 2.20
CA ALA A 119 -20.52 5.64 2.97
C ALA A 119 -21.62 6.43 2.22
N LYS A 120 -21.25 7.19 1.19
CA LYS A 120 -22.13 7.91 0.25
C LYS A 120 -22.30 7.16 -1.08
N LYS A 121 -21.85 5.90 -1.14
CA LYS A 121 -21.78 5.03 -2.33
C LYS A 121 -20.96 5.63 -3.49
N GLU A 122 -19.90 6.37 -3.15
CA GLU A 122 -19.01 7.05 -4.11
C GLU A 122 -17.52 6.70 -3.91
N LYS A 123 -16.69 7.13 -4.85
CA LYS A 123 -15.21 7.05 -4.81
C LYS A 123 -14.61 8.45 -4.59
N GLU A 124 -13.28 8.56 -4.67
CA GLU A 124 -12.54 9.76 -4.26
C GLU A 124 -12.98 11.10 -4.92
N PRO A 125 -12.70 12.25 -4.25
CA PRO A 125 -12.84 13.62 -4.78
C PRO A 125 -12.09 13.91 -6.10
N GLU A 126 -12.29 15.11 -6.64
CA GLU A 126 -11.62 15.61 -7.84
C GLU A 126 -10.42 16.52 -7.49
N TYR A 127 -9.33 15.91 -6.99
CA TYR A 127 -8.05 16.61 -6.74
C TYR A 127 -7.43 17.14 -8.05
N THR A 128 -6.86 18.35 -8.02
CA THR A 128 -6.40 19.13 -9.18
C THR A 128 -5.13 19.91 -8.85
N LEU A 129 -4.20 20.01 -9.80
CA LEU A 129 -2.96 20.78 -9.69
C LEU A 129 -3.19 22.28 -10.00
N LEU A 130 -2.52 23.18 -9.29
CA LEU A 130 -2.50 24.62 -9.57
C LEU A 130 -1.13 25.10 -10.07
N THR A 131 -0.14 25.11 -9.15
CA THR A 131 1.28 25.46 -9.35
C THR A 131 1.54 26.64 -10.27
N GLU A 132 0.83 27.74 -10.03
CA GLU A 132 1.00 29.03 -10.75
C GLU A 132 2.28 29.79 -10.32
N ARG A 133 3.04 29.26 -9.35
CA ARG A 133 4.34 29.77 -8.87
C ARG A 133 5.35 29.91 -10.02
N GLY A 134 6.27 30.88 -9.89
CA GLY A 134 7.30 31.18 -10.90
C GLY A 134 8.45 32.07 -10.43
N LEU A 135 8.77 32.04 -9.12
CA LEU A 135 9.93 32.76 -8.55
C LEU A 135 11.26 32.19 -9.09
N PRO A 136 12.33 33.01 -9.19
CA PRO A 136 13.58 32.60 -9.83
C PRO A 136 14.38 31.56 -9.03
N ARG A 137 14.20 31.53 -7.70
CA ARG A 137 14.83 30.56 -6.76
C ARG A 137 13.87 30.07 -5.67
N ARG A 138 12.58 29.84 -5.98
CA ARG A 138 11.63 29.15 -5.07
C ARG A 138 10.46 28.46 -5.81
N ARG A 139 10.10 27.25 -5.36
CA ARG A 139 9.13 26.30 -5.98
C ARG A 139 8.44 25.45 -4.90
N GLU A 140 7.24 24.93 -5.20
CA GLU A 140 6.43 24.06 -4.33
C GLU A 140 5.21 23.48 -5.10
N PHE A 141 4.69 22.32 -4.70
CA PHE A 141 3.39 21.84 -5.19
C PHE A 141 2.27 22.69 -4.57
N VAL A 142 1.20 22.98 -5.32
CA VAL A 142 -0.03 23.60 -4.80
C VAL A 142 -1.24 22.87 -5.39
N MET A 143 -2.15 22.43 -4.51
CA MET A 143 -3.27 21.53 -4.81
C MET A 143 -4.61 22.24 -4.56
N GLN A 144 -5.64 21.90 -5.35
CA GLN A 144 -7.04 22.28 -5.16
C GLN A 144 -7.94 21.07 -5.37
N VAL A 145 -8.90 20.83 -4.47
CA VAL A 145 -9.87 19.72 -4.57
C VAL A 145 -11.29 20.27 -4.51
N LYS A 146 -12.24 19.58 -5.15
CA LYS A 146 -13.68 19.88 -5.13
C LYS A 146 -14.47 18.63 -4.72
N VAL A 147 -15.53 18.83 -3.92
CA VAL A 147 -16.34 17.73 -3.35
C VAL A 147 -17.84 17.86 -3.71
N GLY A 148 -18.29 19.01 -4.24
CA GLY A 148 -19.63 19.19 -4.79
C GLY A 148 -19.97 20.64 -5.15
N ASN A 149 -19.83 21.53 -4.17
CA ASN A 149 -20.05 22.98 -4.31
C ASN A 149 -18.95 23.83 -3.62
N HIS A 150 -17.97 23.18 -2.99
CA HIS A 150 -16.91 23.81 -2.19
C HIS A 150 -15.53 23.18 -2.49
N THR A 151 -14.46 23.90 -2.14
CA THR A 151 -13.06 23.50 -2.42
C THR A 151 -12.12 23.70 -1.23
N ALA A 152 -11.04 22.93 -1.21
CA ALA A 152 -9.92 23.03 -0.26
C ALA A 152 -8.57 23.10 -1.00
N GLU A 153 -7.52 23.53 -0.30
CA GLU A 153 -6.17 23.73 -0.84
C GLU A 153 -5.09 23.26 0.16
N GLY A 154 -3.93 22.87 -0.38
CA GLY A 154 -2.76 22.39 0.36
C GLY A 154 -1.49 22.38 -0.51
N THR A 155 -0.35 22.03 0.11
CA THR A 155 0.99 22.07 -0.50
C THR A 155 1.81 20.82 -0.13
N GLY A 156 2.84 20.49 -0.91
CA GLY A 156 3.57 19.22 -0.81
C GLY A 156 4.67 19.07 -1.87
N THR A 157 4.97 17.81 -2.22
CA THR A 157 6.04 17.44 -3.18
C THR A 157 5.57 16.57 -4.36
N ASN A 158 4.47 15.81 -4.20
CA ASN A 158 3.82 15.03 -5.27
C ASN A 158 2.29 14.93 -5.03
N LYS A 159 1.53 14.46 -6.03
CA LYS A 159 0.06 14.31 -6.00
C LYS A 159 -0.52 13.42 -4.87
N LYS A 160 0.27 12.56 -4.22
CA LYS A 160 -0.09 11.80 -3.00
C LYS A 160 0.63 12.32 -1.73
N VAL A 161 1.04 13.59 -1.72
CA VAL A 161 1.64 14.29 -0.57
C VAL A 161 0.99 15.65 -0.33
N ALA A 162 0.78 16.49 -1.36
CA ALA A 162 0.04 17.75 -1.21
C ALA A 162 -1.43 17.54 -0.79
N LYS A 163 -1.99 16.40 -1.19
CA LYS A 163 -3.28 15.82 -0.77
C LYS A 163 -3.45 15.75 0.75
N ARG A 164 -2.35 15.60 1.51
CA ARG A 164 -2.30 15.41 2.97
C ARG A 164 -2.51 16.72 3.72
N ASN A 165 -1.75 17.76 3.37
CA ASN A 165 -1.85 19.07 4.02
C ASN A 165 -3.21 19.76 3.75
N ALA A 166 -3.80 19.56 2.57
CA ALA A 166 -5.16 20.00 2.26
C ALA A 166 -6.25 19.32 3.13
N ALA A 167 -6.03 18.07 3.57
CA ALA A 167 -7.06 17.24 4.21
C ALA A 167 -7.64 17.85 5.50
N GLU A 168 -6.82 18.59 6.25
CA GLU A 168 -7.24 19.32 7.46
C GLU A 168 -8.38 20.34 7.18
N ASN A 169 -8.47 20.84 5.94
CA ASN A 169 -9.53 21.76 5.49
C ASN A 169 -10.73 21.01 4.88
N MET A 170 -10.52 19.85 4.22
CA MET A 170 -11.55 19.16 3.43
C MET A 170 -12.84 18.79 4.21
N LEU A 171 -12.78 18.64 5.53
CA LEU A 171 -13.96 18.38 6.38
C LEU A 171 -14.69 19.67 6.81
N GLU A 172 -14.00 20.81 6.84
CA GLU A 172 -14.55 22.10 7.30
C GLU A 172 -15.19 22.92 6.16
N ILE A 173 -14.82 22.63 4.89
CA ILE A 173 -15.29 23.34 3.70
C ILE A 173 -16.73 22.95 3.32
N LEU A 174 -17.17 21.76 3.72
CA LEU A 174 -18.48 21.19 3.39
C LEU A 174 -19.33 20.87 4.64
N GLY A 175 -18.80 21.18 5.83
CA GLY A 175 -19.52 21.18 7.11
C GLY A 175 -19.59 19.83 7.83
N PHE A 176 -18.67 18.91 7.55
CA PHE A 176 -18.51 17.64 8.28
C PHE A 176 -17.75 17.82 9.60
N LYS A 177 -17.15 19.00 9.82
CA LYS A 177 -16.40 19.43 11.02
C LYS A 177 -16.66 20.91 11.33
N GLY A 1 14.36 -2.50 15.19
CA GLY A 1 14.39 -3.00 13.80
C GLY A 1 13.00 -3.07 13.20
N SER A 2 12.84 -3.88 12.15
CA SER A 2 11.56 -4.06 11.42
C SER A 2 11.24 -5.51 11.05
N HIS A 3 12.02 -6.47 11.55
CA HIS A 3 12.05 -7.92 11.23
C HIS A 3 10.79 -8.73 11.59
N MET A 4 9.70 -8.05 11.96
CA MET A 4 8.36 -8.64 12.21
C MET A 4 7.23 -7.77 11.62
N LYS A 5 7.57 -6.71 10.87
CA LYS A 5 6.64 -5.69 10.33
C LYS A 5 7.00 -5.19 8.92
N SER A 6 7.87 -5.91 8.19
CA SER A 6 8.34 -5.49 6.85
C SER A 6 8.66 -6.65 5.89
N GLU A 7 8.18 -7.85 6.18
CA GLU A 7 8.58 -9.08 5.46
C GLU A 7 8.11 -9.12 4.02
N ILE A 8 6.86 -8.72 3.72
CA ILE A 8 6.48 -8.56 2.29
C ILE A 8 7.27 -7.40 1.63
N SER A 9 7.64 -6.37 2.39
CA SER A 9 8.44 -5.24 1.92
C SER A 9 9.85 -5.66 1.46
N GLN A 10 10.49 -6.63 2.15
CA GLN A 10 11.79 -7.19 1.74
C GLN A 10 11.79 -7.67 0.29
N VAL A 11 10.76 -8.48 -0.05
CA VAL A 11 10.67 -9.18 -1.34
C VAL A 11 10.46 -8.20 -2.51
N PHE A 12 9.68 -7.13 -2.31
CA PHE A 12 9.47 -6.12 -3.34
C PHE A 12 10.76 -5.41 -3.80
N GLU A 13 11.67 -5.08 -2.87
CA GLU A 13 12.96 -4.45 -3.20
C GLU A 13 13.96 -5.44 -3.86
N ILE A 14 13.71 -6.75 -3.78
CA ILE A 14 14.46 -7.78 -4.52
C ILE A 14 13.90 -7.98 -5.93
N ALA A 15 12.62 -7.67 -6.17
CA ALA A 15 12.04 -7.66 -7.52
C ALA A 15 12.73 -6.66 -8.49
N LEU A 16 13.49 -5.70 -7.94
CA LEU A 16 14.41 -4.81 -8.67
C LEU A 16 15.44 -5.58 -9.51
N LYS A 17 15.84 -6.78 -9.04
CA LYS A 17 16.92 -7.61 -9.61
C LYS A 17 16.40 -8.96 -10.13
N ARG A 18 15.40 -9.55 -9.45
CA ARG A 18 14.75 -10.81 -9.86
C ARG A 18 13.61 -10.64 -10.88
N ASN A 19 13.13 -9.40 -11.11
CA ASN A 19 12.11 -8.99 -12.12
C ASN A 19 10.76 -9.75 -12.13
N LEU A 20 10.47 -10.55 -11.11
CA LEU A 20 9.36 -11.52 -11.01
C LEU A 20 8.68 -11.59 -9.63
N PRO A 21 9.36 -11.43 -8.47
CA PRO A 21 8.76 -11.51 -7.12
C PRO A 21 7.74 -10.42 -6.71
N VAL A 22 7.13 -9.80 -7.70
CA VAL A 22 6.06 -8.78 -7.61
C VAL A 22 4.71 -9.31 -8.13
N ASN A 23 4.66 -10.59 -8.54
CA ASN A 23 3.48 -11.24 -9.15
C ASN A 23 2.38 -11.63 -8.16
N PHE A 24 2.29 -10.97 -7.00
CA PHE A 24 1.34 -11.25 -5.92
C PHE A 24 -0.10 -10.74 -6.19
N GLU A 25 -0.72 -11.18 -7.28
CA GLU A 25 -2.11 -10.85 -7.64
C GLU A 25 -2.83 -12.00 -8.37
N VAL A 26 -2.55 -13.25 -7.96
CA VAL A 26 -2.95 -14.47 -8.70
C VAL A 26 -4.41 -14.55 -9.18
N ALA A 27 -5.34 -14.10 -8.33
CA ALA A 27 -6.78 -14.17 -8.55
C ALA A 27 -7.35 -13.13 -9.55
N ARG A 28 -6.56 -12.13 -9.99
CA ARG A 28 -7.03 -10.97 -10.78
C ARG A 28 -5.98 -10.39 -11.75
N GLU A 29 -6.42 -9.40 -12.53
CA GLU A 29 -5.59 -8.53 -13.38
C GLU A 29 -5.96 -7.04 -13.22
N SER A 30 -6.82 -6.70 -12.24
CA SER A 30 -7.35 -5.35 -11.97
C SER A 30 -7.84 -5.23 -10.52
N GLY A 31 -8.25 -4.02 -10.12
CA GLY A 31 -8.68 -3.66 -8.76
C GLY A 31 -9.42 -2.32 -8.61
N PRO A 32 -9.04 -1.22 -9.32
CA PRO A 32 -9.74 0.06 -9.28
C PRO A 32 -11.28 0.06 -9.43
N PRO A 33 -11.93 -0.78 -10.28
CA PRO A 33 -13.40 -0.83 -10.39
C PRO A 33 -14.10 -1.57 -9.22
N HIS A 34 -13.37 -1.95 -8.16
CA HIS A 34 -13.84 -2.70 -6.97
C HIS A 34 -14.18 -4.18 -7.24
N MET A 35 -14.01 -4.65 -8.47
CA MET A 35 -14.26 -6.03 -8.93
C MET A 35 -13.13 -7.02 -8.57
N LYS A 36 -12.28 -6.64 -7.60
CA LYS A 36 -11.16 -7.42 -7.04
C LYS A 36 -11.58 -8.76 -6.39
N ASN A 37 -10.61 -9.46 -5.82
CA ASN A 37 -10.79 -10.70 -5.05
C ASN A 37 -10.01 -10.64 -3.71
N PHE A 38 -9.96 -11.76 -2.97
CA PHE A 38 -9.45 -11.83 -1.60
C PHE A 38 -8.56 -13.09 -1.38
N VAL A 39 -7.77 -13.45 -2.42
CA VAL A 39 -6.87 -14.63 -2.48
C VAL A 39 -5.59 -14.24 -3.25
N THR A 40 -4.41 -14.68 -2.76
CA THR A 40 -3.11 -14.34 -3.39
C THR A 40 -2.08 -15.48 -3.29
N LYS A 41 -1.30 -15.66 -4.36
CA LYS A 41 -0.09 -16.51 -4.49
C LYS A 41 1.01 -15.70 -5.19
N VAL A 42 2.28 -16.02 -4.96
CA VAL A 42 3.42 -15.18 -5.39
C VAL A 42 4.55 -16.07 -5.91
N SER A 43 5.03 -15.77 -7.11
CA SER A 43 6.15 -16.52 -7.72
C SER A 43 7.42 -15.67 -7.71
N VAL A 44 8.42 -16.12 -6.95
CA VAL A 44 9.65 -15.40 -6.58
C VAL A 44 10.81 -15.81 -7.50
N GLY A 45 10.60 -15.59 -8.80
CA GLY A 45 11.48 -15.91 -9.94
C GLY A 45 11.90 -17.37 -10.21
N GLU A 46 12.08 -18.17 -9.16
CA GLU A 46 12.53 -19.58 -9.17
C GLU A 46 11.82 -20.40 -8.05
N PHE A 47 10.89 -19.76 -7.33
CA PHE A 47 10.24 -20.26 -6.10
C PHE A 47 8.79 -19.75 -6.05
N VAL A 48 7.98 -20.20 -5.10
CA VAL A 48 6.58 -19.74 -4.92
C VAL A 48 6.08 -19.88 -3.48
N GLY A 49 5.28 -18.89 -3.06
CA GLY A 49 4.71 -18.71 -1.71
C GLY A 49 3.24 -18.24 -1.80
N GLU A 50 2.49 -18.28 -0.69
CA GLU A 50 1.02 -18.07 -0.68
C GLU A 50 0.53 -17.20 0.50
N GLY A 51 -0.55 -16.45 0.32
CA GLY A 51 -1.13 -15.60 1.39
C GLY A 51 -2.03 -16.35 2.36
N GLU A 52 -1.90 -17.68 2.44
CA GLU A 52 -2.76 -18.57 3.23
C GLU A 52 -1.99 -19.53 4.16
N GLY A 53 -0.71 -19.81 3.88
CA GLY A 53 0.06 -20.83 4.59
C GLY A 53 -0.65 -22.19 4.62
N LYS A 54 -0.68 -22.82 5.81
CA LYS A 54 -1.31 -24.14 6.05
C LYS A 54 -2.43 -24.11 7.10
N SER A 55 -2.78 -22.92 7.62
CA SER A 55 -3.76 -22.72 8.72
C SER A 55 -4.58 -21.43 8.64
N LYS A 56 -4.22 -20.51 7.74
CA LYS A 56 -4.72 -19.11 7.67
C LYS A 56 -4.73 -18.36 9.02
N LYS A 57 -3.81 -18.71 9.93
CA LYS A 57 -3.55 -17.99 11.21
C LYS A 57 -2.07 -17.71 11.48
N ILE A 58 -1.17 -18.17 10.59
CA ILE A 58 0.28 -17.96 10.67
C ILE A 58 0.73 -16.49 10.55
N SER A 59 0.02 -15.70 9.72
CA SER A 59 0.07 -14.24 9.46
C SER A 59 -0.24 -13.90 8.00
N LYS A 60 -0.49 -12.61 7.70
CA LYS A 60 -0.60 -12.06 6.34
C LYS A 60 0.71 -12.14 5.56
N LYS A 61 1.86 -12.09 6.25
CA LYS A 61 3.18 -12.01 5.61
C LYS A 61 3.68 -13.35 5.10
N ASN A 62 2.92 -14.43 5.31
CA ASN A 62 3.24 -15.75 4.79
C ASN A 62 3.58 -15.74 3.30
N ALA A 63 2.90 -14.95 2.46
CA ALA A 63 3.22 -14.85 1.04
C ALA A 63 4.64 -14.40 0.69
N ALA A 64 5.36 -13.78 1.64
CA ALA A 64 6.77 -13.46 1.53
C ALA A 64 7.63 -14.32 2.46
N ILE A 65 7.26 -14.50 3.73
CA ILE A 65 7.95 -15.38 4.69
C ILE A 65 8.12 -16.81 4.13
N ALA A 66 7.14 -17.30 3.37
CA ALA A 66 7.15 -18.61 2.71
C ALA A 66 8.24 -18.78 1.64
N VAL A 67 8.80 -17.68 1.13
CA VAL A 67 9.76 -17.60 0.03
C VAL A 67 11.06 -16.89 0.44
N LEU A 68 11.02 -16.10 1.52
CA LEU A 68 12.14 -15.49 2.23
C LEU A 68 13.12 -16.55 2.79
N GLU A 69 12.66 -17.77 3.03
CA GLU A 69 13.52 -18.93 3.34
C GLU A 69 14.42 -19.35 2.16
N GLU A 70 14.08 -18.96 0.92
CA GLU A 70 14.85 -19.29 -0.28
C GLU A 70 15.61 -18.07 -0.85
N LEU A 71 15.17 -16.85 -0.53
CA LEU A 71 15.91 -15.62 -0.80
C LEU A 71 17.22 -15.48 0.01
N LYS A 72 17.51 -16.44 0.89
CA LYS A 72 18.80 -16.62 1.59
C LYS A 72 19.86 -17.35 0.73
N LYS A 73 19.43 -18.09 -0.30
CA LYS A 73 20.32 -18.84 -1.22
C LYS A 73 21.09 -17.95 -2.21
N LEU A 74 20.59 -16.71 -2.42
CA LEU A 74 21.19 -15.62 -3.19
C LEU A 74 22.06 -16.05 -4.40
N PRO A 75 21.47 -16.74 -5.40
CA PRO A 75 22.18 -17.24 -6.57
C PRO A 75 22.62 -16.11 -7.52
N PRO A 76 23.56 -16.38 -8.46
CA PRO A 76 23.97 -15.42 -9.51
C PRO A 76 22.87 -15.11 -10.55
N LEU A 77 21.95 -16.07 -10.68
CA LEU A 77 20.88 -16.32 -11.64
C LEU A 77 21.29 -17.34 -12.74
N PRO A 78 21.53 -18.62 -12.37
CA PRO A 78 21.89 -19.67 -13.32
C PRO A 78 20.69 -20.14 -14.17
N ALA A 79 19.47 -19.85 -13.71
CA ALA A 79 18.20 -20.17 -14.36
C ALA A 79 17.13 -19.11 -14.03
N VAL A 80 15.99 -19.18 -14.74
CA VAL A 80 14.82 -18.30 -14.56
C VAL A 80 13.55 -19.03 -15.02
N GLU A 81 12.39 -18.64 -14.49
CA GLU A 81 11.07 -19.19 -14.84
C GLU A 81 10.03 -18.07 -15.09
N ARG A 82 8.81 -18.44 -15.48
CA ARG A 82 7.69 -17.52 -15.75
C ARG A 82 6.34 -18.10 -15.33
N VAL A 83 5.33 -17.23 -15.20
CA VAL A 83 3.95 -17.57 -14.84
C VAL A 83 2.97 -16.58 -15.48
N LYS A 84 1.73 -17.00 -15.70
CA LYS A 84 0.60 -16.21 -16.24
C LYS A 84 -0.70 -16.55 -15.48
N PRO A 85 -1.68 -15.61 -15.40
CA PRO A 85 -2.93 -15.79 -14.64
C PRO A 85 -3.61 -17.16 -14.80
N ARG A 86 -3.87 -17.82 -13.66
CA ARG A 86 -4.38 -19.19 -13.54
C ARG A 86 -5.00 -19.44 -12.16
N ILE A 87 -5.68 -20.57 -12.00
CA ILE A 87 -6.26 -21.03 -10.72
C ILE A 87 -6.06 -22.54 -10.50
N LYS A 88 -5.95 -22.92 -9.22
CA LYS A 88 -5.87 -24.32 -8.73
C LYS A 88 -6.61 -24.50 -7.38
N LYS A 89 -7.47 -23.54 -7.06
CA LYS A 89 -8.18 -23.36 -5.77
C LYS A 89 -9.47 -22.55 -5.95
N LYS A 90 -10.32 -22.52 -4.91
CA LYS A 90 -11.53 -21.67 -4.85
C LYS A 90 -11.17 -20.18 -4.86
N THR A 91 -12.07 -19.36 -5.41
CA THR A 91 -11.98 -17.88 -5.43
C THR A 91 -13.03 -17.22 -4.51
N LYS A 92 -13.81 -18.03 -3.78
CA LYS A 92 -14.80 -17.61 -2.76
C LYS A 92 -14.69 -18.44 -1.45
N PRO A 93 -13.48 -18.66 -0.88
CA PRO A 93 -13.30 -19.41 0.37
C PRO A 93 -13.87 -18.66 1.59
N ILE A 94 -13.92 -19.33 2.75
CA ILE A 94 -14.43 -18.80 4.03
C ILE A 94 -13.45 -19.14 5.16
N VAL A 95 -13.31 -18.21 6.12
CA VAL A 95 -12.49 -18.32 7.34
C VAL A 95 -13.16 -17.54 8.48
N LYS A 96 -12.85 -17.88 9.75
CA LYS A 96 -13.40 -17.23 10.95
C LYS A 96 -12.27 -16.81 11.91
N PRO A 97 -12.41 -15.68 12.63
CA PRO A 97 -11.44 -15.23 13.64
C PRO A 97 -11.50 -16.06 14.94
N GLN A 98 -10.57 -15.78 15.86
CA GLN A 98 -10.51 -16.32 17.22
C GLN A 98 -10.36 -15.18 18.27
N THR A 99 -10.85 -14.00 17.92
CA THR A 99 -10.73 -12.72 18.66
C THR A 99 -12.03 -11.90 18.54
N SER A 100 -12.11 -10.79 19.26
CA SER A 100 -13.28 -9.87 19.28
C SER A 100 -12.94 -8.50 18.67
N PRO A 101 -13.94 -7.69 18.25
CA PRO A 101 -13.72 -6.33 17.73
C PRO A 101 -12.88 -5.42 18.64
N GLU A 102 -12.17 -4.48 18.03
CA GLU A 102 -11.34 -3.45 18.67
C GLU A 102 -11.49 -2.10 17.94
N TYR A 103 -10.99 -1.02 18.56
CA TYR A 103 -11.05 0.34 18.02
C TYR A 103 -9.88 1.22 18.50
N GLY A 104 -9.72 2.39 17.89
CA GLY A 104 -8.74 3.41 18.27
C GLY A 104 -8.98 4.80 17.66
N GLN A 105 -9.71 4.88 16.52
CA GLN A 105 -9.90 6.07 15.69
C GLN A 105 -8.60 6.75 15.20
N GLY A 106 -8.74 7.71 14.29
CA GLY A 106 -7.62 8.38 13.61
C GLY A 106 -6.61 9.04 14.56
N ILE A 107 -5.34 9.01 14.16
CA ILE A 107 -4.18 9.47 14.94
C ILE A 107 -3.36 10.56 14.24
N ASN A 108 -3.81 10.99 13.06
CA ASN A 108 -3.26 12.08 12.25
C ASN A 108 -4.43 12.83 11.55
N PRO A 109 -4.27 14.09 11.11
CA PRO A 109 -5.26 14.76 10.24
C PRO A 109 -5.48 13.98 8.94
N ILE A 110 -4.38 13.43 8.41
CA ILE A 110 -4.26 12.67 7.16
C ILE A 110 -5.05 11.35 7.29
N SER A 111 -4.69 10.54 8.29
CA SER A 111 -5.39 9.33 8.75
C SER A 111 -6.69 9.65 9.53
N ARG A 112 -7.36 10.76 9.20
CA ARG A 112 -8.71 11.11 9.65
C ARG A 112 -9.57 11.56 8.48
N LEU A 113 -9.05 12.40 7.58
CA LEU A 113 -9.75 12.76 6.33
C LEU A 113 -9.91 11.54 5.42
N ALA A 114 -8.82 10.80 5.19
CA ALA A 114 -8.83 9.50 4.50
C ALA A 114 -9.58 8.39 5.26
N GLN A 115 -10.10 8.72 6.45
CA GLN A 115 -10.79 7.85 7.41
C GLN A 115 -12.26 8.21 7.64
N ILE A 116 -12.77 9.13 6.81
CA ILE A 116 -14.15 9.62 6.80
C ILE A 116 -14.87 9.28 5.48
N GLN A 117 -14.16 9.18 4.35
CA GLN A 117 -14.76 8.89 3.04
C GLN A 117 -15.54 7.57 3.00
N GLN A 118 -15.10 6.52 3.70
CA GLN A 118 -15.77 5.22 3.66
C GLN A 118 -17.14 5.26 4.35
N ALA A 119 -17.24 6.04 5.42
CA ALA A 119 -18.49 6.36 6.12
C ALA A 119 -19.51 7.14 5.25
N LYS A 120 -19.06 7.75 4.13
CA LYS A 120 -19.88 8.40 3.11
C LYS A 120 -20.09 7.50 1.87
N LYS A 121 -19.65 6.24 1.96
CA LYS A 121 -19.57 5.22 0.88
C LYS A 121 -18.75 5.68 -0.34
N GLU A 122 -17.83 6.60 -0.13
CA GLU A 122 -16.81 7.03 -1.10
C GLU A 122 -15.53 6.17 -0.99
N LYS A 123 -14.59 6.44 -1.90
CA LYS A 123 -13.25 5.81 -1.95
C LYS A 123 -12.21 6.76 -1.35
N GLU A 124 -12.04 7.90 -2.01
CA GLU A 124 -11.12 8.98 -1.70
C GLU A 124 -11.66 10.34 -2.20
N PRO A 125 -11.10 11.48 -1.73
CA PRO A 125 -11.34 12.82 -2.30
C PRO A 125 -10.88 12.93 -3.78
N GLU A 126 -11.03 14.12 -4.37
CA GLU A 126 -10.47 14.45 -5.68
C GLU A 126 -9.40 15.55 -5.53
N TYR A 127 -8.23 15.36 -6.15
CA TYR A 127 -7.03 16.22 -5.95
C TYR A 127 -6.50 16.75 -7.30
N THR A 128 -5.96 17.97 -7.29
CA THR A 128 -5.47 18.76 -8.44
C THR A 128 -4.20 19.54 -8.05
N LEU A 129 -3.51 20.20 -8.97
CA LEU A 129 -2.29 20.97 -8.72
C LEU A 129 -2.44 22.45 -9.12
N LEU A 130 -1.59 23.29 -8.54
CA LEU A 130 -1.55 24.76 -8.77
C LEU A 130 -0.16 25.27 -9.17
N THR A 131 0.76 24.34 -9.42
CA THR A 131 2.17 24.50 -9.82
C THR A 131 2.44 25.23 -11.15
N GLU A 132 1.51 26.06 -11.62
CA GLU A 132 1.65 26.99 -12.74
C GLU A 132 2.48 28.25 -12.35
N ARG A 133 3.55 28.05 -11.57
CA ARG A 133 4.36 29.08 -10.88
C ARG A 133 5.84 28.68 -10.75
N GLY A 134 6.67 29.62 -10.29
CA GLY A 134 8.09 29.42 -9.98
C GLY A 134 8.71 30.62 -9.26
N LEU A 135 9.94 30.47 -8.78
CA LEU A 135 10.67 31.46 -7.98
C LEU A 135 12.17 31.53 -8.39
N PRO A 136 12.87 32.65 -8.10
CA PRO A 136 14.27 32.83 -8.51
C PRO A 136 15.21 31.91 -7.71
N ARG A 137 15.84 30.95 -8.41
CA ARG A 137 16.67 29.86 -7.86
C ARG A 137 15.98 29.13 -6.70
N ARG A 138 14.69 28.82 -6.87
CA ARG A 138 13.82 28.13 -5.89
C ARG A 138 12.62 27.46 -6.58
N ARG A 139 12.27 26.24 -6.15
CA ARG A 139 11.22 25.37 -6.74
C ARG A 139 10.42 24.68 -5.62
N GLU A 140 9.17 24.29 -5.92
CA GLU A 140 8.18 23.79 -4.94
C GLU A 140 6.98 23.11 -5.61
N PHE A 141 6.37 22.10 -4.97
CA PHE A 141 5.10 21.49 -5.37
C PHE A 141 3.94 22.05 -4.54
N VAL A 142 2.75 22.20 -5.14
CA VAL A 142 1.54 22.77 -4.49
C VAL A 142 0.28 22.05 -4.98
N MET A 143 -0.59 21.65 -4.04
CA MET A 143 -1.74 20.77 -4.28
C MET A 143 -3.06 21.37 -3.79
N GLN A 144 -4.14 21.10 -4.54
CA GLN A 144 -5.54 21.40 -4.30
C GLN A 144 -6.32 20.10 -4.09
N VAL A 145 -7.33 20.10 -3.24
CA VAL A 145 -8.28 18.98 -3.03
C VAL A 145 -9.69 19.51 -2.91
N LYS A 146 -10.69 18.70 -3.24
CA LYS A 146 -12.12 18.97 -3.04
C LYS A 146 -12.82 17.77 -2.39
N VAL A 147 -13.71 18.06 -1.42
CA VAL A 147 -14.37 17.04 -0.56
C VAL A 147 -15.90 17.06 -0.69
N GLY A 148 -16.49 18.07 -1.34
CA GLY A 148 -17.91 18.11 -1.70
C GLY A 148 -18.38 19.49 -2.19
N ASN A 149 -18.10 20.52 -1.41
CA ASN A 149 -18.40 21.93 -1.71
C ASN A 149 -17.25 22.89 -1.32
N HIS A 150 -16.16 22.34 -0.76
CA HIS A 150 -15.04 23.09 -0.17
C HIS A 150 -13.69 22.47 -0.55
N THR A 151 -12.61 23.25 -0.42
CA THR A 151 -11.24 22.88 -0.84
C THR A 151 -10.17 23.25 0.20
N ALA A 152 -8.98 22.65 0.06
CA ALA A 152 -7.77 22.95 0.85
C ALA A 152 -6.52 23.08 -0.03
N GLU A 153 -5.42 23.55 0.56
CA GLU A 153 -4.12 23.75 -0.08
C GLU A 153 -2.98 23.24 0.82
N GLY A 154 -1.90 22.77 0.19
CA GLY A 154 -0.67 22.22 0.80
C GLY A 154 0.50 22.14 -0.17
N THR A 155 1.69 21.78 0.32
CA THR A 155 2.95 21.74 -0.46
C THR A 155 3.74 20.45 -0.22
N GLY A 156 4.67 20.09 -1.11
CA GLY A 156 5.40 18.80 -1.03
C GLY A 156 6.47 18.59 -2.11
N THR A 157 6.75 17.31 -2.41
CA THR A 157 7.81 16.87 -3.36
C THR A 157 7.34 15.86 -4.42
N ASN A 158 6.19 15.21 -4.22
CA ASN A 158 5.48 14.40 -5.21
C ASN A 158 3.96 14.40 -4.95
N LYS A 159 3.18 13.83 -5.89
CA LYS A 159 1.72 13.70 -5.80
C LYS A 159 1.17 12.81 -4.68
N LYS A 160 2.03 12.18 -3.86
CA LYS A 160 1.66 11.48 -2.61
C LYS A 160 2.34 12.07 -1.37
N VAL A 161 2.87 13.29 -1.46
CA VAL A 161 3.51 14.04 -0.36
C VAL A 161 2.88 15.42 -0.18
N ALA A 162 2.55 16.16 -1.24
CA ALA A 162 1.75 17.39 -1.10
C ALA A 162 0.35 17.12 -0.50
N LYS A 163 -0.15 15.89 -0.74
CA LYS A 163 -1.35 15.28 -0.12
C LYS A 163 -1.32 15.28 1.42
N ARG A 164 -0.12 15.26 2.02
CA ARG A 164 0.11 15.13 3.47
C ARG A 164 0.05 16.48 4.20
N ASN A 165 0.57 17.54 3.60
CA ASN A 165 0.59 18.86 4.23
C ASN A 165 -0.74 19.62 4.09
N ALA A 166 -1.49 19.41 2.99
CA ALA A 166 -2.86 19.95 2.87
C ALA A 166 -3.84 19.39 3.91
N ALA A 167 -3.64 18.14 4.35
CA ALA A 167 -4.54 17.40 5.24
C ALA A 167 -4.86 18.11 6.57
N GLU A 168 -3.92 18.89 7.10
CA GLU A 168 -4.10 19.75 8.30
C GLU A 168 -5.27 20.75 8.15
N ASN A 169 -5.59 21.17 6.92
CA ASN A 169 -6.70 22.05 6.60
C ASN A 169 -7.96 21.27 6.18
N MET A 170 -7.82 20.10 5.54
CA MET A 170 -8.92 19.32 4.95
C MET A 170 -10.05 18.89 5.90
N LEU A 171 -9.94 19.08 7.21
CA LEU A 171 -11.01 18.83 8.18
C LEU A 171 -11.70 20.12 8.66
N GLU A 172 -10.96 21.23 8.67
CA GLU A 172 -11.45 22.56 9.09
C GLU A 172 -12.29 23.27 8.00
N ILE A 173 -12.32 22.72 6.79
CA ILE A 173 -12.93 23.36 5.59
C ILE A 173 -14.40 22.96 5.41
N LEU A 174 -14.82 21.83 6.00
CA LEU A 174 -16.14 21.24 5.87
C LEU A 174 -16.80 20.86 7.21
N GLY A 175 -16.07 20.94 8.33
CA GLY A 175 -16.63 20.84 9.69
C GLY A 175 -16.37 19.52 10.43
N PHE A 176 -15.21 18.89 10.24
CA PHE A 176 -14.75 17.69 10.97
C PHE A 176 -13.60 17.97 11.96
N LYS A 177 -13.19 19.23 12.07
CA LYS A 177 -12.24 19.78 13.07
C LYS A 177 -12.63 21.21 13.47
N GLY A 1 0.79 -7.52 19.83
CA GLY A 1 1.89 -8.28 19.19
C GLY A 1 2.91 -7.35 18.53
N SER A 2 3.72 -7.90 17.62
CA SER A 2 4.78 -7.18 16.87
C SER A 2 5.04 -7.83 15.50
N HIS A 3 5.81 -7.15 14.64
CA HIS A 3 6.19 -7.61 13.30
C HIS A 3 7.57 -7.11 12.88
N MET A 4 8.34 -7.96 12.20
CA MET A 4 9.71 -7.67 11.72
C MET A 4 10.12 -8.42 10.44
N LYS A 5 9.35 -9.43 9.99
CA LYS A 5 9.68 -10.29 8.84
C LYS A 5 8.39 -10.90 8.24
N SER A 6 8.41 -11.15 6.93
CA SER A 6 7.38 -11.86 6.18
C SER A 6 8.00 -12.55 4.96
N GLU A 7 7.42 -13.67 4.49
CA GLU A 7 7.82 -14.27 3.21
C GLU A 7 7.51 -13.38 2.01
N ILE A 8 6.54 -12.45 2.16
CA ILE A 8 6.34 -11.38 1.15
C ILE A 8 7.62 -10.56 0.95
N SER A 9 8.35 -10.26 2.03
CA SER A 9 9.50 -9.36 2.10
C SER A 9 10.81 -9.99 1.56
N GLN A 10 10.66 -10.71 0.45
CA GLN A 10 11.71 -11.34 -0.36
C GLN A 10 11.19 -11.67 -1.74
N VAL A 11 10.01 -12.32 -1.81
CA VAL A 11 9.51 -12.88 -3.06
C VAL A 11 9.30 -11.81 -4.14
N PHE A 12 8.86 -10.62 -3.73
CA PHE A 12 8.39 -9.56 -4.63
C PHE A 12 9.54 -8.74 -5.26
N GLU A 13 10.67 -8.57 -4.57
CA GLU A 13 11.81 -7.78 -5.09
C GLU A 13 12.96 -8.66 -5.62
N ILE A 14 13.07 -9.93 -5.20
CA ILE A 14 13.98 -10.91 -5.83
C ILE A 14 13.55 -11.21 -7.27
N ALA A 15 12.25 -11.06 -7.59
CA ALA A 15 11.68 -11.15 -8.94
C ALA A 15 12.44 -10.34 -10.01
N LEU A 16 12.93 -9.15 -9.63
CA LEU A 16 13.73 -8.25 -10.48
C LEU A 16 15.02 -8.93 -10.99
N LYS A 17 15.75 -9.62 -10.11
CA LYS A 17 17.00 -10.34 -10.43
C LYS A 17 16.73 -11.69 -11.12
N ARG A 18 15.66 -12.39 -10.74
CA ARG A 18 15.27 -13.70 -11.31
C ARG A 18 14.82 -13.64 -12.78
N ASN A 19 14.45 -12.46 -13.28
CA ASN A 19 14.19 -12.16 -14.69
C ASN A 19 13.03 -12.95 -15.37
N LEU A 20 12.21 -13.68 -14.60
CA LEU A 20 11.04 -14.46 -15.05
C LEU A 20 9.79 -14.32 -14.14
N PRO A 21 9.91 -14.24 -12.79
CA PRO A 21 8.78 -13.94 -11.91
C PRO A 21 8.20 -12.52 -12.08
N VAL A 22 7.22 -12.20 -11.23
CA VAL A 22 6.56 -10.88 -10.94
C VAL A 22 5.06 -10.84 -11.30
N ASN A 23 4.47 -11.98 -11.69
CA ASN A 23 3.08 -12.06 -12.18
C ASN A 23 2.01 -12.07 -11.05
N PHE A 24 2.17 -11.20 -10.04
CA PHE A 24 1.24 -11.00 -8.92
C PHE A 24 -0.08 -10.29 -9.37
N GLU A 25 -0.93 -9.90 -8.41
CA GLU A 25 -2.12 -9.02 -8.53
C GLU A 25 -3.40 -9.58 -9.17
N VAL A 26 -3.30 -10.76 -9.76
CA VAL A 26 -4.35 -11.36 -10.63
C VAL A 26 -4.45 -12.88 -10.45
N ALA A 27 -5.66 -13.43 -10.51
CA ALA A 27 -5.95 -14.87 -10.59
C ALA A 27 -7.05 -15.15 -11.64
N ARG A 28 -7.02 -16.36 -12.23
CA ARG A 28 -7.93 -16.82 -13.31
C ARG A 28 -8.08 -15.82 -14.48
N GLU A 29 -9.13 -15.96 -15.28
CA GLU A 29 -9.49 -15.05 -16.38
C GLU A 29 -10.98 -14.65 -16.42
N SER A 30 -11.82 -15.28 -15.58
CA SER A 30 -13.26 -14.99 -15.41
C SER A 30 -13.79 -15.56 -14.09
N GLY A 31 -14.92 -15.04 -13.61
CA GLY A 31 -15.65 -15.55 -12.44
C GLY A 31 -16.72 -14.56 -11.93
N PRO A 32 -17.64 -14.99 -11.04
CA PRO A 32 -18.66 -14.12 -10.45
C PRO A 32 -18.19 -12.78 -9.83
N PRO A 33 -17.07 -12.70 -9.06
CA PRO A 33 -16.67 -11.47 -8.35
C PRO A 33 -15.85 -10.48 -9.21
N HIS A 34 -15.97 -10.52 -10.54
CA HIS A 34 -15.17 -9.74 -11.50
C HIS A 34 -15.20 -8.20 -11.32
N MET A 35 -16.14 -7.67 -10.52
CA MET A 35 -16.26 -6.25 -10.16
C MET A 35 -15.04 -5.69 -9.40
N LYS A 36 -14.15 -6.54 -8.88
CA LYS A 36 -12.96 -6.18 -8.09
C LYS A 36 -11.75 -7.06 -8.46
N ASN A 37 -10.56 -6.69 -7.97
CA ASN A 37 -9.30 -7.45 -8.08
C ASN A 37 -9.27 -8.73 -7.20
N PHE A 38 -10.44 -9.25 -6.80
CA PHE A 38 -10.63 -10.38 -5.87
C PHE A 38 -9.88 -11.65 -6.32
N VAL A 39 -9.18 -12.31 -5.39
CA VAL A 39 -8.20 -13.43 -5.54
C VAL A 39 -6.91 -13.06 -6.30
N THR A 40 -5.76 -13.61 -5.86
CA THR A 40 -4.45 -13.45 -6.52
C THR A 40 -3.67 -14.76 -6.65
N LYS A 41 -3.00 -14.91 -7.80
CA LYS A 41 -2.01 -15.93 -8.16
C LYS A 41 -0.68 -15.21 -8.41
N VAL A 42 0.42 -15.95 -8.32
CA VAL A 42 1.79 -15.51 -8.61
C VAL A 42 2.44 -16.56 -9.51
N SER A 43 3.39 -16.18 -10.35
CA SER A 43 4.21 -17.15 -11.11
C SER A 43 5.71 -16.90 -10.91
N VAL A 44 6.49 -17.99 -10.94
CA VAL A 44 7.94 -18.01 -10.80
C VAL A 44 8.54 -18.99 -11.82
N GLY A 45 9.15 -18.47 -12.89
CA GLY A 45 9.89 -19.24 -13.91
C GLY A 45 9.07 -20.19 -14.77
N GLU A 46 8.66 -21.33 -14.19
CA GLU A 46 7.87 -22.41 -14.80
C GLU A 46 6.75 -22.91 -13.85
N PHE A 47 6.52 -22.19 -12.75
CA PHE A 47 5.67 -22.56 -11.62
C PHE A 47 4.81 -21.41 -11.14
N VAL A 48 3.89 -21.73 -10.23
CA VAL A 48 2.84 -20.84 -9.78
C VAL A 48 2.46 -21.10 -8.32
N GLY A 49 2.05 -20.03 -7.64
CA GLY A 49 1.63 -20.01 -6.24
C GLY A 49 0.36 -19.19 -6.07
N GLU A 50 -0.53 -19.59 -5.15
CA GLU A 50 -1.88 -19.04 -5.00
C GLU A 50 -2.33 -18.98 -3.53
N GLY A 51 -3.29 -18.11 -3.22
CA GLY A 51 -3.98 -18.08 -1.92
C GLY A 51 -5.04 -19.20 -1.81
N GLU A 52 -4.69 -20.37 -2.36
CA GLU A 52 -5.54 -21.55 -2.59
C GLU A 52 -4.75 -22.88 -2.50
N GLY A 53 -3.51 -22.85 -1.98
CA GLY A 53 -2.55 -23.96 -1.98
C GLY A 53 -3.10 -25.33 -1.54
N LYS A 54 -4.09 -25.32 -0.63
CA LYS A 54 -4.88 -26.48 -0.17
C LYS A 54 -6.40 -26.20 -0.17
N SER A 55 -6.80 -24.96 0.10
CA SER A 55 -8.18 -24.45 0.02
C SER A 55 -8.18 -22.91 -0.05
N LYS A 56 -9.28 -22.29 -0.50
CA LYS A 56 -9.53 -20.82 -0.55
C LYS A 56 -9.73 -20.20 0.86
N LYS A 57 -8.98 -20.68 1.86
CA LYS A 57 -8.89 -20.18 3.25
C LYS A 57 -7.48 -20.33 3.87
N ILE A 58 -6.48 -20.75 3.09
CA ILE A 58 -5.15 -21.14 3.61
C ILE A 58 -4.39 -20.01 4.32
N SER A 59 -4.54 -18.76 3.86
CA SER A 59 -3.92 -17.48 4.28
C SER A 59 -3.09 -16.92 3.11
N LYS A 60 -3.33 -15.67 2.71
CA LYS A 60 -2.76 -15.04 1.50
C LYS A 60 -1.22 -15.06 1.42
N LYS A 61 -0.48 -15.21 2.53
CA LYS A 61 0.98 -15.46 2.53
C LYS A 61 1.35 -16.66 1.65
N ASN A 62 0.49 -17.67 1.57
CA ASN A 62 0.71 -18.88 0.78
C ASN A 62 0.88 -18.60 -0.73
N ALA A 63 0.27 -17.55 -1.29
CA ALA A 63 0.50 -17.23 -2.71
C ALA A 63 1.98 -16.93 -3.04
N ALA A 64 2.74 -16.42 -2.07
CA ALA A 64 4.18 -16.25 -2.15
C ALA A 64 4.93 -17.49 -1.71
N ILE A 65 4.71 -17.96 -0.47
CA ILE A 65 5.34 -19.14 0.13
C ILE A 65 5.30 -20.36 -0.80
N ALA A 66 4.20 -20.56 -1.53
CA ALA A 66 4.02 -21.64 -2.49
C ALA A 66 5.02 -21.64 -3.67
N VAL A 67 5.66 -20.50 -3.97
CA VAL A 67 6.70 -20.34 -5.00
C VAL A 67 8.04 -19.79 -4.47
N LEU A 68 8.08 -19.26 -3.24
CA LEU A 68 9.31 -18.91 -2.52
C LEU A 68 10.22 -20.15 -2.34
N GLU A 69 9.63 -21.34 -2.21
CA GLU A 69 10.33 -22.64 -2.26
C GLU A 69 10.99 -22.95 -3.62
N GLU A 70 10.64 -22.24 -4.70
CA GLU A 70 11.29 -22.33 -6.02
C GLU A 70 12.30 -21.18 -6.24
N LEU A 71 12.33 -20.20 -5.32
CA LEU A 71 13.31 -19.11 -5.25
C LEU A 71 14.45 -19.39 -4.27
N LYS A 72 14.19 -20.13 -3.18
CA LYS A 72 15.06 -20.34 -2.00
C LYS A 72 15.80 -19.06 -1.57
N LYS A 73 15.06 -17.94 -1.71
CA LYS A 73 15.40 -16.52 -1.59
C LYS A 73 16.79 -16.18 -2.11
N LEU A 74 17.08 -16.75 -3.27
CA LEU A 74 18.36 -16.59 -3.96
C LEU A 74 18.22 -16.18 -5.45
N PRO A 75 18.89 -15.11 -5.90
CA PRO A 75 18.97 -14.71 -7.30
C PRO A 75 20.09 -15.45 -8.07
N PRO A 76 20.11 -15.40 -9.42
CA PRO A 76 21.24 -15.90 -10.22
C PRO A 76 22.51 -15.03 -10.05
N LEU A 77 22.33 -13.72 -9.87
CA LEU A 77 23.37 -12.70 -9.67
C LEU A 77 22.93 -11.71 -8.58
N PRO A 78 23.82 -11.29 -7.67
CA PRO A 78 23.41 -10.52 -6.48
C PRO A 78 23.00 -9.06 -6.76
N ALA A 79 23.46 -8.46 -7.86
CA ALA A 79 23.31 -7.02 -8.13
C ALA A 79 23.16 -6.64 -9.61
N VAL A 80 22.60 -7.57 -10.39
CA VAL A 80 22.49 -7.50 -11.86
C VAL A 80 21.15 -8.08 -12.33
N GLU A 81 20.54 -7.42 -13.31
CA GLU A 81 19.31 -7.80 -14.00
C GLU A 81 19.33 -7.29 -15.46
N ARG A 82 18.36 -7.73 -16.29
CA ARG A 82 18.24 -7.33 -17.71
C ARG A 82 16.85 -6.81 -18.09
N VAL A 83 15.98 -6.59 -17.09
CA VAL A 83 14.59 -6.11 -17.22
C VAL A 83 14.21 -5.16 -16.08
N LYS A 84 13.06 -4.48 -16.20
CA LYS A 84 12.42 -3.65 -15.17
C LYS A 84 10.90 -3.90 -15.18
N PRO A 85 10.34 -4.59 -14.17
CA PRO A 85 8.89 -4.77 -14.02
C PRO A 85 8.07 -3.47 -14.08
N ARG A 86 6.79 -3.61 -14.45
CA ARG A 86 5.80 -2.53 -14.58
C ARG A 86 4.46 -2.94 -13.96
N ILE A 87 3.58 -1.97 -13.71
CA ILE A 87 2.27 -2.15 -13.06
C ILE A 87 1.25 -1.10 -13.57
N LYS A 88 -0.01 -1.21 -13.12
CA LYS A 88 -1.11 -0.27 -13.38
C LYS A 88 -1.78 0.23 -12.09
N LYS A 89 -2.68 1.20 -12.20
CA LYS A 89 -3.31 1.92 -11.08
C LYS A 89 -4.75 2.35 -11.40
N LYS A 90 -5.56 2.56 -10.35
CA LYS A 90 -6.90 3.18 -10.41
C LYS A 90 -6.87 4.60 -11.00
N THR A 91 -8.06 5.20 -11.19
CA THR A 91 -8.25 6.56 -11.72
C THR A 91 -9.06 7.44 -10.75
N LYS A 92 -9.22 8.73 -11.08
CA LYS A 92 -9.89 9.75 -10.24
C LYS A 92 -11.34 9.38 -9.90
N PRO A 93 -11.83 9.73 -8.69
CA PRO A 93 -13.22 9.50 -8.30
C PRO A 93 -14.20 10.47 -9.01
N ILE A 94 -15.51 10.22 -8.84
CA ILE A 94 -16.61 11.04 -9.37
C ILE A 94 -17.62 11.48 -8.27
N VAL A 95 -17.28 11.19 -7.00
CA VAL A 95 -18.00 11.57 -5.77
C VAL A 95 -16.96 12.01 -4.72
N LYS A 96 -17.36 12.83 -3.73
CA LYS A 96 -16.48 13.39 -2.69
C LYS A 96 -17.18 13.48 -1.33
N PRO A 97 -16.44 13.50 -0.19
CA PRO A 97 -17.00 13.76 1.13
C PRO A 97 -17.51 15.19 1.31
N GLN A 98 -18.26 15.42 2.39
CA GLN A 98 -18.74 16.73 2.83
C GLN A 98 -18.62 16.86 4.36
N THR A 99 -18.52 18.09 4.86
CA THR A 99 -18.45 18.41 6.30
C THR A 99 -19.74 17.98 7.01
N SER A 100 -19.62 17.12 8.02
CA SER A 100 -20.73 16.63 8.86
C SER A 100 -20.18 16.10 10.19
N PRO A 101 -20.84 16.34 11.34
CA PRO A 101 -20.37 15.86 12.65
C PRO A 101 -20.38 14.33 12.71
N GLU A 102 -19.21 13.74 12.97
CA GLU A 102 -18.99 12.29 13.04
C GLU A 102 -17.81 11.95 13.98
N TYR A 103 -17.74 10.70 14.45
CA TYR A 103 -16.70 10.20 15.37
C TYR A 103 -16.30 8.75 15.02
N GLY A 104 -15.17 8.29 15.56
CA GLY A 104 -14.66 6.94 15.38
C GLY A 104 -13.37 6.66 16.14
N GLN A 105 -12.79 5.48 15.93
CA GLN A 105 -11.57 5.00 16.59
C GLN A 105 -10.55 4.49 15.54
N GLY A 106 -9.32 4.18 15.98
CA GLY A 106 -8.22 3.74 15.13
C GLY A 106 -6.91 3.56 15.91
N ILE A 107 -5.81 3.34 15.18
CA ILE A 107 -4.48 2.97 15.73
C ILE A 107 -3.40 4.06 15.52
N ASN A 108 -3.69 5.08 14.72
CA ASN A 108 -2.90 6.29 14.46
C ASN A 108 -3.86 7.46 14.11
N PRO A 109 -3.48 8.76 14.21
CA PRO A 109 -4.30 9.85 13.67
C PRO A 109 -4.59 9.65 12.17
N ILE A 110 -3.54 9.18 11.49
CA ILE A 110 -3.42 8.88 10.06
C ILE A 110 -4.42 7.81 9.63
N SER A 111 -4.38 6.63 10.28
CA SER A 111 -5.33 5.54 10.05
C SER A 111 -6.75 5.95 10.44
N ARG A 112 -6.94 6.57 11.62
CA ARG A 112 -8.26 6.94 12.19
C ARG A 112 -9.06 7.90 11.31
N LEU A 113 -8.40 8.86 10.67
CA LEU A 113 -8.97 9.74 9.63
C LEU A 113 -9.61 8.94 8.47
N ALA A 114 -8.84 8.02 7.86
CA ALA A 114 -9.32 7.13 6.81
C ALA A 114 -10.39 6.14 7.32
N GLN A 115 -10.31 5.73 8.59
CA GLN A 115 -11.19 4.74 9.21
C GLN A 115 -12.63 5.28 9.38
N ILE A 116 -12.78 6.58 9.65
CA ILE A 116 -14.08 7.29 9.70
C ILE A 116 -14.72 7.44 8.32
N GLN A 117 -13.95 7.74 7.28
CA GLN A 117 -14.48 7.97 5.91
C GLN A 117 -15.32 6.79 5.38
N GLN A 118 -14.97 5.57 5.76
CA GLN A 118 -15.61 4.35 5.27
C GLN A 118 -17.00 4.14 5.92
N ALA A 119 -17.18 4.66 7.13
CA ALA A 119 -18.49 4.75 7.79
C ALA A 119 -19.44 5.76 7.10
N LYS A 120 -18.89 6.65 6.25
CA LYS A 120 -19.61 7.63 5.41
C LYS A 120 -19.66 7.18 3.93
N LYS A 121 -19.36 5.90 3.68
CA LYS A 121 -19.28 5.26 2.34
C LYS A 121 -18.25 5.91 1.40
N GLU A 122 -17.17 6.46 1.95
CA GLU A 122 -16.04 7.03 1.21
C GLU A 122 -14.72 6.29 1.52
N LYS A 123 -13.69 6.50 0.68
CA LYS A 123 -12.35 5.96 0.89
C LYS A 123 -11.57 6.81 1.88
N GLU A 124 -11.30 8.04 1.45
CA GLU A 124 -10.42 9.02 2.09
C GLU A 124 -10.74 10.46 1.61
N PRO A 125 -10.22 11.52 2.26
CA PRO A 125 -10.25 12.92 1.78
C PRO A 125 -9.70 13.15 0.36
N GLU A 126 -9.68 14.41 -0.09
CA GLU A 126 -9.03 14.84 -1.35
C GLU A 126 -7.81 15.71 -1.05
N TYR A 127 -6.73 15.53 -1.81
CA TYR A 127 -5.41 16.12 -1.52
C TYR A 127 -4.85 16.94 -2.71
N THR A 128 -3.99 17.91 -2.40
CA THR A 128 -3.45 18.94 -3.29
C THR A 128 -1.96 19.15 -2.99
N LEU A 129 -1.17 19.48 -4.02
CA LEU A 129 0.28 19.67 -3.96
C LEU A 129 0.66 21.11 -4.33
N LEU A 130 1.45 21.76 -3.47
CA LEU A 130 1.76 23.20 -3.56
C LEU A 130 3.23 23.49 -3.89
N THR A 131 4.16 22.91 -3.11
CA THR A 131 5.63 23.13 -3.18
C THR A 131 6.08 24.58 -3.31
N GLU A 132 5.35 25.50 -2.68
CA GLU A 132 5.60 26.96 -2.69
C GLU A 132 6.84 27.38 -1.89
N ARG A 133 7.36 26.49 -1.04
CA ARG A 133 8.64 26.63 -0.32
C ARG A 133 9.86 26.81 -1.25
N GLY A 134 10.95 27.31 -0.69
CA GLY A 134 12.21 27.58 -1.41
C GLY A 134 13.33 28.13 -0.52
N LEU A 135 13.45 27.59 0.70
CA LEU A 135 14.39 28.09 1.72
C LEU A 135 15.87 28.00 1.27
N PRO A 136 16.74 28.94 1.69
CA PRO A 136 18.18 28.92 1.41
C PRO A 136 18.85 27.58 1.74
N ARG A 137 19.42 26.92 0.72
CA ARG A 137 20.09 25.60 0.79
C ARG A 137 19.28 24.58 1.59
N ARG A 138 18.03 24.35 1.16
CA ARG A 138 17.12 23.31 1.65
C ARG A 138 16.11 22.91 0.57
N ARG A 139 15.56 21.69 0.67
CA ARG A 139 14.54 21.08 -0.22
C ARG A 139 13.51 20.32 0.63
N GLU A 140 12.23 20.36 0.25
CA GLU A 140 11.10 19.84 1.07
C GLU A 140 9.83 19.57 0.23
N PHE A 141 8.75 19.07 0.84
CA PHE A 141 7.43 18.88 0.24
C PHE A 141 6.30 19.54 1.05
N VAL A 142 5.16 19.84 0.43
CA VAL A 142 3.99 20.51 1.06
C VAL A 142 2.68 19.99 0.46
N MET A 143 1.74 19.59 1.32
CA MET A 143 0.43 19.03 0.94
C MET A 143 -0.70 19.77 1.66
N GLN A 144 -1.78 20.08 0.94
CA GLN A 144 -3.05 20.60 1.49
C GLN A 144 -4.19 19.62 1.17
N VAL A 145 -5.05 19.35 2.15
CA VAL A 145 -6.15 18.35 2.08
C VAL A 145 -7.47 19.03 2.39
N LYS A 146 -8.57 18.55 1.79
CA LYS A 146 -9.94 19.05 1.96
C LYS A 146 -10.92 17.89 2.17
N VAL A 147 -11.94 18.12 3.02
CA VAL A 147 -12.96 17.11 3.39
C VAL A 147 -14.41 17.61 3.17
N GLY A 148 -14.58 18.88 2.78
CA GLY A 148 -15.89 19.45 2.41
C GLY A 148 -15.87 20.98 2.34
N ASN A 149 -15.54 21.62 3.47
CA ASN A 149 -15.47 23.08 3.63
C ASN A 149 -14.20 23.54 4.38
N HIS A 150 -13.38 22.60 4.88
CA HIS A 150 -12.21 22.86 5.73
C HIS A 150 -10.97 22.10 5.27
N THR A 151 -9.79 22.57 5.67
CA THR A 151 -8.49 22.05 5.19
C THR A 151 -7.41 21.92 6.27
N ALA A 152 -6.44 21.03 6.02
CA ALA A 152 -5.20 20.88 6.79
C ALA A 152 -3.97 21.00 5.87
N GLU A 153 -2.78 21.08 6.46
CA GLU A 153 -1.50 21.15 5.75
C GLU A 153 -0.45 20.27 6.46
N GLY A 154 0.51 19.73 5.69
CA GLY A 154 1.63 18.91 6.17
C GLY A 154 2.80 18.85 5.17
N THR A 155 3.87 18.19 5.58
CA THR A 155 5.14 18.02 4.82
C THR A 155 5.55 16.54 4.77
N GLY A 156 6.48 16.15 3.90
CA GLY A 156 6.80 14.72 3.70
C GLY A 156 8.00 14.44 2.79
N THR A 157 8.12 13.19 2.34
CA THR A 157 9.22 12.68 1.49
C THR A 157 8.75 12.09 0.15
N ASN A 158 7.44 11.96 -0.04
CA ASN A 158 6.78 11.65 -1.31
C ASN A 158 5.30 12.05 -1.27
N LYS A 159 4.63 12.04 -2.44
CA LYS A 159 3.20 12.35 -2.60
C LYS A 159 2.22 11.38 -1.90
N LYS A 160 2.70 10.31 -1.26
CA LYS A 160 1.91 9.42 -0.38
C LYS A 160 2.33 9.53 1.11
N VAL A 161 3.25 10.43 1.45
CA VAL A 161 3.82 10.59 2.81
C VAL A 161 3.62 11.99 3.38
N ALA A 162 3.42 13.03 2.56
CA ALA A 162 3.00 14.34 3.11
C ALA A 162 1.61 14.30 3.81
N LYS A 163 0.79 13.28 3.48
CA LYS A 163 -0.45 12.92 4.19
C LYS A 163 -0.20 12.51 5.66
N ARG A 164 0.96 11.88 5.94
CA ARG A 164 1.34 11.29 7.23
C ARG A 164 1.42 12.34 8.33
N ASN A 165 1.99 13.50 8.00
CA ASN A 165 2.18 14.60 8.95
C ASN A 165 0.96 15.53 9.04
N ALA A 166 0.27 15.80 7.94
CA ALA A 166 -0.99 16.54 7.94
C ALA A 166 -2.11 15.87 8.78
N ALA A 167 -2.11 14.53 8.88
CA ALA A 167 -3.15 13.76 9.55
C ALA A 167 -3.44 14.15 11.02
N GLU A 168 -2.41 14.57 11.77
CA GLU A 168 -2.55 15.15 13.12
C GLU A 168 -3.51 16.35 13.19
N ASN A 169 -3.70 17.07 12.08
CA ASN A 169 -4.61 18.21 11.94
C ASN A 169 -5.93 17.83 11.24
N MET A 170 -5.94 16.83 10.34
CA MET A 170 -7.12 16.36 9.56
C MET A 170 -8.35 15.92 10.38
N LEU A 171 -8.30 15.97 11.72
CA LEU A 171 -9.41 15.62 12.61
C LEU A 171 -9.94 16.85 13.38
N GLU A 172 -9.09 17.84 13.66
CA GLU A 172 -9.45 19.08 14.37
C GLU A 172 -9.93 20.19 13.43
N ILE A 173 -9.93 19.95 12.11
CA ILE A 173 -10.30 20.95 11.08
C ILE A 173 -11.82 20.91 10.79
N LEU A 174 -12.47 19.78 11.07
CA LEU A 174 -13.87 19.51 10.75
C LEU A 174 -14.71 18.99 11.92
N GLY A 175 -14.09 18.84 13.10
CA GLY A 175 -14.76 18.45 14.35
C GLY A 175 -14.89 16.94 14.58
N PHE A 176 -14.00 16.13 13.99
CA PHE A 176 -13.88 14.69 14.30
C PHE A 176 -13.16 14.45 15.65
N LYS A 177 -12.59 15.51 16.25
CA LYS A 177 -11.84 15.52 17.51
C LYS A 177 -12.10 16.83 18.28
N GLY A 1 9.78 -1.95 9.20
CA GLY A 1 10.11 -3.28 8.63
C GLY A 1 8.88 -4.18 8.55
N SER A 2 8.55 -4.68 7.35
CA SER A 2 7.36 -5.51 7.09
C SER A 2 7.65 -6.81 6.30
N HIS A 3 8.92 -7.18 6.09
CA HIS A 3 9.34 -8.37 5.34
C HIS A 3 8.98 -9.73 5.98
N MET A 4 8.24 -9.73 7.10
CA MET A 4 7.69 -10.91 7.78
C MET A 4 6.14 -10.82 7.96
N LYS A 5 5.50 -9.83 7.33
CA LYS A 5 4.04 -9.61 7.33
C LYS A 5 3.45 -9.16 5.97
N SER A 6 4.31 -8.77 5.02
CA SER A 6 3.94 -8.19 3.72
C SER A 6 4.63 -8.93 2.58
N GLU A 7 4.32 -10.23 2.47
CA GLU A 7 4.97 -11.17 1.55
C GLU A 7 4.78 -10.85 0.07
N ILE A 8 3.65 -10.28 -0.36
CA ILE A 8 3.56 -9.81 -1.77
C ILE A 8 4.53 -8.66 -2.05
N SER A 9 4.73 -7.74 -1.09
CA SER A 9 5.55 -6.54 -1.27
C SER A 9 7.01 -6.86 -1.61
N GLN A 10 7.65 -7.80 -0.90
CA GLN A 10 9.02 -8.22 -1.24
C GLN A 10 9.16 -8.71 -2.67
N VAL A 11 8.19 -9.49 -3.16
CA VAL A 11 8.33 -10.10 -4.48
C VAL A 11 8.35 -9.02 -5.59
N PHE A 12 7.64 -7.91 -5.39
CA PHE A 12 7.57 -6.80 -6.35
C PHE A 12 8.93 -6.13 -6.65
N GLU A 13 9.88 -6.13 -5.72
CA GLU A 13 11.20 -5.48 -5.92
C GLU A 13 12.35 -6.49 -5.96
N ILE A 14 12.15 -7.74 -5.52
CA ILE A 14 13.11 -8.84 -5.75
C ILE A 14 13.30 -9.07 -7.27
N ALA A 15 12.28 -8.77 -8.07
CA ALA A 15 12.32 -8.79 -9.54
C ALA A 15 13.45 -7.94 -10.16
N LEU A 16 13.92 -6.88 -9.48
CA LEU A 16 15.07 -6.08 -9.89
C LEU A 16 16.38 -6.91 -9.97
N LYS A 17 16.48 -7.98 -9.17
CA LYS A 17 17.64 -8.88 -9.06
C LYS A 17 17.38 -10.30 -9.61
N ARG A 18 16.11 -10.65 -9.88
CA ARG A 18 15.69 -11.97 -10.40
C ARG A 18 15.19 -11.94 -11.86
N ASN A 19 14.89 -10.77 -12.42
CA ASN A 19 14.61 -10.48 -13.84
C ASN A 19 13.48 -11.29 -14.52
N LEU A 20 12.64 -11.97 -13.74
CA LEU A 20 11.56 -12.89 -14.18
C LEU A 20 10.25 -12.77 -13.37
N PRO A 21 10.24 -12.48 -12.05
CA PRO A 21 9.03 -12.25 -11.27
C PRO A 21 8.26 -10.98 -11.70
N VAL A 22 7.14 -10.67 -11.02
CA VAL A 22 6.20 -9.58 -11.35
C VAL A 22 5.54 -9.81 -12.72
N ASN A 23 4.71 -10.85 -12.74
CA ASN A 23 3.83 -11.22 -13.84
C ASN A 23 2.47 -11.70 -13.27
N PHE A 24 1.92 -10.93 -12.33
CA PHE A 24 0.62 -11.16 -11.68
C PHE A 24 -0.55 -11.15 -12.67
N GLU A 25 -1.58 -11.94 -12.39
CA GLU A 25 -2.84 -12.00 -13.16
C GLU A 25 -4.03 -12.27 -12.22
N VAL A 26 -5.23 -11.76 -12.54
CA VAL A 26 -6.47 -12.12 -11.84
C VAL A 26 -6.74 -13.62 -12.04
N ALA A 27 -7.15 -14.34 -10.98
CA ALA A 27 -7.30 -15.80 -11.00
C ALA A 27 -8.52 -16.32 -11.81
N ARG A 28 -9.33 -15.43 -12.38
CA ARG A 28 -10.49 -15.73 -13.25
C ARG A 28 -10.67 -14.69 -14.36
N GLU A 29 -11.33 -15.10 -15.44
CA GLU A 29 -11.65 -14.29 -16.61
C GLU A 29 -13.09 -14.54 -17.13
N SER A 30 -13.93 -15.19 -16.31
CA SER A 30 -15.28 -15.68 -16.65
C SER A 30 -16.33 -14.59 -16.98
N GLY A 31 -15.99 -13.31 -16.77
CA GLY A 31 -16.83 -12.15 -17.06
C GLY A 31 -16.14 -10.82 -16.73
N PRO A 32 -16.85 -9.69 -16.85
CA PRO A 32 -16.34 -8.34 -16.54
C PRO A 32 -15.64 -8.19 -15.17
N PRO A 33 -14.75 -7.19 -15.00
CA PRO A 33 -14.08 -6.91 -13.73
C PRO A 33 -15.02 -6.35 -12.63
N HIS A 34 -16.29 -6.10 -12.96
CA HIS A 34 -17.38 -5.78 -12.02
C HIS A 34 -17.54 -6.82 -10.89
N MET A 35 -17.07 -8.05 -11.11
CA MET A 35 -16.94 -9.13 -10.11
C MET A 35 -15.86 -8.88 -9.03
N LYS A 36 -15.38 -7.63 -8.86
CA LYS A 36 -14.42 -7.16 -7.83
C LYS A 36 -12.97 -7.64 -8.00
N ASN A 37 -12.70 -8.53 -8.99
CA ASN A 37 -11.43 -9.25 -9.16
C ASN A 37 -10.89 -9.85 -7.84
N PHE A 38 -11.79 -10.37 -6.99
CA PHE A 38 -11.54 -10.79 -5.60
C PHE A 38 -10.53 -11.93 -5.37
N VAL A 39 -9.85 -12.46 -6.40
CA VAL A 39 -8.83 -13.54 -6.32
C VAL A 39 -7.72 -13.35 -7.37
N THR A 40 -6.48 -13.68 -7.02
CA THR A 40 -5.26 -13.36 -7.82
C THR A 40 -4.25 -14.53 -7.87
N LYS A 41 -3.43 -14.55 -8.92
CA LYS A 41 -2.30 -15.47 -9.16
C LYS A 41 -1.02 -14.67 -9.44
N VAL A 42 0.13 -15.26 -9.17
CA VAL A 42 1.47 -14.73 -9.49
C VAL A 42 2.23 -15.77 -10.32
N SER A 43 3.14 -15.31 -11.19
CA SER A 43 4.06 -16.14 -11.96
C SER A 43 5.49 -15.69 -11.68
N VAL A 44 6.40 -16.62 -11.34
CA VAL A 44 7.75 -16.33 -10.83
C VAL A 44 8.74 -17.37 -11.35
N GLY A 45 9.81 -16.95 -12.04
CA GLY A 45 10.90 -17.83 -12.45
C GLY A 45 10.49 -19.13 -13.17
N GLU A 46 9.54 -19.03 -14.10
CA GLU A 46 8.89 -20.13 -14.85
C GLU A 46 7.99 -21.06 -13.99
N PHE A 47 7.60 -20.58 -12.81
CA PHE A 47 6.65 -21.16 -11.85
C PHE A 47 5.54 -20.16 -11.54
N VAL A 48 4.68 -20.54 -10.60
CA VAL A 48 3.44 -19.85 -10.28
C VAL A 48 3.03 -20.10 -8.82
N GLY A 49 2.24 -19.17 -8.28
CA GLY A 49 1.65 -19.19 -6.94
C GLY A 49 0.24 -18.58 -7.00
N GLU A 50 -0.69 -18.99 -6.13
CA GLU A 50 -2.11 -18.63 -6.24
C GLU A 50 -2.76 -18.40 -4.87
N GLY A 51 -3.71 -17.46 -4.80
CA GLY A 51 -4.43 -17.07 -3.56
C GLY A 51 -5.48 -18.10 -3.10
N GLU A 52 -5.22 -19.39 -3.34
CA GLU A 52 -6.14 -20.52 -3.18
C GLU A 52 -5.46 -21.80 -2.63
N GLY A 53 -4.21 -21.68 -2.12
CA GLY A 53 -3.43 -22.78 -1.53
C GLY A 53 -4.03 -23.37 -0.25
N LYS A 54 -3.61 -22.90 0.95
CA LYS A 54 -3.95 -23.55 2.23
C LYS A 54 -4.05 -22.68 3.50
N SER A 55 -4.18 -21.34 3.40
CA SER A 55 -4.36 -20.49 4.60
C SER A 55 -5.84 -20.49 5.09
N LYS A 56 -6.15 -19.81 6.20
CA LYS A 56 -7.43 -19.86 6.97
C LYS A 56 -8.73 -20.10 6.15
N LYS A 57 -8.92 -19.30 5.10
CA LYS A 57 -9.89 -19.39 3.99
C LYS A 57 -9.20 -18.90 2.71
N ILE A 58 -7.86 -18.98 2.75
CA ILE A 58 -6.80 -18.42 1.91
C ILE A 58 -6.90 -16.89 1.69
N SER A 59 -5.75 -16.29 1.36
CA SER A 59 -5.56 -14.88 1.04
C SER A 59 -4.69 -14.79 -0.21
N LYS A 60 -4.82 -13.71 -0.99
CA LYS A 60 -3.91 -13.37 -2.09
C LYS A 60 -2.44 -13.39 -1.68
N LYS A 61 -2.13 -13.12 -0.40
CA LYS A 61 -0.77 -13.13 0.16
C LYS A 61 -0.16 -14.54 0.22
N ASN A 62 -1.00 -15.58 0.25
CA ASN A 62 -0.59 -16.97 0.09
C ASN A 62 -0.04 -17.25 -1.32
N ALA A 63 -0.47 -16.49 -2.35
CA ALA A 63 0.07 -16.59 -3.70
C ALA A 63 1.58 -16.27 -3.74
N ALA A 64 1.99 -15.15 -3.12
CA ALA A 64 3.39 -14.77 -3.01
C ALA A 64 4.19 -15.75 -2.16
N ILE A 65 3.67 -16.18 -1.01
CA ILE A 65 4.29 -17.23 -0.19
C ILE A 65 4.54 -18.52 -0.97
N ALA A 66 3.59 -18.91 -1.84
CA ALA A 66 3.71 -20.09 -2.68
C ALA A 66 4.84 -20.00 -3.75
N VAL A 67 5.43 -18.82 -3.98
CA VAL A 67 6.55 -18.57 -4.91
C VAL A 67 7.79 -17.96 -4.23
N LEU A 68 7.67 -17.43 -3.01
CA LEU A 68 8.78 -16.99 -2.17
C LEU A 68 9.71 -18.14 -1.79
N GLU A 69 9.19 -19.38 -1.74
CA GLU A 69 9.98 -20.61 -1.63
C GLU A 69 10.93 -20.84 -2.82
N GLU A 70 10.71 -20.14 -3.94
CA GLU A 70 11.55 -20.17 -5.16
C GLU A 70 12.40 -18.90 -5.31
N LEU A 71 12.32 -17.97 -4.34
CA LEU A 71 13.01 -16.66 -4.33
C LEU A 71 13.94 -16.47 -3.11
N LYS A 72 14.11 -17.50 -2.29
CA LYS A 72 15.04 -17.51 -1.12
C LYS A 72 16.36 -18.27 -1.37
N LYS A 73 16.50 -18.90 -2.53
CA LYS A 73 17.65 -19.76 -2.93
C LYS A 73 18.39 -19.34 -4.22
N LEU A 74 17.86 -18.33 -4.93
CA LEU A 74 18.33 -17.86 -6.25
C LEU A 74 18.85 -16.40 -6.32
N PRO A 75 18.47 -15.45 -5.43
CA PRO A 75 19.07 -14.10 -5.40
C PRO A 75 20.61 -14.09 -5.32
N PRO A 76 21.28 -13.02 -5.79
CA PRO A 76 22.74 -12.97 -5.91
C PRO A 76 23.49 -12.95 -4.57
N LEU A 77 22.93 -12.27 -3.55
CA LEU A 77 23.43 -12.29 -2.17
C LEU A 77 22.40 -12.18 -1.02
N PRO A 78 21.14 -11.67 -1.17
CA PRO A 78 20.19 -11.60 -0.05
C PRO A 78 19.47 -12.93 0.27
N ALA A 79 19.85 -14.04 -0.40
CA ALA A 79 19.43 -15.40 -0.09
C ALA A 79 19.85 -15.85 1.33
N VAL A 80 19.32 -16.99 1.79
CA VAL A 80 19.62 -17.57 3.12
C VAL A 80 21.13 -17.81 3.32
N GLU A 81 21.66 -17.33 4.44
CA GLU A 81 23.08 -17.39 4.80
C GLU A 81 23.29 -17.46 6.34
N ARG A 82 24.37 -18.12 6.78
CA ARG A 82 24.72 -18.33 8.21
C ARG A 82 26.17 -17.96 8.56
N VAL A 83 26.91 -17.36 7.61
CA VAL A 83 28.30 -16.89 7.78
C VAL A 83 28.39 -15.77 8.83
N LYS A 84 29.52 -15.70 9.56
CA LYS A 84 29.80 -14.75 10.65
C LYS A 84 28.60 -14.52 11.61
N PRO A 85 28.12 -15.58 12.30
CA PRO A 85 26.98 -15.50 13.22
C PRO A 85 27.30 -14.65 14.46
N ARG A 86 26.25 -14.18 15.14
CA ARG A 86 26.31 -13.29 16.33
C ARG A 86 25.13 -13.49 17.27
N ILE A 87 25.16 -12.83 18.42
CA ILE A 87 24.13 -12.88 19.48
C ILE A 87 24.01 -11.51 20.18
N LYS A 88 22.86 -11.26 20.82
CA LYS A 88 22.52 -10.02 21.54
C LYS A 88 21.71 -10.34 22.81
N LYS A 89 21.73 -9.43 23.80
CA LYS A 89 20.97 -9.54 25.07
C LYS A 89 19.47 -9.78 24.82
N LYS A 90 18.88 -10.71 25.59
CA LYS A 90 17.46 -11.10 25.51
C LYS A 90 16.51 -9.96 25.92
N THR A 91 15.24 -10.09 25.55
CA THR A 91 14.16 -9.13 25.81
C THR A 91 12.88 -9.86 26.26
N LYS A 92 11.91 -9.12 26.83
CA LYS A 92 10.65 -9.65 27.38
C LYS A 92 9.43 -8.82 26.93
N PRO A 93 8.23 -9.43 26.80
CA PRO A 93 6.99 -8.71 26.49
C PRO A 93 6.48 -7.89 27.69
N ILE A 94 5.44 -7.08 27.46
CA ILE A 94 4.70 -6.37 28.52
C ILE A 94 3.99 -7.32 29.51
N VAL A 95 3.50 -6.77 30.63
CA VAL A 95 2.81 -7.51 31.71
C VAL A 95 1.43 -6.93 32.06
N LYS A 96 0.99 -5.90 31.32
CA LYS A 96 -0.29 -5.19 31.46
C LYS A 96 -0.72 -4.62 30.10
N PRO A 97 -2.02 -4.62 29.73
CA PRO A 97 -2.52 -3.94 28.53
C PRO A 97 -2.13 -2.45 28.44
N GLN A 98 -1.96 -1.95 27.21
CA GLN A 98 -1.56 -0.57 26.89
C GLN A 98 -2.42 0.09 25.78
N THR A 99 -3.52 -0.57 25.37
CA THR A 99 -4.42 -0.12 24.29
C THR A 99 -5.85 -0.64 24.48
N SER A 100 -6.80 -0.09 23.73
CA SER A 100 -8.25 -0.34 23.82
C SER A 100 -8.93 -0.24 22.43
N PRO A 101 -10.10 -0.88 22.22
CA PRO A 101 -10.90 -0.69 20.99
C PRO A 101 -11.47 0.74 20.88
N GLU A 102 -11.90 1.12 19.68
CA GLU A 102 -12.41 2.46 19.35
C GLU A 102 -13.60 2.42 18.39
N TYR A 103 -14.37 3.53 18.34
CA TYR A 103 -15.56 3.71 17.52
C TYR A 103 -15.60 5.08 16.80
N GLY A 104 -14.50 5.85 16.87
CA GLY A 104 -14.33 7.19 16.28
C GLY A 104 -12.87 7.51 15.93
N GLN A 105 -12.07 6.47 15.68
CA GLN A 105 -10.64 6.52 15.33
C GLN A 105 -10.32 7.38 14.09
N GLY A 106 -9.06 7.83 14.03
CA GLY A 106 -8.56 8.74 13.00
C GLY A 106 -7.02 8.82 13.04
N ILE A 107 -6.37 7.68 12.76
CA ILE A 107 -4.90 7.48 12.85
C ILE A 107 -4.12 8.60 12.12
N ASN A 108 -4.66 9.10 11.01
CA ASN A 108 -4.15 10.24 10.25
C ASN A 108 -5.32 11.12 9.76
N PRO A 109 -5.11 12.44 9.50
CA PRO A 109 -6.12 13.28 8.83
C PRO A 109 -6.52 12.70 7.47
N ILE A 110 -5.53 12.17 6.75
CA ILE A 110 -5.62 11.64 5.39
C ILE A 110 -6.48 10.36 5.40
N SER A 111 -6.12 9.39 6.27
CA SER A 111 -6.88 8.16 6.49
C SER A 111 -8.31 8.46 6.93
N ARG A 112 -8.53 9.37 7.90
CA ARG A 112 -9.87 9.73 8.40
C ARG A 112 -10.80 10.24 7.30
N LEU A 113 -10.31 11.13 6.43
CA LEU A 113 -11.07 11.62 5.27
C LEU A 113 -11.50 10.47 4.35
N ALA A 114 -10.56 9.60 3.96
CA ALA A 114 -10.84 8.42 3.17
C ALA A 114 -11.83 7.46 3.86
N GLN A 115 -11.74 7.32 5.19
CA GLN A 115 -12.61 6.50 6.02
C GLN A 115 -14.07 7.00 6.00
N ILE A 116 -14.26 8.32 6.05
CA ILE A 116 -15.58 8.98 5.95
C ILE A 116 -16.19 8.82 4.55
N GLN A 117 -15.39 8.96 3.49
CA GLN A 117 -15.74 8.78 2.06
C GLN A 117 -16.18 7.35 1.66
N GLN A 118 -16.40 6.47 2.63
CA GLN A 118 -17.01 5.14 2.48
C GLN A 118 -18.32 5.01 3.27
N ALA A 119 -18.38 5.62 4.47
CA ALA A 119 -19.57 5.68 5.34
C ALA A 119 -20.79 6.40 4.71
N LYS A 120 -20.56 7.20 3.66
CA LYS A 120 -21.53 7.95 2.85
C LYS A 120 -21.82 7.30 1.48
N LYS A 121 -21.51 6.01 1.37
CA LYS A 121 -21.69 5.13 0.20
C LYS A 121 -20.86 5.52 -1.03
N GLU A 122 -19.90 6.43 -0.86
CA GLU A 122 -18.88 6.76 -1.86
C GLU A 122 -17.75 5.70 -1.82
N LYS A 123 -16.65 5.95 -2.53
CA LYS A 123 -15.42 5.13 -2.53
C LYS A 123 -14.23 5.93 -2.03
N GLU A 124 -14.01 7.07 -2.68
CA GLU A 124 -12.89 7.99 -2.50
C GLU A 124 -13.22 9.41 -3.05
N PRO A 125 -12.51 10.47 -2.62
CA PRO A 125 -12.60 11.81 -3.23
C PRO A 125 -11.87 11.86 -4.59
N GLU A 126 -11.81 13.04 -5.22
CA GLU A 126 -11.12 13.25 -6.51
C GLU A 126 -10.15 14.45 -6.45
N TYR A 127 -8.91 14.23 -6.91
CA TYR A 127 -7.77 15.16 -6.76
C TYR A 127 -7.32 15.73 -8.13
N THR A 128 -6.75 16.94 -8.10
CA THR A 128 -6.35 17.75 -9.28
C THR A 128 -5.13 18.62 -8.91
N LEU A 129 -4.27 18.96 -9.87
CA LEU A 129 -3.04 19.71 -9.63
C LEU A 129 -3.09 21.11 -10.26
N LEU A 130 -2.32 22.04 -9.69
CA LEU A 130 -2.33 23.47 -10.06
C LEU A 130 -0.95 24.05 -10.41
N THR A 131 0.11 23.52 -9.79
CA THR A 131 1.54 23.87 -10.02
C THR A 131 1.82 25.37 -10.29
N GLU A 132 1.34 26.22 -9.37
CA GLU A 132 1.41 27.70 -9.47
C GLU A 132 2.81 28.31 -9.26
N ARG A 133 3.81 27.50 -8.89
CA ARG A 133 5.23 27.91 -8.76
C ARG A 133 5.82 28.54 -10.04
N GLY A 134 6.91 29.30 -9.89
CA GLY A 134 7.65 29.87 -11.02
C GLY A 134 8.72 30.92 -10.66
N LEU A 135 9.23 30.90 -9.43
CA LEU A 135 10.27 31.85 -8.98
C LEU A 135 11.64 31.54 -9.61
N PRO A 136 12.55 32.54 -9.75
CA PRO A 136 13.87 32.38 -10.37
C PRO A 136 14.72 31.20 -9.90
N ARG A 137 14.62 30.81 -8.61
CA ARG A 137 15.38 29.69 -8.02
C ARG A 137 14.60 28.93 -6.92
N ARG A 138 13.25 28.90 -6.98
CA ARG A 138 12.39 28.15 -6.04
C ARG A 138 11.17 27.55 -6.74
N ARG A 139 10.93 26.26 -6.45
CA ARG A 139 9.95 25.36 -7.11
C ARG A 139 9.31 24.42 -6.08
N GLU A 140 8.06 24.00 -6.32
CA GLU A 140 7.28 23.09 -5.46
C GLU A 140 6.04 22.55 -6.22
N PHE A 141 5.43 21.45 -5.76
CA PHE A 141 4.15 20.94 -6.27
C PHE A 141 2.95 21.54 -5.53
N VAL A 142 1.75 21.54 -6.15
CA VAL A 142 0.52 22.13 -5.60
C VAL A 142 -0.70 21.30 -6.01
N MET A 143 -1.56 20.93 -5.04
CA MET A 143 -2.70 20.02 -5.22
C MET A 143 -4.00 20.57 -4.60
N GLN A 144 -5.11 20.32 -5.27
CA GLN A 144 -6.51 20.55 -4.85
C GLN A 144 -7.31 19.23 -4.91
N VAL A 145 -8.34 19.10 -4.09
CA VAL A 145 -9.26 17.96 -4.03
C VAL A 145 -10.68 18.49 -3.87
N LYS A 146 -11.69 17.73 -4.27
CA LYS A 146 -13.11 18.04 -4.04
C LYS A 146 -13.81 16.86 -3.38
N VAL A 147 -14.65 17.14 -2.37
CA VAL A 147 -15.25 16.11 -1.48
C VAL A 147 -16.77 16.27 -1.33
N GLY A 148 -17.30 17.50 -1.39
CA GLY A 148 -18.71 17.80 -1.14
C GLY A 148 -19.08 19.25 -1.44
N ASN A 149 -18.85 19.70 -2.68
CA ASN A 149 -18.95 21.11 -3.13
C ASN A 149 -17.99 22.08 -2.40
N HIS A 150 -16.92 21.55 -1.79
CA HIS A 150 -15.85 22.27 -1.10
C HIS A 150 -14.49 21.62 -1.43
N THR A 151 -13.41 22.38 -1.27
CA THR A 151 -12.04 21.99 -1.67
C THR A 151 -10.97 22.31 -0.62
N ALA A 152 -9.82 21.64 -0.74
CA ALA A 152 -8.63 21.82 0.11
C ALA A 152 -7.38 22.16 -0.73
N GLU A 153 -6.26 22.48 -0.07
CA GLU A 153 -4.97 22.77 -0.72
C GLU A 153 -3.80 22.16 0.08
N GLY A 154 -2.77 21.69 -0.63
CA GLY A 154 -1.53 21.09 -0.11
C GLY A 154 -0.39 21.11 -1.14
N THR A 155 0.82 20.74 -0.71
CA THR A 155 2.06 20.76 -1.52
C THR A 155 2.90 19.50 -1.30
N GLY A 156 3.84 19.20 -2.20
CA GLY A 156 4.57 17.91 -2.21
C GLY A 156 5.62 17.78 -3.33
N THR A 157 5.89 16.54 -3.74
CA THR A 157 6.90 16.17 -4.75
C THR A 157 6.36 15.26 -5.89
N ASN A 158 5.18 14.64 -5.70
CA ASN A 158 4.42 13.95 -6.75
C ASN A 158 2.92 13.97 -6.44
N LYS A 159 2.11 13.56 -7.42
CA LYS A 159 0.64 13.46 -7.33
C LYS A 159 0.09 12.42 -6.34
N LYS A 160 0.94 11.72 -5.59
CA LYS A 160 0.56 10.85 -4.46
C LYS A 160 1.23 11.25 -3.13
N VAL A 161 1.81 12.46 -3.06
CA VAL A 161 2.44 13.02 -1.85
C VAL A 161 1.87 14.38 -1.48
N ALA A 162 1.57 15.28 -2.43
CA ALA A 162 0.81 16.50 -2.12
C ALA A 162 -0.59 16.17 -1.54
N LYS A 163 -1.13 15.01 -1.96
CA LYS A 163 -2.32 14.31 -1.44
C LYS A 163 -2.31 14.12 0.09
N ARG A 164 -1.12 14.06 0.69
CA ARG A 164 -0.85 13.71 2.10
C ARG A 164 -0.60 14.93 2.99
N ASN A 165 -0.43 16.12 2.40
CA ASN A 165 -0.32 17.40 3.12
C ASN A 165 -1.62 18.23 3.03
N ALA A 166 -2.36 18.15 1.92
CA ALA A 166 -3.68 18.78 1.79
C ALA A 166 -4.72 18.28 2.82
N ALA A 167 -4.55 17.06 3.35
CA ALA A 167 -5.48 16.41 4.27
C ALA A 167 -5.79 17.19 5.56
N GLU A 168 -4.81 17.94 6.07
CA GLU A 168 -4.96 18.91 7.16
C GLU A 168 -6.07 19.95 6.93
N ASN A 169 -6.50 20.14 5.68
CA ASN A 169 -7.47 21.10 5.19
C ASN A 169 -8.64 20.38 4.48
N MET A 170 -8.74 19.05 4.54
CA MET A 170 -9.86 18.28 3.94
C MET A 170 -10.97 17.92 4.95
N LEU A 171 -10.84 18.31 6.22
CA LEU A 171 -11.85 18.01 7.27
C LEU A 171 -12.53 19.29 7.80
N GLU A 172 -11.80 20.40 7.83
CA GLU A 172 -12.34 21.73 8.21
C GLU A 172 -13.21 22.40 7.11
N ILE A 173 -13.35 21.77 5.94
CA ILE A 173 -13.94 22.39 4.73
C ILE A 173 -15.37 21.94 4.46
N LEU A 174 -15.77 20.77 4.98
CA LEU A 174 -17.08 20.17 4.77
C LEU A 174 -17.79 19.73 6.06
N GLY A 175 -17.14 19.87 7.22
CA GLY A 175 -17.77 19.69 8.55
C GLY A 175 -17.39 18.40 9.30
N PHE A 176 -16.17 17.89 9.15
CA PHE A 176 -15.71 16.62 9.73
C PHE A 176 -14.46 16.73 10.62
N LYS A 177 -14.03 17.96 10.91
CA LYS A 177 -13.00 18.30 11.91
C LYS A 177 -13.32 17.81 13.33
N GLY A 1 20.37 -9.25 15.52
CA GLY A 1 18.93 -9.09 15.17
C GLY A 1 18.12 -10.33 15.52
N SER A 2 16.86 -10.38 15.07
CA SER A 2 15.92 -11.49 15.28
C SER A 2 14.87 -11.56 14.15
N HIS A 3 14.02 -12.59 14.18
CA HIS A 3 12.86 -12.74 13.28
C HIS A 3 11.82 -11.62 13.46
N MET A 4 10.96 -11.45 12.45
CA MET A 4 9.93 -10.39 12.39
C MET A 4 8.58 -10.94 11.91
N LYS A 5 7.50 -10.19 12.17
CA LYS A 5 6.12 -10.51 11.74
C LYS A 5 5.84 -10.41 10.23
N SER A 6 6.85 -10.09 9.41
CA SER A 6 6.72 -9.77 7.98
C SER A 6 7.73 -10.52 7.11
N GLU A 7 7.28 -11.01 5.95
CA GLU A 7 8.05 -11.89 5.06
C GLU A 7 7.72 -11.77 3.58
N ILE A 8 6.45 -11.48 3.21
CA ILE A 8 6.16 -11.13 1.80
C ILE A 8 6.92 -9.84 1.41
N SER A 9 7.27 -9.00 2.39
CA SER A 9 8.12 -7.81 2.22
C SER A 9 9.53 -8.16 1.72
N GLN A 10 10.15 -9.25 2.19
CA GLN A 10 11.50 -9.65 1.77
C GLN A 10 11.56 -9.95 0.28
N VAL A 11 10.64 -10.79 -0.20
CA VAL A 11 10.62 -11.31 -1.57
C VAL A 11 10.38 -10.22 -2.63
N PHE A 12 9.62 -9.16 -2.32
CA PHE A 12 9.39 -8.05 -3.24
C PHE A 12 10.69 -7.34 -3.68
N GLU A 13 11.65 -7.13 -2.77
CA GLU A 13 12.92 -6.47 -3.08
C GLU A 13 13.90 -7.38 -3.84
N ILE A 14 13.66 -8.70 -3.89
CA ILE A 14 14.44 -9.65 -4.72
C ILE A 14 13.96 -9.60 -6.18
N ALA A 15 12.67 -9.31 -6.43
CA ALA A 15 12.11 -9.15 -7.77
C ALA A 15 12.77 -8.05 -8.62
N LEU A 16 13.49 -7.12 -7.97
CA LEU A 16 14.36 -6.11 -8.56
C LEU A 16 15.44 -6.70 -9.51
N LYS A 17 15.89 -7.93 -9.25
CA LYS A 17 17.01 -8.59 -9.94
C LYS A 17 16.65 -9.89 -10.65
N ARG A 18 15.59 -10.58 -10.21
CA ARG A 18 15.14 -11.85 -10.82
C ARG A 18 14.55 -11.69 -12.22
N ASN A 19 13.99 -10.53 -12.55
CA ASN A 19 13.39 -10.17 -13.86
C ASN A 19 12.36 -11.18 -14.43
N LEU A 20 11.68 -11.87 -13.52
CA LEU A 20 10.69 -12.94 -13.73
C LEU A 20 9.44 -12.85 -12.82
N PRO A 21 9.52 -12.38 -11.54
CA PRO A 21 8.37 -12.15 -10.65
C PRO A 21 7.43 -11.00 -11.07
N VAL A 22 6.56 -10.60 -10.14
CA VAL A 22 5.62 -9.46 -10.16
C VAL A 22 4.22 -9.91 -10.62
N ASN A 23 3.65 -10.87 -9.90
CA ASN A 23 2.24 -11.31 -10.01
C ASN A 23 1.48 -11.27 -8.66
N PHE A 24 1.91 -10.41 -7.73
CA PHE A 24 1.37 -10.27 -6.36
C PHE A 24 -0.04 -9.65 -6.25
N GLU A 25 -0.77 -9.64 -7.36
CA GLU A 25 -2.04 -8.89 -7.48
C GLU A 25 -3.15 -9.60 -8.30
N VAL A 26 -2.96 -10.90 -8.56
CA VAL A 26 -3.88 -11.72 -9.37
C VAL A 26 -3.93 -13.20 -8.97
N ALA A 27 -5.15 -13.72 -8.84
CA ALA A 27 -5.49 -15.15 -8.74
C ALA A 27 -6.79 -15.51 -9.52
N ARG A 28 -7.34 -14.56 -10.30
CA ARG A 28 -8.67 -14.64 -10.94
C ARG A 28 -8.69 -14.00 -12.34
N GLU A 29 -9.71 -14.35 -13.11
CA GLU A 29 -10.03 -13.76 -14.44
C GLU A 29 -11.54 -13.41 -14.55
N SER A 30 -12.24 -13.35 -13.42
CA SER A 30 -13.70 -13.23 -13.29
C SER A 30 -14.15 -12.07 -12.39
N GLY A 31 -13.22 -11.18 -12.03
CA GLY A 31 -13.43 -10.01 -11.17
C GLY A 31 -12.47 -8.85 -11.49
N PRO A 32 -11.14 -9.07 -11.56
CA PRO A 32 -10.16 -8.07 -12.02
C PRO A 32 -10.49 -7.29 -13.32
N PRO A 33 -11.16 -7.88 -14.35
CA PRO A 33 -11.60 -7.14 -15.54
C PRO A 33 -12.55 -5.94 -15.31
N HIS A 34 -13.21 -5.84 -14.15
CA HIS A 34 -14.24 -4.83 -13.87
C HIS A 34 -14.36 -4.36 -12.41
N MET A 35 -13.64 -5.01 -11.48
CA MET A 35 -13.58 -4.69 -10.04
C MET A 35 -12.15 -4.90 -9.51
N LYS A 36 -11.89 -4.58 -8.24
CA LYS A 36 -10.60 -4.87 -7.57
C LYS A 36 -10.26 -6.37 -7.58
N ASN A 37 -8.99 -6.69 -7.35
CA ASN A 37 -8.54 -8.07 -7.12
C ASN A 37 -9.17 -8.67 -5.84
N PHE A 38 -9.26 -10.00 -5.80
CA PHE A 38 -9.62 -10.81 -4.64
C PHE A 38 -8.88 -12.16 -4.81
N VAL A 39 -8.15 -12.61 -3.78
CA VAL A 39 -7.15 -13.72 -3.75
C VAL A 39 -5.89 -13.37 -4.57
N THR A 40 -4.72 -13.93 -4.22
CA THR A 40 -3.44 -13.70 -4.93
C THR A 40 -2.66 -15.00 -5.15
N LYS A 41 -2.04 -15.11 -6.34
CA LYS A 41 -1.08 -16.15 -6.71
C LYS A 41 0.22 -15.48 -7.15
N VAL A 42 1.16 -15.40 -6.23
CA VAL A 42 2.52 -14.90 -6.53
C VAL A 42 3.17 -15.77 -7.61
N SER A 43 3.96 -15.13 -8.46
CA SER A 43 4.83 -15.81 -9.43
C SER A 43 6.27 -15.36 -9.18
N VAL A 44 7.22 -16.29 -9.15
CA VAL A 44 8.66 -16.03 -8.93
C VAL A 44 9.48 -17.00 -9.77
N GLY A 45 10.38 -16.49 -10.64
CA GLY A 45 11.38 -17.34 -11.31
C GLY A 45 10.82 -18.51 -12.14
N GLU A 46 9.72 -18.27 -12.86
CA GLU A 46 8.91 -19.26 -13.62
C GLU A 46 8.22 -20.32 -12.73
N PHE A 47 8.17 -20.07 -11.41
CA PHE A 47 7.41 -20.79 -10.38
C PHE A 47 6.35 -19.90 -9.76
N VAL A 48 5.59 -20.48 -8.84
CA VAL A 48 4.39 -19.87 -8.29
C VAL A 48 4.14 -20.29 -6.84
N GLY A 49 3.44 -19.42 -6.10
CA GLY A 49 3.04 -19.58 -4.70
C GLY A 49 1.63 -18.99 -4.51
N GLU A 50 0.89 -19.38 -3.47
CA GLU A 50 -0.55 -19.05 -3.33
C GLU A 50 -0.91 -18.56 -1.93
N GLY A 51 -1.73 -17.49 -1.86
CA GLY A 51 -2.23 -16.92 -0.60
C GLY A 51 -3.38 -17.72 0.02
N GLU A 52 -3.24 -19.05 0.01
CA GLU A 52 -4.24 -20.03 0.44
C GLU A 52 -3.70 -21.12 1.38
N GLY A 53 -2.37 -21.36 1.38
CA GLY A 53 -1.72 -22.37 2.23
C GLY A 53 -2.28 -23.80 2.09
N LYS A 54 -2.06 -24.64 3.11
CA LYS A 54 -2.72 -25.96 3.23
C LYS A 54 -4.25 -25.86 3.37
N SER A 55 -4.74 -24.77 3.98
CA SER A 55 -6.14 -24.34 4.03
C SER A 55 -6.20 -22.86 4.41
N LYS A 56 -7.26 -22.14 4.04
CA LYS A 56 -7.40 -20.69 4.32
C LYS A 56 -7.59 -20.32 5.80
N LYS A 57 -7.48 -21.25 6.75
CA LYS A 57 -7.41 -20.97 8.20
C LYS A 57 -6.03 -20.45 8.68
N ILE A 58 -5.14 -20.09 7.73
CA ILE A 58 -3.80 -19.52 7.96
C ILE A 58 -3.67 -18.12 7.30
N SER A 59 -2.65 -17.35 7.70
CA SER A 59 -2.34 -16.00 7.21
C SER A 59 -1.89 -15.92 5.75
N LYS A 60 -1.89 -14.68 5.21
CA LYS A 60 -1.40 -14.29 3.87
C LYS A 60 0.01 -14.78 3.59
N LYS A 61 0.85 -14.86 4.64
CA LYS A 61 2.27 -15.25 4.63
C LYS A 61 2.47 -16.76 4.46
N ASN A 62 1.85 -17.25 3.40
CA ASN A 62 1.98 -18.58 2.80
C ASN A 62 2.19 -18.44 1.29
N ALA A 63 1.73 -17.35 0.66
CA ALA A 63 2.06 -17.01 -0.73
C ALA A 63 3.58 -16.90 -0.94
N ALA A 64 4.25 -15.98 -0.24
CA ALA A 64 5.69 -15.74 -0.37
C ALA A 64 6.51 -16.89 0.20
N ILE A 65 6.13 -17.43 1.36
CA ILE A 65 6.83 -18.56 2.00
C ILE A 65 6.87 -19.77 1.05
N ALA A 66 5.87 -19.93 0.18
CA ALA A 66 5.85 -20.96 -0.87
C ALA A 66 6.79 -20.71 -2.08
N VAL A 67 7.40 -19.53 -2.22
CA VAL A 67 8.29 -19.14 -3.35
C VAL A 67 9.66 -18.59 -2.93
N LEU A 68 9.78 -18.03 -1.72
CA LEU A 68 11.02 -17.56 -1.09
C LEU A 68 12.03 -18.70 -0.91
N GLU A 69 11.55 -19.93 -0.70
CA GLU A 69 12.35 -21.16 -0.71
C GLU A 69 13.09 -21.40 -2.04
N GLU A 70 12.57 -20.87 -3.17
CA GLU A 70 13.17 -21.01 -4.50
C GLU A 70 14.19 -19.89 -4.80
N LEU A 71 14.30 -18.90 -3.90
CA LEU A 71 15.19 -17.73 -4.01
C LEU A 71 16.45 -17.84 -3.12
N LYS A 72 16.61 -18.97 -2.42
CA LYS A 72 17.83 -19.34 -1.66
C LYS A 72 18.64 -20.46 -2.33
N LYS A 73 18.09 -21.06 -3.40
CA LYS A 73 18.67 -22.12 -4.26
C LYS A 73 18.60 -21.77 -5.76
N LEU A 74 18.37 -20.48 -6.06
CA LEU A 74 18.07 -19.93 -7.39
C LEU A 74 19.15 -20.17 -8.48
N PRO A 75 18.76 -20.21 -9.76
CA PRO A 75 19.70 -20.18 -10.88
C PRO A 75 20.24 -18.75 -11.12
N PRO A 76 21.37 -18.58 -11.83
CA PRO A 76 22.02 -17.28 -12.06
C PRO A 76 21.22 -16.29 -12.92
N LEU A 77 20.33 -16.86 -13.73
CA LEU A 77 19.49 -16.39 -14.83
C LEU A 77 20.01 -16.81 -16.22
N PRO A 78 20.03 -18.14 -16.52
CA PRO A 78 20.48 -18.68 -17.81
C PRO A 78 19.40 -18.56 -18.92
N ALA A 79 18.18 -18.15 -18.57
CA ALA A 79 17.01 -18.12 -19.47
C ALA A 79 16.42 -16.70 -19.63
N VAL A 80 15.57 -16.54 -20.64
CA VAL A 80 14.93 -15.26 -21.04
C VAL A 80 14.02 -14.72 -19.93
N GLU A 81 13.97 -13.39 -19.80
CA GLU A 81 13.09 -12.62 -18.91
C GLU A 81 11.58 -12.86 -19.18
N ARG A 82 10.71 -12.37 -18.29
CA ARG A 82 9.25 -12.53 -18.38
C ARG A 82 8.52 -11.20 -18.12
N VAL A 83 7.49 -10.94 -18.92
CA VAL A 83 6.58 -9.79 -18.82
C VAL A 83 5.17 -10.19 -19.29
N LYS A 84 4.13 -9.58 -18.72
CA LYS A 84 2.71 -9.89 -18.95
C LYS A 84 1.85 -8.61 -18.89
N PRO A 85 0.57 -8.64 -19.33
CA PRO A 85 -0.39 -7.52 -19.19
C PRO A 85 -0.62 -6.95 -17.78
N ARG A 86 -0.07 -7.57 -16.72
CA ARG A 86 -0.06 -7.10 -15.31
C ARG A 86 0.44 -5.66 -15.11
N ILE A 87 1.15 -5.10 -16.10
CA ILE A 87 1.52 -3.68 -16.18
C ILE A 87 0.32 -2.72 -16.24
N LYS A 88 -0.90 -3.23 -16.51
CA LYS A 88 -2.18 -2.49 -16.56
C LYS A 88 -3.31 -3.30 -15.87
N LYS A 89 -4.45 -2.64 -15.63
CA LYS A 89 -5.66 -3.20 -14.99
C LYS A 89 -6.93 -2.48 -15.50
N LYS A 90 -8.10 -3.13 -15.38
CA LYS A 90 -9.39 -2.70 -15.97
C LYS A 90 -10.52 -2.47 -14.95
N THR A 91 -10.21 -2.47 -13.66
CA THR A 91 -11.15 -2.08 -12.57
C THR A 91 -11.77 -0.69 -12.80
N LYS A 92 -12.97 -0.48 -12.26
CA LYS A 92 -13.75 0.78 -12.36
C LYS A 92 -14.64 1.00 -11.13
N PRO A 93 -15.02 2.25 -10.80
CA PRO A 93 -16.00 2.54 -9.76
C PRO A 93 -17.41 2.10 -10.16
N ILE A 94 -18.29 1.95 -9.16
CA ILE A 94 -19.69 1.51 -9.29
C ILE A 94 -20.61 2.30 -8.33
N VAL A 95 -21.93 2.18 -8.51
CA VAL A 95 -22.93 2.74 -7.59
C VAL A 95 -22.78 2.17 -6.16
N LYS A 96 -23.13 2.98 -5.15
CA LYS A 96 -22.92 2.67 -3.72
C LYS A 96 -23.97 3.32 -2.81
N PRO A 97 -24.24 2.78 -1.60
CA PRO A 97 -25.06 3.43 -0.58
C PRO A 97 -24.35 4.65 0.03
N GLN A 98 -25.05 5.40 0.89
CA GLN A 98 -24.53 6.58 1.57
C GLN A 98 -25.00 6.64 3.04
N THR A 99 -24.15 7.19 3.90
CA THR A 99 -24.33 7.30 5.36
C THR A 99 -23.94 8.70 5.87
N SER A 100 -24.22 8.99 7.14
CA SER A 100 -23.80 10.23 7.82
C SER A 100 -23.52 9.97 9.32
N PRO A 101 -22.38 9.32 9.67
CA PRO A 101 -21.92 9.14 11.04
C PRO A 101 -21.77 10.45 11.83
N GLU A 102 -21.68 10.32 13.17
CA GLU A 102 -21.45 11.43 14.12
C GLU A 102 -20.26 11.15 15.06
N TYR A 103 -19.44 10.15 14.71
CA TYR A 103 -18.32 9.61 15.49
C TYR A 103 -17.25 8.98 14.57
N GLY A 104 -16.13 8.55 15.15
CA GLY A 104 -15.07 7.82 14.45
C GLY A 104 -13.95 7.35 15.38
N GLN A 105 -13.03 6.54 14.86
CA GLN A 105 -11.94 5.88 15.60
C GLN A 105 -10.56 6.22 15.01
N GLY A 106 -9.48 5.76 15.63
CA GLY A 106 -8.11 5.87 15.11
C GLY A 106 -7.01 5.58 16.14
N ILE A 107 -5.74 5.67 15.69
CA ILE A 107 -4.54 5.38 16.49
C ILE A 107 -3.40 6.41 16.29
N ASN A 108 -3.48 7.24 15.26
CA ASN A 108 -2.65 8.42 14.94
C ASN A 108 -3.55 9.42 14.19
N PRO A 109 -3.25 10.74 14.10
CA PRO A 109 -4.06 11.70 13.31
C PRO A 109 -4.33 11.20 11.87
N ILE A 110 -3.28 10.64 11.28
CA ILE A 110 -3.22 10.06 9.93
C ILE A 110 -4.16 8.86 9.81
N SER A 111 -4.01 7.90 10.73
CA SER A 111 -4.82 6.67 10.85
C SER A 111 -6.11 6.90 11.67
N ARG A 112 -6.65 8.13 11.64
CA ARG A 112 -7.91 8.57 12.24
C ARG A 112 -8.77 9.27 11.18
N LEU A 113 -8.24 10.27 10.46
CA LEU A 113 -8.96 10.90 9.34
C LEU A 113 -9.22 9.91 8.19
N ALA A 114 -8.18 9.17 7.77
CA ALA A 114 -8.32 8.11 6.76
C ALA A 114 -9.26 6.96 7.23
N GLN A 115 -9.50 6.88 8.54
CA GLN A 115 -10.37 5.89 9.20
C GLN A 115 -11.84 6.34 9.37
N ILE A 116 -12.12 7.58 8.99
CA ILE A 116 -13.47 8.23 9.03
C ILE A 116 -14.14 8.27 7.65
N GLN A 117 -13.41 8.59 6.57
CA GLN A 117 -13.99 8.63 5.21
C GLN A 117 -14.65 7.29 4.81
N GLN A 118 -14.09 6.18 5.24
CA GLN A 118 -14.55 4.83 4.92
C GLN A 118 -15.94 4.56 5.54
N ALA A 119 -16.14 5.05 6.77
CA ALA A 119 -17.40 5.00 7.51
C ALA A 119 -18.51 5.88 6.91
N LYS A 120 -18.15 6.86 6.06
CA LYS A 120 -19.07 7.75 5.31
C LYS A 120 -19.35 7.22 3.90
N LYS A 121 -19.01 5.95 3.66
CA LYS A 121 -19.07 5.22 2.38
C LYS A 121 -18.21 5.86 1.27
N GLU A 122 -17.23 6.69 1.65
CA GLU A 122 -16.20 7.20 0.76
C GLU A 122 -14.96 6.27 0.80
N LYS A 123 -13.87 6.73 0.18
CA LYS A 123 -12.58 6.00 0.11
C LYS A 123 -11.49 6.77 0.84
N GLU A 124 -11.22 7.97 0.33
CA GLU A 124 -10.19 8.90 0.80
C GLU A 124 -10.55 10.37 0.49
N PRO A 125 -9.88 11.36 1.12
CA PRO A 125 -9.92 12.78 0.74
C PRO A 125 -9.40 13.03 -0.70
N GLU A 126 -9.36 14.30 -1.11
CA GLU A 126 -8.71 14.75 -2.35
C GLU A 126 -7.50 15.63 -2.03
N TYR A 127 -6.35 15.37 -2.67
CA TYR A 127 -5.05 15.98 -2.35
C TYR A 127 -4.38 16.61 -3.60
N THR A 128 -3.62 17.69 -3.38
CA THR A 128 -2.95 18.50 -4.42
C THR A 128 -1.56 18.97 -3.94
N LEU A 129 -0.67 19.31 -4.86
CA LEU A 129 0.65 19.93 -4.60
C LEU A 129 0.60 21.42 -5.00
N LEU A 130 0.81 22.32 -4.03
CA LEU A 130 0.74 23.78 -4.24
C LEU A 130 1.99 24.32 -4.93
N THR A 131 3.16 24.03 -4.33
CA THR A 131 4.46 24.59 -4.71
C THR A 131 5.63 23.78 -4.11
N GLU A 132 6.84 24.03 -4.60
CA GLU A 132 8.11 23.53 -4.02
C GLU A 132 8.80 24.61 -3.14
N ARG A 133 8.13 25.76 -2.91
CA ARG A 133 8.55 26.90 -2.08
C ARG A 133 10.01 27.35 -2.31
N GLY A 134 10.43 27.27 -3.57
CA GLY A 134 11.79 27.57 -4.05
C GLY A 134 12.32 28.95 -3.63
N LEU A 135 13.56 28.97 -3.18
CA LEU A 135 14.36 30.12 -2.74
C LEU A 135 15.81 29.94 -3.23
N PRO A 136 16.67 30.98 -3.22
CA PRO A 136 18.06 30.93 -3.69
C PRO A 136 18.91 29.75 -3.18
N ARG A 137 18.62 29.21 -1.99
CA ARG A 137 19.22 27.96 -1.46
C ARG A 137 18.28 27.15 -0.55
N ARG A 138 16.96 27.16 -0.79
CA ARG A 138 15.98 26.34 -0.04
C ARG A 138 14.79 25.91 -0.89
N ARG A 139 14.24 24.72 -0.60
CA ARG A 139 13.20 23.99 -1.35
C ARG A 139 12.46 23.02 -0.41
N GLU A 140 11.16 22.78 -0.62
CA GLU A 140 10.35 21.79 0.12
C GLU A 140 8.98 21.51 -0.54
N PHE A 141 8.46 20.29 -0.47
CA PHE A 141 7.07 19.99 -0.86
C PHE A 141 6.08 20.80 -0.01
N VAL A 142 4.99 21.30 -0.60
CA VAL A 142 3.87 21.91 0.14
C VAL A 142 2.52 21.34 -0.32
N MET A 143 1.97 20.41 0.47
CA MET A 143 0.72 19.70 0.20
C MET A 143 -0.52 20.57 0.47
N GLN A 144 -1.63 20.22 -0.16
CA GLN A 144 -2.99 20.70 0.05
C GLN A 144 -3.93 19.49 0.07
N VAL A 145 -4.92 19.46 0.96
CA VAL A 145 -6.01 18.47 0.98
C VAL A 145 -7.35 19.17 1.15
N LYS A 146 -8.43 18.58 0.67
CA LYS A 146 -9.82 19.03 0.82
C LYS A 146 -10.72 17.87 1.21
N VAL A 147 -11.68 18.12 2.12
CA VAL A 147 -12.59 17.09 2.67
C VAL A 147 -14.08 17.46 2.51
N GLY A 148 -14.40 18.69 2.10
CA GLY A 148 -15.76 19.10 1.74
C GLY A 148 -15.91 20.61 1.50
N ASN A 149 -15.52 21.40 2.50
CA ASN A 149 -15.55 22.87 2.48
C ASN A 149 -14.26 23.50 3.08
N HIS A 150 -13.34 22.68 3.59
CA HIS A 150 -12.14 23.11 4.33
C HIS A 150 -10.89 22.36 3.87
N THR A 151 -9.71 22.93 4.15
CA THR A 151 -8.41 22.44 3.67
C THR A 151 -7.30 22.50 4.72
N ALA A 152 -6.25 21.69 4.51
CA ALA A 152 -5.04 21.62 5.34
C ALA A 152 -3.75 21.53 4.48
N GLU A 153 -2.60 21.70 5.11
CA GLU A 153 -1.27 21.76 4.49
C GLU A 153 -0.24 20.99 5.33
N GLY A 154 0.83 20.52 4.67
CA GLY A 154 1.94 19.73 5.23
C GLY A 154 3.13 19.65 4.27
N THR A 155 4.24 19.04 4.73
CA THR A 155 5.54 19.02 4.04
C THR A 155 6.16 17.62 4.03
N GLY A 156 7.03 17.32 3.06
CA GLY A 156 7.56 15.96 2.84
C GLY A 156 8.47 15.85 1.61
N THR A 157 8.67 14.62 1.12
CA THR A 157 9.59 14.28 0.00
C THR A 157 8.90 13.67 -1.22
N ASN A 158 7.69 13.12 -1.05
CA ASN A 158 6.79 12.69 -2.14
C ASN A 158 5.32 12.80 -1.69
N LYS A 159 4.41 12.59 -2.65
CA LYS A 159 2.95 12.56 -2.46
C LYS A 159 2.39 11.49 -1.50
N LYS A 160 3.22 10.60 -0.95
CA LYS A 160 2.83 9.66 0.14
C LYS A 160 3.58 9.93 1.46
N VAL A 161 4.29 11.07 1.56
CA VAL A 161 5.06 11.51 2.74
C VAL A 161 4.66 12.92 3.19
N ALA A 162 4.37 13.84 2.27
CA ALA A 162 3.77 15.13 2.67
C ALA A 162 2.35 14.94 3.26
N LYS A 163 1.64 13.95 2.71
CA LYS A 163 0.36 13.40 3.19
C LYS A 163 0.41 12.98 4.67
N ARG A 164 1.58 12.52 5.13
CA ARG A 164 1.91 12.01 6.46
C ARG A 164 2.19 13.10 7.51
N ASN A 165 2.23 14.37 7.11
CA ASN A 165 2.45 15.51 8.02
C ASN A 165 1.26 16.49 8.07
N ALA A 166 0.57 16.71 6.95
CA ALA A 166 -0.66 17.50 6.92
C ALA A 166 -1.80 16.95 7.82
N ALA A 167 -1.82 15.63 8.02
CA ALA A 167 -2.85 14.91 8.79
C ALA A 167 -3.10 15.45 10.21
N GLU A 168 -2.08 15.95 10.89
CA GLU A 168 -2.19 16.59 12.21
C GLU A 168 -3.19 17.77 12.23
N ASN A 169 -3.35 18.48 11.10
CA ASN A 169 -4.29 19.58 10.93
C ASN A 169 -5.65 19.11 10.40
N MET A 170 -5.70 18.01 9.61
CA MET A 170 -6.90 17.54 8.90
C MET A 170 -8.14 17.28 9.78
N LEU A 171 -8.00 17.10 11.09
CA LEU A 171 -9.13 16.95 12.01
C LEU A 171 -9.59 18.27 12.64
N GLU A 172 -8.70 19.26 12.76
CA GLU A 172 -8.99 20.58 13.34
C GLU A 172 -9.72 21.52 12.36
N ILE A 173 -9.59 21.24 11.05
CA ILE A 173 -10.14 22.06 9.96
C ILE A 173 -11.63 21.80 9.71
N LEU A 174 -12.12 20.64 10.14
CA LEU A 174 -13.47 20.12 9.88
C LEU A 174 -14.21 19.64 11.16
N GLY A 175 -13.53 19.67 12.31
CA GLY A 175 -14.13 19.48 13.63
C GLY A 175 -14.28 18.04 14.14
N PHE A 176 -13.27 17.20 13.94
CA PHE A 176 -13.22 15.79 14.40
C PHE A 176 -11.99 15.50 15.31
N LYS A 177 -11.26 16.53 15.72
CA LYS A 177 -10.10 16.47 16.63
C LYS A 177 -10.49 15.93 18.02
N GLY A 1 13.15 -17.02 19.00
CA GLY A 1 12.96 -16.49 17.63
C GLY A 1 14.14 -16.86 16.74
N SER A 2 13.87 -17.48 15.58
CA SER A 2 14.89 -18.10 14.72
C SER A 2 14.71 -17.80 13.21
N HIS A 3 13.77 -16.91 12.84
CA HIS A 3 13.46 -16.53 11.45
C HIS A 3 12.89 -15.09 11.38
N MET A 4 12.79 -14.54 10.18
CA MET A 4 12.14 -13.25 9.88
C MET A 4 10.64 -13.25 10.21
N LYS A 5 10.07 -12.06 10.44
CA LYS A 5 8.64 -11.84 10.76
C LYS A 5 7.75 -11.60 9.53
N SER A 6 8.33 -11.59 8.33
CA SER A 6 7.67 -11.28 7.05
C SER A 6 8.08 -12.26 5.95
N GLU A 7 7.18 -12.57 5.02
CA GLU A 7 7.40 -13.53 3.93
C GLU A 7 6.74 -13.17 2.61
N ILE A 8 5.58 -12.49 2.58
CA ILE A 8 5.17 -11.94 1.26
C ILE A 8 6.23 -10.91 0.80
N SER A 9 6.89 -10.24 1.75
CA SER A 9 7.95 -9.25 1.51
C SER A 9 9.12 -9.78 0.67
N GLN A 10 9.57 -11.01 0.91
CA GLN A 10 10.68 -11.63 0.16
C GLN A 10 10.43 -11.61 -1.35
N VAL A 11 9.18 -11.91 -1.72
CA VAL A 11 8.74 -12.16 -3.10
C VAL A 11 8.93 -10.95 -4.03
N PHE A 12 8.79 -9.72 -3.52
CA PHE A 12 8.84 -8.51 -4.36
C PHE A 12 10.25 -8.14 -4.84
N GLU A 13 11.19 -7.73 -3.98
CA GLU A 13 12.47 -7.16 -4.50
C GLU A 13 13.42 -8.23 -5.07
N ILE A 14 13.18 -9.52 -4.80
CA ILE A 14 13.87 -10.64 -5.48
C ILE A 14 13.49 -10.68 -6.99
N ALA A 15 12.31 -10.17 -7.38
CA ALA A 15 11.87 -10.12 -8.78
C ALA A 15 12.79 -9.27 -9.70
N LEU A 16 13.51 -8.29 -9.14
CA LEU A 16 14.52 -7.47 -9.83
C LEU A 16 15.66 -8.31 -10.45
N LYS A 17 15.90 -9.51 -9.90
CA LYS A 17 16.96 -10.43 -10.30
C LYS A 17 16.41 -11.71 -10.92
N ARG A 18 15.45 -12.35 -10.25
CA ARG A 18 14.71 -13.55 -10.75
C ARG A 18 13.84 -13.31 -11.99
N ASN A 19 13.54 -12.05 -12.32
CA ASN A 19 12.86 -11.54 -13.53
C ASN A 19 11.52 -12.18 -13.96
N LEU A 20 10.91 -12.89 -13.02
CA LEU A 20 9.66 -13.65 -13.14
C LEU A 20 8.69 -13.51 -11.94
N PRO A 21 9.15 -13.42 -10.65
CA PRO A 21 8.30 -13.16 -9.49
C PRO A 21 7.54 -11.83 -9.50
N VAL A 22 6.76 -11.58 -8.45
CA VAL A 22 5.77 -10.48 -8.29
C VAL A 22 4.73 -10.34 -9.44
N ASN A 23 4.63 -11.35 -10.31
CA ASN A 23 3.61 -11.48 -11.36
C ASN A 23 2.25 -11.89 -10.76
N PHE A 24 1.74 -11.11 -9.81
CA PHE A 24 0.38 -11.23 -9.27
C PHE A 24 -0.65 -10.79 -10.33
N GLU A 25 -1.76 -11.53 -10.43
CA GLU A 25 -2.82 -11.27 -11.42
C GLU A 25 -4.19 -11.73 -10.89
N VAL A 26 -5.24 -10.95 -11.17
CA VAL A 26 -6.63 -11.28 -10.81
C VAL A 26 -7.05 -12.60 -11.47
N ALA A 27 -7.61 -13.53 -10.70
CA ALA A 27 -7.95 -14.88 -11.17
C ALA A 27 -9.21 -14.93 -12.08
N ARG A 28 -9.84 -13.78 -12.34
CA ARG A 28 -11.10 -13.62 -13.08
C ARG A 28 -11.17 -12.27 -13.80
N GLU A 29 -12.10 -12.14 -14.75
CA GLU A 29 -12.30 -10.95 -15.60
C GLU A 29 -13.78 -10.57 -15.76
N SER A 30 -14.66 -11.04 -14.85
CA SER A 30 -16.11 -10.80 -14.86
C SER A 30 -16.55 -9.34 -14.64
N GLY A 31 -15.63 -8.46 -14.25
CA GLY A 31 -15.84 -7.02 -14.10
C GLY A 31 -14.52 -6.22 -14.04
N PRO A 32 -14.58 -4.88 -14.11
CA PRO A 32 -13.38 -4.02 -14.15
C PRO A 32 -12.64 -3.97 -12.80
N PRO A 33 -11.31 -3.77 -12.79
CA PRO A 33 -10.51 -3.63 -11.57
C PRO A 33 -10.72 -2.28 -10.85
N HIS A 34 -11.43 -1.33 -11.48
CA HIS A 34 -11.69 0.04 -11.01
C HIS A 34 -12.64 0.18 -9.80
N MET A 35 -13.04 -0.93 -9.17
CA MET A 35 -13.79 -0.94 -7.90
C MET A 35 -13.25 -1.96 -6.90
N LYS A 36 -13.00 -3.19 -7.37
CA LYS A 36 -12.51 -4.34 -6.60
C LYS A 36 -11.90 -5.39 -7.53
N ASN A 37 -11.10 -6.33 -6.99
CA ASN A 37 -10.48 -7.43 -7.73
C ASN A 37 -10.41 -8.73 -6.91
N PHE A 38 -11.57 -9.12 -6.36
CA PHE A 38 -11.78 -10.37 -5.62
C PHE A 38 -11.22 -11.61 -6.39
N VAL A 39 -10.58 -12.54 -5.66
CA VAL A 39 -9.75 -13.69 -6.12
C VAL A 39 -8.49 -13.30 -6.94
N THR A 40 -7.28 -13.55 -6.41
CA THR A 40 -5.97 -13.26 -7.06
C THR A 40 -5.00 -14.45 -6.95
N LYS A 41 -4.09 -14.55 -7.94
CA LYS A 41 -3.11 -15.64 -8.14
C LYS A 41 -1.73 -15.06 -8.47
N VAL A 42 -0.65 -15.86 -8.44
CA VAL A 42 0.72 -15.40 -8.73
C VAL A 42 1.53 -16.43 -9.53
N SER A 43 2.54 -15.96 -10.25
CA SER A 43 3.56 -16.78 -10.92
C SER A 43 4.96 -16.34 -10.46
N VAL A 44 5.83 -17.29 -10.11
CA VAL A 44 7.14 -17.06 -9.47
C VAL A 44 8.14 -18.11 -9.97
N GLY A 45 9.20 -17.68 -10.68
CA GLY A 45 10.32 -18.56 -11.06
C GLY A 45 9.95 -19.85 -11.81
N GLU A 46 9.00 -19.76 -12.74
CA GLU A 46 8.39 -20.87 -13.50
C GLU A 46 7.51 -21.82 -12.64
N PHE A 47 6.96 -21.30 -11.53
CA PHE A 47 5.98 -21.92 -10.64
C PHE A 47 4.80 -20.97 -10.39
N VAL A 48 3.78 -21.41 -9.67
CA VAL A 48 2.54 -20.66 -9.46
C VAL A 48 1.92 -20.96 -8.09
N GLY A 49 1.32 -19.94 -7.48
CA GLY A 49 0.69 -19.96 -6.16
C GLY A 49 -0.60 -19.11 -6.16
N GLU A 50 -1.41 -19.20 -5.12
CA GLU A 50 -2.73 -18.57 -5.02
C GLU A 50 -3.04 -18.20 -3.57
N GLY A 51 -3.88 -17.19 -3.33
CA GLY A 51 -4.25 -16.73 -1.98
C GLY A 51 -5.07 -17.71 -1.14
N GLU A 52 -5.10 -19.00 -1.47
CA GLU A 52 -5.74 -20.07 -0.67
C GLU A 52 -4.93 -20.48 0.58
N GLY A 53 -3.61 -20.22 0.60
CA GLY A 53 -2.69 -20.72 1.63
C GLY A 53 -2.79 -22.22 1.92
N LYS A 54 -2.43 -22.62 3.15
CA LYS A 54 -2.68 -23.97 3.67
C LYS A 54 -4.16 -24.20 4.04
N SER A 55 -4.78 -23.20 4.68
CA SER A 55 -6.19 -23.24 5.13
C SER A 55 -6.92 -21.89 5.05
N LYS A 56 -6.25 -20.81 4.59
CA LYS A 56 -6.66 -19.39 4.53
C LYS A 56 -7.24 -18.70 5.78
N LYS A 57 -7.62 -19.43 6.84
CA LYS A 57 -7.97 -18.84 8.15
C LYS A 57 -6.74 -18.24 8.86
N ILE A 58 -5.54 -18.52 8.34
CA ILE A 58 -4.25 -17.89 8.65
C ILE A 58 -4.26 -16.39 8.32
N SER A 59 -3.33 -15.62 8.90
CA SER A 59 -3.11 -14.19 8.60
C SER A 59 -2.83 -13.90 7.10
N LYS A 60 -2.79 -12.61 6.73
CA LYS A 60 -2.41 -12.09 5.40
C LYS A 60 -0.97 -12.52 4.99
N LYS A 61 -0.82 -13.75 4.51
CA LYS A 61 0.47 -14.38 4.11
C LYS A 61 0.29 -15.36 2.95
N ASN A 62 -0.96 -15.52 2.52
CA ASN A 62 -1.36 -16.36 1.44
C ASN A 62 -0.84 -15.77 0.13
N ALA A 63 -0.85 -16.64 -0.86
CA ALA A 63 -0.25 -16.55 -2.20
C ALA A 63 1.28 -16.46 -2.24
N ALA A 64 1.95 -16.35 -1.09
CA ALA A 64 3.41 -16.22 -1.02
C ALA A 64 4.10 -17.45 -0.43
N ILE A 65 3.64 -17.96 0.72
CA ILE A 65 4.11 -19.25 1.27
C ILE A 65 4.06 -20.36 0.20
N ALA A 66 3.11 -20.30 -0.72
CA ALA A 66 2.95 -21.31 -1.77
C ALA A 66 3.98 -21.27 -2.93
N VAL A 67 4.77 -20.19 -3.05
CA VAL A 67 5.75 -19.96 -4.13
C VAL A 67 7.13 -19.50 -3.66
N LEU A 68 7.22 -18.86 -2.49
CA LEU A 68 8.48 -18.46 -1.84
C LEU A 68 9.33 -19.69 -1.47
N GLU A 69 8.69 -20.82 -1.16
CA GLU A 69 9.33 -22.12 -0.96
C GLU A 69 10.15 -22.61 -2.18
N GLU A 70 9.89 -22.08 -3.38
CA GLU A 70 10.59 -22.48 -4.62
C GLU A 70 11.82 -21.59 -4.90
N LEU A 71 11.77 -20.33 -4.47
CA LEU A 71 12.88 -19.37 -4.53
C LEU A 71 14.08 -19.78 -3.65
N LYS A 72 13.87 -20.69 -2.70
CA LYS A 72 14.91 -21.33 -1.84
C LYS A 72 15.75 -22.39 -2.57
N LYS A 73 15.34 -22.79 -3.79
CA LYS A 73 15.92 -23.90 -4.59
C LYS A 73 16.62 -23.41 -5.87
N LEU A 74 16.73 -22.09 -6.03
CA LEU A 74 17.25 -21.40 -7.23
C LEU A 74 18.26 -20.30 -6.84
N PRO A 75 19.17 -19.87 -7.74
CA PRO A 75 20.15 -18.83 -7.42
C PRO A 75 19.47 -17.46 -7.24
N PRO A 76 19.99 -16.59 -6.35
CA PRO A 76 19.38 -15.29 -6.07
C PRO A 76 19.55 -14.27 -7.21
N LEU A 77 20.67 -14.32 -7.94
CA LEU A 77 21.05 -13.32 -8.96
C LEU A 77 21.78 -13.92 -10.20
N PRO A 78 21.18 -14.89 -10.92
CA PRO A 78 21.72 -15.36 -12.20
C PRO A 78 21.61 -14.29 -13.31
N ALA A 79 20.68 -13.34 -13.13
CA ALA A 79 20.38 -12.23 -14.02
C ALA A 79 19.96 -10.96 -13.25
N VAL A 80 19.73 -9.86 -13.97
CA VAL A 80 19.26 -8.56 -13.46
C VAL A 80 18.47 -7.81 -14.54
N GLU A 81 17.50 -6.98 -14.12
CA GLU A 81 16.63 -6.20 -15.00
C GLU A 81 16.47 -4.74 -14.52
N ARG A 82 15.81 -3.91 -15.35
CA ARG A 82 15.47 -2.52 -15.04
C ARG A 82 14.04 -2.20 -15.51
N VAL A 83 13.08 -2.42 -14.62
CA VAL A 83 11.65 -2.13 -14.80
C VAL A 83 11.01 -1.78 -13.46
N LYS A 84 9.98 -0.92 -13.47
CA LYS A 84 9.18 -0.51 -12.30
C LYS A 84 7.73 -0.19 -12.71
N PRO A 85 6.75 -0.21 -11.77
CA PRO A 85 5.33 0.05 -12.07
C PRO A 85 5.07 1.35 -12.85
N ARG A 86 4.09 1.28 -13.76
CA ARG A 86 3.70 2.37 -14.69
C ARG A 86 2.19 2.46 -14.95
N ILE A 87 1.39 1.78 -14.12
CA ILE A 87 -0.08 1.67 -14.19
C ILE A 87 -0.71 1.79 -12.79
N LYS A 88 -2.04 1.95 -12.73
CA LYS A 88 -2.82 2.12 -11.49
C LYS A 88 -4.23 1.52 -11.61
N LYS A 89 -4.94 1.48 -10.47
CA LYS A 89 -6.37 1.09 -10.34
C LYS A 89 -7.11 2.03 -9.39
N LYS A 90 -8.41 1.82 -9.23
CA LYS A 90 -9.32 2.60 -8.36
C LYS A 90 -10.16 1.66 -7.49
N THR A 91 -10.56 2.12 -6.31
CA THR A 91 -11.31 1.31 -5.31
C THR A 91 -12.38 2.11 -4.55
N LYS A 92 -12.67 3.33 -5.00
CA LYS A 92 -13.74 4.21 -4.48
C LYS A 92 -15.15 3.59 -4.70
N PRO A 93 -16.16 3.99 -3.90
CA PRO A 93 -17.55 3.55 -4.09
C PRO A 93 -18.18 4.11 -5.38
N ILE A 94 -19.38 3.60 -5.71
CA ILE A 94 -20.25 4.14 -6.77
C ILE A 94 -20.55 5.64 -6.59
N VAL A 95 -20.87 6.34 -7.68
CA VAL A 95 -21.22 7.78 -7.73
C VAL A 95 -22.50 8.19 -6.96
N LYS A 96 -23.12 7.25 -6.23
CA LYS A 96 -24.29 7.42 -5.34
C LYS A 96 -23.97 6.91 -3.92
N PRO A 97 -22.96 7.48 -3.23
CA PRO A 97 -22.55 7.04 -1.89
C PRO A 97 -23.60 7.36 -0.81
N GLN A 98 -23.39 6.80 0.39
CA GLN A 98 -24.24 6.96 1.58
C GLN A 98 -23.35 7.21 2.84
N THR A 99 -23.96 7.31 4.02
CA THR A 99 -23.28 7.55 5.31
C THR A 99 -23.82 6.63 6.42
N SER A 100 -23.14 6.58 7.57
CA SER A 100 -23.47 5.72 8.71
C SER A 100 -23.06 6.37 10.05
N PRO A 101 -23.76 6.09 11.17
CA PRO A 101 -23.37 6.54 12.51
C PRO A 101 -22.15 5.80 13.10
N GLU A 102 -21.59 4.82 12.39
CA GLU A 102 -20.34 4.12 12.76
C GLU A 102 -19.12 5.04 12.94
N TYR A 103 -18.08 4.52 13.59
CA TYR A 103 -16.81 5.20 13.90
C TYR A 103 -15.62 4.20 13.90
N GLY A 104 -14.39 4.67 14.11
CA GLY A 104 -13.15 3.90 14.05
C GLY A 104 -12.13 4.31 15.13
N GLN A 105 -10.89 3.84 15.00
CA GLN A 105 -9.79 4.07 15.96
C GLN A 105 -8.51 4.49 15.21
N GLY A 106 -7.33 4.33 15.81
CA GLY A 106 -6.04 4.56 15.16
C GLY A 106 -4.82 4.38 16.06
N ILE A 107 -3.64 4.55 15.47
CA ILE A 107 -2.33 4.36 16.13
C ILE A 107 -1.32 5.48 15.80
N ASN A 108 -1.70 6.41 14.92
CA ASN A 108 -1.04 7.65 14.51
C ASN A 108 -2.08 8.53 13.77
N PRO A 109 -1.90 9.86 13.62
CA PRO A 109 -2.90 10.75 12.97
C PRO A 109 -3.32 10.30 11.57
N ILE A 110 -2.36 9.73 10.83
CA ILE A 110 -2.43 9.41 9.41
C ILE A 110 -3.31 8.17 9.17
N SER A 111 -2.98 7.07 9.84
CA SER A 111 -3.80 5.86 9.90
C SER A 111 -5.17 6.19 10.49
N ARG A 112 -5.24 6.93 11.61
CA ARG A 112 -6.50 7.35 12.27
C ARG A 112 -7.48 8.04 11.31
N LEU A 113 -7.01 8.97 10.47
CA LEU A 113 -7.82 9.62 9.43
C LEU A 113 -8.39 8.62 8.41
N ALA A 114 -7.51 7.80 7.80
CA ALA A 114 -7.93 6.76 6.85
C ALA A 114 -8.91 5.74 7.47
N GLN A 115 -8.71 5.38 8.74
CA GLN A 115 -9.51 4.45 9.55
C GLN A 115 -10.93 4.95 9.91
N ILE A 116 -11.26 6.17 9.48
CA ILE A 116 -12.56 6.84 9.63
C ILE A 116 -13.31 6.97 8.30
N GLN A 117 -12.64 7.11 7.15
CA GLN A 117 -13.35 7.19 5.86
C GLN A 117 -14.28 5.99 5.59
N GLN A 118 -13.91 4.77 6.01
CA GLN A 118 -14.76 3.58 5.79
C GLN A 118 -16.04 3.62 6.63
N ALA A 119 -15.94 4.20 7.83
CA ALA A 119 -17.08 4.45 8.72
C ALA A 119 -18.10 5.43 8.11
N LYS A 120 -17.67 6.33 7.22
CA LYS A 120 -18.52 7.23 6.40
C LYS A 120 -18.89 6.62 5.03
N LYS A 121 -18.61 5.32 4.82
CA LYS A 121 -18.74 4.56 3.56
C LYS A 121 -18.01 5.20 2.37
N GLU A 122 -16.95 5.95 2.66
CA GLU A 122 -15.97 6.48 1.71
C GLU A 122 -14.74 5.54 1.64
N LYS A 123 -13.75 5.93 0.85
CA LYS A 123 -12.47 5.21 0.71
C LYS A 123 -11.31 6.03 1.25
N GLU A 124 -11.07 7.16 0.60
CA GLU A 124 -10.03 8.14 0.90
C GLU A 124 -10.49 9.58 0.62
N PRO A 125 -9.85 10.60 1.24
CA PRO A 125 -10.01 12.02 0.88
C PRO A 125 -9.62 12.33 -0.57
N GLU A 126 -9.70 13.60 -0.96
CA GLU A 126 -9.16 14.11 -2.24
C GLU A 126 -7.95 15.02 -1.97
N TYR A 127 -6.83 14.79 -2.67
CA TYR A 127 -5.53 15.44 -2.42
C TYR A 127 -5.00 16.16 -3.69
N THR A 128 -4.29 17.27 -3.48
CA THR A 128 -3.86 18.25 -4.52
C THR A 128 -2.50 18.88 -4.16
N LEU A 129 -1.72 19.30 -5.16
CA LEU A 129 -0.47 20.05 -5.01
C LEU A 129 -0.72 21.58 -5.11
N LEU A 130 -0.13 22.35 -4.19
CA LEU A 130 -0.21 23.82 -4.17
C LEU A 130 0.98 24.47 -4.89
N THR A 131 2.19 24.21 -4.41
CA THR A 131 3.44 24.87 -4.85
C THR A 131 4.70 24.03 -4.56
N GLU A 132 5.84 24.49 -5.05
CA GLU A 132 7.16 23.83 -5.05
C GLU A 132 8.22 24.77 -4.41
N ARG A 133 7.81 25.41 -3.30
CA ARG A 133 8.52 26.48 -2.58
C ARG A 133 10.01 26.18 -2.30
N GLY A 134 10.84 27.22 -2.38
CA GLY A 134 12.29 27.12 -2.15
C GLY A 134 12.96 28.44 -1.80
N LEU A 135 14.27 28.35 -1.51
CA LEU A 135 15.17 29.40 -1.03
C LEU A 135 16.53 29.26 -1.77
N PRO A 136 17.43 30.26 -1.72
CA PRO A 136 18.77 30.19 -2.35
C PRO A 136 19.61 28.94 -2.03
N ARG A 137 19.36 28.26 -0.90
CA ARG A 137 19.98 26.96 -0.57
C ARG A 137 19.11 26.00 0.24
N ARG A 138 17.76 26.10 0.17
CA ARG A 138 16.81 25.10 0.73
C ARG A 138 15.62 24.90 -0.22
N ARG A 139 14.95 23.75 -0.11
CA ARG A 139 13.94 23.22 -1.05
C ARG A 139 12.87 22.42 -0.31
N GLU A 140 11.62 22.44 -0.80
CA GLU A 140 10.44 21.90 -0.08
C GLU A 140 9.23 21.61 -1.01
N PHE A 141 8.39 20.64 -0.65
CA PHE A 141 7.09 20.36 -1.26
C PHE A 141 5.93 20.73 -0.32
N VAL A 142 4.74 20.94 -0.87
CA VAL A 142 3.52 21.28 -0.11
C VAL A 142 2.31 20.47 -0.64
N MET A 143 1.25 20.32 0.14
CA MET A 143 0.05 19.55 -0.22
C MET A 143 -1.22 20.23 0.35
N GLN A 144 -2.35 20.01 -0.32
CA GLN A 144 -3.71 20.36 0.13
C GLN A 144 -4.60 19.11 0.03
N VAL A 145 -5.49 18.92 1.01
CA VAL A 145 -6.46 17.82 1.06
C VAL A 145 -7.83 18.37 1.41
N LYS A 146 -8.90 17.73 0.95
CA LYS A 146 -10.30 18.07 1.25
C LYS A 146 -11.08 16.81 1.67
N VAL A 147 -11.92 16.95 2.71
CA VAL A 147 -12.66 15.83 3.33
C VAL A 147 -14.19 16.02 3.27
N GLY A 148 -14.67 17.22 2.95
CA GLY A 148 -16.10 17.50 2.71
C GLY A 148 -16.41 18.99 2.52
N ASN A 149 -16.05 19.79 3.52
CA ASN A 149 -16.23 21.25 3.55
C ASN A 149 -14.97 22.01 4.03
N HIS A 150 -13.92 21.29 4.42
CA HIS A 150 -12.69 21.84 5.03
C HIS A 150 -11.42 21.24 4.44
N THR A 151 -10.29 21.91 4.63
CA THR A 151 -8.98 21.55 4.04
C THR A 151 -7.81 21.67 5.02
N ALA A 152 -6.76 20.87 4.79
CA ALA A 152 -5.51 20.85 5.56
C ALA A 152 -4.27 20.98 4.65
N GLU A 153 -3.11 21.24 5.26
CA GLU A 153 -1.82 21.43 4.60
C GLU A 153 -0.70 20.69 5.35
N GLY A 154 0.37 20.36 4.63
CA GLY A 154 1.58 19.65 5.08
C GLY A 154 2.71 19.73 4.04
N THR A 155 3.88 19.19 4.37
CA THR A 155 5.12 19.25 3.55
C THR A 155 5.81 17.89 3.43
N GLY A 156 6.70 17.71 2.46
CA GLY A 156 7.34 16.40 2.21
C GLY A 156 8.33 16.39 1.04
N THR A 157 8.61 15.20 0.50
CA THR A 157 9.65 14.94 -0.53
C THR A 157 9.13 14.30 -1.82
N ASN A 158 7.93 13.70 -1.80
CA ASN A 158 7.17 13.19 -2.96
C ASN A 158 5.67 13.28 -2.69
N LYS A 159 4.84 13.13 -3.73
CA LYS A 159 3.36 13.12 -3.69
C LYS A 159 2.70 12.08 -2.76
N LYS A 160 3.43 11.09 -2.23
CA LYS A 160 2.97 10.15 -1.17
C LYS A 160 3.69 10.35 0.19
N VAL A 161 4.44 11.44 0.35
CA VAL A 161 5.18 11.81 1.57
C VAL A 161 4.72 13.17 2.13
N ALA A 162 4.32 14.13 1.30
CA ALA A 162 3.65 15.33 1.82
C ALA A 162 2.31 14.97 2.50
N LYS A 163 1.67 13.90 2.02
CA LYS A 163 0.51 13.21 2.62
C LYS A 163 0.75 12.78 4.08
N ARG A 164 1.99 12.43 4.42
CA ARG A 164 2.41 11.88 5.73
C ARG A 164 2.63 12.94 6.82
N ASN A 165 2.56 14.23 6.47
CA ASN A 165 2.71 15.33 7.45
C ASN A 165 1.43 16.18 7.60
N ALA A 166 0.68 16.40 6.53
CA ALA A 166 -0.61 17.10 6.57
C ALA A 166 -1.67 16.45 7.49
N ALA A 167 -1.57 15.13 7.68
CA ALA A 167 -2.51 14.35 8.48
C ALA A 167 -2.65 14.78 9.94
N GLU A 168 -1.61 15.35 10.55
CA GLU A 168 -1.69 15.96 11.89
C GLU A 168 -2.75 17.08 11.97
N ASN A 169 -3.01 17.78 10.86
CA ASN A 169 -4.04 18.82 10.75
C ASN A 169 -5.39 18.24 10.27
N MET A 170 -5.42 17.15 9.48
CA MET A 170 -6.62 16.58 8.87
C MET A 170 -7.77 16.23 9.85
N LEU A 171 -7.51 16.06 11.14
CA LEU A 171 -8.55 15.82 12.16
C LEU A 171 -9.01 17.14 12.83
N GLU A 172 -8.14 18.13 12.95
CA GLU A 172 -8.43 19.44 13.58
C GLU A 172 -9.31 20.34 12.70
N ILE A 173 -9.30 20.10 11.38
CA ILE A 173 -9.98 20.90 10.36
C ILE A 173 -11.48 20.57 10.25
N LEU A 174 -11.87 19.39 10.72
CA LEU A 174 -13.21 18.82 10.62
C LEU A 174 -13.79 18.41 12.00
N GLY A 175 -13.04 18.65 13.07
CA GLY A 175 -13.47 18.57 14.47
C GLY A 175 -13.41 17.19 15.14
N PHE A 176 -12.42 16.37 14.78
CA PHE A 176 -12.16 15.04 15.37
C PHE A 176 -10.90 15.00 16.27
N LYS A 177 -10.25 16.14 16.47
CA LYS A 177 -9.11 16.36 17.39
C LYS A 177 -9.21 17.74 18.06
N GLY A 1 7.66 -11.17 9.18
CA GLY A 1 9.02 -11.41 9.72
C GLY A 1 10.03 -11.62 8.59
N SER A 2 10.72 -12.76 8.60
CA SER A 2 11.79 -13.09 7.63
C SER A 2 11.63 -14.46 6.92
N HIS A 3 10.61 -15.23 7.31
CA HIS A 3 10.27 -16.55 6.73
C HIS A 3 8.75 -16.78 6.59
N MET A 4 7.94 -15.89 7.19
CA MET A 4 6.46 -15.87 7.10
C MET A 4 5.95 -14.42 7.27
N LYS A 5 4.69 -14.18 6.86
CA LYS A 5 3.99 -12.88 6.95
C LYS A 5 4.69 -11.74 6.17
N SER A 6 5.50 -12.09 5.17
CA SER A 6 6.31 -11.18 4.35
C SER A 6 6.40 -11.67 2.89
N GLU A 7 5.35 -12.32 2.41
CA GLU A 7 5.39 -13.05 1.13
C GLU A 7 5.28 -12.13 -0.08
N ILE A 8 4.45 -11.07 -0.02
CA ILE A 8 4.31 -10.20 -1.21
C ILE A 8 5.25 -8.98 -1.13
N SER A 9 5.75 -8.66 0.07
CA SER A 9 6.85 -7.71 0.33
C SER A 9 8.24 -8.32 0.00
N GLN A 10 8.26 -9.36 -0.83
CA GLN A 10 9.45 -9.94 -1.46
C GLN A 10 9.21 -10.30 -2.92
N VAL A 11 8.04 -10.86 -3.24
CA VAL A 11 7.82 -11.43 -4.58
C VAL A 11 7.96 -10.38 -5.69
N PHE A 12 7.47 -9.16 -5.46
CA PHE A 12 7.52 -8.07 -6.43
C PHE A 12 8.94 -7.58 -6.76
N GLU A 13 9.91 -7.74 -5.84
CA GLU A 13 11.27 -7.22 -5.97
C GLU A 13 12.32 -8.33 -6.18
N ILE A 14 11.99 -9.59 -5.87
CA ILE A 14 12.80 -10.77 -6.27
C ILE A 14 12.93 -10.79 -7.82
N ALA A 15 11.93 -10.24 -8.52
CA ALA A 15 11.91 -9.96 -9.95
C ALA A 15 13.21 -9.33 -10.50
N LEU A 16 13.82 -8.42 -9.73
CA LEU A 16 15.05 -7.70 -10.08
C LEU A 16 16.26 -8.63 -10.29
N LYS A 17 16.24 -9.82 -9.66
CA LYS A 17 17.27 -10.87 -9.78
C LYS A 17 16.83 -12.05 -10.64
N ARG A 18 15.54 -12.43 -10.60
CA ARG A 18 14.96 -13.50 -11.45
C ARG A 18 14.79 -13.12 -12.93
N ASN A 19 14.73 -11.83 -13.26
CA ASN A 19 14.69 -11.25 -14.63
C ASN A 19 13.47 -11.65 -15.51
N LEU A 20 12.48 -12.33 -14.93
CA LEU A 20 11.25 -12.83 -15.60
C LEU A 20 9.93 -12.49 -14.85
N PRO A 21 9.86 -12.52 -13.50
CA PRO A 21 8.72 -12.02 -12.73
C PRO A 21 8.51 -10.51 -12.87
N VAL A 22 7.42 -10.01 -12.26
CA VAL A 22 6.98 -8.61 -11.99
C VAL A 22 5.61 -8.28 -12.62
N ASN A 23 5.11 -9.17 -13.48
CA ASN A 23 3.82 -9.07 -14.15
C ASN A 23 2.67 -9.23 -13.14
N PHE A 24 1.93 -8.14 -12.88
CA PHE A 24 0.69 -8.09 -12.08
C PHE A 24 -0.43 -7.39 -12.87
N GLU A 25 -1.66 -7.37 -12.32
CA GLU A 25 -2.91 -6.95 -13.01
C GLU A 25 -3.09 -7.70 -14.35
N VAL A 26 -2.71 -8.98 -14.35
CA VAL A 26 -2.55 -9.82 -15.55
C VAL A 26 -3.85 -10.20 -16.30
N ALA A 27 -5.01 -10.20 -15.66
CA ALA A 27 -6.27 -10.64 -16.27
C ALA A 27 -6.72 -9.77 -17.47
N ARG A 28 -7.33 -10.40 -18.49
CA ARG A 28 -7.84 -9.76 -19.72
C ARG A 28 -9.23 -10.28 -20.13
N GLU A 29 -9.97 -10.85 -19.18
CA GLU A 29 -11.27 -11.50 -19.37
C GLU A 29 -12.17 -11.40 -18.12
N SER A 30 -13.42 -11.86 -18.24
CA SER A 30 -14.46 -11.84 -17.20
C SER A 30 -15.35 -13.10 -17.25
N GLY A 31 -16.33 -13.19 -16.35
CA GLY A 31 -17.22 -14.37 -16.20
C GLY A 31 -18.62 -14.02 -15.69
N PRO A 32 -19.46 -15.04 -15.38
CA PRO A 32 -20.82 -14.88 -14.88
C PRO A 32 -20.97 -13.92 -13.68
N PRO A 33 -22.14 -13.27 -13.50
CA PRO A 33 -22.38 -12.28 -12.43
C PRO A 33 -22.37 -12.87 -10.99
N HIS A 34 -22.26 -14.20 -10.86
CA HIS A 34 -22.01 -14.89 -9.59
C HIS A 34 -20.64 -14.53 -8.97
N MET A 35 -19.70 -14.02 -9.78
CA MET A 35 -18.35 -13.59 -9.37
C MET A 35 -18.09 -12.12 -9.77
N LYS A 36 -17.10 -11.48 -9.14
CA LYS A 36 -16.81 -10.05 -9.36
C LYS A 36 -16.35 -9.75 -10.80
N ASN A 37 -16.58 -8.53 -11.26
CA ASN A 37 -16.22 -8.05 -12.59
C ASN A 37 -14.70 -7.79 -12.82
N PHE A 38 -13.83 -8.17 -11.88
CA PHE A 38 -12.40 -7.88 -11.87
C PHE A 38 -11.59 -9.07 -11.29
N VAL A 39 -10.33 -9.25 -11.72
CA VAL A 39 -9.41 -10.34 -11.34
C VAL A 39 -7.95 -9.87 -11.49
N THR A 40 -7.01 -10.52 -10.79
CA THR A 40 -5.56 -10.36 -10.97
C THR A 40 -4.83 -11.70 -10.87
N LYS A 41 -3.94 -11.95 -11.83
CA LYS A 41 -2.95 -13.05 -11.83
C LYS A 41 -1.53 -12.48 -11.67
N VAL A 42 -0.55 -13.35 -11.44
CA VAL A 42 0.89 -13.04 -11.47
C VAL A 42 1.60 -14.05 -12.36
N SER A 43 2.69 -13.65 -12.99
CA SER A 43 3.59 -14.57 -13.72
C SER A 43 5.01 -14.41 -13.17
N VAL A 44 5.64 -15.53 -12.81
CA VAL A 44 6.90 -15.62 -12.05
C VAL A 44 7.84 -16.67 -12.68
N GLY A 45 8.50 -16.32 -13.79
CA GLY A 45 9.55 -17.15 -14.41
C GLY A 45 9.15 -18.59 -14.71
N GLU A 46 8.20 -18.75 -15.64
CA GLU A 46 7.59 -20.02 -16.10
C GLU A 46 6.66 -20.69 -15.05
N PHE A 47 6.15 -19.88 -14.11
CA PHE A 47 5.11 -20.21 -13.13
C PHE A 47 4.08 -19.08 -13.05
N VAL A 48 2.92 -19.35 -12.46
CA VAL A 48 1.78 -18.42 -12.39
C VAL A 48 0.96 -18.67 -11.11
N GLY A 49 0.51 -17.57 -10.51
CA GLY A 49 -0.30 -17.53 -9.29
C GLY A 49 -1.48 -16.55 -9.48
N GLU A 50 -2.41 -16.48 -8.53
CA GLU A 50 -3.63 -15.69 -8.68
C GLU A 50 -4.10 -15.06 -7.37
N GLY A 51 -4.68 -13.85 -7.43
CA GLY A 51 -5.23 -13.12 -6.28
C GLY A 51 -6.59 -13.65 -5.82
N GLU A 52 -6.78 -14.98 -5.91
CA GLU A 52 -7.93 -15.75 -5.39
C GLU A 52 -7.95 -15.82 -3.84
N GLY A 53 -7.58 -14.71 -3.20
CA GLY A 53 -7.58 -14.48 -1.76
C GLY A 53 -8.59 -13.40 -1.37
N LYS A 54 -8.79 -13.21 -0.06
CA LYS A 54 -9.85 -12.41 0.55
C LYS A 54 -11.25 -13.02 0.32
N SER A 55 -11.28 -14.22 -0.24
CA SER A 55 -12.40 -15.06 -0.67
C SER A 55 -12.10 -16.47 -0.13
N LYS A 56 -12.89 -17.52 -0.40
CA LYS A 56 -12.73 -18.86 0.23
C LYS A 56 -12.65 -18.79 1.78
N LYS A 57 -13.12 -17.68 2.37
CA LYS A 57 -12.98 -17.26 3.77
C LYS A 57 -11.50 -17.37 4.23
N ILE A 58 -10.61 -16.73 3.45
CA ILE A 58 -9.13 -16.86 3.52
C ILE A 58 -8.37 -15.51 3.60
N SER A 59 -7.05 -15.58 3.80
CA SER A 59 -6.07 -14.49 3.75
C SER A 59 -5.96 -13.78 2.37
N LYS A 60 -5.19 -12.68 2.30
CA LYS A 60 -5.02 -11.86 1.08
C LYS A 60 -3.84 -12.25 0.18
N LYS A 61 -2.82 -12.95 0.71
CA LYS A 61 -1.53 -13.21 0.01
C LYS A 61 -1.53 -14.35 -1.01
N ASN A 62 -2.69 -14.86 -1.42
CA ASN A 62 -2.79 -16.02 -2.33
C ASN A 62 -2.01 -15.83 -3.64
N ALA A 63 -1.95 -14.62 -4.21
CA ALA A 63 -1.14 -14.32 -5.40
C ALA A 63 0.39 -14.47 -5.20
N ALA A 64 0.88 -14.65 -3.96
CA ALA A 64 2.29 -14.91 -3.68
C ALA A 64 2.52 -16.30 -3.12
N ILE A 65 1.76 -16.76 -2.12
CA ILE A 65 1.84 -18.15 -1.64
C ILE A 65 1.66 -19.16 -2.80
N ALA A 66 0.96 -18.79 -3.88
CA ALA A 66 0.84 -19.62 -5.08
C ALA A 66 2.09 -19.71 -5.99
N VAL A 67 3.10 -18.86 -5.80
CA VAL A 67 4.30 -18.75 -6.68
C VAL A 67 5.62 -18.68 -5.91
N LEU A 68 5.62 -18.20 -4.67
CA LEU A 68 6.78 -18.19 -3.75
C LEU A 68 7.20 -19.61 -3.34
N GLU A 69 6.27 -20.57 -3.44
CA GLU A 69 6.57 -22.01 -3.31
C GLU A 69 7.59 -22.50 -4.35
N GLU A 70 7.77 -21.75 -5.46
CA GLU A 70 8.75 -22.02 -6.52
C GLU A 70 10.00 -21.10 -6.44
N LEU A 71 10.08 -20.26 -5.41
CA LEU A 71 11.16 -19.30 -5.13
C LEU A 71 11.90 -19.56 -3.81
N LYS A 72 11.59 -20.68 -3.12
CA LYS A 72 12.16 -21.08 -1.81
C LYS A 72 13.70 -21.06 -1.76
N LYS A 73 14.36 -21.31 -2.89
CA LYS A 73 15.83 -21.36 -3.04
C LYS A 73 16.44 -20.05 -3.59
N LEU A 74 15.61 -19.04 -3.88
CA LEU A 74 15.97 -17.75 -4.49
C LEU A 74 15.28 -16.56 -3.76
N PRO A 75 15.51 -16.39 -2.44
CA PRO A 75 14.98 -15.28 -1.63
C PRO A 75 15.60 -13.91 -2.00
N PRO A 76 15.11 -12.79 -1.44
CA PRO A 76 15.77 -11.47 -1.56
C PRO A 76 17.15 -11.40 -0.88
N LEU A 77 17.32 -12.28 0.12
CA LEU A 77 18.36 -12.42 1.13
C LEU A 77 18.07 -11.63 2.42
N PRO A 78 17.12 -12.10 3.27
CA PRO A 78 16.79 -11.47 4.55
C PRO A 78 17.82 -11.79 5.67
N ALA A 79 18.73 -12.74 5.44
CA ALA A 79 19.80 -13.14 6.37
C ALA A 79 20.80 -12.00 6.65
N VAL A 80 21.55 -12.15 7.75
CA VAL A 80 22.52 -11.17 8.25
C VAL A 80 23.68 -11.85 9.00
N GLU A 81 24.88 -11.26 8.95
CA GLU A 81 26.13 -11.82 9.52
C GLU A 81 26.94 -10.77 10.33
N ARG A 82 26.37 -9.57 10.55
CA ARG A 82 26.99 -8.41 11.22
C ARG A 82 25.99 -7.68 12.13
N VAL A 83 26.47 -6.71 12.90
CA VAL A 83 25.67 -5.87 13.84
C VAL A 83 26.07 -4.39 13.76
N LYS A 84 25.28 -3.52 14.39
CA LYS A 84 25.52 -2.06 14.46
C LYS A 84 26.90 -1.73 15.10
N PRO A 85 27.53 -0.58 14.74
CA PRO A 85 28.78 -0.11 15.35
C PRO A 85 28.75 -0.05 16.88
N ARG A 86 29.90 -0.28 17.53
CA ARG A 86 30.05 -0.33 19.00
C ARG A 86 30.75 0.90 19.60
N ILE A 87 31.21 1.83 18.76
CA ILE A 87 31.84 3.11 19.15
C ILE A 87 30.88 4.07 19.88
N LYS A 88 31.45 5.08 20.55
CA LYS A 88 30.78 6.19 21.27
C LYS A 88 29.82 5.72 22.39
N LYS A 89 29.15 6.68 23.04
CA LYS A 89 28.07 6.43 24.03
C LYS A 89 26.88 5.70 23.40
N LYS A 90 26.02 5.11 24.24
CA LYS A 90 24.82 4.33 23.86
C LYS A 90 23.61 4.67 24.73
N THR A 91 22.41 4.32 24.24
CA THR A 91 21.13 4.50 24.93
C THR A 91 21.02 3.65 26.21
N LYS A 92 20.14 4.07 27.13
CA LYS A 92 19.85 3.42 28.43
C LYS A 92 18.37 3.45 28.86
N PRO A 93 17.58 4.51 28.61
CA PRO A 93 16.12 4.48 28.83
C PRO A 93 15.39 3.34 28.11
N ILE A 94 14.21 2.99 28.59
CA ILE A 94 13.35 1.89 28.09
C ILE A 94 11.88 2.32 27.94
N VAL A 95 11.06 1.45 27.35
CA VAL A 95 9.61 1.65 27.10
C VAL A 95 8.87 0.34 27.42
N LYS A 96 7.63 0.47 27.92
CA LYS A 96 6.76 -0.65 28.34
C LYS A 96 5.32 -0.48 27.84
N PRO A 97 4.56 -1.57 27.62
CA PRO A 97 3.15 -1.50 27.18
C PRO A 97 2.21 -0.98 28.27
N GLN A 98 0.95 -0.74 27.90
CA GLN A 98 -0.12 -0.24 28.77
C GLN A 98 -1.45 -0.93 28.43
N THR A 99 -2.35 -1.05 29.42
CA THR A 99 -3.70 -1.65 29.30
C THR A 99 -4.69 -0.82 28.46
N SER A 100 -4.30 0.38 28.02
CA SER A 100 -5.09 1.33 27.22
C SER A 100 -4.17 2.16 26.28
N PRO A 101 -4.72 2.78 25.22
CA PRO A 101 -3.97 3.66 24.32
C PRO A 101 -3.20 4.80 25.04
N GLU A 102 -2.09 5.23 24.44
CA GLU A 102 -1.19 6.27 25.01
C GLU A 102 -0.66 7.29 23.98
N TYR A 103 -1.03 7.15 22.70
CA TYR A 103 -0.53 7.97 21.58
C TYR A 103 -1.61 8.31 20.52
N GLY A 104 -2.87 7.92 20.76
CA GLY A 104 -4.01 8.13 19.87
C GLY A 104 -5.31 7.53 20.40
N GLN A 105 -6.39 7.66 19.63
CA GLN A 105 -7.75 7.20 20.00
C GLN A 105 -8.56 6.61 18.82
N GLY A 106 -7.94 6.37 17.66
CA GLY A 106 -8.56 5.84 16.46
C GLY A 106 -7.60 5.77 15.26
N ILE A 107 -8.10 5.28 14.11
CA ILE A 107 -7.35 5.26 12.84
C ILE A 107 -7.08 6.69 12.31
N ASN A 108 -6.12 6.84 11.39
CA ASN A 108 -5.71 8.13 10.80
C ASN A 108 -6.88 8.88 10.10
N PRO A 109 -6.80 10.23 9.91
CA PRO A 109 -7.75 10.98 9.06
C PRO A 109 -7.85 10.40 7.65
N ILE A 110 -6.70 9.96 7.14
CA ILE A 110 -6.45 9.48 5.79
C ILE A 110 -7.19 8.16 5.54
N SER A 111 -6.85 7.15 6.34
CA SER A 111 -7.53 5.85 6.42
C SER A 111 -8.95 5.93 7.02
N ARG A 112 -9.53 7.14 7.18
CA ARG A 112 -10.91 7.36 7.62
C ARG A 112 -11.76 8.06 6.56
N LEU A 113 -11.22 9.04 5.83
CA LEU A 113 -11.92 9.68 4.69
C LEU A 113 -12.24 8.67 3.58
N ALA A 114 -11.26 7.88 3.16
CA ALA A 114 -11.46 6.81 2.18
C ALA A 114 -12.45 5.74 2.68
N GLN A 115 -12.43 5.50 4.00
CA GLN A 115 -13.35 4.61 4.71
C GLN A 115 -14.80 5.14 4.68
N ILE A 116 -15.00 6.45 4.83
CA ILE A 116 -16.31 7.13 4.82
C ILE A 116 -16.93 7.17 3.41
N GLN A 117 -16.15 7.37 2.34
CA GLN A 117 -16.68 7.37 0.96
C GLN A 117 -17.43 6.07 0.60
N GLN A 118 -16.95 4.92 1.07
CA GLN A 118 -17.56 3.62 0.76
C GLN A 118 -18.99 3.53 1.31
N ALA A 119 -19.22 4.10 2.49
CA ALA A 119 -20.51 4.17 3.17
C ALA A 119 -21.56 5.03 2.42
N LYS A 120 -21.14 5.95 1.53
CA LYS A 120 -22.00 6.77 0.66
C LYS A 120 -22.18 6.13 -0.74
N LYS A 121 -21.80 4.85 -0.87
CA LYS A 121 -21.78 4.04 -2.10
C LYS A 121 -20.81 4.55 -3.18
N GLU A 122 -19.87 5.41 -2.79
CA GLU A 122 -18.73 5.81 -3.62
C GLU A 122 -17.59 4.78 -3.50
N LYS A 123 -16.46 5.09 -4.13
CA LYS A 123 -15.21 4.32 -4.03
C LYS A 123 -14.13 5.15 -3.33
N GLU A 124 -13.88 6.30 -3.93
CA GLU A 124 -12.90 7.32 -3.56
C GLU A 124 -13.42 8.73 -3.96
N PRO A 125 -12.88 9.83 -3.39
CA PRO A 125 -13.22 11.20 -3.77
C PRO A 125 -12.48 11.65 -5.06
N GLU A 126 -12.72 12.88 -5.51
CA GLU A 126 -12.18 13.43 -6.76
C GLU A 126 -10.78 14.06 -6.58
N TYR A 127 -9.76 13.24 -6.28
CA TYR A 127 -8.37 13.70 -6.17
C TYR A 127 -7.84 14.28 -7.51
N THR A 128 -7.09 15.39 -7.43
CA THR A 128 -6.65 16.24 -8.56
C THR A 128 -5.29 16.89 -8.25
N LEU A 129 -4.44 17.10 -9.27
CA LEU A 129 -3.16 17.80 -9.15
C LEU A 129 -3.28 19.25 -9.64
N LEU A 130 -2.85 20.20 -8.80
CA LEU A 130 -2.84 21.64 -9.12
C LEU A 130 -1.56 22.06 -9.88
N THR A 131 -0.40 21.93 -9.22
CA THR A 131 0.88 22.48 -9.68
C THR A 131 2.09 21.84 -8.98
N GLU A 132 3.28 22.19 -9.47
CA GLU A 132 4.62 21.78 -9.01
C GLU A 132 5.58 22.99 -8.94
N ARG A 133 5.03 24.21 -8.88
CA ARG A 133 5.68 25.52 -9.03
C ARG A 133 7.02 25.75 -8.31
N GLY A 134 7.21 25.19 -7.11
CA GLY A 134 8.38 25.44 -6.27
C GLY A 134 8.62 26.92 -5.95
N LEU A 135 9.89 27.25 -5.71
CA LEU A 135 10.44 28.58 -5.40
C LEU A 135 11.78 28.80 -6.13
N PRO A 136 12.33 30.03 -6.21
CA PRO A 136 13.63 30.32 -6.83
C PRO A 136 14.82 29.46 -6.37
N ARG A 137 14.75 28.90 -5.15
CA ARG A 137 15.74 27.94 -4.62
C ARG A 137 15.14 26.93 -3.63
N ARG A 138 13.93 26.42 -3.92
CA ARG A 138 13.27 25.29 -3.23
C ARG A 138 12.23 24.62 -4.14
N ARG A 139 11.81 23.40 -3.82
CA ARG A 139 10.86 22.57 -4.62
C ARG A 139 9.90 21.80 -3.70
N GLU A 140 8.63 21.72 -4.08
CA GLU A 140 7.54 21.10 -3.31
C GLU A 140 6.33 20.78 -4.22
N PHE A 141 5.43 19.87 -3.80
CA PHE A 141 4.22 19.47 -4.54
C PHE A 141 2.94 19.96 -3.86
N VAL A 142 1.82 19.93 -4.60
CA VAL A 142 0.49 20.40 -4.13
C VAL A 142 -0.60 19.42 -4.59
N MET A 143 -1.77 19.43 -3.96
CA MET A 143 -2.93 18.59 -4.31
C MET A 143 -4.26 19.33 -4.05
N GLN A 144 -5.33 18.91 -4.75
CA GLN A 144 -6.71 19.32 -4.50
C GLN A 144 -7.61 18.08 -4.58
N VAL A 145 -8.66 18.03 -3.76
CA VAL A 145 -9.72 16.99 -3.83
C VAL A 145 -11.07 17.63 -3.57
N LYS A 146 -12.15 17.03 -4.10
CA LYS A 146 -13.54 17.45 -3.90
C LYS A 146 -14.39 16.26 -3.46
N VAL A 147 -15.35 16.49 -2.55
CA VAL A 147 -16.17 15.42 -1.93
C VAL A 147 -17.69 15.67 -2.08
N GLY A 148 -18.10 16.85 -2.56
CA GLY A 148 -19.49 17.14 -2.92
C GLY A 148 -19.77 18.61 -3.20
N ASN A 149 -19.42 19.47 -2.24
CA ASN A 149 -19.56 20.93 -2.29
C ASN A 149 -18.31 21.67 -1.77
N HIS A 150 -17.30 20.94 -1.27
CA HIS A 150 -16.12 21.48 -0.59
C HIS A 150 -14.83 20.76 -1.04
N THR A 151 -13.69 21.42 -0.80
CA THR A 151 -12.36 20.94 -1.23
C THR A 151 -11.28 21.06 -0.14
N ALA A 152 -10.20 20.29 -0.32
CA ALA A 152 -9.04 20.24 0.58
C ALA A 152 -7.71 20.44 -0.18
N GLU A 153 -6.61 20.69 0.54
CA GLU A 153 -5.26 20.90 0.00
C GLU A 153 -4.20 20.23 0.90
N GLY A 154 -3.09 19.80 0.30
CA GLY A 154 -1.96 19.11 0.95
C GLY A 154 -0.67 19.12 0.11
N THR A 155 0.38 18.48 0.66
CA THR A 155 1.76 18.43 0.13
C THR A 155 2.31 16.99 0.17
N GLY A 156 3.38 16.67 -0.58
CA GLY A 156 3.82 15.27 -0.70
C GLY A 156 5.16 15.03 -1.42
N THR A 157 5.41 13.76 -1.77
CA THR A 157 6.63 13.27 -2.45
C THR A 157 6.38 12.52 -3.77
N ASN A 158 5.10 12.31 -4.10
CA ASN A 158 4.61 11.84 -5.40
C ASN A 158 3.09 12.03 -5.50
N LYS A 159 2.52 11.81 -6.69
CA LYS A 159 1.07 11.90 -6.96
C LYS A 159 0.18 10.90 -6.21
N LYS A 160 0.74 9.95 -5.45
CA LYS A 160 0.00 9.09 -4.49
C LYS A 160 0.39 9.33 -3.02
N VAL A 161 1.15 10.40 -2.73
CA VAL A 161 1.58 10.80 -1.37
C VAL A 161 1.13 12.21 -1.01
N ALA A 162 0.94 13.14 -1.96
CA ALA A 162 0.28 14.41 -1.63
C ALA A 162 -1.17 14.20 -1.11
N LYS A 163 -1.76 13.06 -1.50
CA LYS A 163 -3.00 12.45 -1.02
C LYS A 163 -3.02 12.21 0.51
N ARG A 164 -1.85 11.98 1.12
CA ARG A 164 -1.65 11.71 2.56
C ARG A 164 -1.93 12.95 3.41
N ASN A 165 -1.25 14.04 3.11
CA ASN A 165 -1.25 15.25 3.94
C ASN A 165 -2.56 16.04 3.81
N ALA A 166 -3.18 16.06 2.61
CA ALA A 166 -4.45 16.74 2.38
C ALA A 166 -5.62 16.23 3.25
N ALA A 167 -5.59 14.95 3.67
CA ALA A 167 -6.68 14.29 4.38
C ALA A 167 -7.03 14.91 5.75
N GLU A 168 -6.06 15.49 6.45
CA GLU A 168 -6.26 16.31 7.65
C GLU A 168 -7.24 17.49 7.42
N ASN A 169 -7.42 17.90 6.16
CA ASN A 169 -8.27 18.98 5.70
C ASN A 169 -9.44 18.44 4.85
N MET A 170 -9.69 17.13 4.79
CA MET A 170 -10.82 16.52 4.06
C MET A 170 -12.01 16.15 4.97
N LEU A 171 -11.89 16.28 6.30
CA LEU A 171 -12.96 15.96 7.26
C LEU A 171 -13.52 17.21 7.97
N GLU A 172 -12.67 18.20 8.21
CA GLU A 172 -13.04 19.50 8.80
C GLU A 172 -13.84 20.40 7.84
N ILE A 173 -13.87 20.04 6.55
CA ILE A 173 -14.44 20.84 5.43
C ILE A 173 -15.88 20.46 5.07
N LEU A 174 -16.30 19.24 5.47
CA LEU A 174 -17.57 18.62 5.11
C LEU A 174 -18.36 18.11 6.35
N GLY A 175 -17.81 18.33 7.55
CA GLY A 175 -18.48 18.14 8.84
C GLY A 175 -18.39 16.74 9.45
N PHE A 176 -17.25 16.06 9.29
CA PHE A 176 -16.97 14.73 9.88
C PHE A 176 -15.83 14.77 10.92
N LYS A 177 -15.32 15.97 11.26
CA LYS A 177 -14.39 16.25 12.35
C LYS A 177 -14.71 17.62 13.00
N GLY A 1 19.77 -18.11 8.18
CA GLY A 1 18.57 -17.30 7.94
C GLY A 1 17.96 -17.61 6.57
N SER A 2 16.63 -17.78 6.51
CA SER A 2 15.89 -18.21 5.30
C SER A 2 14.61 -17.41 5.03
N HIS A 3 14.39 -16.31 5.76
CA HIS A 3 13.25 -15.40 5.62
C HIS A 3 13.63 -13.95 6.00
N MET A 4 12.85 -12.96 5.55
CA MET A 4 13.09 -11.53 5.82
C MET A 4 11.82 -10.67 5.69
N LYS A 5 10.96 -10.97 4.72
CA LYS A 5 9.75 -10.19 4.36
C LYS A 5 8.66 -11.07 3.74
N SER A 6 7.44 -10.53 3.65
CA SER A 6 6.23 -11.26 3.22
C SER A 6 6.32 -11.88 1.82
N GLU A 7 5.44 -12.85 1.57
CA GLU A 7 5.45 -13.74 0.40
C GLU A 7 5.13 -13.05 -0.92
N ILE A 8 4.25 -12.05 -0.93
CA ILE A 8 4.04 -11.29 -2.19
C ILE A 8 4.94 -10.03 -2.23
N SER A 9 5.37 -9.53 -1.07
CA SER A 9 6.41 -8.50 -0.92
C SER A 9 7.83 -8.96 -1.35
N GLN A 10 7.97 -10.16 -1.92
CA GLN A 10 9.19 -10.65 -2.58
C GLN A 10 8.99 -10.98 -4.04
N VAL A 11 7.90 -11.69 -4.37
CA VAL A 11 7.75 -12.26 -5.71
C VAL A 11 7.75 -11.21 -6.83
N PHE A 12 7.11 -10.06 -6.60
CA PHE A 12 7.01 -8.95 -7.56
C PHE A 12 8.37 -8.29 -7.91
N GLU A 13 9.35 -8.31 -6.99
CA GLU A 13 10.69 -7.71 -7.20
C GLU A 13 11.77 -8.76 -7.46
N ILE A 14 11.52 -10.05 -7.18
CA ILE A 14 12.40 -11.14 -7.65
C ILE A 14 12.50 -11.10 -9.19
N ALA A 15 11.47 -10.61 -9.86
CA ALA A 15 11.45 -10.34 -11.31
C ALA A 15 12.55 -9.37 -11.82
N LEU A 16 13.16 -8.56 -10.95
CA LEU A 16 14.35 -7.76 -11.30
C LEU A 16 15.53 -8.67 -11.73
N LYS A 17 15.58 -9.90 -11.20
CA LYS A 17 16.58 -10.93 -11.52
C LYS A 17 16.02 -12.12 -12.31
N ARG A 18 14.70 -12.32 -12.34
CA ARG A 18 14.02 -13.46 -13.01
C ARG A 18 13.15 -13.11 -14.23
N ASN A 19 12.94 -11.82 -14.51
CA ASN A 19 12.29 -11.21 -15.70
C ASN A 19 10.83 -11.64 -16.01
N LEU A 20 10.23 -12.50 -15.20
CA LEU A 20 8.92 -13.14 -15.43
C LEU A 20 7.93 -13.05 -14.25
N PRO A 21 8.34 -13.12 -12.96
CA PRO A 21 7.47 -13.03 -11.75
C PRO A 21 6.74 -11.69 -11.49
N VAL A 22 6.47 -10.95 -12.56
CA VAL A 22 5.87 -9.60 -12.63
C VAL A 22 4.56 -9.62 -13.46
N ASN A 23 3.92 -10.79 -13.56
CA ASN A 23 2.79 -11.04 -14.46
C ASN A 23 1.64 -11.74 -13.72
N PHE A 24 0.41 -11.41 -14.13
CA PHE A 24 -0.83 -11.90 -13.56
C PHE A 24 -1.83 -12.31 -14.66
N GLU A 25 -2.93 -12.94 -14.27
CA GLU A 25 -4.06 -13.29 -15.11
C GLU A 25 -5.37 -13.06 -14.33
N VAL A 26 -6.43 -13.81 -14.65
CA VAL A 26 -7.84 -13.67 -14.22
C VAL A 26 -8.26 -12.23 -13.88
N ALA A 27 -8.71 -11.89 -12.66
CA ALA A 27 -9.27 -10.56 -12.34
C ALA A 27 -8.28 -9.37 -12.27
N ARG A 28 -7.03 -9.50 -12.73
CA ARG A 28 -6.07 -8.37 -12.84
C ARG A 28 -6.69 -7.13 -13.48
N GLU A 29 -6.35 -5.95 -12.96
CA GLU A 29 -6.68 -4.62 -13.52
C GLU A 29 -8.19 -4.37 -13.82
N SER A 30 -9.09 -5.23 -13.34
CA SER A 30 -10.53 -5.16 -13.59
C SER A 30 -11.25 -4.09 -12.74
N GLY A 31 -12.49 -3.77 -13.11
CA GLY A 31 -13.30 -2.71 -12.50
C GLY A 31 -14.76 -2.74 -12.94
N PRO A 32 -15.56 -1.70 -12.62
CA PRO A 32 -16.98 -1.60 -12.96
C PRO A 32 -17.40 -1.99 -14.39
N PRO A 33 -16.65 -1.67 -15.47
CA PRO A 33 -16.92 -2.14 -16.84
C PRO A 33 -17.02 -3.67 -17.01
N HIS A 34 -16.51 -4.45 -16.05
CA HIS A 34 -16.50 -5.92 -16.03
C HIS A 34 -17.14 -6.47 -14.74
N MET A 35 -18.05 -5.71 -14.12
CA MET A 35 -18.71 -6.03 -12.85
C MET A 35 -17.70 -6.29 -11.71
N LYS A 36 -16.58 -5.55 -11.71
CA LYS A 36 -15.39 -5.66 -10.85
C LYS A 36 -14.48 -6.86 -11.16
N ASN A 37 -15.04 -7.94 -11.71
CA ASN A 37 -14.43 -9.26 -11.89
C ASN A 37 -14.02 -9.92 -10.55
N PHE A 38 -13.74 -11.23 -10.56
CA PHE A 38 -13.56 -12.04 -9.35
C PHE A 38 -12.65 -13.27 -9.63
N VAL A 39 -11.87 -13.73 -8.63
CA VAL A 39 -10.77 -14.75 -8.69
C VAL A 39 -9.51 -14.21 -9.40
N THR A 40 -8.30 -14.51 -8.91
CA THR A 40 -7.03 -14.12 -9.59
C THR A 40 -6.00 -15.25 -9.67
N LYS A 41 -5.24 -15.30 -10.77
CA LYS A 41 -4.06 -16.17 -10.98
C LYS A 41 -2.80 -15.32 -11.23
N VAL A 42 -1.61 -15.88 -10.93
CA VAL A 42 -0.28 -15.25 -11.12
C VAL A 42 0.57 -16.09 -12.08
N SER A 43 1.60 -15.48 -12.68
CA SER A 43 2.57 -16.14 -13.56
C SER A 43 4.00 -15.82 -13.11
N VAL A 44 4.80 -16.86 -12.84
CA VAL A 44 6.12 -16.79 -12.20
C VAL A 44 7.02 -17.86 -12.81
N GLY A 45 8.13 -17.46 -13.44
CA GLY A 45 9.19 -18.38 -13.92
C GLY A 45 8.74 -19.49 -14.87
N GLU A 46 7.94 -19.13 -15.88
CA GLU A 46 7.27 -20.04 -16.84
C GLU A 46 6.25 -21.02 -16.21
N PHE A 47 5.80 -20.71 -15.00
CA PHE A 47 4.80 -21.40 -14.19
C PHE A 47 3.80 -20.42 -13.62
N VAL A 48 2.85 -20.93 -12.86
CA VAL A 48 1.69 -20.19 -12.39
C VAL A 48 1.27 -20.60 -10.97
N GLY A 49 0.53 -19.73 -10.30
CA GLY A 49 -0.07 -19.97 -8.99
C GLY A 49 -1.46 -19.31 -8.92
N GLU A 50 -2.32 -19.79 -8.03
CA GLU A 50 -3.74 -19.45 -7.98
C GLU A 50 -4.29 -19.56 -6.55
N GLY A 51 -5.36 -18.81 -6.23
CA GLY A 51 -6.00 -18.79 -4.91
C GLY A 51 -6.81 -20.06 -4.55
N GLU A 52 -6.22 -21.24 -4.75
CA GLU A 52 -6.84 -22.56 -4.47
C GLU A 52 -6.88 -22.94 -2.97
N GLY A 53 -6.18 -22.20 -2.11
CA GLY A 53 -6.22 -22.34 -0.65
C GLY A 53 -7.54 -21.83 -0.03
N LYS A 54 -7.63 -21.91 1.30
CA LYS A 54 -8.71 -21.27 2.10
C LYS A 54 -8.67 -19.73 2.06
N SER A 55 -7.62 -19.16 1.45
CA SER A 55 -7.31 -17.75 1.16
C SER A 55 -7.97 -16.68 2.02
N LYS A 56 -9.18 -16.19 1.74
CA LYS A 56 -9.84 -15.18 2.60
C LYS A 56 -10.04 -15.61 4.08
N LYS A 57 -9.82 -16.89 4.40
CA LYS A 57 -9.94 -17.50 5.75
C LYS A 57 -8.61 -17.96 6.36
N ILE A 58 -7.48 -17.85 5.63
CA ILE A 58 -6.12 -18.28 6.05
C ILE A 58 -5.03 -17.21 5.89
N SER A 59 -5.19 -16.34 4.89
CA SER A 59 -4.29 -15.31 4.33
C SER A 59 -4.37 -15.41 2.79
N LYS A 60 -4.65 -14.29 2.11
CA LYS A 60 -4.89 -14.27 0.65
C LYS A 60 -3.65 -14.52 -0.23
N LYS A 61 -2.44 -14.65 0.35
CA LYS A 61 -1.18 -14.82 -0.40
C LYS A 61 -1.04 -16.14 -1.17
N ASN A 62 -1.98 -17.08 -1.03
CA ASN A 62 -1.84 -18.44 -1.58
C ASN A 62 -1.60 -18.46 -3.10
N ALA A 63 -2.16 -17.51 -3.87
CA ALA A 63 -1.87 -17.37 -5.29
C ALA A 63 -0.37 -17.21 -5.62
N ALA A 64 0.40 -16.49 -4.77
CA ALA A 64 1.84 -16.36 -4.92
C ALA A 64 2.60 -17.50 -4.23
N ILE A 65 2.26 -17.84 -2.98
CA ILE A 65 2.87 -18.95 -2.21
C ILE A 65 2.85 -20.26 -2.99
N ALA A 66 1.77 -20.52 -3.74
CA ALA A 66 1.62 -21.70 -4.59
C ALA A 66 2.66 -21.83 -5.71
N VAL A 67 3.40 -20.77 -6.00
CA VAL A 67 4.45 -20.71 -7.04
C VAL A 67 5.78 -20.13 -6.53
N LEU A 68 5.82 -19.51 -5.33
CA LEU A 68 7.06 -19.12 -4.63
C LEU A 68 7.89 -20.37 -4.28
N GLU A 69 7.25 -21.54 -4.15
CA GLU A 69 7.92 -22.85 -4.05
C GLU A 69 8.76 -23.21 -5.30
N GLU A 70 8.48 -22.61 -6.46
CA GLU A 70 9.29 -22.79 -7.68
C GLU A 70 10.53 -21.87 -7.72
N LEU A 71 10.62 -20.93 -6.78
CA LEU A 71 11.66 -19.90 -6.67
C LEU A 71 12.71 -20.23 -5.59
N LYS A 72 12.61 -21.37 -4.91
CA LYS A 72 13.61 -21.88 -3.95
C LYS A 72 15.00 -22.11 -4.57
N LYS A 73 15.07 -22.16 -5.91
CA LYS A 73 16.28 -22.22 -6.74
C LYS A 73 17.01 -20.87 -6.92
N LEU A 74 16.54 -19.79 -6.26
CA LEU A 74 17.23 -18.48 -6.19
C LEU A 74 18.72 -18.56 -5.76
N PRO A 75 19.55 -17.54 -6.10
CA PRO A 75 20.96 -17.48 -5.71
C PRO A 75 21.16 -17.29 -4.19
N PRO A 76 22.42 -17.29 -3.69
CA PRO A 76 22.73 -16.93 -2.30
C PRO A 76 22.45 -15.47 -1.92
N LEU A 77 22.42 -14.56 -2.91
CA LEU A 77 22.34 -13.10 -2.74
C LEU A 77 21.13 -12.41 -3.44
N PRO A 78 19.87 -12.86 -3.22
CA PRO A 78 18.68 -12.25 -3.82
C PRO A 78 18.24 -10.94 -3.12
N ALA A 79 18.90 -10.56 -2.02
CA ALA A 79 18.62 -9.41 -1.16
C ALA A 79 19.92 -8.80 -0.59
N VAL A 80 19.81 -7.83 0.32
CA VAL A 80 20.94 -7.08 0.90
C VAL A 80 20.84 -6.97 2.43
N GLU A 81 21.99 -6.89 3.10
CA GLU A 81 22.10 -6.78 4.57
C GLU A 81 21.56 -5.44 5.11
N ARG A 82 21.39 -5.36 6.44
CA ARG A 82 20.90 -4.19 7.20
C ARG A 82 21.72 -3.97 8.49
N VAL A 83 21.53 -2.80 9.11
CA VAL A 83 22.09 -2.41 10.41
C VAL A 83 21.03 -1.70 11.27
N LYS A 84 21.21 -1.70 12.59
CA LYS A 84 20.30 -1.10 13.58
C LYS A 84 21.09 -0.63 14.83
N PRO A 85 20.83 0.57 15.39
CA PRO A 85 21.48 1.03 16.61
C PRO A 85 21.00 0.27 17.86
N ARG A 86 21.80 0.33 18.93
CA ARG A 86 21.53 -0.33 20.23
C ARG A 86 21.58 0.64 21.43
N ILE A 87 21.64 1.94 21.15
CA ILE A 87 21.62 3.02 22.15
C ILE A 87 20.27 3.02 22.89
N LYS A 88 20.30 3.17 24.22
CA LYS A 88 19.11 3.21 25.11
C LYS A 88 19.11 4.37 26.12
N LYS A 89 20.02 5.34 25.93
CA LYS A 89 20.22 6.58 26.71
C LYS A 89 20.51 6.36 28.21
N LYS A 90 20.78 7.46 28.94
CA LYS A 90 21.07 7.51 30.38
C LYS A 90 20.23 8.58 31.12
N THR A 91 19.22 9.13 30.45
CA THR A 91 18.28 10.12 30.98
C THR A 91 17.32 9.55 32.04
N LYS A 92 16.66 10.45 32.80
CA LYS A 92 15.67 10.12 33.85
C LYS A 92 14.42 11.01 33.86
N PRO A 93 14.45 12.32 33.47
CA PRO A 93 13.24 13.13 33.26
C PRO A 93 12.25 12.61 32.20
N ILE A 94 12.65 11.64 31.36
CA ILE A 94 11.81 10.96 30.37
C ILE A 94 10.54 10.33 30.99
N VAL A 95 9.46 10.25 30.20
CA VAL A 95 8.14 9.73 30.59
C VAL A 95 7.54 8.81 29.52
N LYS A 96 6.46 8.10 29.86
CA LYS A 96 5.74 7.14 29.00
C LYS A 96 4.21 7.33 29.12
N PRO A 97 3.41 6.97 28.10
CA PRO A 97 1.95 7.05 28.17
C PRO A 97 1.34 6.05 29.18
N GLN A 98 0.12 6.33 29.62
CA GLN A 98 -0.65 5.53 30.58
C GLN A 98 -2.16 5.65 30.28
N THR A 99 -2.95 4.62 30.63
CA THR A 99 -4.41 4.53 30.39
C THR A 99 -4.79 4.47 28.89
N SER A 100 -3.81 4.29 28.00
CA SER A 100 -3.97 4.17 26.54
C SER A 100 -3.11 3.04 25.93
N PRO A 101 -3.14 1.80 26.46
CA PRO A 101 -2.37 0.67 25.93
C PRO A 101 -2.89 0.14 24.58
N GLU A 102 -4.10 0.56 24.18
CA GLU A 102 -4.78 0.18 22.92
C GLU A 102 -5.65 1.33 22.38
N TYR A 103 -6.03 1.24 21.11
CA TYR A 103 -6.89 2.21 20.41
C TYR A 103 -7.65 1.55 19.24
N GLY A 104 -8.70 2.22 18.74
CA GLY A 104 -9.52 1.70 17.63
C GLY A 104 -10.65 2.62 17.13
N GLN A 105 -10.85 3.81 17.70
CA GLN A 105 -11.85 4.78 17.25
C GLN A 105 -11.54 5.36 15.84
N GLY A 106 -10.29 5.25 15.39
CA GLY A 106 -9.83 5.58 14.03
C GLY A 106 -8.39 5.13 13.79
N ILE A 107 -7.88 5.36 12.58
CA ILE A 107 -6.49 5.06 12.18
C ILE A 107 -5.99 6.23 11.32
N ASN A 108 -5.15 7.11 11.89
CA ASN A 108 -4.63 8.35 11.28
C ASN A 108 -5.75 9.29 10.75
N PRO A 109 -5.43 10.48 10.18
CA PRO A 109 -6.42 11.25 9.42
C PRO A 109 -6.76 10.52 8.11
N ILE A 110 -5.73 9.90 7.51
CA ILE A 110 -5.73 9.35 6.15
C ILE A 110 -6.63 8.09 6.02
N SER A 111 -6.33 7.03 6.78
CA SER A 111 -7.13 5.80 6.88
C SER A 111 -8.41 5.98 7.72
N ARG A 112 -8.82 7.23 8.00
CA ARG A 112 -10.12 7.58 8.59
C ARG A 112 -11.00 8.27 7.56
N LEU A 113 -10.52 9.32 6.89
CA LEU A 113 -11.30 10.03 5.86
C LEU A 113 -11.61 9.15 4.65
N ALA A 114 -10.62 8.42 4.14
CA ALA A 114 -10.80 7.45 3.06
C ALA A 114 -11.71 6.25 3.45
N GLN A 115 -11.94 6.06 4.75
CA GLN A 115 -12.76 4.98 5.31
C GLN A 115 -14.22 5.42 5.55
N ILE A 116 -14.42 6.66 6.06
CA ILE A 116 -15.74 7.30 6.24
C ILE A 116 -16.55 7.34 4.94
N GLN A 117 -15.92 7.64 3.79
CA GLN A 117 -16.59 7.64 2.49
C GLN A 117 -17.26 6.29 2.16
N GLN A 118 -16.63 5.17 2.50
CA GLN A 118 -17.17 3.84 2.20
C GLN A 118 -18.40 3.52 3.07
N ALA A 119 -18.42 4.02 4.31
CA ALA A 119 -19.57 4.00 5.20
C ALA A 119 -20.76 4.86 4.70
N LYS A 120 -20.54 5.75 3.71
CA LYS A 120 -21.56 6.58 3.03
C LYS A 120 -21.91 6.02 1.63
N LYS A 121 -21.43 4.80 1.34
CA LYS A 121 -21.51 4.06 0.07
C LYS A 121 -20.77 4.71 -1.11
N GLU A 122 -19.89 5.66 -0.82
CA GLU A 122 -18.93 6.22 -1.78
C GLU A 122 -17.71 5.28 -1.89
N LYS A 123 -16.68 5.73 -2.65
CA LYS A 123 -15.43 4.98 -2.85
C LYS A 123 -14.28 5.68 -2.12
N GLU A 124 -13.96 6.88 -2.58
CA GLU A 124 -13.00 7.84 -2.02
C GLU A 124 -13.29 9.25 -2.61
N PRO A 125 -12.70 10.34 -2.06
CA PRO A 125 -12.73 11.69 -2.65
C PRO A 125 -12.22 11.78 -4.10
N GLU A 126 -12.26 12.98 -4.68
CA GLU A 126 -11.69 13.29 -6.01
C GLU A 126 -10.52 14.29 -5.86
N TYR A 127 -9.43 14.06 -6.60
CA TYR A 127 -8.14 14.76 -6.43
C TYR A 127 -7.62 15.35 -7.75
N THR A 128 -6.82 16.42 -7.65
CA THR A 128 -6.35 17.29 -8.74
C THR A 128 -4.90 17.75 -8.49
N LEU A 129 -4.14 18.02 -9.55
CA LEU A 129 -2.74 18.49 -9.53
C LEU A 129 -2.65 19.92 -10.09
N LEU A 130 -1.98 20.82 -9.36
CA LEU A 130 -1.87 22.25 -9.70
C LEU A 130 -0.44 22.71 -10.05
N THR A 131 0.50 22.53 -9.11
CA THR A 131 1.92 23.00 -9.18
C THR A 131 2.13 24.41 -9.77
N GLU A 132 1.23 25.34 -9.43
CA GLU A 132 1.25 26.75 -9.90
C GLU A 132 2.21 27.66 -9.09
N ARG A 133 3.19 27.07 -8.38
CA ARG A 133 4.12 27.75 -7.46
C ARG A 133 5.55 27.22 -7.54
N GLY A 134 6.48 27.95 -6.95
CA GLY A 134 7.89 27.59 -6.79
C GLY A 134 8.75 28.78 -6.38
N LEU A 135 9.97 28.51 -5.94
CA LEU A 135 10.99 29.48 -5.51
C LEU A 135 12.39 29.01 -5.98
N PRO A 136 13.42 29.88 -5.96
CA PRO A 136 14.80 29.52 -6.32
C PRO A 136 15.39 28.26 -5.66
N ARG A 137 14.82 27.81 -4.52
CA ARG A 137 15.21 26.56 -3.83
C ARG A 137 14.02 25.75 -3.26
N ARG A 138 12.78 25.94 -3.73
CA ARG A 138 11.59 25.12 -3.36
C ARG A 138 10.77 24.77 -4.60
N ARG A 139 10.50 23.47 -4.80
CA ARG A 139 9.96 22.88 -6.05
C ARG A 139 8.93 21.74 -5.89
N GLU A 140 8.34 21.60 -4.70
CA GLU A 140 7.40 20.53 -4.33
C GLU A 140 6.13 20.42 -5.20
N PHE A 141 5.51 19.23 -5.18
CA PHE A 141 4.18 18.95 -5.74
C PHE A 141 3.09 19.77 -5.03
N VAL A 142 1.95 19.99 -5.67
CA VAL A 142 0.74 20.57 -5.03
C VAL A 142 -0.50 19.81 -5.50
N MET A 143 -1.26 19.31 -4.54
CA MET A 143 -2.53 18.59 -4.74
C MET A 143 -3.70 19.38 -4.16
N GLN A 144 -4.86 19.32 -4.82
CA GLN A 144 -6.16 19.80 -4.32
C GLN A 144 -7.16 18.63 -4.36
N VAL A 145 -7.98 18.51 -3.32
CA VAL A 145 -9.01 17.45 -3.18
C VAL A 145 -10.36 18.10 -2.96
N LYS A 146 -11.45 17.44 -3.39
CA LYS A 146 -12.83 17.88 -3.20
C LYS A 146 -13.71 16.72 -2.71
N VAL A 147 -14.63 17.03 -1.79
CA VAL A 147 -15.51 16.05 -1.12
C VAL A 147 -17.01 16.36 -1.32
N GLY A 148 -17.35 17.55 -1.86
CA GLY A 148 -18.71 17.91 -2.31
C GLY A 148 -18.83 19.38 -2.69
N ASN A 149 -18.44 20.27 -1.78
CA ASN A 149 -18.40 21.74 -1.97
C ASN A 149 -17.12 22.38 -1.37
N HIS A 150 -16.31 21.59 -0.64
CA HIS A 150 -15.16 22.03 0.16
C HIS A 150 -13.88 21.31 -0.26
N THR A 151 -12.71 21.92 -0.01
CA THR A 151 -11.41 21.44 -0.49
C THR A 151 -10.28 21.55 0.54
N ALA A 152 -9.21 20.77 0.31
CA ALA A 152 -7.94 20.79 1.06
C ALA A 152 -6.73 20.72 0.11
N GLU A 153 -5.51 20.93 0.63
CA GLU A 153 -4.27 20.93 -0.13
C GLU A 153 -3.11 20.28 0.64
N GLY A 154 -2.10 19.78 -0.09
CA GLY A 154 -0.91 19.07 0.40
C GLY A 154 0.22 18.94 -0.64
N THR A 155 1.36 18.40 -0.22
CA THR A 155 2.60 18.22 -1.01
C THR A 155 3.13 16.78 -0.90
N GLY A 156 3.98 16.31 -1.82
CA GLY A 156 4.51 14.94 -1.81
C GLY A 156 5.43 14.57 -2.98
N THR A 157 5.99 13.36 -2.97
CA THR A 157 7.01 12.92 -3.94
C THR A 157 6.44 12.45 -5.30
N ASN A 158 5.19 11.99 -5.33
CA ASN A 158 4.44 11.66 -6.56
C ASN A 158 2.93 11.83 -6.36
N LYS A 159 2.17 11.62 -7.44
CA LYS A 159 0.70 11.64 -7.46
C LYS A 159 -0.04 10.66 -6.52
N LYS A 160 0.67 9.73 -5.85
CA LYS A 160 0.09 8.89 -4.76
C LYS A 160 0.64 9.22 -3.36
N VAL A 161 1.38 10.32 -3.21
CA VAL A 161 2.00 10.77 -1.93
C VAL A 161 1.61 12.19 -1.56
N ALA A 162 1.26 13.09 -2.49
CA ALA A 162 0.68 14.37 -2.11
C ALA A 162 -0.69 14.21 -1.40
N LYS A 163 -1.42 13.16 -1.81
CA LYS A 163 -2.64 12.62 -1.19
C LYS A 163 -2.48 12.30 0.31
N ARG A 164 -1.25 11.92 0.72
CA ARG A 164 -0.82 11.46 2.05
C ARG A 164 -0.48 12.59 3.03
N ASN A 165 -0.46 13.84 2.58
CA ASN A 165 -0.20 15.02 3.44
C ASN A 165 -1.42 15.96 3.54
N ALA A 166 -2.17 16.14 2.45
CA ALA A 166 -3.44 16.90 2.47
C ALA A 166 -4.50 16.34 3.45
N ALA A 167 -4.47 15.03 3.72
CA ALA A 167 -5.41 14.32 4.58
C ALA A 167 -5.56 14.91 6.00
N GLU A 168 -4.49 15.46 6.57
CA GLU A 168 -4.49 16.18 7.85
C GLU A 168 -5.50 17.35 7.90
N ASN A 169 -5.85 17.95 6.76
CA ASN A 169 -6.82 19.02 6.62
C ASN A 169 -8.20 18.49 6.18
N MET A 170 -8.26 17.36 5.45
CA MET A 170 -9.51 16.83 4.84
C MET A 170 -10.67 16.56 5.82
N LEU A 171 -10.45 16.50 7.14
CA LEU A 171 -11.53 16.39 8.14
C LEU A 171 -12.02 17.77 8.61
N GLU A 172 -11.16 18.79 8.65
CA GLU A 172 -11.46 20.14 9.14
C GLU A 172 -12.21 21.01 8.11
N ILE A 173 -12.43 20.51 6.89
CA ILE A 173 -12.95 21.29 5.76
C ILE A 173 -14.45 21.13 5.55
N LEU A 174 -15.03 20.02 6.02
CA LEU A 174 -16.44 19.68 5.85
C LEU A 174 -17.18 19.29 7.15
N GLY A 175 -16.46 19.16 8.27
CA GLY A 175 -17.05 19.02 9.61
C GLY A 175 -16.86 17.68 10.34
N PHE A 176 -15.72 17.00 10.14
CA PHE A 176 -15.36 15.77 10.88
C PHE A 176 -14.25 15.99 11.94
N LYS A 177 -13.78 17.24 12.10
CA LYS A 177 -12.79 17.68 13.10
C LYS A 177 -13.04 19.13 13.52
N GLY A 1 9.71 -9.67 9.98
CA GLY A 1 10.59 -10.86 10.10
C GLY A 1 9.80 -12.04 10.64
N SER A 2 9.21 -12.84 9.76
CA SER A 2 8.34 -13.98 10.09
C SER A 2 8.26 -15.01 8.93
N HIS A 3 7.41 -16.02 9.08
CA HIS A 3 7.03 -17.00 8.04
C HIS A 3 5.54 -16.95 7.68
N MET A 4 4.81 -15.91 8.15
CA MET A 4 3.36 -15.73 7.94
C MET A 4 2.90 -14.28 7.70
N LYS A 5 3.80 -13.28 7.80
CA LYS A 5 3.52 -11.84 7.67
C LYS A 5 4.63 -11.06 6.92
N SER A 6 5.59 -11.74 6.30
CA SER A 6 6.81 -11.13 5.74
C SER A 6 7.16 -11.64 4.33
N GLU A 7 6.31 -12.44 3.71
CA GLU A 7 6.52 -13.01 2.37
C GLU A 7 6.59 -11.94 1.29
N ILE A 8 5.79 -10.87 1.40
CA ILE A 8 5.90 -9.78 0.41
C ILE A 8 7.22 -9.04 0.47
N SER A 9 7.83 -8.94 1.66
CA SER A 9 9.11 -8.29 1.90
C SER A 9 10.33 -9.01 1.27
N GLN A 10 10.09 -10.05 0.45
CA GLN A 10 11.06 -10.73 -0.39
C GLN A 10 10.62 -10.90 -1.84
N VAL A 11 9.36 -11.28 -2.08
CA VAL A 11 8.95 -11.69 -3.43
C VAL A 11 9.00 -10.54 -4.46
N PHE A 12 8.75 -9.31 -4.00
CA PHE A 12 8.51 -8.13 -4.83
C PHE A 12 9.79 -7.52 -5.44
N GLU A 13 10.93 -7.60 -4.74
CA GLU A 13 12.18 -6.91 -5.15
C GLU A 13 13.32 -7.87 -5.49
N ILE A 14 13.20 -9.17 -5.14
CA ILE A 14 14.11 -10.20 -5.68
C ILE A 14 14.02 -10.22 -7.22
N ALA A 15 12.85 -9.83 -7.75
CA ALA A 15 12.58 -9.58 -9.17
C ALA A 15 13.64 -8.73 -9.89
N LEU A 16 14.21 -7.75 -9.19
CA LEU A 16 15.28 -6.87 -9.68
C LEU A 16 16.58 -7.63 -10.05
N LYS A 17 16.78 -8.82 -9.48
CA LYS A 17 17.97 -9.69 -9.63
C LYS A 17 17.66 -11.04 -10.27
N ARG A 18 16.39 -11.43 -10.42
CA ARG A 18 15.94 -12.65 -11.13
C ARG A 18 15.35 -12.38 -12.53
N ASN A 19 15.08 -11.11 -12.87
CA ASN A 19 14.68 -10.60 -14.21
C ASN A 19 13.42 -11.21 -14.86
N LEU A 20 12.61 -11.95 -14.10
CA LEU A 20 11.37 -12.63 -14.53
C LEU A 20 10.18 -12.46 -13.56
N PRO A 21 10.36 -12.41 -12.22
CA PRO A 21 9.26 -12.17 -11.27
C PRO A 21 8.60 -10.79 -11.36
N VAL A 22 7.66 -10.51 -10.44
CA VAL A 22 6.86 -9.28 -10.29
C VAL A 22 6.01 -8.87 -11.51
N ASN A 23 5.84 -9.76 -12.49
CA ASN A 23 4.97 -9.58 -13.66
C ASN A 23 3.47 -9.73 -13.27
N PHE A 24 2.95 -8.79 -12.47
CA PHE A 24 1.53 -8.69 -12.13
C PHE A 24 0.66 -8.43 -13.36
N GLU A 25 -0.53 -9.03 -13.40
CA GLU A 25 -1.48 -8.96 -14.52
C GLU A 25 -2.92 -9.18 -14.02
N VAL A 26 -3.91 -8.54 -14.63
CA VAL A 26 -5.33 -8.69 -14.27
C VAL A 26 -5.83 -10.11 -14.60
N ALA A 27 -6.59 -10.72 -13.68
CA ALA A 27 -7.10 -12.09 -13.81
C ALA A 27 -8.48 -12.16 -14.51
N ARG A 28 -9.13 -13.34 -14.49
CA ARG A 28 -10.38 -13.68 -15.20
C ARG A 28 -10.34 -13.46 -16.73
N GLU A 29 -9.15 -13.46 -17.32
CA GLU A 29 -8.89 -13.24 -18.76
C GLU A 29 -9.53 -14.27 -19.71
N SER A 30 -10.04 -15.38 -19.17
CA SER A 30 -10.55 -16.56 -19.89
C SER A 30 -11.98 -16.97 -19.47
N GLY A 31 -12.70 -16.09 -18.76
CA GLY A 31 -14.05 -16.36 -18.22
C GLY A 31 -14.91 -15.10 -18.00
N PRO A 32 -16.14 -15.26 -17.48
CA PRO A 32 -17.11 -14.18 -17.32
C PRO A 32 -16.77 -13.19 -16.19
N PRO A 33 -17.32 -11.96 -16.24
CA PRO A 33 -17.26 -11.01 -15.12
C PRO A 33 -18.24 -11.44 -14.02
N HIS A 34 -17.78 -11.40 -12.78
CA HIS A 34 -18.52 -11.77 -11.55
C HIS A 34 -19.23 -10.59 -10.87
N MET A 35 -19.70 -9.61 -11.66
CA MET A 35 -20.40 -8.38 -11.24
C MET A 35 -19.49 -7.28 -10.65
N LYS A 36 -18.19 -7.57 -10.43
CA LYS A 36 -17.15 -6.60 -10.03
C LYS A 36 -15.95 -6.57 -10.98
N ASN A 37 -15.62 -7.72 -11.60
CA ASN A 37 -14.55 -7.88 -12.60
C ASN A 37 -13.15 -7.37 -12.18
N PHE A 38 -12.85 -7.37 -10.88
CA PHE A 38 -11.67 -6.79 -10.26
C PHE A 38 -10.92 -7.88 -9.45
N VAL A 39 -9.91 -8.53 -10.06
CA VAL A 39 -9.10 -9.68 -9.55
C VAL A 39 -7.71 -9.64 -10.20
N THR A 40 -6.65 -10.12 -9.52
CA THR A 40 -5.25 -10.03 -9.97
C THR A 40 -4.49 -11.36 -9.88
N LYS A 41 -3.51 -11.52 -10.77
CA LYS A 41 -2.59 -12.66 -11.00
C LYS A 41 -1.15 -12.13 -11.04
N VAL A 42 -0.15 -13.01 -10.90
CA VAL A 42 1.26 -12.71 -11.13
C VAL A 42 1.93 -13.86 -11.88
N SER A 43 2.96 -13.57 -12.67
CA SER A 43 3.82 -14.57 -13.32
C SER A 43 5.25 -14.44 -12.81
N VAL A 44 5.87 -15.57 -12.42
CA VAL A 44 7.16 -15.61 -11.72
C VAL A 44 7.97 -16.81 -12.16
N GLY A 45 9.15 -16.60 -12.76
CA GLY A 45 10.11 -17.67 -13.11
C GLY A 45 9.51 -18.89 -13.83
N GLU A 46 8.65 -18.65 -14.82
CA GLU A 46 7.86 -19.66 -15.57
C GLU A 46 6.79 -20.41 -14.74
N PHE A 47 6.26 -19.75 -13.71
CA PHE A 47 5.14 -20.14 -12.84
C PHE A 47 4.17 -18.96 -12.69
N VAL A 48 3.07 -19.16 -11.94
CA VAL A 48 1.98 -18.18 -11.82
C VAL A 48 1.24 -18.34 -10.49
N GLY A 49 0.81 -17.21 -9.92
CA GLY A 49 0.14 -17.09 -8.63
C GLY A 49 -1.07 -16.12 -8.71
N GLU A 50 -2.03 -16.21 -7.79
CA GLU A 50 -3.32 -15.47 -7.81
C GLU A 50 -3.82 -15.18 -6.39
N GLY A 51 -4.66 -14.15 -6.20
CA GLY A 51 -5.14 -13.73 -4.86
C GLY A 51 -6.14 -14.69 -4.18
N GLU A 52 -6.52 -15.80 -4.82
CA GLU A 52 -7.56 -16.72 -4.36
C GLU A 52 -7.15 -17.55 -3.12
N GLY A 53 -5.92 -18.07 -3.12
CA GLY A 53 -5.49 -19.06 -2.12
C GLY A 53 -6.33 -20.34 -2.15
N LYS A 54 -6.43 -21.02 -0.99
CA LYS A 54 -7.07 -22.35 -0.86
C LYS A 54 -8.51 -22.30 -0.30
N SER A 55 -9.02 -21.14 0.10
CA SER A 55 -10.39 -20.98 0.64
C SER A 55 -11.11 -19.69 0.23
N LYS A 56 -10.42 -18.73 -0.40
CA LYS A 56 -10.90 -17.37 -0.74
C LYS A 56 -11.49 -16.56 0.43
N LYS A 57 -11.21 -16.97 1.67
CA LYS A 57 -11.68 -16.34 2.93
C LYS A 57 -10.54 -16.23 3.96
N ILE A 58 -9.31 -16.05 3.46
CA ILE A 58 -8.03 -16.05 4.20
C ILE A 58 -7.21 -14.76 3.89
N SER A 59 -5.97 -14.69 4.39
CA SER A 59 -4.96 -13.67 4.07
C SER A 59 -4.75 -13.42 2.56
N LYS A 60 -4.41 -12.19 2.18
CA LYS A 60 -4.31 -11.77 0.76
C LYS A 60 -2.95 -12.08 0.12
N LYS A 61 -1.96 -12.48 0.92
CA LYS A 61 -0.61 -12.88 0.46
C LYS A 61 -0.59 -14.09 -0.48
N ASN A 62 -1.72 -14.77 -0.71
CA ASN A 62 -1.76 -15.93 -1.61
C ASN A 62 -1.24 -15.64 -3.02
N ALA A 63 -1.40 -14.44 -3.57
CA ALA A 63 -0.76 -14.06 -4.84
C ALA A 63 0.78 -14.01 -4.78
N ALA A 64 1.38 -14.00 -3.58
CA ALA A 64 2.81 -14.07 -3.33
C ALA A 64 3.25 -15.47 -2.87
N ILE A 65 2.65 -16.05 -1.81
CA ILE A 65 2.92 -17.45 -1.38
C ILE A 65 2.86 -18.42 -2.57
N ALA A 66 1.88 -18.27 -3.48
CA ALA A 66 1.72 -19.13 -4.65
C ALA A 66 2.90 -19.15 -5.65
N VAL A 67 3.85 -18.21 -5.53
CA VAL A 67 4.99 -18.04 -6.45
C VAL A 67 6.34 -17.88 -5.72
N LEU A 68 6.35 -17.35 -4.49
CA LEU A 68 7.52 -17.23 -3.61
C LEU A 68 8.06 -18.62 -3.22
N GLU A 69 7.17 -19.62 -3.13
CA GLU A 69 7.50 -21.05 -2.98
C GLU A 69 8.42 -21.59 -4.09
N GLU A 70 8.54 -20.89 -5.23
CA GLU A 70 9.39 -21.25 -6.35
C GLU A 70 10.65 -20.37 -6.46
N LEU A 71 10.73 -19.28 -5.68
CA LEU A 71 11.88 -18.37 -5.63
C LEU A 71 12.80 -18.64 -4.43
N LYS A 72 12.27 -19.12 -3.30
CA LYS A 72 13.00 -19.34 -2.03
C LYS A 72 14.23 -20.26 -2.14
N LYS A 73 14.24 -21.16 -3.14
CA LYS A 73 15.37 -22.05 -3.48
C LYS A 73 16.50 -21.40 -4.29
N LEU A 74 16.22 -20.26 -4.95
CA LEU A 74 17.08 -19.60 -5.94
C LEU A 74 17.28 -18.07 -5.81
N PRO A 75 17.21 -17.46 -4.62
CA PRO A 75 17.33 -16.00 -4.44
C PRO A 75 18.75 -15.47 -4.74
N PRO A 76 18.92 -14.14 -4.91
CA PRO A 76 20.24 -13.50 -4.99
C PRO A 76 21.06 -13.57 -3.68
N LEU A 77 20.38 -13.74 -2.54
CA LEU A 77 20.96 -13.84 -1.19
C LEU A 77 20.69 -15.22 -0.50
N PRO A 78 21.21 -16.34 -1.05
CA PRO A 78 20.96 -17.69 -0.52
C PRO A 78 21.73 -18.02 0.78
N ALA A 79 22.61 -17.12 1.23
CA ALA A 79 23.47 -17.28 2.41
C ALA A 79 23.66 -15.94 3.15
N VAL A 80 24.35 -15.97 4.30
CA VAL A 80 24.60 -14.82 5.18
C VAL A 80 26.01 -14.89 5.81
N GLU A 81 26.61 -13.73 6.09
CA GLU A 81 28.02 -13.60 6.51
C GLU A 81 28.20 -12.65 7.74
N ARG A 82 27.08 -12.24 8.37
CA ARG A 82 27.00 -11.28 9.50
C ARG A 82 27.89 -10.04 9.31
N VAL A 83 27.85 -9.48 8.10
CA VAL A 83 28.61 -8.27 7.68
C VAL A 83 28.34 -7.06 8.59
N LYS A 84 29.31 -6.13 8.67
CA LYS A 84 29.26 -4.90 9.47
C LYS A 84 27.96 -4.09 9.21
N PRO A 85 27.25 -3.61 10.25
CA PRO A 85 26.02 -2.83 10.10
C PRO A 85 26.27 -1.42 9.54
N ARG A 86 25.18 -0.73 9.16
CA ARG A 86 25.17 0.62 8.55
C ARG A 86 24.20 1.58 9.26
N ILE A 87 23.95 1.32 10.55
CA ILE A 87 23.01 2.06 11.41
C ILE A 87 23.48 2.04 12.88
N LYS A 88 23.15 3.09 13.64
CA LYS A 88 23.57 3.31 15.05
C LYS A 88 22.41 3.71 15.97
N LYS A 89 21.16 3.42 15.55
CA LYS A 89 19.91 3.72 16.27
C LYS A 89 19.86 3.06 17.66
N LYS A 90 19.17 3.70 18.61
CA LYS A 90 18.99 3.28 20.01
C LYS A 90 17.53 3.46 20.46
N THR A 91 17.17 2.86 21.60
CA THR A 91 15.78 2.72 22.11
C THR A 91 14.90 1.84 21.19
N LYS A 92 13.73 1.39 21.68
CA LYS A 92 12.81 0.46 20.99
C LYS A 92 11.36 0.94 21.10
N PRO A 93 10.46 0.52 20.18
CA PRO A 93 9.04 0.94 20.16
C PRO A 93 8.17 0.32 21.27
N ILE A 94 8.74 -0.50 22.16
CA ILE A 94 8.05 -1.17 23.29
C ILE A 94 7.41 -0.22 24.33
N VAL A 95 7.60 1.10 24.19
CA VAL A 95 7.02 2.16 25.04
C VAL A 95 6.06 3.12 24.28
N LYS A 96 5.71 2.79 23.03
CA LYS A 96 4.79 3.59 22.18
C LYS A 96 3.39 3.82 22.80
N PRO A 97 2.69 4.91 22.45
CA PRO A 97 1.28 5.12 22.83
C PRO A 97 0.33 4.16 22.10
N GLN A 98 -0.94 4.15 22.52
CA GLN A 98 -2.01 3.27 21.98
C GLN A 98 -3.38 3.97 21.95
N THR A 99 -4.35 3.37 21.25
CA THR A 99 -5.73 3.86 21.12
C THR A 99 -6.72 2.68 21.05
N SER A 100 -7.99 2.95 21.39
CA SER A 100 -9.08 1.96 21.52
C SER A 100 -10.44 2.60 21.16
N PRO A 101 -11.43 1.83 20.68
CA PRO A 101 -12.72 2.36 20.21
C PRO A 101 -13.62 2.98 21.30
N GLU A 102 -13.24 2.83 22.58
CA GLU A 102 -13.95 3.42 23.74
C GLU A 102 -13.14 4.55 24.44
N TYR A 103 -11.94 4.86 23.93
CA TYR A 103 -10.99 5.84 24.50
C TYR A 103 -10.33 6.74 23.43
N GLY A 104 -10.81 6.69 22.19
CA GLY A 104 -10.34 7.46 21.03
C GLY A 104 -11.33 7.41 19.87
N GLN A 105 -11.03 8.15 18.79
CA GLN A 105 -11.93 8.37 17.65
C GLN A 105 -11.26 8.12 16.27
N GLY A 106 -10.06 7.53 16.26
CA GLY A 106 -9.30 7.22 15.04
C GLY A 106 -7.90 6.65 15.34
N ILE A 107 -7.11 6.44 14.28
CA ILE A 107 -5.74 5.89 14.34
C ILE A 107 -4.72 6.76 13.58
N ASN A 108 -5.17 7.48 12.55
CA ASN A 108 -4.47 8.50 11.77
C ASN A 108 -5.53 9.52 11.29
N PRO A 109 -5.18 10.77 10.90
CA PRO A 109 -6.13 11.66 10.21
C PRO A 109 -6.57 11.01 8.88
N ILE A 110 -5.61 10.34 8.22
CA ILE A 110 -5.70 9.81 6.86
C ILE A 110 -6.58 8.55 6.81
N SER A 111 -6.21 7.54 7.61
CA SER A 111 -7.00 6.33 7.88
C SER A 111 -8.28 6.59 8.70
N ARG A 112 -8.67 7.84 8.93
CA ARG A 112 -9.97 8.22 9.50
C ARG A 112 -10.86 8.84 8.43
N LEU A 113 -10.36 9.79 7.63
CA LEU A 113 -11.15 10.41 6.55
C LEU A 113 -11.57 9.38 5.48
N ALA A 114 -10.62 8.57 5.00
CA ALA A 114 -10.91 7.49 4.05
C ALA A 114 -11.89 6.45 4.65
N GLN A 115 -11.84 6.25 5.98
CA GLN A 115 -12.70 5.33 6.73
C GLN A 115 -14.10 5.88 7.02
N ILE A 116 -14.24 7.21 7.05
CA ILE A 116 -15.52 7.93 7.13
C ILE A 116 -16.28 7.84 5.81
N GLN A 117 -15.63 8.00 4.64
CA GLN A 117 -16.28 7.81 3.33
C GLN A 117 -16.95 6.43 3.21
N GLN A 118 -16.26 5.41 3.71
CA GLN A 118 -16.69 4.01 3.76
C GLN A 118 -17.93 3.77 4.64
N ALA A 119 -18.20 4.72 5.54
CA ALA A 119 -19.32 4.74 6.47
C ALA A 119 -20.50 5.64 6.01
N LYS A 120 -20.34 6.37 4.91
CA LYS A 120 -21.35 7.22 4.22
C LYS A 120 -21.88 6.57 2.93
N LYS A 121 -21.54 5.29 2.75
CA LYS A 121 -21.78 4.45 1.55
C LYS A 121 -21.02 4.87 0.30
N GLU A 122 -19.97 5.68 0.46
CA GLU A 122 -18.98 5.96 -0.58
C GLU A 122 -17.85 4.92 -0.44
N LYS A 123 -16.81 5.07 -1.25
CA LYS A 123 -15.61 4.22 -1.21
C LYS A 123 -14.36 4.99 -0.78
N GLU A 124 -14.14 6.11 -1.44
CA GLU A 124 -12.96 6.97 -1.32
C GLU A 124 -13.24 8.41 -1.83
N PRO A 125 -12.48 9.44 -1.40
CA PRO A 125 -12.52 10.80 -1.97
C PRO A 125 -12.09 10.87 -3.46
N GLU A 126 -12.07 12.08 -4.02
CA GLU A 126 -11.50 12.39 -5.35
C GLU A 126 -10.45 13.51 -5.24
N TYR A 127 -9.31 13.33 -5.92
CA TYR A 127 -8.11 14.17 -5.77
C TYR A 127 -7.62 14.76 -7.11
N THR A 128 -6.86 15.85 -7.02
CA THR A 128 -6.44 16.74 -8.13
C THR A 128 -5.08 17.38 -7.81
N LEU A 129 -4.35 17.84 -8.84
CA LEU A 129 -3.06 18.54 -8.74
C LEU A 129 -3.22 19.99 -9.22
N LEU A 130 -2.92 20.96 -8.36
CA LEU A 130 -3.03 22.40 -8.66
C LEU A 130 -1.80 22.94 -9.41
N THR A 131 -0.62 22.81 -8.79
CA THR A 131 0.65 23.34 -9.33
C THR A 131 1.89 22.59 -8.82
N GLU A 132 3.04 22.90 -9.44
CA GLU A 132 4.38 22.32 -9.21
C GLU A 132 5.43 23.45 -9.01
N ARG A 133 4.97 24.56 -8.40
CA ARG A 133 5.67 25.84 -8.17
C ARG A 133 7.07 25.73 -7.56
N GLY A 134 7.87 26.79 -7.73
CA GLY A 134 9.24 26.88 -7.22
C GLY A 134 9.86 28.29 -7.30
N LEU A 135 11.14 28.35 -6.91
CA LEU A 135 12.01 29.54 -6.81
C LEU A 135 13.44 29.14 -7.24
N PRO A 136 14.39 30.08 -7.42
CA PRO A 136 15.79 29.79 -7.74
C PRO A 136 16.47 28.73 -6.85
N ARG A 137 16.04 28.60 -5.58
CA ARG A 137 16.47 27.57 -4.61
C ARG A 137 15.28 26.95 -3.84
N ARG A 138 14.11 26.76 -4.47
CA ARG A 138 12.96 26.02 -3.89
C ARG A 138 12.10 25.33 -4.95
N ARG A 139 11.44 24.23 -4.57
CA ARG A 139 10.64 23.33 -5.41
C ARG A 139 9.52 22.68 -4.57
N GLU A 140 8.33 22.50 -5.13
CA GLU A 140 7.14 22.01 -4.41
C GLU A 140 6.10 21.33 -5.33
N PHE A 141 5.10 20.70 -4.72
CA PHE A 141 3.88 20.15 -5.31
C PHE A 141 2.70 20.67 -4.48
N VAL A 142 1.56 20.99 -5.09
CA VAL A 142 0.35 21.41 -4.36
C VAL A 142 -0.88 20.63 -4.82
N MET A 143 -1.54 19.97 -3.87
CA MET A 143 -2.64 19.02 -4.06
C MET A 143 -3.99 19.64 -3.68
N GLN A 144 -5.09 19.14 -4.27
CA GLN A 144 -6.47 19.45 -3.88
C GLN A 144 -7.33 18.19 -3.88
N VAL A 145 -8.21 18.05 -2.89
CA VAL A 145 -9.19 16.95 -2.75
C VAL A 145 -10.58 17.55 -2.57
N LYS A 146 -11.63 16.79 -2.89
CA LYS A 146 -13.02 17.15 -2.59
C LYS A 146 -13.75 15.98 -1.89
N VAL A 147 -14.57 16.30 -0.89
CA VAL A 147 -15.25 15.31 -0.02
C VAL A 147 -16.79 15.40 -0.11
N GLY A 148 -17.33 16.49 -0.69
CA GLY A 148 -18.76 16.61 -1.01
C GLY A 148 -19.19 18.03 -1.39
N ASN A 149 -18.82 19.00 -0.54
CA ASN A 149 -19.05 20.44 -0.74
C ASN A 149 -17.82 21.30 -0.37
N HIS A 150 -16.74 20.65 0.11
CA HIS A 150 -15.53 21.31 0.66
C HIS A 150 -14.25 20.61 0.19
N THR A 151 -13.11 21.31 0.33
CA THR A 151 -11.80 20.90 -0.18
C THR A 151 -10.65 21.15 0.81
N ALA A 152 -9.50 20.50 0.58
CA ALA A 152 -8.27 20.63 1.37
C ALA A 152 -7.02 20.82 0.50
N GLU A 153 -5.87 21.11 1.13
CA GLU A 153 -4.57 21.33 0.49
C GLU A 153 -3.43 20.69 1.30
N GLY A 154 -2.39 20.23 0.60
CA GLY A 154 -1.17 19.59 1.10
C GLY A 154 -0.06 19.57 0.05
N THR A 155 1.15 19.17 0.44
CA THR A 155 2.38 19.22 -0.39
C THR A 155 3.20 17.93 -0.26
N GLY A 156 4.11 17.65 -1.20
CA GLY A 156 4.80 16.35 -1.29
C GLY A 156 5.89 16.26 -2.38
N THR A 157 6.31 15.03 -2.70
CA THR A 157 7.34 14.69 -3.71
C THR A 157 6.82 13.85 -4.89
N ASN A 158 5.58 13.36 -4.83
CA ASN A 158 4.86 12.75 -5.95
C ASN A 158 3.34 12.80 -5.70
N LYS A 159 2.58 12.50 -6.75
CA LYS A 159 1.11 12.42 -6.76
C LYS A 159 0.46 11.37 -5.84
N LYS A 160 1.25 10.52 -5.17
CA LYS A 160 0.76 9.61 -4.10
C LYS A 160 1.33 9.92 -2.71
N VAL A 161 2.00 11.07 -2.54
CA VAL A 161 2.57 11.54 -1.27
C VAL A 161 1.97 12.87 -0.82
N ALA A 162 1.70 13.83 -1.72
CA ALA A 162 1.04 15.08 -1.34
C ALA A 162 -0.38 14.88 -0.75
N LYS A 163 -1.05 13.81 -1.20
CA LYS A 163 -2.31 13.25 -0.68
C LYS A 163 -2.28 12.98 0.83
N ARG A 164 -1.13 12.58 1.38
CA ARG A 164 -0.92 12.24 2.80
C ARG A 164 -1.03 13.48 3.69
N ASN A 165 -0.31 14.53 3.33
CA ASN A 165 -0.12 15.72 4.16
C ASN A 165 -1.34 16.64 4.17
N ALA A 166 -2.11 16.65 3.09
CA ALA A 166 -3.43 17.31 3.04
C ALA A 166 -4.45 16.77 4.05
N ALA A 167 -4.32 15.51 4.49
CA ALA A 167 -5.29 14.82 5.35
C ALA A 167 -5.58 15.54 6.68
N GLU A 168 -4.57 16.17 7.27
CA GLU A 168 -4.65 17.08 8.42
C GLU A 168 -5.69 18.21 8.26
N ASN A 169 -6.07 18.53 7.02
CA ASN A 169 -6.98 19.58 6.60
C ASN A 169 -8.22 18.97 5.90
N MET A 170 -8.44 17.65 5.92
CA MET A 170 -9.60 16.99 5.30
C MET A 170 -10.70 16.61 6.30
N LEU A 171 -10.58 17.00 7.59
CA LEU A 171 -11.62 16.79 8.61
C LEU A 171 -12.12 18.11 9.20
N GLU A 172 -11.24 19.12 9.30
CA GLU A 172 -11.59 20.48 9.77
C GLU A 172 -12.45 21.28 8.78
N ILE A 173 -12.69 20.73 7.58
CA ILE A 173 -13.31 21.41 6.43
C ILE A 173 -14.79 21.06 6.24
N LEU A 174 -15.22 19.91 6.77
CA LEU A 174 -16.59 19.39 6.66
C LEU A 174 -17.22 18.99 8.03
N GLY A 175 -16.45 19.03 9.12
CA GLY A 175 -16.95 18.91 10.50
C GLY A 175 -16.71 17.57 11.18
N PHE A 176 -15.55 16.93 10.96
CA PHE A 176 -15.13 15.70 11.67
C PHE A 176 -13.90 15.90 12.58
N LYS A 177 -13.43 17.15 12.70
CA LYS A 177 -12.39 17.61 13.62
C LYS A 177 -12.65 19.07 14.07
N GLY A 1 16.19 -15.01 15.41
CA GLY A 1 15.09 -14.02 15.33
C GLY A 1 14.04 -14.24 16.41
N SER A 2 13.24 -13.22 16.70
CA SER A 2 12.26 -13.19 17.80
C SER A 2 10.89 -12.58 17.45
N HIS A 3 10.70 -12.14 16.20
CA HIS A 3 9.47 -11.51 15.69
C HIS A 3 9.31 -11.73 14.18
N MET A 4 8.11 -11.40 13.65
CA MET A 4 7.80 -11.41 12.21
C MET A 4 6.67 -10.42 11.86
N LYS A 5 6.35 -10.30 10.56
CA LYS A 5 5.21 -9.53 10.04
C LYS A 5 4.61 -10.14 8.76
N SER A 6 5.44 -10.46 7.77
CA SER A 6 5.03 -11.01 6.48
C SER A 6 6.18 -11.66 5.71
N GLU A 7 5.84 -12.46 4.70
CA GLU A 7 6.77 -13.01 3.69
C GLU A 7 6.75 -12.17 2.40
N ILE A 8 5.64 -11.49 2.13
CA ILE A 8 5.41 -10.75 0.88
C ILE A 8 6.39 -9.57 0.70
N SER A 9 6.82 -8.95 1.80
CA SER A 9 7.86 -7.90 1.83
C SER A 9 9.17 -8.34 1.16
N GLN A 10 9.57 -9.60 1.38
CA GLN A 10 10.72 -10.23 0.71
C GLN A 10 10.45 -10.30 -0.79
N VAL A 11 9.36 -10.98 -1.16
CA VAL A 11 8.97 -11.20 -2.58
C VAL A 11 8.98 -9.90 -3.39
N PHE A 12 8.34 -8.84 -2.90
CA PHE A 12 8.19 -7.59 -3.65
C PHE A 12 9.49 -6.76 -3.79
N GLU A 13 10.48 -6.91 -2.89
CA GLU A 13 11.76 -6.19 -2.99
C GLU A 13 12.87 -7.08 -3.57
N ILE A 14 12.73 -8.41 -3.60
CA ILE A 14 13.62 -9.31 -4.37
C ILE A 14 13.53 -8.96 -5.87
N ALA A 15 12.47 -8.31 -6.31
CA ALA A 15 12.32 -7.72 -7.64
C ALA A 15 13.40 -6.67 -8.01
N LEU A 16 14.12 -6.11 -7.03
CA LEU A 16 15.32 -5.28 -7.24
C LEU A 16 16.54 -6.14 -7.64
N LYS A 17 16.56 -7.39 -7.16
CA LYS A 17 17.69 -8.35 -7.24
C LYS A 17 17.51 -9.40 -8.35
N ARG A 18 16.27 -9.58 -8.81
CA ARG A 18 15.81 -10.52 -9.86
C ARG A 18 14.97 -9.78 -10.93
N ASN A 19 14.44 -10.50 -11.92
CA ASN A 19 13.64 -9.98 -13.04
C ASN A 19 12.36 -10.79 -13.35
N LEU A 20 11.97 -11.66 -12.42
CA LEU A 20 10.84 -12.59 -12.52
C LEU A 20 9.78 -12.39 -11.41
N PRO A 21 10.14 -12.28 -10.10
CA PRO A 21 9.16 -12.14 -9.00
C PRO A 21 8.55 -10.73 -8.86
N VAL A 22 8.30 -10.09 -10.01
CA VAL A 22 7.59 -8.82 -10.19
C VAL A 22 6.43 -8.95 -11.19
N ASN A 23 6.25 -10.14 -11.76
CA ASN A 23 5.21 -10.49 -12.74
C ASN A 23 3.82 -10.69 -12.11
N PHE A 24 3.44 -9.84 -11.16
CA PHE A 24 2.08 -9.76 -10.62
C PHE A 24 1.10 -9.29 -11.70
N GLU A 25 -0.02 -9.99 -11.89
CA GLU A 25 -1.00 -9.71 -12.95
C GLU A 25 -2.42 -10.19 -12.57
N VAL A 26 -3.45 -9.57 -13.16
CA VAL A 26 -4.85 -10.01 -13.05
C VAL A 26 -5.04 -11.43 -13.61
N ALA A 27 -5.72 -12.29 -12.86
CA ALA A 27 -5.96 -13.70 -13.21
C ALA A 27 -7.14 -13.91 -14.21
N ARG A 28 -7.68 -12.82 -14.78
CA ARG A 28 -8.90 -12.78 -15.61
C ARG A 28 -8.68 -12.14 -17.00
N GLU A 29 -7.43 -11.88 -17.36
CA GLU A 29 -6.94 -11.41 -18.68
C GLU A 29 -7.57 -10.09 -19.22
N SER A 30 -8.32 -9.34 -18.40
CA SER A 30 -9.05 -8.11 -18.78
C SER A 30 -9.96 -8.24 -20.01
N GLY A 31 -10.40 -9.46 -20.36
CA GLY A 31 -11.33 -9.73 -21.48
C GLY A 31 -12.78 -9.31 -21.20
N PRO A 32 -13.72 -9.49 -22.16
CA PRO A 32 -15.14 -9.19 -21.95
C PRO A 32 -15.80 -9.75 -20.67
N PRO A 33 -15.46 -10.97 -20.17
CA PRO A 33 -15.92 -11.48 -18.87
C PRO A 33 -15.41 -10.74 -17.63
N HIS A 34 -14.48 -9.79 -17.75
CA HIS A 34 -13.86 -9.08 -16.62
C HIS A 34 -14.83 -8.09 -15.97
N MET A 35 -15.03 -8.22 -14.65
CA MET A 35 -15.86 -7.37 -13.81
C MET A 35 -15.11 -7.07 -12.49
N LYS A 36 -15.77 -6.39 -11.54
CA LYS A 36 -15.21 -6.12 -10.19
C LYS A 36 -14.99 -7.39 -9.33
N ASN A 37 -15.36 -8.57 -9.82
CA ASN A 37 -15.03 -9.90 -9.26
C ASN A 37 -13.52 -10.26 -9.47
N PHE A 38 -12.65 -9.26 -9.25
CA PHE A 38 -11.22 -9.22 -9.55
C PHE A 38 -10.41 -10.31 -8.80
N VAL A 39 -9.33 -10.83 -9.41
CA VAL A 39 -8.43 -11.86 -8.82
C VAL A 39 -7.00 -11.62 -9.33
N THR A 40 -5.99 -11.98 -8.54
CA THR A 40 -4.55 -11.69 -8.82
C THR A 40 -3.69 -12.97 -8.73
N LYS A 41 -2.64 -12.99 -9.56
CA LYS A 41 -1.66 -14.08 -9.74
C LYS A 41 -0.24 -13.52 -9.78
N VAL A 42 0.75 -14.34 -9.42
CA VAL A 42 2.19 -14.07 -9.59
C VAL A 42 2.88 -15.30 -10.18
N SER A 43 3.96 -15.11 -10.93
CA SER A 43 4.83 -16.19 -11.40
C SER A 43 6.28 -15.88 -11.02
N VAL A 44 7.02 -16.88 -10.52
CA VAL A 44 8.35 -16.71 -9.91
C VAL A 44 9.27 -17.84 -10.33
N GLY A 45 10.44 -17.52 -10.92
CA GLY A 45 11.42 -18.51 -11.37
C GLY A 45 10.89 -19.44 -12.48
N GLU A 46 10.29 -20.57 -12.07
CA GLU A 46 9.63 -21.59 -12.91
C GLU A 46 8.28 -22.04 -12.28
N PHE A 47 7.70 -21.20 -11.42
CA PHE A 47 6.57 -21.48 -10.53
C PHE A 47 5.53 -20.35 -10.56
N VAL A 48 4.44 -20.52 -9.80
CA VAL A 48 3.29 -19.60 -9.76
C VAL A 48 2.57 -19.68 -8.42
N GLY A 49 2.04 -18.54 -8.00
CA GLY A 49 1.29 -18.32 -6.76
C GLY A 49 0.05 -17.46 -7.03
N GLU A 50 -1.02 -17.65 -6.27
CA GLU A 50 -2.35 -17.03 -6.49
C GLU A 50 -3.09 -16.83 -5.16
N GLY A 51 -3.98 -15.84 -5.09
CA GLY A 51 -4.71 -15.47 -3.85
C GLY A 51 -5.78 -16.47 -3.39
N GLU A 52 -5.67 -17.74 -3.76
CA GLU A 52 -6.61 -18.82 -3.42
C GLU A 52 -6.39 -19.38 -2.01
N GLY A 53 -5.13 -19.52 -1.58
CA GLY A 53 -4.74 -20.13 -0.30
C GLY A 53 -5.46 -21.46 0.01
N LYS A 54 -5.69 -21.73 1.30
CA LYS A 54 -6.56 -22.84 1.75
C LYS A 54 -8.06 -22.57 1.58
N SER A 55 -8.49 -21.31 1.75
CA SER A 55 -9.91 -20.87 1.64
C SER A 55 -10.07 -19.35 1.34
N LYS A 56 -8.99 -18.66 0.92
CA LYS A 56 -8.75 -17.21 0.75
C LYS A 56 -9.28 -16.17 1.78
N LYS A 57 -10.16 -16.54 2.71
CA LYS A 57 -10.61 -15.72 3.86
C LYS A 57 -9.48 -15.41 4.86
N ILE A 58 -8.35 -16.10 4.73
CA ILE A 58 -7.07 -15.80 5.41
C ILE A 58 -6.60 -14.37 5.07
N SER A 59 -5.62 -13.83 5.82
CA SER A 59 -5.09 -12.46 5.69
C SER A 59 -4.30 -12.16 4.40
N LYS A 60 -4.73 -12.63 3.22
CA LYS A 60 -4.03 -12.50 1.92
C LYS A 60 -2.54 -12.90 1.90
N LYS A 61 -2.05 -13.61 2.93
CA LYS A 61 -0.71 -14.27 3.01
C LYS A 61 -0.79 -15.68 2.42
N ASN A 62 -1.16 -15.64 1.16
CA ASN A 62 -1.40 -16.81 0.30
C ASN A 62 -0.71 -16.71 -1.07
N ALA A 63 -1.01 -15.69 -1.88
CA ALA A 63 -0.45 -15.54 -3.24
C ALA A 63 1.08 -15.53 -3.31
N ALA A 64 1.71 -14.95 -2.28
CA ALA A 64 3.15 -14.74 -2.17
C ALA A 64 3.87 -15.82 -1.37
N ILE A 65 3.31 -16.22 -0.22
CA ILE A 65 3.76 -17.39 0.56
C ILE A 65 3.88 -18.62 -0.37
N ALA A 66 2.95 -18.78 -1.32
CA ALA A 66 2.97 -19.84 -2.33
C ALA A 66 4.15 -19.80 -3.33
N VAL A 67 4.93 -18.72 -3.39
CA VAL A 67 6.10 -18.55 -4.29
C VAL A 67 7.40 -18.17 -3.57
N LEU A 68 7.34 -17.59 -2.36
CA LEU A 68 8.49 -17.29 -1.50
C LEU A 68 9.25 -18.57 -1.08
N GLU A 69 8.57 -19.71 -1.00
CA GLU A 69 9.23 -21.02 -0.81
C GLU A 69 10.30 -21.31 -1.87
N GLU A 70 10.17 -20.75 -3.07
CA GLU A 70 11.08 -20.93 -4.21
C GLU A 70 12.12 -19.80 -4.33
N LEU A 71 12.12 -18.89 -3.35
CA LEU A 71 13.06 -17.77 -3.17
C LEU A 71 13.84 -17.83 -1.84
N LYS A 72 13.62 -18.89 -1.04
CA LYS A 72 14.40 -19.24 0.17
C LYS A 72 15.27 -20.48 -0.03
N LYS A 73 14.85 -21.37 -0.95
CA LYS A 73 15.63 -22.52 -1.46
C LYS A 73 16.73 -22.07 -2.44
N LEU A 74 16.58 -20.85 -2.96
CA LEU A 74 17.44 -20.15 -3.90
C LEU A 74 17.54 -18.68 -3.44
N PRO A 75 18.50 -18.35 -2.55
CA PRO A 75 18.74 -16.97 -2.10
C PRO A 75 19.05 -16.00 -3.26
N PRO A 76 18.72 -14.70 -3.14
CA PRO A 76 18.95 -13.73 -4.22
C PRO A 76 20.43 -13.38 -4.45
N LEU A 77 21.22 -13.30 -3.37
CA LEU A 77 22.67 -13.01 -3.37
C LEU A 77 23.53 -13.98 -2.54
N PRO A 78 23.09 -14.54 -1.38
CA PRO A 78 23.85 -15.56 -0.62
C PRO A 78 24.18 -16.88 -1.36
N ALA A 79 23.69 -17.11 -2.58
CA ALA A 79 23.85 -18.34 -3.36
C ALA A 79 25.26 -18.55 -3.99
N VAL A 80 26.26 -17.94 -3.38
CA VAL A 80 27.69 -17.97 -3.75
C VAL A 80 28.56 -17.64 -2.53
N GLU A 81 29.83 -18.07 -2.52
CA GLU A 81 30.80 -17.72 -1.48
C GLU A 81 31.06 -16.19 -1.43
N ARG A 82 31.08 -15.61 -0.22
CA ARG A 82 31.28 -14.18 0.06
C ARG A 82 32.12 -13.95 1.33
N VAL A 83 32.52 -12.69 1.56
CA VAL A 83 33.38 -12.27 2.68
C VAL A 83 32.73 -11.18 3.57
N LYS A 84 31.42 -10.93 3.37
CA LYS A 84 30.59 -9.96 4.11
C LYS A 84 29.19 -10.53 4.38
N PRO A 85 28.50 -10.13 5.46
CA PRO A 85 27.15 -10.61 5.80
C PRO A 85 26.09 -10.09 4.82
N ARG A 86 24.92 -10.76 4.81
CA ARG A 86 23.72 -10.46 3.99
C ARG A 86 22.45 -10.60 4.84
N ILE A 87 21.33 -10.06 4.36
CA ILE A 87 20.02 -10.12 5.03
C ILE A 87 19.57 -11.58 5.22
N LYS A 88 19.22 -11.95 6.46
CA LYS A 88 18.81 -13.32 6.87
C LYS A 88 17.72 -13.33 7.95
N LYS A 89 17.08 -12.18 8.24
CA LYS A 89 16.09 -11.98 9.31
C LYS A 89 15.05 -10.90 8.97
N LYS A 90 13.97 -10.86 9.75
CA LYS A 90 12.85 -9.89 9.66
C LYS A 90 13.25 -8.49 10.14
N THR A 91 12.44 -7.48 9.80
CA THR A 91 12.69 -6.05 10.11
C THR A 91 11.38 -5.35 10.51
N LYS A 92 11.30 -4.94 11.79
CA LYS A 92 10.15 -4.27 12.41
C LYS A 92 10.62 -3.47 13.64
N PRO A 93 10.01 -2.31 13.99
CA PRO A 93 10.36 -1.55 15.19
C PRO A 93 10.32 -2.33 16.51
N ILE A 94 11.13 -1.88 17.48
CA ILE A 94 11.22 -2.41 18.86
C ILE A 94 11.14 -1.29 19.92
N VAL A 95 10.82 -0.06 19.50
CA VAL A 95 10.65 1.14 20.36
C VAL A 95 9.39 1.06 21.24
N LYS A 96 9.22 2.04 22.13
CA LYS A 96 8.02 2.21 23.00
C LYS A 96 6.71 2.23 22.19
N PRO A 97 5.60 1.72 22.73
CA PRO A 97 4.32 1.66 22.02
C PRO A 97 3.69 3.04 21.78
N GLN A 98 2.75 3.10 20.84
CA GLN A 98 2.06 4.33 20.38
C GLN A 98 0.53 4.16 20.31
N THR A 99 0.00 3.02 20.80
CA THR A 99 -1.43 2.66 20.83
C THR A 99 -2.28 3.73 21.55
N SER A 100 -3.48 3.98 21.03
CA SER A 100 -4.41 5.02 21.49
C SER A 100 -5.90 4.61 21.32
N PRO A 101 -6.85 5.31 21.96
CA PRO A 101 -8.29 5.05 21.81
C PRO A 101 -8.80 5.04 20.36
N GLU A 102 -9.93 4.38 20.14
CA GLU A 102 -10.61 4.23 18.83
C GLU A 102 -12.14 4.23 18.97
N TYR A 103 -12.85 4.36 17.84
CA TYR A 103 -14.32 4.55 17.80
C TYR A 103 -15.04 3.66 16.77
N GLY A 104 -14.32 2.77 16.06
CA GLY A 104 -14.86 1.97 14.95
C GLY A 104 -15.28 2.78 13.70
N GLN A 105 -14.94 4.07 13.66
CA GLN A 105 -15.26 5.02 12.60
C GLN A 105 -14.11 6.02 12.35
N GLY A 106 -12.91 5.74 12.87
CA GLY A 106 -11.70 6.55 12.72
C GLY A 106 -10.52 6.02 13.54
N ILE A 107 -9.30 6.35 13.08
CA ILE A 107 -8.01 6.01 13.72
C ILE A 107 -7.06 7.23 13.71
N ASN A 108 -7.07 7.98 12.59
CA ASN A 108 -6.37 9.23 12.31
C ASN A 108 -7.28 10.10 11.42
N PRO A 109 -7.05 11.42 11.21
CA PRO A 109 -7.86 12.26 10.31
C PRO A 109 -8.01 11.68 8.90
N ILE A 110 -6.96 11.00 8.44
CA ILE A 110 -6.82 10.42 7.10
C ILE A 110 -7.68 9.15 7.00
N SER A 111 -7.44 8.17 7.88
CA SER A 111 -8.28 6.97 8.11
C SER A 111 -9.57 7.29 8.90
N ARG A 112 -10.12 8.49 8.68
CA ARG A 112 -11.44 8.96 9.14
C ARG A 112 -12.17 9.56 7.93
N LEU A 113 -11.53 10.47 7.19
CA LEU A 113 -12.05 10.98 5.92
C LEU A 113 -12.20 9.87 4.87
N ALA A 114 -11.15 9.06 4.69
CA ALA A 114 -11.14 7.85 3.86
C ALA A 114 -12.03 6.69 4.39
N GLN A 115 -12.69 6.93 5.52
CA GLN A 115 -13.54 5.99 6.26
C GLN A 115 -15.01 6.42 6.35
N ILE A 116 -15.36 7.48 5.61
CA ILE A 116 -16.70 8.07 5.51
C ILE A 116 -17.26 8.02 4.07
N GLN A 117 -16.41 8.14 3.03
CA GLN A 117 -16.88 8.18 1.63
C GLN A 117 -17.70 6.95 1.22
N GLN A 118 -17.35 5.76 1.72
CA GLN A 118 -18.06 4.52 1.36
C GLN A 118 -19.50 4.51 1.88
N ALA A 119 -19.68 5.02 3.10
CA ALA A 119 -20.97 5.21 3.76
C ALA A 119 -21.90 6.22 3.03
N LYS A 120 -21.36 7.02 2.09
CA LYS A 120 -22.10 7.95 1.21
C LYS A 120 -22.28 7.40 -0.22
N LYS A 121 -21.92 6.12 -0.41
CA LYS A 121 -21.87 5.37 -1.69
C LYS A 121 -20.84 5.92 -2.69
N GLU A 122 -19.90 6.73 -2.20
CA GLU A 122 -18.71 7.18 -2.94
C GLU A 122 -17.55 6.18 -2.76
N LYS A 123 -16.37 6.56 -3.25
CA LYS A 123 -15.11 5.80 -3.12
C LYS A 123 -14.07 6.62 -2.37
N GLU A 124 -13.75 7.76 -2.95
CA GLU A 124 -12.75 8.74 -2.51
C GLU A 124 -13.12 10.18 -2.95
N PRO A 125 -12.51 11.22 -2.35
CA PRO A 125 -12.57 12.60 -2.83
C PRO A 125 -11.96 12.79 -4.24
N GLU A 126 -11.89 14.03 -4.71
CA GLU A 126 -11.15 14.41 -5.93
C GLU A 126 -10.04 15.42 -5.58
N TYR A 127 -8.84 15.23 -6.15
CA TYR A 127 -7.62 15.95 -5.77
C TYR A 127 -6.91 16.58 -6.99
N THR A 128 -6.30 17.75 -6.80
CA THR A 128 -5.61 18.57 -7.82
C THR A 128 -4.27 19.10 -7.29
N LEU A 129 -3.35 19.49 -8.19
CA LEU A 129 -2.04 20.06 -7.89
C LEU A 129 -2.00 21.55 -8.29
N LEU A 130 -1.61 22.43 -7.36
CA LEU A 130 -1.65 23.89 -7.55
C LEU A 130 -0.33 24.44 -8.10
N THR A 131 0.74 24.34 -7.29
CA THR A 131 2.15 24.66 -7.59
C THR A 131 2.40 25.90 -8.46
N GLU A 132 1.70 27.00 -8.14
CA GLU A 132 1.70 28.27 -8.91
C GLU A 132 3.00 29.12 -8.77
N ARG A 133 4.02 28.60 -8.07
CA ARG A 133 5.26 29.32 -7.70
C ARG A 133 6.13 29.68 -8.92
N GLY A 134 6.61 30.92 -8.96
CA GLY A 134 7.45 31.49 -10.03
C GLY A 134 8.71 32.24 -9.56
N LEU A 135 9.16 31.99 -8.33
CA LEU A 135 10.39 32.55 -7.75
C LEU A 135 11.66 32.05 -8.49
N PRO A 136 12.82 32.71 -8.33
CA PRO A 136 14.10 32.27 -8.93
C PRO A 136 14.49 30.82 -8.60
N ARG A 137 14.50 30.44 -7.30
CA ARG A 137 15.01 29.15 -6.79
C ARG A 137 14.20 28.63 -5.58
N ARG A 138 13.11 27.90 -5.90
CA ARG A 138 12.06 27.34 -5.03
C ARG A 138 11.60 25.94 -5.52
N ARG A 139 10.52 25.40 -4.90
CA ARG A 139 9.64 24.23 -5.23
C ARG A 139 9.26 23.38 -4.02
N GLU A 140 8.02 22.89 -4.04
CA GLU A 140 7.41 21.88 -3.15
C GLU A 140 6.04 21.45 -3.72
N PHE A 141 5.49 20.29 -3.30
CA PHE A 141 4.10 19.92 -3.62
C PHE A 141 3.12 20.87 -2.93
N VAL A 142 2.05 21.29 -3.61
CA VAL A 142 0.93 22.05 -3.01
C VAL A 142 -0.39 21.46 -3.49
N MET A 143 -1.00 20.62 -2.64
CA MET A 143 -2.20 19.86 -2.92
C MET A 143 -3.48 20.70 -2.75
N GLN A 144 -4.53 20.32 -3.47
CA GLN A 144 -5.91 20.78 -3.36
C GLN A 144 -6.82 19.54 -3.39
N VAL A 145 -7.88 19.51 -2.57
CA VAL A 145 -8.91 18.46 -2.59
C VAL A 145 -10.29 19.09 -2.51
N LYS A 146 -11.30 18.43 -3.08
CA LYS A 146 -12.71 18.81 -3.02
C LYS A 146 -13.58 17.62 -2.61
N VAL A 147 -14.56 17.86 -1.74
CA VAL A 147 -15.40 16.80 -1.13
C VAL A 147 -16.91 16.99 -1.42
N GLY A 148 -17.32 18.15 -1.96
CA GLY A 148 -18.68 18.38 -2.46
C GLY A 148 -18.96 19.84 -2.83
N ASN A 149 -18.71 20.74 -1.87
CA ASN A 149 -18.87 22.20 -2.02
C ASN A 149 -17.70 23.00 -1.38
N HIS A 150 -16.74 22.29 -0.76
CA HIS A 150 -15.63 22.86 0.02
C HIS A 150 -14.30 22.17 -0.29
N THR A 151 -13.18 22.82 0.04
CA THR A 151 -11.82 22.38 -0.30
C THR A 151 -10.83 22.50 0.86
N ALA A 152 -9.74 21.74 0.80
CA ALA A 152 -8.58 21.79 1.70
C ALA A 152 -7.25 21.74 0.92
N GLU A 153 -6.15 22.03 1.62
CA GLU A 153 -4.79 22.12 1.08
C GLU A 153 -3.76 21.49 2.04
N GLY A 154 -2.63 21.06 1.48
CA GLY A 154 -1.50 20.41 2.16
C GLY A 154 -0.23 20.41 1.31
N THR A 155 0.89 19.97 1.88
CA THR A 155 2.21 19.92 1.22
C THR A 155 2.89 18.55 1.44
N GLY A 156 3.91 18.23 0.63
CA GLY A 156 4.50 16.88 0.58
C GLY A 156 5.50 16.72 -0.56
N THR A 157 5.67 15.48 -1.05
CA THR A 157 6.64 15.11 -2.10
C THR A 157 6.02 14.38 -3.30
N ASN A 158 4.87 13.68 -3.12
CA ASN A 158 4.12 13.00 -4.18
C ASN A 158 2.61 12.95 -3.85
N LYS A 159 1.80 12.62 -4.85
CA LYS A 159 0.33 12.55 -4.83
C LYS A 159 -0.31 11.58 -3.81
N LYS A 160 0.48 10.73 -3.14
CA LYS A 160 0.07 9.88 -1.98
C LYS A 160 0.79 10.23 -0.67
N VAL A 161 1.44 11.40 -0.60
CA VAL A 161 2.16 11.93 0.58
C VAL A 161 1.63 13.31 0.96
N ALA A 162 1.49 14.24 0.00
CA ALA A 162 0.82 15.52 0.25
C ALA A 162 -0.66 15.36 0.64
N LYS A 163 -1.28 14.28 0.13
CA LYS A 163 -2.62 13.78 0.49
C LYS A 163 -2.80 13.58 2.01
N ARG A 164 -1.71 13.34 2.74
CA ARG A 164 -1.70 13.04 4.18
C ARG A 164 -1.71 14.31 5.05
N ASN A 165 -0.93 15.33 4.68
CA ASN A 165 -0.89 16.59 5.44
C ASN A 165 -2.16 17.44 5.29
N ALA A 166 -2.80 17.44 4.11
CA ALA A 166 -4.10 18.09 3.92
C ALA A 166 -5.25 17.49 4.76
N ALA A 167 -5.18 16.19 5.10
CA ALA A 167 -6.25 15.45 5.76
C ALA A 167 -6.70 16.03 7.12
N GLU A 168 -5.78 16.65 7.86
CA GLU A 168 -6.06 17.40 9.09
C GLU A 168 -7.12 18.52 8.92
N ASN A 169 -7.26 19.06 7.70
CA ASN A 169 -8.24 20.08 7.34
C ASN A 169 -9.49 19.48 6.69
N MET A 170 -9.36 18.36 5.95
CA MET A 170 -10.45 17.69 5.19
C MET A 170 -11.69 17.25 6.01
N LEU A 171 -11.72 17.44 7.33
CA LEU A 171 -12.88 17.15 8.19
C LEU A 171 -13.55 18.43 8.72
N GLU A 172 -12.78 19.50 8.92
CA GLU A 172 -13.29 20.78 9.44
C GLU A 172 -13.78 21.73 8.33
N ILE A 173 -13.64 21.34 7.06
CA ILE A 173 -14.07 22.14 5.89
C ILE A 173 -15.54 21.92 5.53
N LEU A 174 -16.11 20.80 5.98
CA LEU A 174 -17.46 20.33 5.63
C LEU A 174 -18.29 19.84 6.83
N GLY A 175 -17.70 19.79 8.03
CA GLY A 175 -18.39 19.45 9.28
C GLY A 175 -18.41 17.96 9.64
N PHE A 176 -17.41 17.19 9.19
CA PHE A 176 -17.22 15.78 9.60
C PHE A 176 -16.55 15.65 11.00
N LYS A 177 -16.16 16.79 11.58
CA LYS A 177 -15.53 16.97 12.91
C LYS A 177 -16.07 18.24 13.59
N GLY A 1 10.88 -9.74 21.30
CA GLY A 1 10.85 -8.48 20.51
C GLY A 1 11.00 -8.77 19.03
N SER A 2 10.05 -8.31 18.21
CA SER A 2 9.95 -8.60 16.77
C SER A 2 9.36 -7.43 15.98
N HIS A 3 9.52 -7.44 14.65
CA HIS A 3 8.99 -6.43 13.72
C HIS A 3 8.44 -7.08 12.43
N MET A 4 7.63 -6.31 11.69
CA MET A 4 6.81 -6.72 10.54
C MET A 4 5.74 -7.80 10.89
N LYS A 5 4.78 -8.00 9.98
CA LYS A 5 3.60 -8.87 10.18
C LYS A 5 3.06 -9.52 8.88
N SER A 6 3.88 -9.53 7.82
CA SER A 6 3.52 -10.03 6.49
C SER A 6 4.76 -10.55 5.74
N GLU A 7 4.59 -11.60 4.92
CA GLU A 7 5.63 -12.02 3.98
C GLU A 7 5.79 -11.08 2.79
N ILE A 8 4.77 -10.27 2.51
CA ILE A 8 4.85 -9.42 1.30
C ILE A 8 6.07 -8.49 1.29
N SER A 9 6.50 -8.04 2.46
CA SER A 9 7.71 -7.24 2.67
C SER A 9 9.02 -7.93 2.21
N GLN A 10 8.97 -9.22 1.88
CA GLN A 10 10.07 -9.98 1.28
C GLN A 10 9.88 -10.11 -0.24
N VAL A 11 8.80 -10.78 -0.65
CA VAL A 11 8.58 -11.20 -2.06
C VAL A 11 8.47 -10.07 -3.08
N PHE A 12 7.80 -8.97 -2.76
CA PHE A 12 7.43 -7.95 -3.75
C PHE A 12 8.62 -7.22 -4.42
N GLU A 13 9.78 -7.13 -3.74
CA GLU A 13 10.96 -6.42 -4.29
C GLU A 13 12.17 -7.34 -4.53
N ILE A 14 12.14 -8.59 -4.05
CA ILE A 14 13.10 -9.63 -4.46
C ILE A 14 12.99 -9.88 -5.98
N ALA A 15 11.81 -9.62 -6.55
CA ALA A 15 11.53 -9.61 -7.99
C ALA A 15 12.53 -8.79 -8.83
N LEU A 16 13.05 -7.69 -8.27
CA LEU A 16 14.02 -6.78 -8.91
C LEU A 16 15.36 -7.47 -9.21
N LYS A 17 15.70 -8.53 -8.45
CA LYS A 17 16.93 -9.32 -8.59
C LYS A 17 16.70 -10.70 -9.20
N ARG A 18 15.53 -11.32 -8.94
CA ARG A 18 15.07 -12.58 -9.57
C ARG A 18 14.70 -12.44 -11.06
N ASN A 19 14.32 -11.23 -11.51
CA ASN A 19 14.02 -10.84 -12.90
C ASN A 19 12.85 -11.60 -13.60
N LEU A 20 12.06 -12.33 -12.82
CA LEU A 20 10.93 -13.18 -13.26
C LEU A 20 9.64 -13.05 -12.39
N PRO A 21 9.72 -12.83 -11.06
CA PRO A 21 8.56 -12.56 -10.19
C PRO A 21 7.83 -11.23 -10.48
N VAL A 22 6.91 -10.84 -9.58
CA VAL A 22 5.99 -9.67 -9.65
C VAL A 22 5.09 -9.62 -10.91
N ASN A 23 5.02 -10.71 -11.68
CA ASN A 23 4.07 -10.93 -12.76
C ASN A 23 2.65 -11.24 -12.24
N PHE A 24 2.13 -10.39 -11.36
CA PHE A 24 0.73 -10.41 -10.93
C PHE A 24 -0.19 -10.06 -12.12
N GLU A 25 -1.20 -10.89 -12.37
CA GLU A 25 -2.13 -10.74 -13.49
C GLU A 25 -3.52 -11.29 -13.17
N VAL A 26 -4.55 -10.66 -13.73
CA VAL A 26 -5.95 -11.10 -13.62
C VAL A 26 -6.09 -12.54 -14.09
N ALA A 27 -6.76 -13.38 -13.30
CA ALA A 27 -6.97 -14.80 -13.61
C ALA A 27 -7.83 -15.02 -14.87
N ARG A 28 -7.89 -16.26 -15.36
CA ARG A 28 -8.53 -16.68 -16.62
C ARG A 28 -8.23 -15.75 -17.80
N GLU A 29 -6.95 -15.45 -18.02
CA GLU A 29 -6.42 -14.49 -19.01
C GLU A 29 -6.82 -14.75 -20.48
N SER A 30 -7.36 -15.92 -20.81
CA SER A 30 -7.99 -16.24 -22.11
C SER A 30 -9.33 -15.51 -22.34
N GLY A 31 -9.93 -14.96 -21.28
CA GLY A 31 -11.19 -14.21 -21.30
C GLY A 31 -11.49 -13.56 -19.93
N PRO A 32 -10.63 -12.65 -19.42
CA PRO A 32 -10.70 -12.13 -18.06
C PRO A 32 -11.90 -11.19 -17.83
N PRO A 33 -12.35 -11.03 -16.57
CA PRO A 33 -13.50 -10.19 -16.19
C PRO A 33 -13.16 -8.69 -16.15
N HIS A 34 -12.91 -8.08 -17.32
CA HIS A 34 -12.60 -6.65 -17.48
C HIS A 34 -13.59 -5.67 -16.79
N MET A 35 -14.79 -6.14 -16.46
CA MET A 35 -15.83 -5.39 -15.73
C MET A 35 -15.36 -4.83 -14.36
N LYS A 36 -14.43 -5.53 -13.70
CA LYS A 36 -13.78 -5.10 -12.44
C LYS A 36 -12.36 -5.67 -12.22
N ASN A 37 -11.83 -6.45 -13.15
CA ASN A 37 -10.57 -7.21 -13.04
C ASN A 37 -10.50 -8.14 -11.81
N PHE A 38 -11.65 -8.66 -11.36
CA PHE A 38 -11.75 -9.53 -10.17
C PHE A 38 -11.02 -10.89 -10.35
N VAL A 39 -10.45 -11.43 -9.25
CA VAL A 39 -9.58 -12.63 -9.13
C VAL A 39 -8.21 -12.50 -9.82
N THR A 40 -7.14 -12.86 -9.11
CA THR A 40 -5.73 -12.62 -9.52
C THR A 40 -4.81 -13.82 -9.20
N LYS A 41 -3.80 -14.02 -10.06
CA LYS A 41 -2.71 -15.01 -9.92
C LYS A 41 -1.35 -14.30 -10.07
N VAL A 42 -0.27 -14.92 -9.62
CA VAL A 42 1.12 -14.46 -9.86
C VAL A 42 1.94 -15.59 -10.48
N SER A 43 3.01 -15.22 -11.18
CA SER A 43 4.04 -16.14 -11.66
C SER A 43 5.40 -15.70 -11.09
N VAL A 44 6.17 -16.65 -10.55
CA VAL A 44 7.44 -16.43 -9.83
C VAL A 44 8.44 -17.53 -10.21
N GLY A 45 9.52 -17.17 -10.90
CA GLY A 45 10.57 -18.08 -11.37
C GLY A 45 10.08 -19.17 -12.32
N GLU A 46 9.73 -20.34 -11.77
CA GLU A 46 9.19 -21.52 -12.49
C GLU A 46 7.84 -22.00 -11.91
N PHE A 47 7.21 -21.15 -11.08
CA PHE A 47 6.05 -21.42 -10.23
C PHE A 47 5.05 -20.27 -10.30
N VAL A 48 3.95 -20.48 -9.58
CA VAL A 48 2.78 -19.62 -9.56
C VAL A 48 2.12 -19.64 -8.19
N GLY A 49 1.42 -18.55 -7.86
CA GLY A 49 0.68 -18.37 -6.60
C GLY A 49 -0.67 -17.70 -6.89
N GLU A 50 -1.63 -17.79 -5.98
CA GLU A 50 -3.02 -17.40 -6.25
C GLU A 50 -3.71 -16.80 -5.01
N GLY A 51 -4.47 -15.71 -5.21
CA GLY A 51 -5.08 -14.92 -4.14
C GLY A 51 -6.35 -15.52 -3.51
N GLU A 52 -6.43 -16.85 -3.42
CA GLU A 52 -7.60 -17.60 -2.96
C GLU A 52 -7.26 -18.67 -1.90
N GLY A 53 -5.97 -19.04 -1.75
CA GLY A 53 -5.48 -20.04 -0.78
C GLY A 53 -6.31 -21.33 -0.68
N LYS A 54 -6.36 -21.90 0.54
CA LYS A 54 -7.29 -22.99 0.87
C LYS A 54 -8.74 -22.50 0.93
N SER A 55 -8.95 -21.27 1.43
CA SER A 55 -10.27 -20.62 1.55
C SER A 55 -10.24 -19.08 1.58
N LYS A 56 -9.05 -18.45 1.58
CA LYS A 56 -8.77 -17.01 1.81
C LYS A 56 -9.28 -16.42 3.14
N LYS A 57 -10.21 -17.07 3.86
CA LYS A 57 -10.58 -16.71 5.24
C LYS A 57 -9.37 -16.82 6.21
N ILE A 58 -8.38 -17.63 5.82
CA ILE A 58 -7.04 -17.72 6.43
C ILE A 58 -6.24 -16.39 6.37
N SER A 59 -6.47 -15.62 5.30
CA SER A 59 -5.87 -14.34 4.83
C SER A 59 -5.63 -14.38 3.29
N LYS A 60 -5.32 -13.24 2.67
CA LYS A 60 -5.13 -13.08 1.20
C LYS A 60 -3.65 -13.13 0.77
N LYS A 61 -2.70 -13.14 1.72
CA LYS A 61 -1.25 -13.33 1.44
C LYS A 61 -0.91 -14.65 0.73
N ASN A 62 -1.86 -15.57 0.56
CA ASN A 62 -1.67 -16.80 -0.21
C ASN A 62 -1.02 -16.57 -1.59
N ALA A 63 -1.33 -15.50 -2.32
CA ALA A 63 -0.64 -15.17 -3.57
C ALA A 63 0.87 -14.86 -3.45
N ALA A 64 1.40 -14.79 -2.22
CA ALA A 64 2.82 -14.57 -1.89
C ALA A 64 3.42 -15.74 -1.11
N ILE A 65 2.74 -16.24 -0.07
CA ILE A 65 3.16 -17.45 0.66
C ILE A 65 3.28 -18.65 -0.31
N ALA A 66 2.38 -18.74 -1.31
CA ALA A 66 2.39 -19.80 -2.31
C ALA A 66 3.63 -19.83 -3.22
N VAL A 67 4.39 -18.73 -3.27
CA VAL A 67 5.50 -18.52 -4.23
C VAL A 67 6.83 -18.18 -3.56
N LEU A 68 6.82 -17.68 -2.31
CA LEU A 68 8.03 -17.53 -1.49
C LEU A 68 8.71 -18.90 -1.24
N GLU A 69 7.94 -19.99 -1.27
CA GLU A 69 8.45 -21.38 -1.28
C GLU A 69 9.41 -21.67 -2.46
N GLU A 70 9.31 -20.94 -3.58
CA GLU A 70 10.23 -21.07 -4.73
C GLU A 70 11.44 -20.13 -4.64
N LEU A 71 11.42 -19.20 -3.67
CA LEU A 71 12.41 -18.15 -3.41
C LEU A 71 13.29 -18.45 -2.17
N LYS A 72 13.23 -19.69 -1.66
CA LYS A 72 14.07 -20.21 -0.56
C LYS A 72 14.90 -21.44 -0.93
N LYS A 73 14.62 -22.09 -2.09
CA LYS A 73 15.47 -23.13 -2.71
C LYS A 73 16.81 -22.57 -3.22
N LEU A 74 16.82 -21.26 -3.49
CA LEU A 74 17.97 -20.44 -3.87
C LEU A 74 17.92 -19.09 -3.11
N PRO A 75 19.05 -18.39 -2.90
CA PRO A 75 19.04 -17.05 -2.33
C PRO A 75 18.59 -15.99 -3.36
N PRO A 76 17.99 -14.86 -2.92
CA PRO A 76 17.56 -13.78 -3.82
C PRO A 76 18.73 -12.98 -4.42
N LEU A 77 19.80 -12.86 -3.64
CA LEU A 77 21.07 -12.18 -3.94
C LEU A 77 22.19 -12.79 -3.06
N PRO A 78 23.50 -12.59 -3.33
CA PRO A 78 24.60 -13.19 -2.57
C PRO A 78 24.81 -12.63 -1.14
N ALA A 79 23.77 -12.02 -0.55
CA ALA A 79 23.71 -11.24 0.69
C ALA A 79 24.64 -10.01 0.77
N VAL A 80 24.31 -9.12 1.71
CA VAL A 80 25.01 -7.84 1.98
C VAL A 80 25.20 -7.62 3.50
N GLU A 81 25.04 -8.69 4.27
CA GLU A 81 25.13 -8.75 5.74
C GLU A 81 25.77 -10.07 6.24
N ARG A 82 26.34 -10.86 5.33
CA ARG A 82 26.99 -12.15 5.60
C ARG A 82 28.26 -12.01 6.44
N VAL A 83 28.61 -13.09 7.16
CA VAL A 83 29.79 -13.19 8.06
C VAL A 83 29.87 -12.05 9.10
N LYS A 84 28.70 -11.51 9.51
CA LYS A 84 28.57 -10.50 10.58
C LYS A 84 29.02 -11.05 11.95
N PRO A 85 29.33 -10.17 12.94
CA PRO A 85 29.65 -10.57 14.33
C PRO A 85 28.63 -11.48 15.04
N ARG A 86 27.36 -11.50 14.59
CA ARG A 86 26.26 -12.35 15.11
C ARG A 86 26.11 -12.29 16.64
N ILE A 87 26.18 -11.06 17.17
CA ILE A 87 26.16 -10.73 18.61
C ILE A 87 25.54 -9.33 18.83
N LYS A 88 25.36 -8.91 20.08
CA LYS A 88 24.83 -7.59 20.53
C LYS A 88 25.72 -6.37 20.19
N LYS A 89 26.59 -6.45 19.17
CA LYS A 89 27.53 -5.42 18.72
C LYS A 89 27.58 -5.38 17.19
N LYS A 90 27.81 -4.19 16.61
CA LYS A 90 27.68 -3.88 15.16
C LYS A 90 26.26 -4.17 14.62
N THR A 91 25.27 -4.06 15.50
CA THR A 91 23.84 -4.38 15.32
C THR A 91 22.97 -3.40 16.14
N LYS A 92 21.65 -3.41 15.92
CA LYS A 92 20.67 -2.54 16.60
C LYS A 92 19.43 -3.32 17.05
N PRO A 93 18.67 -2.84 18.07
CA PRO A 93 17.38 -3.42 18.47
C PRO A 93 16.35 -3.55 17.34
N ILE A 94 15.35 -4.41 17.57
CA ILE A 94 14.21 -4.68 16.67
C ILE A 94 12.85 -4.55 17.38
N VAL A 95 12.86 -4.05 18.63
CA VAL A 95 11.67 -3.73 19.44
C VAL A 95 10.88 -2.58 18.80
N LYS A 96 9.55 -2.58 19.01
CA LYS A 96 8.58 -1.58 18.48
C LYS A 96 7.52 -1.24 19.55
N PRO A 97 6.72 -0.17 19.39
CA PRO A 97 5.63 0.19 20.30
C PRO A 97 4.68 -0.98 20.63
N GLN A 98 4.22 -1.02 21.88
CA GLN A 98 3.35 -2.07 22.45
C GLN A 98 2.50 -1.53 23.61
N THR A 99 1.48 -2.29 24.04
CA THR A 99 0.50 -1.93 25.09
C THR A 99 -0.37 -0.69 24.75
N SER A 100 -0.28 -0.18 23.51
CA SER A 100 -1.06 0.96 22.99
C SER A 100 -1.66 0.71 21.58
N PRO A 101 -2.24 -0.48 21.26
CA PRO A 101 -2.86 -0.75 19.97
C PRO A 101 -4.23 -0.07 19.77
N GLU A 102 -4.78 0.54 20.83
CA GLU A 102 -6.08 1.23 20.82
C GLU A 102 -6.16 2.39 19.80
N TYR A 103 -7.37 2.65 19.29
CA TYR A 103 -7.66 3.69 18.29
C TYR A 103 -9.07 4.27 18.44
N GLY A 104 -9.34 5.33 17.67
CA GLY A 104 -10.64 6.01 17.56
C GLY A 104 -10.64 6.97 16.37
N GLN A 105 -11.77 7.67 16.15
CA GLN A 105 -11.96 8.68 15.08
C GLN A 105 -11.51 8.19 13.66
N GLY A 106 -11.67 6.89 13.37
CA GLY A 106 -11.28 6.25 12.10
C GLY A 106 -9.78 5.95 11.95
N ILE A 107 -9.04 5.85 13.06
CA ILE A 107 -7.58 5.56 13.16
C ILE A 107 -6.71 6.76 12.75
N ASN A 108 -7.06 7.42 11.65
CA ASN A 108 -6.39 8.60 11.07
C ASN A 108 -7.45 9.56 10.50
N PRO A 109 -7.15 10.87 10.31
CA PRO A 109 -8.03 11.78 9.55
C PRO A 109 -8.26 11.26 8.11
N ILE A 110 -7.21 10.66 7.56
CA ILE A 110 -7.09 10.15 6.20
C ILE A 110 -7.97 8.89 6.02
N SER A 111 -7.71 7.87 6.83
CA SER A 111 -8.52 6.65 6.99
C SER A 111 -9.90 6.88 7.64
N ARG A 112 -10.33 8.14 7.81
CA ARG A 112 -11.70 8.52 8.20
C ARG A 112 -12.43 9.21 7.05
N LEU A 113 -11.81 10.18 6.38
CA LEU A 113 -12.37 10.83 5.19
C LEU A 113 -12.60 9.82 4.05
N ALA A 114 -11.60 8.98 3.77
CA ALA A 114 -11.67 7.88 2.81
C ALA A 114 -12.58 6.70 3.26
N GLN A 115 -13.19 6.83 4.43
CA GLN A 115 -14.05 5.84 5.10
C GLN A 115 -15.50 6.33 5.28
N ILE A 116 -15.78 7.50 4.71
CA ILE A 116 -17.07 8.21 4.68
C ILE A 116 -17.68 8.23 3.27
N GLN A 117 -16.88 8.27 2.20
CA GLN A 117 -17.38 8.30 0.82
C GLN A 117 -18.25 7.08 0.46
N GLN A 118 -17.92 5.88 0.94
CA GLN A 118 -18.70 4.68 0.57
C GLN A 118 -20.08 4.68 1.23
N ALA A 119 -20.17 5.25 2.43
CA ALA A 119 -21.42 5.50 3.14
C ALA A 119 -22.35 6.52 2.41
N LYS A 120 -21.82 7.28 1.44
CA LYS A 120 -22.53 8.21 0.54
C LYS A 120 -22.72 7.61 -0.87
N LYS A 121 -22.36 6.33 -1.05
CA LYS A 121 -22.26 5.57 -2.31
C LYS A 121 -21.34 6.22 -3.37
N GLU A 122 -20.39 7.03 -2.91
CA GLU A 122 -19.28 7.57 -3.70
C GLU A 122 -18.08 6.59 -3.70
N LYS A 123 -17.01 6.99 -4.39
CA LYS A 123 -15.72 6.27 -4.44
C LYS A 123 -14.68 7.04 -3.63
N GLU A 124 -14.34 8.22 -4.12
CA GLU A 124 -13.36 9.15 -3.56
C GLU A 124 -13.79 10.62 -3.77
N PRO A 125 -13.22 11.59 -3.02
CA PRO A 125 -13.34 13.04 -3.23
C PRO A 125 -12.87 13.56 -4.61
N GLU A 126 -13.02 14.86 -4.83
CA GLU A 126 -12.56 15.57 -6.03
C GLU A 126 -11.20 16.26 -5.81
N TYR A 127 -10.12 15.47 -5.69
CA TYR A 127 -8.75 15.98 -5.55
C TYR A 127 -8.27 16.72 -6.83
N THR A 128 -7.40 17.71 -6.63
CA THR A 128 -6.94 18.71 -7.62
C THR A 128 -5.51 19.17 -7.27
N LEU A 129 -4.73 19.60 -8.26
CA LEU A 129 -3.38 20.15 -8.09
C LEU A 129 -3.40 21.68 -8.32
N LEU A 130 -2.65 22.43 -7.52
CA LEU A 130 -2.53 23.89 -7.64
C LEU A 130 -1.18 24.31 -8.24
N THR A 131 -0.12 24.17 -7.43
CA THR A 131 1.31 24.44 -7.73
C THR A 131 1.58 25.70 -8.57
N GLU A 132 0.77 26.74 -8.34
CA GLU A 132 0.80 28.04 -9.01
C GLU A 132 1.98 28.95 -8.61
N ARG A 133 2.80 28.52 -7.64
CA ARG A 133 4.05 29.17 -7.21
C ARG A 133 5.07 29.34 -8.34
N GLY A 134 6.03 30.26 -8.14
CA GLY A 134 7.03 30.62 -9.15
C GLY A 134 8.29 31.29 -8.58
N LEU A 135 8.67 30.94 -7.35
CA LEU A 135 9.88 31.48 -6.69
C LEU A 135 11.16 31.04 -7.44
N PRO A 136 12.24 31.86 -7.40
CA PRO A 136 13.42 31.64 -8.24
C PRO A 136 14.29 30.45 -7.81
N ARG A 137 14.20 30.03 -6.54
CA ARG A 137 14.98 28.90 -5.97
C ARG A 137 14.22 28.15 -4.85
N ARG A 138 12.87 28.12 -4.88
CA ARG A 138 12.06 27.38 -3.88
C ARG A 138 10.78 26.77 -4.45
N ARG A 139 10.60 25.46 -4.26
CA ARG A 139 9.57 24.61 -4.89
C ARG A 139 8.91 23.67 -3.86
N GLU A 140 7.67 23.27 -4.13
CA GLU A 140 6.82 22.44 -3.25
C GLU A 140 5.54 21.98 -3.96
N PHE A 141 5.00 20.82 -3.60
CA PHE A 141 3.66 20.40 -4.01
C PHE A 141 2.60 21.23 -3.25
N VAL A 142 1.49 21.59 -3.88
CA VAL A 142 0.32 22.20 -3.21
C VAL A 142 -0.97 21.59 -3.75
N MET A 143 -1.70 20.88 -2.88
CA MET A 143 -2.92 20.13 -3.23
C MET A 143 -4.19 20.93 -2.89
N GLN A 144 -5.30 20.62 -3.54
CA GLN A 144 -6.67 21.08 -3.24
C GLN A 144 -7.63 19.89 -3.39
N VAL A 145 -8.68 19.83 -2.58
CA VAL A 145 -9.78 18.85 -2.74
C VAL A 145 -11.11 19.52 -2.39
N LYS A 146 -12.21 19.03 -2.98
CA LYS A 146 -13.58 19.45 -2.68
C LYS A 146 -14.43 18.23 -2.29
N VAL A 147 -15.34 18.41 -1.32
CA VAL A 147 -16.17 17.32 -0.74
C VAL A 147 -17.68 17.58 -0.85
N GLY A 148 -18.09 18.80 -1.23
CA GLY A 148 -19.49 19.12 -1.57
C GLY A 148 -19.76 20.62 -1.72
N ASN A 149 -19.37 21.40 -0.69
CA ASN A 149 -19.48 22.86 -0.65
C ASN A 149 -18.22 23.53 -0.05
N HIS A 150 -17.23 22.73 0.36
CA HIS A 150 -16.02 23.17 1.08
C HIS A 150 -14.77 22.46 0.54
N THR A 151 -13.60 23.03 0.82
CA THR A 151 -12.29 22.56 0.32
C THR A 151 -11.21 22.47 1.40
N ALA A 152 -10.15 21.71 1.09
CA ALA A 152 -8.96 21.51 1.94
C ALA A 152 -7.65 21.66 1.15
N GLU A 153 -6.52 21.81 1.84
CA GLU A 153 -5.18 22.02 1.28
C GLU A 153 -4.11 21.26 2.09
N GLY A 154 -3.03 20.85 1.42
CA GLY A 154 -1.89 20.10 1.96
C GLY A 154 -0.64 20.17 1.06
N THR A 155 0.47 19.60 1.53
CA THR A 155 1.78 19.57 0.85
C THR A 155 2.42 18.18 0.96
N GLY A 156 3.39 17.91 0.09
CA GLY A 156 4.04 16.60 -0.10
C GLY A 156 5.04 16.62 -1.27
N THR A 157 5.22 15.48 -1.91
CA THR A 157 6.15 15.30 -3.05
C THR A 157 5.51 14.69 -4.30
N ASN A 158 4.41 13.93 -4.15
CA ASN A 158 3.65 13.31 -5.24
C ASN A 158 2.16 13.22 -4.90
N LYS A 159 1.33 12.94 -5.91
CA LYS A 159 -0.14 12.82 -5.84
C LYS A 159 -0.73 11.82 -4.81
N LYS A 160 0.08 10.93 -4.22
CA LYS A 160 -0.29 10.05 -3.08
C LYS A 160 0.50 10.33 -1.78
N VAL A 161 1.20 11.46 -1.71
CA VAL A 161 2.03 11.89 -0.55
C VAL A 161 1.65 13.30 -0.08
N ALA A 162 1.07 14.14 -0.94
CA ALA A 162 0.44 15.40 -0.52
C ALA A 162 -0.99 15.16 -0.02
N LYS A 163 -1.67 14.18 -0.62
CA LYS A 163 -3.02 13.69 -0.28
C LYS A 163 -3.19 13.34 1.21
N ARG A 164 -2.17 12.67 1.80
CA ARG A 164 -2.17 12.25 3.20
C ARG A 164 -2.12 13.41 4.20
N ASN A 165 -1.54 14.55 3.80
CA ASN A 165 -1.37 15.73 4.65
C ASN A 165 -2.58 16.68 4.62
N ALA A 166 -3.17 16.92 3.44
CA ALA A 166 -4.41 17.69 3.30
C ALA A 166 -5.59 17.16 4.13
N ALA A 167 -5.62 15.85 4.42
CA ALA A 167 -6.68 15.16 5.15
C ALA A 167 -6.99 15.72 6.55
N GLU A 168 -6.00 16.27 7.25
CA GLU A 168 -6.16 16.99 8.53
C GLU A 168 -7.13 18.19 8.44
N ASN A 169 -7.42 18.66 7.22
CA ASN A 169 -8.24 19.80 6.87
C ASN A 169 -9.47 19.36 6.03
N MET A 170 -9.74 18.06 5.87
CA MET A 170 -10.89 17.52 5.12
C MET A 170 -12.04 17.02 6.00
N LEU A 171 -11.97 17.20 7.33
CA LEU A 171 -13.02 16.79 8.27
C LEU A 171 -13.55 17.98 9.09
N GLU A 172 -12.66 18.92 9.45
CA GLU A 172 -13.02 20.17 10.18
C GLU A 172 -13.66 21.25 9.27
N ILE A 173 -13.94 20.91 8.00
CA ILE A 173 -14.44 21.84 6.97
C ILE A 173 -15.91 21.60 6.60
N LEU A 174 -16.43 20.38 6.85
CA LEU A 174 -17.79 19.96 6.50
C LEU A 174 -18.57 19.32 7.68
N GLY A 175 -17.92 19.07 8.82
CA GLY A 175 -18.57 18.67 10.08
C GLY A 175 -18.43 17.20 10.48
N PHE A 176 -17.27 16.58 10.22
CA PHE A 176 -16.95 15.20 10.63
C PHE A 176 -15.84 15.10 11.69
N LYS A 177 -15.38 16.25 12.18
CA LYS A 177 -14.40 16.46 13.26
C LYS A 177 -14.69 17.78 13.99
#